data_8QZP
#
_entry.id   8QZP
#
_cell.length_a   1.00
_cell.length_b   1.00
_cell.length_c   1.00
_cell.angle_alpha   90.00
_cell.angle_beta   90.00
_cell.angle_gamma   90.00
#
_symmetry.space_group_name_H-M   'P 1'
#
_entity_poly.entity_id   1
_entity_poly.type   'polypeptide(L)'
_entity_poly.pdbx_seq_one_letter_code
;MEGAFDHSALARARLAVLSGHLAAVSAAGGGASPLERSPVSVQEIPPPPRNLGGSLAVIDGRSGKKFEFKISDEGTVRAT
DFKKITTGKNDKGLKLYDPGYLNTAPVRSSICYIDGDEGILRYRGYPIEELAESSSYPEVAYLLMYGNLPSKSQLADWEF
AISQHSAVPQGVLDIIQGMPHDAHPMGVLVCAMSALSVFHPDANPALRGQDLYKSKQLRDKQIVRILGKVPTIAAAAYLR
LAGRPPVLPSNNFSYSENFLYMLDSLGNRSYKPNTRLARVLDILFILHAEHEMNCSTAAARHLASSGVDVFTALAGAVGA
LYGPLHGGANEAVLKMLNEIGTVENIPDFIEGVKNRKRKMSGFGHRVYKNYDPRAKVIRKLAEEVFSIVGRDPLIEVAIA
LEKAALSDEYFIKRKLYPNVDFYSGLIYRAMGFPTEFFPVLFAIPRMAGYLAHWRESLDDPDTKIMRPQQVYTGVWLRHY
TPLQERTVSNDEDKLGQVAVSNATRRRLAGSRILEHHHHHH
;
_entity_poly.pdbx_strand_id   A,B,C,D,E,F,G,H
#
# COMPACT_ATOMS: atom_id res chain seq x y z
N LYS A 95 -4.81 -60.67 23.11
CA LYS A 95 -4.85 -60.01 21.81
C LYS A 95 -3.90 -60.67 20.82
N LEU A 96 -3.40 -59.89 19.86
CA LEU A 96 -2.54 -60.39 18.81
C LEU A 96 -1.58 -59.29 18.40
N TYR A 97 -0.31 -59.44 18.73
CA TYR A 97 0.69 -58.48 18.26
C TYR A 97 0.68 -58.44 16.74
N ASP A 98 0.71 -57.23 16.19
CA ASP A 98 0.45 -57.00 14.77
C ASP A 98 1.62 -56.25 14.14
N PRO A 99 2.82 -56.87 14.10
CA PRO A 99 4.07 -56.22 13.64
C PRO A 99 3.96 -54.91 12.87
N GLY A 100 4.25 -54.97 11.57
CA GLY A 100 4.15 -53.82 10.71
C GLY A 100 2.85 -53.80 9.92
N TYR A 101 1.78 -54.27 10.55
CA TYR A 101 0.44 -54.34 9.97
C TYR A 101 0.34 -55.28 8.78
N LEU A 102 1.41 -56.00 8.46
CA LEU A 102 1.35 -56.95 7.34
C LEU A 102 0.31 -58.02 7.64
N ASN A 103 0.61 -58.89 8.61
CA ASN A 103 -0.34 -59.74 9.31
C ASN A 103 -1.53 -60.23 8.48
N THR A 104 -2.73 -60.06 9.04
CA THR A 104 -3.97 -60.52 8.47
C THR A 104 -4.72 -59.36 7.83
N ALA A 105 -5.98 -59.61 7.44
CA ALA A 105 -6.80 -58.62 6.74
C ALA A 105 -7.75 -57.95 7.71
N PRO A 106 -7.56 -56.68 8.05
CA PRO A 106 -8.51 -55.99 8.92
C PRO A 106 -9.72 -55.41 8.19
N VAL A 107 -9.80 -55.57 6.87
CA VAL A 107 -10.94 -55.06 6.13
C VAL A 107 -11.12 -55.87 4.85
N ARG A 108 -12.37 -56.17 4.50
CA ARG A 108 -12.72 -56.81 3.24
C ARG A 108 -13.62 -55.87 2.45
N SER A 109 -13.46 -55.90 1.12
CA SER A 109 -14.22 -54.98 0.27
C SER A 109 -14.47 -55.63 -1.08
N SER A 110 -15.16 -54.89 -1.94
CA SER A 110 -15.50 -55.34 -3.29
C SER A 110 -15.25 -54.22 -4.29
N ILE A 111 -14.15 -53.50 -4.11
CA ILE A 111 -13.85 -52.35 -4.93
C ILE A 111 -12.75 -52.64 -5.97
N CYS A 112 -11.77 -53.47 -5.64
CA CYS A 112 -10.65 -53.71 -6.52
C CYS A 112 -10.03 -55.06 -6.20
N TYR A 113 -9.12 -55.48 -7.08
CA TYR A 113 -8.32 -56.66 -6.83
C TYR A 113 -7.00 -56.54 -7.58
N ILE A 114 -5.91 -56.90 -6.90
CA ILE A 114 -4.59 -56.91 -7.50
C ILE A 114 -3.85 -58.14 -7.02
N ASP A 115 -3.21 -58.85 -7.95
CA ASP A 115 -2.34 -59.98 -7.63
C ASP A 115 -1.02 -59.72 -8.34
N GLY A 116 -0.06 -59.15 -7.61
CA GLY A 116 1.17 -58.70 -8.24
C GLY A 116 1.99 -59.82 -8.82
N ASP A 117 2.15 -60.92 -8.09
CA ASP A 117 2.95 -62.03 -8.58
C ASP A 117 2.35 -62.64 -9.84
N GLU A 118 1.04 -62.52 -10.02
CA GLU A 118 0.40 -62.95 -11.26
C GLU A 118 0.18 -61.81 -12.25
N GLY A 119 0.48 -60.57 -11.85
CA GLY A 119 0.35 -59.44 -12.75
C GLY A 119 -1.05 -59.17 -13.23
N ILE A 120 -2.06 -59.57 -12.45
CA ILE A 120 -3.46 -59.41 -12.83
C ILE A 120 -4.04 -58.26 -12.02
N LEU A 121 -4.50 -57.23 -12.70
CA LEU A 121 -5.06 -56.03 -12.07
C LEU A 121 -6.44 -55.79 -12.67
N ARG A 122 -7.48 -56.11 -11.89
CA ARG A 122 -8.86 -56.03 -12.35
C ARG A 122 -9.64 -55.13 -11.40
N TYR A 123 -10.03 -53.95 -11.89
CA TYR A 123 -10.92 -53.07 -11.14
C TYR A 123 -12.31 -53.68 -11.17
N ARG A 124 -12.68 -54.36 -10.08
CA ARG A 124 -13.95 -55.09 -10.00
C ARG A 124 -14.09 -56.08 -11.15
N GLY A 125 -13.08 -56.94 -11.29
CA GLY A 125 -13.10 -58.00 -12.27
C GLY A 125 -12.79 -57.60 -13.69
N TYR A 126 -12.49 -56.32 -13.94
CA TYR A 126 -12.17 -55.85 -15.29
C TYR A 126 -10.67 -55.59 -15.40
N PRO A 127 -9.95 -56.37 -16.21
CA PRO A 127 -8.49 -56.29 -16.19
C PRO A 127 -7.97 -54.93 -16.62
N ILE A 128 -6.76 -54.61 -16.14
CA ILE A 128 -6.17 -53.29 -16.38
C ILE A 128 -5.95 -53.04 -17.86
N GLU A 129 -5.58 -54.08 -18.61
CA GLU A 129 -5.29 -53.87 -20.04
C GLU A 129 -6.55 -53.49 -20.80
N GLU A 130 -7.62 -54.28 -20.62
CA GLU A 130 -8.85 -54.06 -21.37
C GLU A 130 -9.41 -52.66 -21.15
N LEU A 131 -9.18 -52.09 -19.97
CA LEU A 131 -9.65 -50.75 -19.67
C LEU A 131 -8.67 -49.69 -20.16
N ALA A 132 -7.39 -49.85 -19.82
CA ALA A 132 -6.40 -48.84 -20.15
C ALA A 132 -6.28 -48.62 -21.65
N GLU A 133 -6.27 -49.71 -22.43
CA GLU A 133 -6.06 -49.58 -23.87
C GLU A 133 -7.20 -48.83 -24.56
N SER A 134 -8.38 -48.80 -23.98
CA SER A 134 -9.51 -48.22 -24.70
C SER A 134 -10.29 -47.18 -23.89
N SER A 135 -10.44 -47.37 -22.59
CA SER A 135 -11.35 -46.56 -21.79
C SER A 135 -10.73 -45.19 -21.49
N SER A 136 -11.41 -44.43 -20.62
CA SER A 136 -10.96 -43.10 -20.23
C SER A 136 -11.11 -42.95 -18.73
N TYR A 137 -10.41 -41.96 -18.18
CA TYR A 137 -10.37 -41.80 -16.73
C TYR A 137 -11.74 -41.61 -16.09
N PRO A 138 -12.62 -40.74 -16.60
CA PRO A 138 -13.94 -40.62 -15.96
C PRO A 138 -14.71 -41.92 -15.93
N GLU A 139 -14.53 -42.77 -16.94
CA GLU A 139 -15.22 -44.05 -16.95
C GLU A 139 -14.81 -44.91 -15.76
N VAL A 140 -13.51 -45.02 -15.51
CA VAL A 140 -13.06 -45.85 -14.39
C VAL A 140 -13.41 -45.18 -13.06
N ALA A 141 -13.41 -43.84 -13.02
CA ALA A 141 -13.84 -43.16 -11.81
C ALA A 141 -15.29 -43.50 -11.47
N TYR A 142 -16.16 -43.45 -12.47
CA TYR A 142 -17.55 -43.82 -12.26
C TYR A 142 -17.68 -45.29 -11.89
N LEU A 143 -16.87 -46.14 -12.52
CA LEU A 143 -16.90 -47.56 -12.18
C LEU A 143 -16.56 -47.78 -10.71
N LEU A 144 -15.54 -47.09 -10.22
CA LEU A 144 -15.19 -47.20 -8.80
C LEU A 144 -16.30 -46.67 -7.93
N MET A 145 -16.90 -45.53 -8.30
CA MET A 145 -17.95 -44.94 -7.48
C MET A 145 -19.18 -45.83 -7.39
N TYR A 146 -19.60 -46.44 -8.50
CA TYR A 146 -20.88 -47.12 -8.56
C TYR A 146 -20.76 -48.63 -8.71
N GLY A 147 -19.55 -49.18 -8.79
CA GLY A 147 -19.39 -50.61 -8.89
C GLY A 147 -19.77 -51.21 -10.22
N ASN A 148 -20.08 -50.40 -11.22
CA ASN A 148 -20.47 -50.91 -12.53
C ASN A 148 -20.16 -49.86 -13.59
N LEU A 149 -20.15 -50.32 -14.84
CA LEU A 149 -19.93 -49.41 -15.96
C LEU A 149 -21.10 -48.44 -16.07
N PRO A 150 -20.85 -47.25 -16.61
CA PRO A 150 -21.92 -46.25 -16.73
C PRO A 150 -22.69 -46.46 -18.03
N SER A 151 -23.80 -45.75 -18.15
CA SER A 151 -24.51 -45.62 -19.42
C SER A 151 -24.07 -44.33 -20.10
N LYS A 152 -24.33 -44.23 -21.40
CA LYS A 152 -23.87 -43.07 -22.11
C LYS A 152 -24.32 -41.86 -21.34
N SER A 153 -25.62 -41.68 -21.29
CA SER A 153 -26.11 -40.47 -20.64
C SER A 153 -25.51 -40.32 -19.25
N GLN A 154 -25.35 -41.43 -18.53
CA GLN A 154 -24.79 -41.38 -17.19
C GLN A 154 -23.37 -40.84 -17.21
N LEU A 155 -22.51 -41.42 -18.03
CA LEU A 155 -21.14 -40.93 -18.11
C LEU A 155 -21.11 -39.51 -18.66
N ALA A 156 -21.99 -39.21 -19.62
CA ALA A 156 -22.05 -37.88 -20.20
C ALA A 156 -22.30 -36.82 -19.15
N ASP A 157 -23.44 -36.91 -18.45
CA ASP A 157 -23.75 -35.88 -17.47
C ASP A 157 -22.89 -35.98 -16.21
N TRP A 158 -22.31 -37.14 -15.93
CA TRP A 158 -21.33 -37.25 -14.85
C TRP A 158 -20.11 -36.38 -15.14
N GLU A 159 -19.46 -36.61 -16.29
CA GLU A 159 -18.32 -35.78 -16.65
C GLU A 159 -18.73 -34.33 -16.85
N PHE A 160 -19.98 -34.10 -17.26
CA PHE A 160 -20.47 -32.74 -17.40
C PHE A 160 -20.52 -32.04 -16.05
N ALA A 161 -21.03 -32.72 -15.03
CA ALA A 161 -21.06 -32.14 -13.70
C ALA A 161 -19.65 -31.95 -13.15
N ILE A 162 -18.73 -32.87 -13.48
CA ILE A 162 -17.34 -32.69 -13.08
C ILE A 162 -16.78 -31.40 -13.67
N SER A 163 -16.97 -31.21 -14.99
CA SER A 163 -16.53 -29.98 -15.62
C SER A 163 -17.21 -28.77 -15.01
N GLN A 164 -18.49 -28.89 -14.66
CA GLN A 164 -19.21 -27.78 -14.04
C GLN A 164 -18.59 -27.41 -12.70
N HIS A 165 -18.22 -28.41 -11.90
CA HIS A 165 -17.64 -28.16 -10.59
C HIS A 165 -16.15 -27.94 -10.64
N SER A 166 -15.55 -27.92 -11.84
CA SER A 166 -14.15 -27.51 -11.97
C SER A 166 -13.90 -26.15 -11.35
N ALA A 167 -14.93 -25.35 -11.12
CA ALA A 167 -14.78 -24.06 -10.48
C ALA A 167 -14.16 -24.21 -9.10
N VAL A 168 -13.25 -23.31 -8.77
CA VAL A 168 -12.56 -23.32 -7.48
C VAL A 168 -12.98 -22.07 -6.71
N PRO A 169 -13.19 -22.16 -5.39
CA PRO A 169 -13.56 -20.97 -4.63
C PRO A 169 -12.49 -19.90 -4.67
N GLN A 170 -12.92 -18.65 -4.63
CA GLN A 170 -11.99 -17.52 -4.68
C GLN A 170 -11.14 -17.46 -3.42
N GLY A 171 -11.74 -17.77 -2.27
CA GLY A 171 -11.01 -17.64 -1.02
C GLY A 171 -9.80 -18.54 -0.93
N VAL A 172 -9.94 -19.80 -1.36
CA VAL A 172 -8.79 -20.70 -1.32
C VAL A 172 -7.71 -20.25 -2.30
N LEU A 173 -8.12 -19.67 -3.43
CA LEU A 173 -7.13 -19.10 -4.34
C LEU A 173 -6.38 -17.95 -3.68
N ASP A 174 -7.09 -17.11 -2.94
CA ASP A 174 -6.42 -16.04 -2.20
C ASP A 174 -5.47 -16.62 -1.17
N ILE A 175 -5.87 -17.70 -0.50
CA ILE A 175 -4.99 -18.36 0.46
C ILE A 175 -3.72 -18.85 -0.24
N ILE A 176 -3.88 -19.48 -1.41
CA ILE A 176 -2.73 -19.96 -2.17
C ILE A 176 -1.82 -18.78 -2.53
N GLN A 177 -2.43 -17.65 -2.89
CA GLN A 177 -1.64 -16.46 -3.18
C GLN A 177 -0.86 -16.01 -1.96
N GLY A 178 -1.47 -16.10 -0.77
CA GLY A 178 -0.82 -15.68 0.45
C GLY A 178 0.37 -16.54 0.85
N MET A 179 0.53 -17.72 0.25
CA MET A 179 1.66 -18.57 0.56
C MET A 179 2.95 -17.96 0.03
N PRO A 180 4.11 -18.38 0.55
CA PRO A 180 5.38 -17.90 0.00
C PRO A 180 5.63 -18.44 -1.40
N HIS A 181 6.77 -18.09 -1.99
CA HIS A 181 7.01 -18.42 -3.39
C HIS A 181 7.85 -19.69 -3.54
N ASP A 182 9.01 -19.76 -2.89
CA ASP A 182 9.93 -20.87 -3.10
C ASP A 182 9.51 -22.12 -2.34
N ALA A 183 8.39 -22.09 -1.63
CA ALA A 183 7.93 -23.25 -0.88
C ALA A 183 7.53 -24.37 -1.82
N HIS A 184 7.72 -25.60 -1.36
CA HIS A 184 7.40 -26.76 -2.16
C HIS A 184 5.89 -26.82 -2.45
N PRO A 185 5.48 -27.26 -3.64
CA PRO A 185 4.07 -27.08 -4.03
C PRO A 185 3.10 -28.08 -3.43
N MET A 186 3.53 -29.29 -3.10
CA MET A 186 2.58 -30.25 -2.57
C MET A 186 2.13 -29.84 -1.16
N GLY A 187 2.99 -29.15 -0.42
CA GLY A 187 2.53 -28.49 0.78
C GLY A 187 1.46 -27.46 0.50
N VAL A 188 1.61 -26.73 -0.61
CA VAL A 188 0.54 -25.83 -1.03
C VAL A 188 -0.74 -26.63 -1.29
N LEU A 189 -0.60 -27.82 -1.88
CA LEU A 189 -1.76 -28.65 -2.13
C LEU A 189 -2.48 -29.01 -0.85
N VAL A 190 -1.73 -29.46 0.16
CA VAL A 190 -2.38 -29.90 1.39
C VAL A 190 -2.99 -28.71 2.13
N CYS A 191 -2.30 -27.56 2.12
CA CYS A 191 -2.85 -26.37 2.77
C CYS A 191 -4.13 -25.94 2.07
N ALA A 192 -4.15 -25.98 0.73
CA ALA A 192 -5.35 -25.64 -0.01
C ALA A 192 -6.46 -26.61 0.31
N MET A 193 -6.15 -27.89 0.47
CA MET A 193 -7.18 -28.87 0.82
C MET A 193 -7.78 -28.54 2.18
N SER A 194 -6.94 -28.19 3.16
CA SER A 194 -7.45 -27.81 4.46
C SER A 194 -8.35 -26.59 4.36
N ALA A 195 -7.92 -25.58 3.60
CA ALA A 195 -8.73 -24.39 3.44
C ALA A 195 -10.05 -24.73 2.76
N LEU A 196 -10.03 -25.67 1.82
CA LEU A 196 -11.26 -26.14 1.19
C LEU A 196 -12.18 -26.78 2.23
N SER A 197 -11.60 -27.51 3.18
CA SER A 197 -12.40 -28.04 4.28
C SER A 197 -13.05 -26.92 5.06
N VAL A 198 -12.30 -25.84 5.33
CA VAL A 198 -12.86 -24.72 6.06
C VAL A 198 -13.94 -24.03 5.25
N PHE A 199 -13.67 -23.77 3.98
CA PHE A 199 -14.57 -22.99 3.14
C PHE A 199 -15.73 -23.79 2.60
N HIS A 200 -16.00 -24.96 3.18
CA HIS A 200 -17.21 -25.72 2.91
C HIS A 200 -17.86 -26.10 4.23
N PRO A 201 -18.35 -25.10 4.99
CA PRO A 201 -19.06 -25.42 6.24
C PRO A 201 -20.38 -26.12 6.01
N ASP A 202 -20.92 -26.08 4.80
CA ASP A 202 -22.15 -26.82 4.52
C ASP A 202 -21.97 -28.31 4.71
N ALA A 203 -20.83 -28.85 4.25
CA ALA A 203 -20.54 -30.27 4.43
C ALA A 203 -20.04 -30.60 5.83
N ASN A 204 -19.78 -29.60 6.66
CA ASN A 204 -19.23 -29.84 7.98
C ASN A 204 -20.27 -30.53 8.85
N PRO A 205 -20.01 -31.73 9.36
CA PRO A 205 -21.03 -32.44 10.13
C PRO A 205 -21.08 -32.01 11.59
N ALA A 206 -19.96 -31.49 12.10
CA ALA A 206 -19.92 -31.08 13.49
C ALA A 206 -20.89 -29.94 13.78
N LEU A 207 -21.31 -29.20 12.76
CA LEU A 207 -22.32 -28.17 12.92
C LEU A 207 -23.74 -28.69 12.81
N ARG A 208 -23.93 -29.92 12.33
CA ARG A 208 -25.27 -30.44 12.12
C ARG A 208 -25.42 -31.91 12.51
N GLY A 209 -24.58 -32.41 13.42
CA GLY A 209 -24.74 -33.75 13.94
C GLY A 209 -24.19 -34.82 13.02
N GLN A 210 -24.21 -36.05 13.53
CA GLN A 210 -23.72 -37.21 12.79
C GLN A 210 -24.80 -37.84 11.94
N ASP A 211 -25.46 -37.03 11.11
CA ASP A 211 -26.48 -37.52 10.20
C ASP A 211 -26.47 -36.86 8.84
N LEU A 212 -25.78 -35.72 8.68
CA LEU A 212 -25.71 -35.08 7.37
C LEU A 212 -25.02 -35.95 6.34
N TYR A 213 -24.19 -36.89 6.78
CA TYR A 213 -23.52 -37.83 5.88
C TYR A 213 -24.26 -39.16 5.80
N LYS A 214 -25.59 -39.13 5.98
CA LYS A 214 -26.44 -40.28 5.71
C LYS A 214 -27.29 -40.11 4.46
N SER A 215 -27.45 -38.89 3.97
CA SER A 215 -28.21 -38.64 2.77
C SER A 215 -27.44 -39.09 1.53
N LYS A 216 -28.19 -39.51 0.52
CA LYS A 216 -27.57 -40.03 -0.70
C LYS A 216 -26.90 -38.91 -1.50
N GLN A 217 -27.60 -37.80 -1.70
CA GLN A 217 -27.15 -36.79 -2.67
C GLN A 217 -25.92 -36.04 -2.17
N LEU A 218 -25.79 -35.84 -0.86
CA LEU A 218 -24.63 -35.12 -0.34
C LEU A 218 -23.34 -35.86 -0.64
N ARG A 219 -23.36 -37.19 -0.53
CA ARG A 219 -22.18 -37.98 -0.86
C ARG A 219 -21.76 -37.73 -2.30
N ASP A 220 -22.71 -37.83 -3.23
CA ASP A 220 -22.38 -37.63 -4.63
C ASP A 220 -21.87 -36.23 -4.90
N LYS A 221 -22.50 -35.23 -4.29
CA LYS A 221 -22.06 -33.86 -4.52
C LYS A 221 -20.65 -33.64 -3.98
N GLN A 222 -20.32 -34.27 -2.85
CA GLN A 222 -18.95 -34.19 -2.35
C GLN A 222 -17.98 -34.87 -3.31
N ILE A 223 -18.36 -36.03 -3.84
CA ILE A 223 -17.50 -36.74 -4.79
C ILE A 223 -17.18 -35.84 -5.97
N VAL A 224 -18.22 -35.26 -6.58
CA VAL A 224 -18.02 -34.42 -7.74
C VAL A 224 -17.19 -33.20 -7.38
N ARG A 225 -17.49 -32.60 -6.24
CA ARG A 225 -16.78 -31.40 -5.80
C ARG A 225 -15.28 -31.65 -5.72
N ILE A 226 -14.88 -32.70 -5.01
CA ILE A 226 -13.46 -32.99 -4.85
C ILE A 226 -12.83 -33.35 -6.19
N LEU A 227 -13.48 -34.27 -6.93
CA LEU A 227 -12.92 -34.75 -8.19
C LEU A 227 -12.69 -33.61 -9.16
N GLY A 228 -13.53 -32.59 -9.12
CA GLY A 228 -13.31 -31.45 -10.00
C GLY A 228 -12.31 -30.46 -9.46
N LYS A 229 -12.35 -30.21 -8.15
CA LYS A 229 -11.60 -29.08 -7.62
C LYS A 229 -10.11 -29.39 -7.45
N VAL A 230 -9.75 -30.65 -7.26
CA VAL A 230 -8.34 -30.98 -7.02
C VAL A 230 -7.43 -30.63 -8.21
N PRO A 231 -7.73 -31.03 -9.45
CA PRO A 231 -6.80 -30.70 -10.55
C PRO A 231 -6.57 -29.22 -10.73
N THR A 232 -7.61 -28.40 -10.53
CA THR A 232 -7.43 -26.96 -10.62
C THR A 232 -6.43 -26.47 -9.59
N ILE A 233 -6.52 -27.00 -8.36
CA ILE A 233 -5.57 -26.63 -7.31
C ILE A 233 -4.16 -27.03 -7.72
N ALA A 234 -3.99 -28.24 -8.26
CA ALA A 234 -2.66 -28.69 -8.66
C ALA A 234 -2.08 -27.78 -9.72
N ALA A 235 -2.89 -27.44 -10.72
CA ALA A 235 -2.43 -26.54 -11.78
C ALA A 235 -2.09 -25.17 -11.21
N ALA A 236 -2.92 -24.67 -10.29
CA ALA A 236 -2.68 -23.35 -9.72
C ALA A 236 -1.37 -23.33 -8.94
N ALA A 237 -1.08 -24.39 -8.20
CA ALA A 237 0.20 -24.45 -7.49
C ALA A 237 1.37 -24.53 -8.46
N TYR A 238 1.26 -25.38 -9.48
CA TYR A 238 2.33 -25.48 -10.47
C TYR A 238 2.60 -24.12 -11.10
N LEU A 239 1.54 -23.36 -11.37
CA LEU A 239 1.71 -22.05 -11.96
C LEU A 239 2.24 -21.05 -10.94
N ARG A 240 1.88 -21.21 -9.67
CA ARG A 240 2.45 -20.40 -8.60
C ARG A 240 3.96 -20.56 -8.54
N LEU A 241 4.45 -21.76 -8.88
CA LEU A 241 5.90 -21.91 -9.03
C LEU A 241 6.43 -20.95 -10.09
N ALA A 242 5.67 -20.72 -11.15
CA ALA A 242 6.04 -19.76 -12.19
C ALA A 242 5.53 -18.36 -11.92
N GLY A 243 4.66 -18.17 -10.93
CA GLY A 243 4.23 -16.86 -10.51
C GLY A 243 3.06 -16.26 -11.26
N ARG A 244 2.66 -16.84 -12.38
CA ARG A 244 1.57 -16.26 -13.16
C ARG A 244 0.24 -16.46 -12.43
N PRO A 245 -0.73 -15.59 -12.67
CA PRO A 245 -2.05 -15.74 -12.05
C PRO A 245 -2.77 -16.97 -12.57
N PRO A 246 -3.43 -17.72 -11.70
CA PRO A 246 -4.16 -18.91 -12.16
C PRO A 246 -5.35 -18.51 -13.03
N VAL A 247 -5.46 -19.15 -14.18
CA VAL A 247 -6.56 -18.88 -15.10
C VAL A 247 -7.73 -19.78 -14.74
N LEU A 248 -8.94 -19.25 -14.95
CA LEU A 248 -10.14 -20.00 -14.61
C LEU A 248 -10.26 -21.25 -15.49
N PRO A 249 -10.73 -22.36 -14.92
CA PRO A 249 -10.78 -23.62 -15.68
C PRO A 249 -11.85 -23.56 -16.77
N SER A 250 -11.45 -23.84 -18.00
CA SER A 250 -12.39 -23.89 -19.10
C SER A 250 -13.37 -25.04 -18.90
N ASN A 251 -14.57 -24.86 -19.43
CA ASN A 251 -15.67 -25.80 -19.26
C ASN A 251 -16.07 -26.44 -20.58
N ASN A 252 -15.09 -26.80 -21.39
CA ASN A 252 -15.37 -27.34 -22.72
C ASN A 252 -14.48 -28.52 -23.10
N PHE A 253 -13.59 -28.97 -22.24
CA PHE A 253 -12.61 -29.98 -22.58
C PHE A 253 -12.71 -31.15 -21.61
N SER A 254 -12.03 -32.25 -21.97
CA SER A 254 -12.04 -33.43 -21.11
C SER A 254 -11.18 -33.18 -19.87
N TYR A 255 -11.42 -34.03 -18.86
CA TYR A 255 -10.73 -33.92 -17.58
C TYR A 255 -9.23 -33.73 -17.77
N SER A 256 -8.58 -34.69 -18.43
CA SER A 256 -7.17 -34.56 -18.74
C SER A 256 -6.90 -33.37 -19.65
N GLU A 257 -7.78 -33.16 -20.63
CA GLU A 257 -7.64 -32.00 -21.50
C GLU A 257 -7.76 -30.71 -20.70
N ASN A 258 -8.69 -30.67 -19.75
CA ASN A 258 -8.82 -29.50 -18.89
C ASN A 258 -7.54 -29.24 -18.12
N PHE A 259 -6.95 -30.30 -17.55
CA PHE A 259 -5.71 -30.11 -16.81
C PHE A 259 -4.59 -29.65 -17.72
N LEU A 260 -4.47 -30.25 -18.91
CA LEU A 260 -3.40 -29.87 -19.83
C LEU A 260 -3.54 -28.42 -20.27
N TYR A 261 -4.76 -28.00 -20.59
CA TYR A 261 -4.99 -26.61 -20.95
C TYR A 261 -4.67 -25.68 -19.79
N MET A 262 -5.19 -26.01 -18.61
CA MET A 262 -4.89 -25.25 -17.39
C MET A 262 -3.39 -25.09 -17.20
N LEU A 263 -2.64 -26.14 -17.50
CA LEU A 263 -1.21 -26.13 -17.26
C LEU A 263 -0.48 -25.27 -18.29
N ASP A 264 -0.88 -25.37 -19.57
CA ASP A 264 -0.15 -24.76 -20.66
C ASP A 264 -1.05 -23.86 -21.52
N SER A 265 -1.94 -23.10 -20.88
CA SER A 265 -2.81 -22.20 -21.63
C SER A 265 -2.09 -20.96 -22.11
N LEU A 266 -0.92 -20.64 -21.53
CA LEU A 266 -0.19 -19.42 -21.82
C LEU A 266 -0.99 -18.19 -21.41
N GLY A 267 -2.06 -18.39 -20.65
CA GLY A 267 -2.83 -17.29 -20.12
C GLY A 267 -3.84 -16.67 -21.04
N ASN A 268 -4.26 -17.38 -22.09
CA ASN A 268 -5.27 -16.86 -23.00
C ASN A 268 -6.21 -18.01 -23.38
N ARG A 269 -7.04 -17.77 -24.40
CA ARG A 269 -7.96 -18.78 -24.90
C ARG A 269 -7.51 -19.39 -26.22
N SER A 270 -6.61 -18.73 -26.95
CA SER A 270 -6.24 -19.14 -28.30
C SER A 270 -5.37 -20.39 -28.34
N TYR A 271 -5.21 -21.09 -27.22
CA TYR A 271 -4.48 -22.34 -27.23
C TYR A 271 -5.39 -23.48 -27.71
N LYS A 272 -4.79 -24.44 -28.38
CA LYS A 272 -5.48 -25.61 -28.89
C LYS A 272 -4.87 -26.86 -28.28
N PRO A 273 -5.67 -27.76 -27.69
CA PRO A 273 -5.10 -28.93 -27.01
C PRO A 273 -4.36 -29.85 -27.96
N ASN A 274 -3.20 -30.32 -27.51
CA ASN A 274 -2.42 -31.32 -28.23
C ASN A 274 -3.10 -32.67 -27.99
N THR A 275 -3.95 -33.08 -28.93
CA THR A 275 -4.75 -34.28 -28.75
C THR A 275 -3.89 -35.51 -28.51
N ARG A 276 -2.71 -35.57 -29.14
CA ARG A 276 -1.80 -36.69 -28.88
C ARG A 276 -1.38 -36.72 -27.42
N LEU A 277 -0.86 -35.59 -26.92
CA LEU A 277 -0.43 -35.52 -25.54
C LEU A 277 -1.61 -35.74 -24.59
N ALA A 278 -2.77 -35.18 -24.94
CA ALA A 278 -3.94 -35.33 -24.09
C ALA A 278 -4.34 -36.79 -23.95
N ARG A 279 -4.42 -37.52 -25.06
CA ARG A 279 -4.80 -38.93 -24.96
C ARG A 279 -3.73 -39.72 -24.22
N VAL A 280 -2.46 -39.39 -24.44
CA VAL A 280 -1.40 -40.07 -23.70
C VAL A 280 -1.59 -39.90 -22.21
N LEU A 281 -1.79 -38.67 -21.76
CA LEU A 281 -1.92 -38.41 -20.33
C LEU A 281 -3.16 -39.06 -19.75
N ASP A 282 -4.29 -38.98 -20.46
CA ASP A 282 -5.50 -39.60 -19.95
C ASP A 282 -5.37 -41.11 -19.86
N ILE A 283 -4.80 -41.73 -20.91
CA ILE A 283 -4.56 -43.17 -20.87
C ILE A 283 -3.62 -43.51 -19.72
N LEU A 284 -2.66 -42.63 -19.44
CA LEU A 284 -1.73 -42.88 -18.35
C LEU A 284 -2.43 -42.87 -17.00
N PHE A 285 -3.36 -41.92 -16.79
CA PHE A 285 -4.02 -41.85 -15.47
C PHE A 285 -4.73 -43.14 -15.10
N ILE A 286 -5.13 -43.95 -16.07
CA ILE A 286 -5.76 -45.23 -15.74
C ILE A 286 -4.80 -46.08 -14.92
N LEU A 287 -3.53 -46.08 -15.30
CA LEU A 287 -2.56 -46.98 -14.68
C LEU A 287 -2.19 -46.56 -13.27
N HIS A 288 -2.56 -45.35 -12.85
CA HIS A 288 -2.23 -44.85 -11.52
C HIS A 288 -3.50 -44.58 -10.72
N ALA A 289 -4.48 -45.47 -10.83
CA ALA A 289 -5.66 -45.40 -9.98
C ALA A 289 -5.33 -45.97 -8.62
N GLU A 290 -6.36 -46.27 -7.82
CA GLU A 290 -6.16 -46.86 -6.51
C GLU A 290 -5.32 -48.12 -6.59
N HIS A 291 -4.18 -48.11 -5.90
CA HIS A 291 -3.34 -49.29 -5.78
C HIS A 291 -3.75 -50.07 -4.54
N GLU A 292 -2.90 -51.03 -4.13
CA GLU A 292 -3.19 -51.88 -2.99
C GLU A 292 -3.29 -51.07 -1.70
N MET A 293 -3.85 -51.71 -0.67
CA MET A 293 -4.15 -51.02 0.58
C MET A 293 -2.88 -50.44 1.20
N ASN A 294 -3.00 -49.26 1.78
CA ASN A 294 -1.85 -48.59 2.38
C ASN A 294 -2.33 -47.81 3.60
N CYS A 295 -1.41 -47.07 4.21
CA CYS A 295 -1.78 -46.19 5.31
C CYS A 295 -2.82 -45.18 4.89
N SER A 296 -2.78 -44.73 3.63
CA SER A 296 -3.75 -43.76 3.15
C SER A 296 -5.17 -44.33 3.19
N THR A 297 -5.36 -45.52 2.63
CA THR A 297 -6.70 -46.10 2.60
C THR A 297 -7.21 -46.42 4.00
N ALA A 298 -6.35 -46.98 4.85
CA ALA A 298 -6.76 -47.28 6.22
C ALA A 298 -7.10 -46.01 6.98
N ALA A 299 -6.29 -44.97 6.81
CA ALA A 299 -6.56 -43.70 7.47
C ALA A 299 -7.88 -43.10 7.00
N ALA A 300 -8.14 -43.15 5.69
CA ALA A 300 -9.40 -42.64 5.18
C ALA A 300 -10.57 -43.44 5.74
N ARG A 301 -10.43 -44.77 5.80
CA ARG A 301 -11.47 -45.61 6.37
C ARG A 301 -11.76 -45.23 7.80
N HIS A 302 -10.70 -45.08 8.62
CA HIS A 302 -10.88 -44.73 10.01
C HIS A 302 -11.52 -43.36 10.16
N LEU A 303 -11.05 -42.39 9.38
CA LEU A 303 -11.57 -41.03 9.51
C LEU A 303 -13.03 -40.96 9.11
N ALA A 304 -13.41 -41.67 8.04
CA ALA A 304 -14.81 -41.72 7.65
C ALA A 304 -15.65 -42.40 8.70
N SER A 305 -15.13 -43.48 9.31
CA SER A 305 -15.86 -44.15 10.38
C SER A 305 -16.07 -43.22 11.56
N SER A 306 -15.11 -42.35 11.84
CA SER A 306 -15.23 -41.41 12.95
C SER A 306 -16.27 -40.33 12.69
N GLY A 307 -16.78 -40.21 11.46
CA GLY A 307 -17.79 -39.22 11.17
C GLY A 307 -17.28 -37.81 10.95
N VAL A 308 -15.98 -37.65 10.74
CA VAL A 308 -15.39 -36.35 10.46
C VAL A 308 -15.81 -35.89 9.08
N ASP A 309 -15.55 -34.64 8.75
CA ASP A 309 -15.78 -34.17 7.39
C ASP A 309 -14.80 -34.83 6.43
N VAL A 310 -15.28 -35.10 5.22
CA VAL A 310 -14.48 -35.83 4.24
C VAL A 310 -13.27 -35.04 3.79
N PHE A 311 -13.40 -33.71 3.72
CA PHE A 311 -12.33 -32.88 3.19
C PHE A 311 -11.04 -33.06 3.99
N THR A 312 -11.13 -32.94 5.32
CA THR A 312 -9.94 -33.04 6.15
C THR A 312 -9.34 -34.43 6.10
N ALA A 313 -10.19 -35.46 6.02
CA ALA A 313 -9.68 -36.82 5.90
C ALA A 313 -8.87 -37.00 4.63
N LEU A 314 -9.39 -36.48 3.50
CA LEU A 314 -8.62 -36.56 2.27
C LEU A 314 -7.36 -35.72 2.34
N ALA A 315 -7.40 -34.59 3.04
CA ALA A 315 -6.18 -33.81 3.25
C ALA A 315 -5.14 -34.65 3.98
N GLY A 316 -5.57 -35.38 5.00
CA GLY A 316 -4.66 -36.27 5.71
C GLY A 316 -4.13 -37.37 4.82
N ALA A 317 -4.96 -37.89 3.92
CA ALA A 317 -4.48 -38.91 2.99
C ALA A 317 -3.41 -38.36 2.06
N VAL A 318 -3.64 -37.14 1.54
CA VAL A 318 -2.62 -36.51 0.70
C VAL A 318 -1.34 -36.31 1.49
N GLY A 319 -1.47 -35.91 2.75
CA GLY A 319 -0.29 -35.83 3.61
C GLY A 319 0.39 -37.18 3.79
N ALA A 320 -0.40 -38.25 3.83
CA ALA A 320 0.19 -39.58 3.90
C ALA A 320 1.02 -39.88 2.66
N LEU A 321 0.53 -39.48 1.50
CA LEU A 321 1.26 -39.70 0.26
C LEU A 321 2.32 -38.63 0.01
N TYR A 322 2.42 -37.63 0.90
CA TYR A 322 3.39 -36.54 0.73
C TYR A 322 4.80 -37.06 0.49
N GLY A 323 5.20 -38.11 1.18
CA GLY A 323 6.56 -38.58 1.11
C GLY A 323 6.76 -39.65 0.05
N PRO A 324 7.94 -39.65 -0.57
CA PRO A 324 8.26 -40.67 -1.58
C PRO A 324 8.48 -42.06 -1.01
N LEU A 325 8.56 -42.19 0.31
CA LEU A 325 8.78 -43.48 0.95
C LEU A 325 7.59 -44.41 0.82
N HIS A 326 6.52 -43.98 0.14
CA HIS A 326 5.38 -44.82 -0.16
C HIS A 326 5.63 -45.73 -1.35
N GLY A 327 6.90 -45.93 -1.72
CA GLY A 327 7.26 -46.67 -2.90
C GLY A 327 7.69 -45.82 -4.08
N GLY A 328 7.41 -44.52 -4.04
CA GLY A 328 7.84 -43.63 -5.10
C GLY A 328 9.34 -43.47 -5.15
N ALA A 329 9.98 -44.06 -6.16
CA ALA A 329 11.43 -44.03 -6.29
C ALA A 329 11.85 -43.45 -7.63
N ASN A 330 11.05 -42.55 -8.19
CA ASN A 330 11.44 -41.87 -9.43
C ASN A 330 12.75 -41.12 -9.24
N GLU A 331 12.98 -40.59 -8.03
CA GLU A 331 14.24 -39.91 -7.74
C GLU A 331 15.42 -40.87 -7.87
N ALA A 332 15.24 -42.14 -7.50
CA ALA A 332 16.35 -43.08 -7.54
C ALA A 332 16.82 -43.31 -8.97
N VAL A 333 15.90 -43.64 -9.88
CA VAL A 333 16.28 -43.83 -11.27
C VAL A 333 16.72 -42.51 -11.89
N LEU A 334 16.16 -41.39 -11.42
CA LEU A 334 16.59 -40.09 -11.92
C LEU A 334 18.06 -39.85 -11.64
N LYS A 335 18.48 -40.01 -10.38
CA LYS A 335 19.88 -39.77 -10.05
C LYS A 335 20.78 -40.85 -10.64
N MET A 336 20.26 -42.08 -10.80
CA MET A 336 21.03 -43.11 -11.48
C MET A 336 21.33 -42.70 -12.92
N LEU A 337 20.33 -42.13 -13.61
CA LEU A 337 20.56 -41.61 -14.95
C LEU A 337 21.51 -40.42 -14.93
N ASN A 338 21.37 -39.56 -13.92
CA ASN A 338 22.23 -38.38 -13.83
C ASN A 338 23.70 -38.76 -13.65
N GLU A 339 23.97 -39.83 -12.91
CA GLU A 339 25.33 -40.27 -12.68
C GLU A 339 25.84 -41.26 -13.73
N ILE A 340 24.95 -41.92 -14.46
CA ILE A 340 25.38 -43.00 -15.35
C ILE A 340 26.20 -42.47 -16.52
N GLY A 341 26.02 -41.20 -16.89
CA GLY A 341 26.74 -40.70 -18.03
C GLY A 341 26.18 -41.24 -19.34
N THR A 342 27.04 -41.29 -20.34
CA THR A 342 26.65 -41.80 -21.66
C THR A 342 26.62 -43.32 -21.63
N VAL A 343 26.44 -43.93 -22.80
CA VAL A 343 26.38 -45.39 -22.87
C VAL A 343 27.75 -46.01 -22.59
N GLU A 344 28.83 -45.29 -22.90
CA GLU A 344 30.17 -45.85 -22.77
C GLU A 344 30.51 -46.16 -21.31
N ASN A 345 30.14 -45.27 -20.39
CA ASN A 345 30.44 -45.44 -18.97
C ASN A 345 29.25 -46.01 -18.19
N ILE A 346 28.42 -46.80 -18.85
CA ILE A 346 27.41 -47.64 -18.18
C ILE A 346 28.03 -48.94 -17.67
N PRO A 347 28.86 -49.65 -18.46
CA PRO A 347 29.33 -50.99 -18.00
C PRO A 347 29.98 -51.01 -16.64
N ASP A 348 30.73 -49.97 -16.25
CA ASP A 348 31.34 -49.98 -14.93
C ASP A 348 30.28 -50.03 -13.84
N PHE A 349 29.23 -49.23 -13.97
CA PHE A 349 28.16 -49.22 -12.98
C PHE A 349 27.45 -50.57 -12.91
N ILE A 350 27.16 -51.16 -14.06
CA ILE A 350 26.42 -52.43 -14.05
C ILE A 350 27.30 -53.56 -13.53
N GLU A 351 28.60 -53.52 -13.79
CA GLU A 351 29.49 -54.52 -13.21
C GLU A 351 29.59 -54.34 -11.71
N GLY A 352 29.61 -53.09 -11.24
CA GLY A 352 29.52 -52.86 -9.80
C GLY A 352 28.24 -53.41 -9.21
N VAL A 353 27.13 -53.28 -9.94
CA VAL A 353 25.87 -53.88 -9.50
C VAL A 353 26.02 -55.40 -9.41
N LYS A 354 26.61 -56.01 -10.44
CA LYS A 354 26.89 -57.44 -10.38
C LYS A 354 27.90 -57.75 -9.29
N ASN A 355 28.90 -56.90 -9.12
CA ASN A 355 29.84 -57.00 -8.02
C ASN A 355 29.23 -56.54 -6.69
N ARG A 356 27.95 -56.17 -6.68
CA ARG A 356 27.25 -55.69 -5.49
C ARG A 356 27.95 -54.46 -4.91
N LYS A 357 28.46 -53.60 -5.79
CA LYS A 357 29.09 -52.35 -5.41
C LYS A 357 28.28 -51.12 -5.78
N ARG A 358 27.39 -51.22 -6.77
CA ARG A 358 26.56 -50.11 -7.21
C ARG A 358 25.09 -50.45 -7.01
N LYS A 359 24.30 -49.45 -6.64
CA LYS A 359 22.90 -49.67 -6.33
C LYS A 359 22.10 -49.96 -7.60
N MET A 360 21.03 -50.74 -7.44
CA MET A 360 20.08 -51.02 -8.51
C MET A 360 18.72 -50.53 -8.08
N SER A 361 18.11 -49.67 -8.90
CA SER A 361 16.82 -49.07 -8.58
C SER A 361 15.93 -49.07 -9.81
N GLY A 362 14.63 -49.20 -9.57
CA GLY A 362 13.66 -49.15 -10.64
C GLY A 362 13.54 -50.41 -11.47
N PHE A 363 14.21 -51.49 -11.09
CA PHE A 363 14.16 -52.73 -11.83
C PHE A 363 13.79 -53.86 -10.88
N GLY A 364 12.81 -54.67 -11.28
CA GLY A 364 12.25 -55.66 -10.39
C GLY A 364 11.26 -55.03 -9.44
N HIS A 365 10.21 -55.77 -9.08
CA HIS A 365 9.15 -55.24 -8.23
C HIS A 365 8.96 -56.13 -7.02
N ARG A 366 8.78 -55.49 -5.85
CA ARG A 366 8.39 -56.23 -4.65
C ARG A 366 6.96 -56.73 -4.73
N VAL A 367 6.18 -56.26 -5.70
CA VAL A 367 4.82 -56.73 -5.93
C VAL A 367 4.75 -57.62 -7.17
N TYR A 368 5.32 -57.18 -8.29
CA TYR A 368 5.33 -57.96 -9.51
C TYR A 368 6.55 -58.87 -9.54
N LYS A 369 6.32 -60.17 -9.73
CA LYS A 369 7.40 -61.14 -9.88
C LYS A 369 7.37 -61.78 -11.26
N ASN A 370 6.96 -61.02 -12.26
CA ASN A 370 6.72 -61.53 -13.62
C ASN A 370 6.62 -60.33 -14.55
N TYR A 371 6.15 -60.59 -15.77
CA TYR A 371 5.90 -59.52 -16.74
C TYR A 371 4.92 -58.50 -16.18
N ASP A 372 4.86 -57.34 -16.82
CA ASP A 372 3.94 -56.28 -16.43
C ASP A 372 3.21 -55.78 -17.67
N PRO A 373 1.89 -55.97 -17.77
CA PRO A 373 1.16 -55.35 -18.88
C PRO A 373 1.26 -53.84 -18.87
N ARG A 374 1.25 -53.24 -17.66
CA ARG A 374 1.47 -51.81 -17.56
C ARG A 374 2.81 -51.42 -18.18
N ALA A 375 3.82 -52.29 -18.07
CA ALA A 375 5.14 -51.98 -18.61
C ALA A 375 5.09 -51.82 -20.12
N LYS A 376 4.47 -52.77 -20.82
CA LYS A 376 4.42 -52.67 -22.28
C LYS A 376 3.52 -51.51 -22.72
N VAL A 377 2.40 -51.30 -22.03
CA VAL A 377 1.52 -50.20 -22.41
C VAL A 377 2.25 -48.87 -22.25
N ILE A 378 2.87 -48.66 -21.08
CA ILE A 378 3.60 -47.42 -20.84
C ILE A 378 4.80 -47.31 -21.75
N ARG A 379 5.36 -48.44 -22.20
CA ARG A 379 6.45 -48.39 -23.17
C ARG A 379 5.96 -47.83 -24.50
N LYS A 380 4.80 -48.29 -24.96
CA LYS A 380 4.23 -47.74 -26.18
C LYS A 380 3.95 -46.26 -26.04
N LEU A 381 3.36 -45.87 -24.90
CA LEU A 381 3.08 -44.45 -24.68
C LEU A 381 4.36 -43.63 -24.64
N ALA A 382 5.41 -44.17 -24.01
CA ALA A 382 6.67 -43.45 -23.90
C ALA A 382 7.34 -43.28 -25.26
N GLU A 383 7.33 -44.32 -26.10
CA GLU A 383 7.92 -44.15 -27.42
C GLU A 383 7.09 -43.19 -28.27
N GLU A 384 5.78 -43.15 -28.09
CA GLU A 384 4.99 -42.13 -28.76
C GLU A 384 5.39 -40.74 -28.29
N VAL A 385 5.64 -40.58 -26.98
CA VAL A 385 6.10 -39.31 -26.46
C VAL A 385 7.43 -38.92 -27.09
N PHE A 386 8.34 -39.90 -27.19
CA PHE A 386 9.63 -39.62 -27.81
C PHE A 386 9.48 -39.18 -29.25
N SER A 387 8.54 -39.79 -29.97
CA SER A 387 8.28 -39.38 -31.35
C SER A 387 7.72 -37.96 -31.41
N ILE A 388 6.80 -37.61 -30.49
CA ILE A 388 6.11 -36.35 -30.62
C ILE A 388 6.97 -35.17 -30.16
N VAL A 389 7.76 -35.34 -29.11
CA VAL A 389 8.42 -34.17 -28.53
C VAL A 389 9.94 -34.34 -28.58
N GLY A 390 10.40 -35.46 -29.09
CA GLY A 390 11.83 -35.67 -29.15
C GLY A 390 12.39 -36.09 -27.79
N ARG A 391 13.72 -36.18 -27.74
CA ARG A 391 14.41 -36.68 -26.57
C ARG A 391 15.70 -35.89 -26.34
N ASP A 392 16.14 -35.88 -25.08
CA ASP A 392 17.45 -35.36 -24.73
C ASP A 392 18.46 -36.50 -24.69
N PRO A 393 19.76 -36.21 -24.61
CA PRO A 393 20.74 -37.30 -24.53
C PRO A 393 20.48 -38.27 -23.40
N LEU A 394 19.99 -37.78 -22.26
CA LEU A 394 19.70 -38.67 -21.13
C LEU A 394 18.63 -39.70 -21.47
N ILE A 395 17.63 -39.31 -22.27
CA ILE A 395 16.56 -40.25 -22.60
C ILE A 395 17.11 -41.41 -23.43
N GLU A 396 17.92 -41.11 -24.45
CA GLU A 396 18.53 -42.18 -25.22
C GLU A 396 19.52 -42.98 -24.39
N VAL A 397 20.19 -42.34 -23.44
CA VAL A 397 21.04 -43.07 -22.51
C VAL A 397 20.23 -44.12 -21.76
N ALA A 398 19.07 -43.71 -21.24
CA ALA A 398 18.20 -44.64 -20.52
C ALA A 398 17.69 -45.73 -21.45
N ILE A 399 17.34 -45.37 -22.69
CA ILE A 399 16.83 -46.35 -23.64
C ILE A 399 17.87 -47.42 -23.94
N ALA A 400 19.10 -46.99 -24.21
CA ALA A 400 20.18 -47.94 -24.48
C ALA A 400 20.49 -48.77 -23.25
N LEU A 401 20.47 -48.15 -22.06
CA LEU A 401 20.69 -48.88 -20.83
C LEU A 401 19.66 -49.97 -20.65
N GLU A 402 18.39 -49.65 -20.90
CA GLU A 402 17.33 -50.65 -20.80
C GLU A 402 17.52 -51.76 -21.81
N LYS A 403 17.85 -51.39 -23.05
CA LYS A 403 18.01 -52.40 -24.10
C LYS A 403 19.14 -53.37 -23.77
N ALA A 404 20.25 -52.84 -23.24
CA ALA A 404 21.37 -53.71 -22.88
C ALA A 404 21.08 -54.52 -21.63
N ALA A 405 20.37 -53.93 -20.65
CA ALA A 405 20.16 -54.60 -19.37
C ALA A 405 19.13 -55.72 -19.48
N LEU A 406 18.04 -55.50 -20.22
CA LEU A 406 16.98 -56.49 -20.26
C LEU A 406 17.47 -57.82 -20.82
N SER A 407 18.31 -57.76 -21.86
CA SER A 407 18.86 -58.99 -22.44
C SER A 407 19.97 -59.58 -21.59
N ASP A 408 20.55 -58.81 -20.67
CA ASP A 408 21.65 -59.31 -19.86
C ASP A 408 21.17 -60.37 -18.87
N GLU A 409 22.00 -61.38 -18.64
CA GLU A 409 21.60 -62.50 -17.79
C GLU A 409 21.39 -62.08 -16.34
N TYR A 410 22.12 -61.05 -15.89
CA TYR A 410 21.99 -60.62 -14.50
C TYR A 410 20.61 -60.05 -14.20
N PHE A 411 19.82 -59.74 -15.23
CA PHE A 411 18.47 -59.26 -15.07
C PHE A 411 17.41 -60.31 -15.37
N ILE A 412 17.66 -61.18 -16.35
CA ILE A 412 16.72 -62.27 -16.62
C ILE A 412 16.71 -63.26 -15.46
N LYS A 413 17.90 -63.63 -14.97
CA LYS A 413 17.97 -64.64 -13.91
C LYS A 413 17.51 -64.08 -12.58
N ARG A 414 17.81 -62.81 -12.31
CA ARG A 414 17.51 -62.19 -11.03
C ARG A 414 16.10 -61.59 -10.96
N LYS A 415 15.24 -61.91 -11.92
CA LYS A 415 13.86 -61.41 -11.95
C LYS A 415 13.86 -59.88 -11.96
N LEU A 416 14.82 -59.28 -12.66
CA LEU A 416 15.00 -57.85 -12.69
C LEU A 416 14.58 -57.31 -14.05
N TYR A 417 13.75 -56.27 -14.04
CA TYR A 417 13.16 -55.71 -15.24
C TYR A 417 12.58 -54.34 -14.91
N PRO A 418 12.56 -53.40 -15.86
CA PRO A 418 12.15 -52.03 -15.53
C PRO A 418 10.71 -51.99 -15.04
N ASN A 419 10.46 -51.11 -14.08
CA ASN A 419 9.11 -50.91 -13.59
C ASN A 419 8.42 -49.76 -14.33
N VAL A 420 7.11 -49.64 -14.12
CA VAL A 420 6.37 -48.56 -14.72
C VAL A 420 6.75 -47.22 -14.13
N ASP A 421 7.34 -47.20 -12.94
CA ASP A 421 7.85 -45.95 -12.38
C ASP A 421 8.92 -45.36 -13.30
N PHE A 422 9.80 -46.20 -13.82
CA PHE A 422 10.87 -45.73 -14.69
C PHE A 422 10.31 -45.07 -15.95
N TYR A 423 9.43 -45.78 -16.66
CA TYR A 423 8.88 -45.22 -17.89
C TYR A 423 7.99 -44.02 -17.63
N SER A 424 7.25 -44.02 -16.52
CA SER A 424 6.44 -42.86 -16.18
C SER A 424 7.32 -41.65 -15.94
N GLY A 425 8.40 -41.81 -15.17
CA GLY A 425 9.33 -40.71 -14.99
C GLY A 425 9.91 -40.24 -16.30
N LEU A 426 10.24 -41.17 -17.19
CA LEU A 426 10.69 -40.80 -18.52
C LEU A 426 9.67 -39.92 -19.22
N ILE A 427 8.40 -40.32 -19.17
CA ILE A 427 7.37 -39.59 -19.89
C ILE A 427 7.19 -38.20 -19.32
N TYR A 428 7.13 -38.08 -17.99
CA TYR A 428 6.93 -36.77 -17.39
C TYR A 428 8.13 -35.86 -17.64
N ARG A 429 9.35 -36.41 -17.58
CA ARG A 429 10.52 -35.60 -17.88
C ARG A 429 10.51 -35.15 -19.34
N ALA A 430 10.09 -36.04 -20.25
CA ALA A 430 9.99 -35.67 -21.66
C ALA A 430 8.98 -34.56 -21.86
N MET A 431 7.84 -34.62 -21.16
CA MET A 431 6.91 -33.50 -21.19
C MET A 431 7.56 -32.26 -20.58
N GLY A 432 8.46 -32.45 -19.62
CA GLY A 432 9.26 -31.33 -19.13
C GLY A 432 8.77 -30.79 -17.80
N PHE A 433 8.52 -31.66 -16.87
CA PHE A 433 8.04 -31.15 -15.61
C PHE A 433 9.17 -31.04 -14.61
N PRO A 434 9.09 -30.07 -13.70
CA PRO A 434 10.04 -30.04 -12.59
C PRO A 434 10.01 -31.36 -11.82
N THR A 435 11.19 -31.91 -11.55
CA THR A 435 11.27 -33.22 -10.93
C THR A 435 10.61 -33.23 -9.56
N GLU A 436 10.87 -32.19 -8.76
CA GLU A 436 10.26 -32.10 -7.44
C GLU A 436 8.74 -32.02 -7.51
N PHE A 437 8.18 -31.56 -8.64
CA PHE A 437 6.74 -31.52 -8.83
C PHE A 437 6.15 -32.88 -9.18
N PHE A 438 6.99 -33.87 -9.44
CA PHE A 438 6.54 -35.20 -9.86
C PHE A 438 5.49 -35.84 -8.95
N PRO A 439 5.66 -35.90 -7.64
CA PRO A 439 4.68 -36.65 -6.82
C PRO A 439 3.28 -36.08 -6.87
N VAL A 440 3.13 -34.81 -7.23
CA VAL A 440 1.79 -34.25 -7.43
C VAL A 440 1.05 -35.05 -8.49
N LEU A 441 1.73 -35.34 -9.61
CA LEU A 441 1.13 -36.17 -10.64
C LEU A 441 0.81 -37.56 -10.14
N PHE A 442 1.46 -38.00 -9.07
CA PHE A 442 1.17 -39.30 -8.48
C PHE A 442 0.12 -39.22 -7.37
N ALA A 443 -0.36 -38.01 -7.04
CA ALA A 443 -1.44 -37.86 -6.08
C ALA A 443 -2.77 -37.50 -6.73
N ILE A 444 -2.75 -36.87 -7.90
CA ILE A 444 -3.99 -36.57 -8.60
C ILE A 444 -4.79 -37.82 -8.90
N PRO A 445 -4.23 -38.90 -9.46
CA PRO A 445 -5.05 -40.06 -9.79
C PRO A 445 -5.22 -41.06 -8.66
N ARG A 446 -4.54 -40.88 -7.54
CA ARG A 446 -4.72 -41.75 -6.38
C ARG A 446 -5.89 -41.31 -5.51
N MET A 447 -6.82 -40.55 -6.07
CA MET A 447 -7.92 -40.00 -5.30
C MET A 447 -9.27 -40.64 -5.62
N ALA A 448 -9.42 -41.23 -6.80
CA ALA A 448 -10.66 -41.94 -7.11
C ALA A 448 -10.89 -43.07 -6.12
N GLY A 449 -9.85 -43.87 -5.87
CA GLY A 449 -9.98 -44.95 -4.91
C GLY A 449 -10.20 -44.46 -3.49
N TYR A 450 -9.60 -43.33 -3.14
CA TYR A 450 -9.84 -42.73 -1.84
C TYR A 450 -11.33 -42.50 -1.62
N LEU A 451 -11.97 -41.82 -2.57
CA LEU A 451 -13.39 -41.52 -2.43
C LEU A 451 -14.24 -42.76 -2.54
N ALA A 452 -13.82 -43.73 -3.36
CA ALA A 452 -14.55 -45.00 -3.44
C ALA A 452 -14.57 -45.69 -2.09
N HIS A 453 -13.42 -45.81 -1.45
CA HIS A 453 -13.36 -46.45 -0.14
C HIS A 453 -14.09 -45.63 0.91
N TRP A 454 -14.05 -44.30 0.81
CA TRP A 454 -14.79 -43.47 1.75
C TRP A 454 -16.28 -43.73 1.65
N ARG A 455 -16.82 -43.71 0.43
CA ARG A 455 -18.25 -43.96 0.25
C ARG A 455 -18.61 -45.38 0.69
N GLU A 456 -17.77 -46.36 0.35
CA GLU A 456 -18.06 -47.74 0.72
C GLU A 456 -18.06 -47.90 2.22
N SER A 457 -17.12 -47.27 2.92
CA SER A 457 -17.08 -47.32 4.38
C SER A 457 -18.32 -46.65 4.98
N LEU A 458 -18.75 -45.54 4.39
CA LEU A 458 -19.96 -44.88 4.88
C LEU A 458 -21.18 -45.78 4.72
N ASP A 459 -21.28 -46.47 3.58
CA ASP A 459 -22.51 -47.21 3.28
C ASP A 459 -22.68 -48.42 4.18
N ASP A 460 -21.63 -49.25 4.30
CA ASP A 460 -21.80 -50.52 4.99
C ASP A 460 -21.77 -50.33 6.51
N PRO A 461 -22.76 -50.85 7.23
CA PRO A 461 -22.70 -50.78 8.69
C PRO A 461 -21.86 -51.90 9.29
N ASP A 462 -20.71 -52.17 8.68
CA ASP A 462 -19.73 -53.10 9.23
C ASP A 462 -18.61 -52.38 9.97
N THR A 463 -18.63 -51.05 10.01
CA THR A 463 -17.61 -50.31 10.71
C THR A 463 -17.92 -50.24 12.20
N LYS A 464 -16.86 -50.12 12.99
CA LYS A 464 -16.98 -50.06 14.44
C LYS A 464 -16.09 -48.96 14.98
N ILE A 465 -15.91 -48.91 16.29
CA ILE A 465 -14.98 -47.96 16.89
C ILE A 465 -13.57 -48.47 16.70
N MET A 466 -12.70 -47.61 16.15
CA MET A 466 -11.32 -47.98 15.89
C MET A 466 -10.51 -47.70 17.15
N ARG A 467 -10.64 -48.60 18.12
CA ARG A 467 -9.93 -48.52 19.39
C ARG A 467 -8.90 -49.64 19.45
N PRO A 468 -7.70 -49.44 18.92
CA PRO A 468 -6.71 -50.51 18.89
C PRO A 468 -6.16 -50.82 20.27
N GLN A 469 -5.62 -52.03 20.39
CA GLN A 469 -5.04 -52.50 21.64
C GLN A 469 -3.52 -52.27 21.63
N GLN A 470 -2.87 -52.76 22.67
CA GLN A 470 -1.43 -52.63 22.86
C GLN A 470 -1.04 -53.51 24.05
N VAL A 471 0.26 -53.59 24.33
CA VAL A 471 0.77 -54.32 25.49
C VAL A 471 1.70 -53.37 26.24
N TYR A 472 1.47 -53.22 27.55
CA TYR A 472 2.21 -52.27 28.35
C TYR A 472 3.64 -52.76 28.59
N THR A 473 4.60 -51.87 28.40
CA THR A 473 6.01 -52.19 28.65
C THR A 473 6.69 -51.23 29.62
N GLY A 474 6.06 -50.12 29.99
CA GLY A 474 6.65 -49.20 30.92
C GLY A 474 6.59 -49.71 32.35
N VAL A 475 7.12 -48.90 33.27
CA VAL A 475 7.08 -49.26 34.68
C VAL A 475 5.64 -49.30 35.14
N TRP A 476 5.26 -50.40 35.81
CA TRP A 476 3.87 -50.60 36.18
C TRP A 476 3.41 -49.56 37.21
N LEU A 477 4.30 -49.18 38.13
CA LEU A 477 3.93 -48.22 39.15
C LEU A 477 5.17 -47.49 39.66
N ARG A 478 4.98 -46.22 39.97
CA ARG A 478 5.99 -45.39 40.61
C ARG A 478 5.27 -44.50 41.62
N HIS A 479 5.95 -43.47 42.11
CA HIS A 479 5.31 -42.52 42.99
C HIS A 479 5.96 -41.15 42.84
N TYR A 480 5.14 -40.11 43.04
CA TYR A 480 5.55 -38.73 42.76
C TYR A 480 6.69 -38.30 43.67
N THR A 481 7.54 -37.42 43.15
CA THR A 481 8.65 -36.89 43.93
C THR A 481 8.45 -35.40 44.19
N PRO A 482 8.87 -34.91 45.35
CA PRO A 482 8.79 -33.47 45.62
C PRO A 482 9.71 -32.68 44.71
N LEU A 483 9.33 -31.41 44.49
CA LEU A 483 10.05 -30.57 43.54
C LEU A 483 11.48 -30.32 43.98
N GLN A 484 11.67 -29.97 45.25
CA GLN A 484 13.03 -29.81 45.77
C GLN A 484 13.77 -31.13 45.87
N GLU A 485 12.99 -32.18 45.59
CA GLU A 485 13.54 -33.48 45.56
C GLU A 485 13.78 -33.75 44.10
N ARG A 486 13.77 -32.69 43.31
CA ARG A 486 14.16 -32.88 41.93
C ARG A 486 15.66 -32.65 41.94
N THR A 487 16.35 -33.12 40.92
CA THR A 487 17.79 -32.95 40.85
C THR A 487 18.44 -33.62 42.04
N LYS A 494 18.35 -33.79 29.37
CA LYS A 494 19.15 -32.71 28.79
C LYS A 494 19.94 -33.22 27.59
N LEU A 495 19.22 -33.71 26.57
CA LEU A 495 19.86 -34.24 25.38
C LEU A 495 20.44 -33.16 24.48
N GLY A 496 19.86 -31.96 24.47
CA GLY A 496 20.34 -30.88 23.63
C GLY A 496 19.78 -29.56 24.15
N GLN A 497 20.33 -28.47 23.63
CA GLN A 497 19.87 -27.12 23.95
C GLN A 497 19.41 -26.45 22.68
N VAL A 498 18.21 -25.88 22.71
CA VAL A 498 17.65 -25.26 21.52
C VAL A 498 18.39 -23.97 21.18
N ALA A 499 18.31 -23.59 19.90
CA ALA A 499 18.94 -22.38 19.37
C ALA A 499 20.44 -22.37 19.62
N VAL A 500 21.11 -23.36 19.02
CA VAL A 500 22.55 -23.53 19.20
C VAL A 500 23.29 -22.62 18.22
N SER A 501 24.11 -21.72 18.76
CA SER A 501 24.97 -20.82 17.98
C SER A 501 24.17 -19.86 17.10
N ASN A 502 22.85 -19.92 17.19
CA ASN A 502 21.96 -19.02 16.45
C ASN A 502 21.04 -18.35 17.45
N ALA A 503 21.07 -17.01 17.46
CA ALA A 503 20.38 -16.18 18.44
C ALA A 503 20.89 -16.40 19.87
N THR A 504 21.89 -17.27 20.03
CA THR A 504 22.59 -17.45 21.30
C THR A 504 24.01 -16.90 21.24
N ARG A 505 24.77 -17.24 20.21
CA ARG A 505 25.97 -16.47 19.90
C ARG A 505 25.63 -15.04 19.51
N ARG A 506 24.41 -14.80 19.06
CA ARG A 506 23.89 -13.46 18.85
C ARG A 506 23.31 -12.87 20.13
N ARG A 507 23.36 -13.60 21.24
CA ARG A 507 22.92 -13.10 22.53
C ARG A 507 24.03 -13.02 23.56
N LEU A 508 25.12 -13.77 23.40
CA LEU A 508 26.24 -13.71 24.34
C LEU A 508 27.61 -13.63 23.69
N ALA A 509 27.79 -14.07 22.44
CA ALA A 509 29.10 -14.03 21.79
C ALA A 509 29.40 -12.67 21.17
N GLY A 510 28.64 -11.65 21.51
CA GLY A 510 29.04 -10.27 21.25
C GLY A 510 28.93 -9.40 22.49
N SER A 511 27.90 -9.62 23.31
CA SER A 511 27.73 -8.96 24.61
C SER A 511 26.52 -9.54 25.31
N ARG A 512 26.23 -9.04 26.52
CA ARG A 512 25.01 -9.38 27.25
C ARG A 512 24.38 -8.07 27.70
N ILE A 513 23.45 -7.56 26.89
CA ILE A 513 22.76 -6.29 27.16
C ILE A 513 23.76 -5.16 27.39
N LYS B 95 -9.31 -63.75 14.64
CA LYS B 95 -9.19 -64.48 13.38
C LYS B 95 -8.46 -63.64 12.33
N LEU B 96 -8.48 -64.10 11.09
CA LEU B 96 -7.86 -63.36 9.99
C LEU B 96 -8.58 -62.05 9.75
N TYR B 97 -9.85 -61.98 10.15
CA TYR B 97 -10.64 -60.76 10.00
C TYR B 97 -10.89 -60.13 11.38
N ASP B 98 -10.00 -59.21 11.73
CA ASP B 98 -10.17 -58.41 12.93
C ASP B 98 -10.42 -56.96 12.51
N PRO B 99 -11.67 -56.56 12.25
CA PRO B 99 -11.92 -55.22 11.70
C PRO B 99 -11.61 -54.10 12.67
N GLY B 100 -12.13 -54.18 13.89
CA GLY B 100 -12.01 -53.10 14.84
C GLY B 100 -10.70 -53.13 15.61
N TYR B 101 -9.80 -54.03 15.22
CA TYR B 101 -8.52 -54.28 15.89
C TYR B 101 -8.71 -54.74 17.33
N LEU B 102 -9.92 -55.10 17.73
CA LEU B 102 -10.19 -55.54 19.10
C LEU B 102 -9.65 -56.93 19.38
N ASN B 103 -9.21 -57.67 18.37
CA ASN B 103 -8.58 -58.96 18.56
C ASN B 103 -7.07 -58.93 18.31
N THR B 104 -6.53 -57.78 17.94
CA THR B 104 -5.10 -57.65 17.65
C THR B 104 -4.52 -56.49 18.45
N ALA B 105 -3.19 -56.35 18.37
CA ALA B 105 -2.49 -55.25 19.02
C ALA B 105 -1.45 -54.72 18.03
N PRO B 106 -1.64 -53.49 17.52
CA PRO B 106 -0.68 -52.94 16.56
C PRO B 106 0.75 -52.94 17.05
N VAL B 107 1.00 -52.35 18.23
CA VAL B 107 2.35 -52.26 18.78
C VAL B 107 2.25 -52.05 20.28
N ARG B 108 3.28 -52.50 20.99
CA ARG B 108 3.36 -52.32 22.43
C ARG B 108 3.58 -50.84 22.76
N SER B 109 3.15 -50.44 23.95
CA SER B 109 3.27 -49.04 24.37
C SER B 109 3.79 -49.00 25.80
N SER B 110 4.36 -47.85 26.16
CA SER B 110 4.90 -47.67 27.49
C SER B 110 4.56 -46.32 28.11
N ILE B 111 3.77 -45.48 27.45
CA ILE B 111 3.51 -44.14 27.97
C ILE B 111 2.68 -44.21 29.24
N CYS B 112 1.71 -45.13 29.30
CA CYS B 112 0.78 -45.25 30.41
C CYS B 112 -0.10 -46.46 30.13
N TYR B 113 -0.92 -46.82 31.11
CA TYR B 113 -1.91 -47.87 30.95
C TYR B 113 -3.26 -47.38 31.41
N ILE B 114 -4.30 -47.77 30.66
CA ILE B 114 -5.67 -47.45 31.01
C ILE B 114 -6.33 -48.72 31.53
N ASP B 115 -6.67 -48.72 32.81
CA ASP B 115 -7.47 -49.79 33.41
C ASP B 115 -8.91 -49.28 33.45
N GLY B 116 -9.58 -49.37 32.31
CA GLY B 116 -10.90 -48.79 32.18
C GLY B 116 -11.91 -49.36 33.16
N ASP B 117 -11.78 -50.65 33.47
CA ASP B 117 -12.69 -51.29 34.41
C ASP B 117 -12.62 -50.65 35.78
N GLU B 118 -11.41 -50.35 36.24
CA GLU B 118 -11.19 -49.74 37.56
C GLU B 118 -10.79 -48.28 37.48
N GLY B 119 -10.65 -47.72 36.28
CA GLY B 119 -10.24 -46.33 36.16
C GLY B 119 -8.84 -46.07 36.70
N ILE B 120 -7.94 -47.03 36.55
CA ILE B 120 -6.58 -46.89 37.04
C ILE B 120 -5.71 -46.35 35.91
N LEU B 121 -5.26 -45.11 36.06
CA LEU B 121 -4.43 -44.45 35.06
C LEU B 121 -3.20 -43.89 35.76
N ARG B 122 -2.02 -44.22 35.22
CA ARG B 122 -0.76 -43.75 35.81
C ARG B 122 0.20 -43.44 34.68
N TYR B 123 0.51 -42.15 34.50
CA TYR B 123 1.48 -41.73 33.49
C TYR B 123 2.86 -42.19 33.93
N ARG B 124 3.31 -43.32 33.37
CA ARG B 124 4.59 -43.93 33.75
C ARG B 124 4.66 -44.19 35.25
N GLY B 125 3.55 -44.59 35.86
CA GLY B 125 3.49 -44.97 37.26
C GLY B 125 2.90 -43.93 38.19
N TYR B 126 2.73 -42.68 37.74
CA TYR B 126 2.22 -41.62 38.61
C TYR B 126 0.73 -41.47 38.41
N PRO B 127 -0.09 -41.59 39.45
CA PRO B 127 -1.54 -41.42 39.28
C PRO B 127 -1.87 -40.03 38.76
N ILE B 128 -2.94 -39.97 37.96
CA ILE B 128 -3.30 -38.72 37.30
C ILE B 128 -3.70 -37.66 38.32
N GLU B 129 -4.42 -38.06 39.37
CA GLU B 129 -4.82 -37.10 40.39
C GLU B 129 -3.62 -36.52 41.12
N GLU B 130 -2.62 -37.36 41.41
CA GLU B 130 -1.42 -36.88 42.08
C GLU B 130 -0.74 -35.80 41.25
N LEU B 131 -0.62 -36.04 39.94
CA LEU B 131 0.01 -35.06 39.07
C LEU B 131 -0.83 -33.80 38.96
N ALA B 132 -2.16 -33.96 38.81
CA ALA B 132 -3.03 -32.80 38.66
C ALA B 132 -3.01 -31.92 39.89
N GLU B 133 -2.79 -32.50 41.07
CA GLU B 133 -2.73 -31.72 42.30
C GLU B 133 -1.34 -31.12 42.51
N SER B 134 -0.31 -31.98 42.53
CA SER B 134 1.01 -31.58 43.00
C SER B 134 1.96 -31.16 41.88
N SER B 135 1.47 -31.00 40.64
CA SER B 135 2.38 -30.71 39.55
C SER B 135 1.82 -29.69 38.56
N SER B 136 2.48 -29.54 37.42
CA SER B 136 2.09 -28.57 36.40
C SER B 136 2.25 -29.20 35.02
N TYR B 137 1.71 -28.52 34.01
CA TYR B 137 1.67 -29.10 32.67
C TYR B 137 3.04 -29.37 32.06
N PRO B 138 4.01 -28.45 32.10
CA PRO B 138 5.32 -28.80 31.54
C PRO B 138 5.96 -30.00 32.22
N GLU B 139 5.72 -30.18 33.52
CA GLU B 139 6.29 -31.32 34.22
C GLU B 139 5.81 -32.63 33.60
N VAL B 140 4.49 -32.78 33.46
CA VAL B 140 3.97 -34.04 32.92
C VAL B 140 4.32 -34.18 31.45
N ALA B 141 4.34 -33.07 30.71
CA ALA B 141 4.70 -33.16 29.30
C ALA B 141 6.13 -33.70 29.15
N TYR B 142 7.06 -33.15 29.90
CA TYR B 142 8.43 -33.66 29.87
C TYR B 142 8.48 -35.10 30.34
N LEU B 143 7.69 -35.45 31.35
CA LEU B 143 7.71 -36.81 31.87
C LEU B 143 7.30 -37.81 30.80
N LEU B 144 6.24 -37.52 30.06
CA LEU B 144 5.86 -38.39 28.95
C LEU B 144 6.91 -38.38 27.86
N MET B 145 7.48 -37.21 27.57
CA MET B 145 8.29 -37.07 26.37
C MET B 145 9.64 -37.73 26.51
N TYR B 146 10.30 -37.56 27.66
CA TYR B 146 11.57 -38.21 27.93
C TYR B 146 11.42 -39.46 28.79
N GLY B 147 10.20 -39.98 28.91
CA GLY B 147 9.96 -41.16 29.72
C GLY B 147 10.04 -40.94 31.21
N ASN B 148 10.61 -39.83 31.67
CA ASN B 148 10.75 -39.56 33.09
C ASN B 148 10.69 -38.06 33.32
N LEU B 149 10.36 -37.70 34.55
CA LEU B 149 10.32 -36.30 34.94
C LEU B 149 11.72 -35.70 34.90
N PRO B 150 11.84 -34.43 34.53
CA PRO B 150 13.13 -33.75 34.62
C PRO B 150 13.35 -33.17 36.00
N SER B 151 14.57 -32.72 36.27
CA SER B 151 14.86 -31.98 37.49
C SER B 151 14.67 -30.48 37.25
N LYS B 152 14.86 -29.71 38.32
CA LYS B 152 14.51 -28.29 38.28
C LYS B 152 15.29 -27.54 37.21
N SER B 153 16.58 -27.85 37.05
CA SER B 153 17.44 -27.07 36.16
C SER B 153 17.01 -27.23 34.71
N GLN B 154 17.03 -28.46 34.19
CA GLN B 154 16.71 -28.66 32.79
C GLN B 154 15.23 -28.41 32.52
N LEU B 155 14.36 -28.62 33.51
CA LEU B 155 12.97 -28.23 33.34
C LEU B 155 12.84 -26.72 33.12
N ALA B 156 13.57 -25.93 33.92
CA ALA B 156 13.54 -24.48 33.76
C ALA B 156 14.06 -24.09 32.40
N ASP B 157 15.16 -24.72 31.96
CA ASP B 157 15.69 -24.43 30.63
C ASP B 157 14.69 -24.81 29.54
N TRP B 158 14.02 -25.95 29.71
CA TRP B 158 13.05 -26.41 28.72
C TRP B 158 11.90 -25.43 28.58
N GLU B 159 11.30 -25.03 29.71
CA GLU B 159 10.21 -24.08 29.65
C GLU B 159 10.68 -22.72 29.14
N PHE B 160 11.92 -22.35 29.43
CA PHE B 160 12.49 -21.15 28.85
C PHE B 160 12.49 -21.24 27.33
N ALA B 161 12.93 -22.38 26.79
CA ALA B 161 12.91 -22.57 25.35
C ALA B 161 11.49 -22.54 24.80
N ILE B 162 10.56 -23.17 25.52
CA ILE B 162 9.16 -23.18 25.11
C ILE B 162 8.66 -21.75 24.95
N SER B 163 8.94 -20.91 25.94
CA SER B 163 8.58 -19.50 25.83
C SER B 163 9.31 -18.83 24.68
N GLN B 164 10.57 -19.19 24.46
CA GLN B 164 11.36 -18.55 23.41
C GLN B 164 10.74 -18.76 22.04
N HIS B 165 10.45 -20.01 21.69
CA HIS B 165 10.10 -20.33 20.32
C HIS B 165 8.67 -19.94 19.95
N SER B 166 8.07 -19.03 20.71
CA SER B 166 6.68 -18.74 20.44
C SER B 166 6.46 -17.83 19.29
N ALA B 167 7.50 -17.49 18.59
CA ALA B 167 7.39 -16.52 17.51
C ALA B 167 6.69 -17.12 16.29
N VAL B 168 5.37 -17.02 16.22
CA VAL B 168 4.63 -17.50 15.05
C VAL B 168 4.88 -16.66 13.82
N PRO B 169 5.24 -17.30 12.72
CA PRO B 169 5.43 -16.49 11.52
C PRO B 169 4.16 -15.72 11.17
N GLN B 170 4.33 -14.48 10.74
CA GLN B 170 3.20 -13.61 10.47
C GLN B 170 2.44 -14.03 9.22
N GLY B 171 3.07 -14.78 8.32
CA GLY B 171 2.33 -15.32 7.18
C GLY B 171 1.17 -16.17 7.62
N VAL B 172 1.36 -16.95 8.69
CA VAL B 172 0.25 -17.72 9.24
C VAL B 172 -0.83 -16.79 9.75
N LEU B 173 -0.45 -15.65 10.31
CA LEU B 173 -1.44 -14.67 10.75
C LEU B 173 -2.24 -14.14 9.57
N ASP B 174 -1.58 -13.88 8.45
CA ASP B 174 -2.29 -13.49 7.24
C ASP B 174 -3.23 -14.59 6.79
N ILE B 175 -2.78 -15.85 6.88
CA ILE B 175 -3.65 -16.97 6.57
C ILE B 175 -4.91 -16.94 7.44
N ILE B 176 -4.73 -16.70 8.74
CA ILE B 176 -5.87 -16.58 9.65
C ILE B 176 -6.80 -15.47 9.17
N GLN B 177 -6.22 -14.34 8.77
CA GLN B 177 -7.02 -13.27 8.16
C GLN B 177 -7.80 -13.79 6.97
N GLY B 178 -7.26 -14.80 6.28
CA GLY B 178 -7.89 -15.30 5.08
C GLY B 178 -9.28 -15.87 5.30
N MET B 179 -9.42 -16.76 6.28
CA MET B 179 -10.72 -17.40 6.48
C MET B 179 -11.76 -16.39 6.96
N PRO B 180 -13.04 -16.63 6.68
CA PRO B 180 -14.09 -15.78 7.25
C PRO B 180 -14.16 -15.97 8.75
N HIS B 181 -14.62 -14.92 9.44
CA HIS B 181 -14.70 -14.95 10.89
C HIS B 181 -15.75 -15.94 11.41
N ASP B 182 -16.61 -16.46 10.54
CA ASP B 182 -17.55 -17.49 10.93
C ASP B 182 -16.95 -18.89 10.97
N ALA B 183 -15.70 -19.04 10.53
CA ALA B 183 -15.09 -20.36 10.42
C ALA B 183 -15.00 -21.03 11.77
N HIS B 184 -15.34 -22.31 11.81
CA HIS B 184 -15.18 -23.10 13.01
C HIS B 184 -13.70 -23.12 13.40
N PRO B 185 -13.37 -22.95 14.68
CA PRO B 185 -11.94 -22.86 15.06
C PRO B 185 -11.14 -24.08 14.70
N MET B 186 -11.74 -25.27 14.62
CA MET B 186 -10.97 -26.47 14.31
C MET B 186 -10.35 -26.39 12.93
N GLY B 187 -11.15 -26.02 11.92
CA GLY B 187 -10.60 -25.89 10.58
C GLY B 187 -9.53 -24.82 10.51
N VAL B 188 -9.73 -23.73 11.25
CA VAL B 188 -8.73 -22.68 11.32
C VAL B 188 -7.42 -23.25 11.84
N LEU B 189 -7.49 -24.00 12.93
CA LEU B 189 -6.29 -24.58 13.51
C LEU B 189 -5.62 -25.55 12.55
N VAL B 190 -6.40 -26.35 11.84
CA VAL B 190 -5.83 -27.34 10.93
C VAL B 190 -5.11 -26.66 9.77
N CYS B 191 -5.76 -25.67 9.16
CA CYS B 191 -5.13 -24.95 8.06
C CYS B 191 -3.89 -24.21 8.53
N ALA B 192 -3.95 -23.62 9.73
CA ALA B 192 -2.78 -22.97 10.29
C ALA B 192 -1.68 -23.98 10.54
N MET B 193 -2.03 -25.19 10.94
CA MET B 193 -1.04 -26.24 11.17
C MET B 193 -0.30 -26.57 9.88
N SER B 194 -1.05 -26.76 8.80
CA SER B 194 -0.41 -27.04 7.51
C SER B 194 0.47 -25.87 7.07
N ALA B 195 -0.05 -24.64 7.20
CA ALA B 195 0.72 -23.47 6.82
C ALA B 195 2.00 -23.37 7.64
N LEU B 196 1.93 -23.70 8.92
CA LEU B 196 3.11 -23.70 9.75
C LEU B 196 4.07 -24.80 9.33
N SER B 197 3.55 -25.91 8.80
CA SER B 197 4.41 -26.93 8.24
C SER B 197 5.20 -26.40 7.04
N VAL B 198 4.52 -25.71 6.13
CA VAL B 198 5.19 -25.28 4.90
C VAL B 198 6.15 -24.12 5.17
N PHE B 199 5.77 -23.20 6.06
CA PHE B 199 6.57 -22.00 6.33
C PHE B 199 7.92 -22.29 6.96
N HIS B 200 8.23 -23.56 7.22
CA HIS B 200 9.48 -23.95 7.87
C HIS B 200 10.21 -24.92 6.96
N PRO B 201 11.01 -24.41 6.02
CA PRO B 201 11.70 -25.30 5.07
C PRO B 201 12.66 -26.28 5.73
N ASP B 202 13.26 -25.91 6.85
CA ASP B 202 14.22 -26.81 7.50
C ASP B 202 13.56 -28.06 8.08
N ALA B 203 12.25 -28.24 7.91
CA ALA B 203 11.54 -29.38 8.46
C ALA B 203 11.21 -30.43 7.42
N ASN B 204 11.11 -30.06 6.15
CA ASN B 204 10.71 -31.00 5.11
C ASN B 204 11.83 -31.98 4.81
N PRO B 205 11.63 -33.28 5.04
CA PRO B 205 12.65 -34.26 4.61
C PRO B 205 12.86 -34.28 3.11
N ALA B 206 11.80 -34.05 2.32
CA ALA B 206 11.94 -34.04 0.88
C ALA B 206 12.87 -32.92 0.40
N LEU B 207 12.99 -31.85 1.18
CA LEU B 207 13.90 -30.77 0.83
C LEU B 207 15.32 -31.00 1.36
N ARG B 208 15.54 -32.06 2.14
CA ARG B 208 16.87 -32.36 2.64
C ARG B 208 17.19 -33.84 2.66
N GLY B 209 16.32 -34.69 2.10
CA GLY B 209 16.52 -36.12 2.19
C GLY B 209 16.14 -36.65 3.56
N GLN B 210 16.31 -37.96 3.73
CA GLN B 210 16.03 -38.61 5.01
C GLN B 210 17.23 -38.45 5.93
N ASP B 211 17.37 -37.23 6.45
CA ASP B 211 18.41 -36.89 7.41
C ASP B 211 17.91 -36.12 8.61
N LEU B 212 16.75 -35.47 8.52
CA LEU B 212 16.22 -34.67 9.61
C LEU B 212 15.70 -35.50 10.77
N TYR B 213 15.53 -36.80 10.60
CA TYR B 213 14.86 -37.62 11.60
C TYR B 213 15.76 -38.75 12.11
N LYS B 214 17.08 -38.53 12.13
CA LYS B 214 18.02 -39.51 12.66
C LYS B 214 18.74 -39.04 13.91
N SER B 215 18.70 -37.75 14.22
CA SER B 215 19.42 -37.19 15.35
C SER B 215 18.45 -36.63 16.37
N LYS B 216 18.88 -36.66 17.64
CA LYS B 216 18.06 -36.11 18.71
C LYS B 216 17.89 -34.60 18.57
N GLN B 217 18.85 -33.93 17.94
CA GLN B 217 18.83 -32.47 17.89
C GLN B 217 17.59 -31.94 17.18
N LEU B 218 17.43 -32.30 15.90
CA LEU B 218 16.29 -31.79 15.14
C LEU B 218 14.97 -32.26 15.75
N ARG B 219 14.93 -33.50 16.23
CA ARG B 219 13.72 -34.01 16.86
C ARG B 219 13.29 -33.13 18.02
N ASP B 220 14.20 -32.91 18.97
CA ASP B 220 13.88 -32.11 20.15
C ASP B 220 13.55 -30.68 19.74
N LYS B 221 14.31 -30.14 18.79
CA LYS B 221 14.09 -28.75 18.37
C LYS B 221 12.70 -28.55 17.80
N GLN B 222 12.27 -29.46 16.92
CA GLN B 222 10.94 -29.34 16.34
C GLN B 222 9.85 -29.61 17.36
N ILE B 223 10.08 -30.54 18.29
CA ILE B 223 9.12 -30.77 19.37
C ILE B 223 8.88 -29.48 20.15
N VAL B 224 9.97 -28.85 20.59
CA VAL B 224 9.84 -27.63 21.37
C VAL B 224 9.20 -26.53 20.53
N ARG B 225 9.61 -26.42 19.26
CA ARG B 225 9.06 -25.42 18.36
C ARG B 225 7.54 -25.52 18.28
N ILE B 226 7.03 -26.71 17.98
CA ILE B 226 5.59 -26.87 17.79
C ILE B 226 4.85 -26.70 19.12
N LEU B 227 5.41 -27.26 20.20
CA LEU B 227 4.73 -27.18 21.49
C LEU B 227 4.59 -25.73 21.92
N GLY B 228 5.40 -24.92 21.34
CA GLY B 228 5.23 -23.55 21.67
C GLY B 228 4.20 -22.91 20.80
N LYS B 229 4.28 -23.18 19.54
CA LYS B 229 3.41 -22.45 18.68
C LYS B 229 1.98 -22.62 19.02
N VAL B 230 1.57 -23.86 19.15
CA VAL B 230 0.17 -24.10 19.31
C VAL B 230 -0.46 -23.11 20.22
N PRO B 231 0.00 -23.08 21.45
CA PRO B 231 -0.72 -22.18 22.30
C PRO B 231 -1.07 -20.94 21.55
N THR B 232 -0.10 -20.36 20.89
CA THR B 232 -0.38 -19.09 20.29
C THR B 232 -1.37 -19.09 19.22
N ILE B 233 -1.21 -20.00 18.29
CA ILE B 233 -2.07 -19.93 17.16
C ILE B 233 -3.44 -19.91 17.72
N ALA B 234 -3.66 -20.76 18.69
CA ALA B 234 -4.97 -20.86 19.21
C ALA B 234 -5.36 -19.51 19.50
N ALA B 235 -4.56 -18.92 20.34
CA ALA B 235 -4.90 -17.62 20.77
C ALA B 235 -5.49 -16.85 19.66
N ALA B 236 -4.67 -16.64 18.67
CA ALA B 236 -5.13 -15.81 17.60
C ALA B 236 -6.49 -16.21 17.32
N ALA B 237 -6.63 -17.48 17.06
CA ALA B 237 -7.96 -17.87 16.63
C ALA B 237 -9.03 -17.30 17.55
N TYR B 238 -8.80 -17.39 18.87
CA TYR B 238 -9.79 -16.87 19.81
C TYR B 238 -10.01 -15.38 19.60
N LEU B 239 -8.92 -14.61 19.54
CA LEU B 239 -9.07 -13.17 19.38
C LEU B 239 -9.72 -12.82 18.04
N ARG B 240 -9.43 -13.58 16.98
CA ARG B 240 -10.07 -13.29 15.71
C ARG B 240 -11.53 -13.74 15.67
N LEU B 241 -11.96 -14.57 16.63
CA LEU B 241 -13.36 -14.96 16.66
C LEU B 241 -14.28 -13.76 16.82
N ALA B 242 -13.93 -12.83 17.72
CA ALA B 242 -14.77 -11.66 17.96
C ALA B 242 -14.37 -10.45 17.13
N GLY B 243 -13.23 -10.52 16.42
CA GLY B 243 -12.78 -9.38 15.64
C GLY B 243 -11.77 -8.51 16.36
N ARG B 244 -10.74 -9.14 16.91
CA ARG B 244 -9.72 -8.44 17.65
C ARG B 244 -8.37 -8.55 16.94
N PRO B 245 -7.47 -7.60 17.14
CA PRO B 245 -6.15 -7.69 16.52
C PRO B 245 -5.32 -8.78 17.17
N PRO B 246 -4.35 -9.34 16.45
CA PRO B 246 -3.47 -10.35 17.05
C PRO B 246 -2.65 -9.76 18.20
N VAL B 247 -2.35 -10.61 19.17
CA VAL B 247 -1.55 -10.23 20.32
C VAL B 247 -0.14 -10.79 20.16
N LEU B 248 0.79 -10.22 20.91
CA LEU B 248 2.17 -10.69 20.89
C LEU B 248 2.44 -11.49 22.15
N PRO B 249 2.73 -12.77 21.99
CA PRO B 249 3.11 -13.46 23.21
C PRO B 249 4.33 -12.86 23.86
N SER B 250 4.39 -12.89 25.18
CA SER B 250 5.51 -12.35 25.93
C SER B 250 6.32 -13.49 26.53
N ASN B 251 7.29 -13.13 27.38
CA ASN B 251 8.15 -14.09 28.07
C ASN B 251 8.12 -13.84 29.56
N ASN B 252 6.96 -13.45 30.09
CA ASN B 252 6.84 -13.08 31.49
C ASN B 252 6.39 -14.24 32.38
N PHE B 253 5.47 -15.07 31.90
CA PHE B 253 4.75 -16.00 32.74
C PHE B 253 5.14 -17.44 32.40
N SER B 254 4.47 -18.38 33.06
CA SER B 254 4.61 -19.80 32.75
C SER B 254 3.59 -20.17 31.68
N TYR B 255 3.66 -21.43 31.23
CA TYR B 255 2.95 -21.86 30.02
C TYR B 255 1.47 -21.56 30.07
N SER B 256 0.75 -22.18 31.01
CA SER B 256 -0.69 -21.98 31.09
C SER B 256 -1.02 -20.52 31.36
N GLU B 257 -0.29 -19.89 32.28
CA GLU B 257 -0.54 -18.48 32.55
C GLU B 257 -0.13 -17.61 31.37
N ASN B 258 0.86 -18.05 30.58
CA ASN B 258 1.15 -17.35 29.34
C ASN B 258 -0.05 -17.37 28.41
N PHE B 259 -0.68 -18.54 28.28
CA PHE B 259 -1.86 -18.63 27.43
C PHE B 259 -2.97 -17.73 27.94
N LEU B 260 -3.18 -17.72 29.26
CA LEU B 260 -4.20 -16.84 29.81
C LEU B 260 -3.86 -15.38 29.55
N TYR B 261 -2.59 -15.02 29.65
CA TYR B 261 -2.14 -13.67 29.33
C TYR B 261 -2.50 -13.28 27.91
N MET B 262 -1.95 -13.99 26.93
CA MET B 262 -2.22 -13.62 25.55
C MET B 262 -3.69 -13.77 25.20
N LEU B 263 -4.44 -14.52 26.01
CA LEU B 263 -5.88 -14.61 25.81
C LEU B 263 -6.56 -13.29 26.18
N ASP B 264 -6.14 -12.78 27.33
CA ASP B 264 -6.78 -11.56 27.81
C ASP B 264 -5.84 -10.47 28.28
N SER B 265 -5.18 -9.81 27.35
CA SER B 265 -4.29 -8.70 27.66
C SER B 265 -4.78 -7.37 27.11
N LEU B 266 -5.52 -7.39 26.00
CA LEU B 266 -6.25 -6.23 25.50
C LEU B 266 -5.32 -5.05 25.22
N GLY B 267 -4.11 -5.33 24.74
CA GLY B 267 -3.14 -4.26 24.53
C GLY B 267 -2.69 -3.60 25.82
N ASN B 268 -2.41 -4.39 26.85
CA ASN B 268 -1.96 -3.88 28.15
C ASN B 268 -0.79 -4.76 28.57
N ARG B 269 0.43 -4.27 28.35
CA ARG B 269 1.61 -5.07 28.61
C ARG B 269 1.73 -5.44 30.09
N SER B 270 1.30 -4.55 30.98
CA SER B 270 1.41 -4.78 32.41
C SER B 270 0.34 -5.71 32.94
N TYR B 271 -0.30 -6.46 32.06
CA TYR B 271 -1.37 -7.35 32.48
C TYR B 271 -0.90 -8.61 33.17
N LYS B 272 -1.58 -8.99 34.23
CA LYS B 272 -1.30 -10.28 34.84
C LYS B 272 -2.61 -10.91 35.27
N PRO B 273 -3.05 -11.97 34.60
CA PRO B 273 -4.37 -12.54 34.89
C PRO B 273 -4.45 -13.14 36.27
N ASN B 274 -5.65 -13.58 36.63
CA ASN B 274 -5.89 -14.22 37.91
C ASN B 274 -5.04 -15.48 38.03
N THR B 275 -4.35 -15.62 39.16
CA THR B 275 -3.48 -16.77 39.36
C THR B 275 -4.29 -18.06 39.51
N ARG B 276 -5.45 -17.97 40.18
CA ARG B 276 -6.28 -19.16 40.37
C ARG B 276 -6.78 -19.71 39.05
N LEU B 277 -7.19 -18.84 38.13
CA LEU B 277 -7.66 -19.30 36.83
C LEU B 277 -6.53 -19.97 36.06
N ALA B 278 -5.32 -19.40 36.11
CA ALA B 278 -4.19 -20.02 35.44
C ALA B 278 -3.90 -21.39 36.03
N ARG B 279 -3.95 -21.51 37.35
CA ARG B 279 -3.71 -22.81 37.98
C ARG B 279 -4.76 -23.82 37.58
N VAL B 280 -6.04 -23.41 37.54
CA VAL B 280 -7.09 -24.37 37.24
C VAL B 280 -7.01 -24.80 35.77
N LEU B 281 -6.67 -23.88 34.87
CA LEU B 281 -6.46 -24.29 33.48
C LEU B 281 -5.25 -25.20 33.34
N ASP B 282 -4.20 -24.95 34.13
CA ASP B 282 -3.06 -25.86 34.13
C ASP B 282 -3.48 -27.27 34.55
N ILE B 283 -4.30 -27.36 35.60
CA ILE B 283 -4.78 -28.67 36.03
C ILE B 283 -5.62 -29.31 34.94
N LEU B 284 -6.50 -28.53 34.31
CA LEU B 284 -7.30 -29.07 33.21
C LEU B 284 -6.41 -29.61 32.10
N PHE B 285 -5.34 -28.89 31.77
CA PHE B 285 -4.38 -29.39 30.80
C PHE B 285 -3.78 -30.71 31.27
N ILE B 286 -3.54 -30.85 32.57
CA ILE B 286 -3.09 -32.13 33.11
C ILE B 286 -4.10 -33.23 32.80
N LEU B 287 -5.39 -32.94 33.00
CA LEU B 287 -6.41 -33.98 32.91
C LEU B 287 -6.52 -34.56 31.52
N HIS B 288 -6.47 -33.72 30.48
CA HIS B 288 -6.62 -34.19 29.11
C HIS B 288 -5.28 -34.47 28.43
N ALA B 289 -4.27 -34.90 29.20
CA ALA B 289 -2.93 -35.04 28.65
C ALA B 289 -2.86 -36.10 27.56
N GLU B 290 -3.44 -37.28 27.81
CA GLU B 290 -3.27 -38.38 26.88
C GLU B 290 -4.41 -39.37 27.02
N HIS B 291 -4.61 -40.13 25.95
CA HIS B 291 -5.41 -41.35 25.96
C HIS B 291 -4.69 -42.37 25.09
N GLU B 292 -4.92 -43.64 25.37
CA GLU B 292 -4.20 -44.68 24.66
C GLU B 292 -4.65 -44.74 23.20
N MET B 293 -4.10 -45.70 22.46
CA MET B 293 -4.25 -45.76 21.01
C MET B 293 -5.70 -45.66 20.59
N ASN B 294 -6.01 -44.62 19.82
CA ASN B 294 -7.34 -44.37 19.28
C ASN B 294 -7.22 -44.18 17.77
N CYS B 295 -8.32 -43.71 17.16
CA CYS B 295 -8.30 -43.38 15.74
C CYS B 295 -7.20 -42.37 15.44
N SER B 296 -7.19 -41.27 16.18
CA SER B 296 -6.19 -40.23 15.96
C SER B 296 -4.79 -40.73 16.23
N THR B 297 -4.61 -41.50 17.31
CA THR B 297 -3.30 -42.05 17.60
C THR B 297 -2.84 -43.04 16.53
N ALA B 298 -3.76 -43.87 16.03
CA ALA B 298 -3.42 -44.80 14.97
C ALA B 298 -2.97 -44.06 13.73
N ALA B 299 -3.71 -43.00 13.36
CA ALA B 299 -3.31 -42.19 12.21
C ALA B 299 -1.96 -41.54 12.46
N ALA B 300 -1.72 -41.08 13.68
CA ALA B 300 -0.46 -40.42 14.01
C ALA B 300 0.71 -41.38 13.84
N ARG B 301 0.58 -42.60 14.36
CA ARG B 301 1.68 -43.55 14.24
C ARG B 301 1.85 -44.00 12.79
N HIS B 302 0.75 -44.12 12.05
CA HIS B 302 0.83 -44.40 10.62
C HIS B 302 1.67 -43.36 9.91
N LEU B 303 1.34 -42.08 10.11
CA LEU B 303 2.07 -41.01 9.43
C LEU B 303 3.50 -40.89 9.94
N ALA B 304 3.73 -41.25 11.21
CA ALA B 304 5.09 -41.23 11.74
C ALA B 304 5.96 -42.26 11.03
N SER B 305 5.47 -43.50 10.93
CA SER B 305 6.18 -44.51 10.17
C SER B 305 6.21 -44.19 8.68
N SER B 306 5.32 -43.31 8.21
CA SER B 306 5.29 -42.95 6.80
C SER B 306 6.51 -42.16 6.37
N GLY B 307 7.27 -41.60 7.30
CA GLY B 307 8.44 -40.82 6.95
C GLY B 307 8.10 -39.50 6.29
N VAL B 308 7.31 -38.68 6.98
CA VAL B 308 6.90 -37.37 6.50
C VAL B 308 7.16 -36.38 7.62
N ASP B 309 7.20 -35.09 7.26
CA ASP B 309 7.50 -34.06 8.25
C ASP B 309 6.48 -34.08 9.38
N VAL B 310 6.99 -34.01 10.62
CA VAL B 310 6.14 -34.23 11.79
C VAL B 310 5.03 -33.20 11.89
N PHE B 311 5.26 -32.00 11.35
CA PHE B 311 4.26 -30.94 11.43
C PHE B 311 2.97 -31.36 10.77
N THR B 312 3.04 -31.82 9.52
CA THR B 312 1.84 -32.23 8.81
C THR B 312 1.23 -33.47 9.44
N ALA B 313 2.06 -34.36 9.99
CA ALA B 313 1.54 -35.54 10.66
C ALA B 313 0.65 -35.15 11.83
N LEU B 314 1.12 -34.23 12.68
CA LEU B 314 0.30 -33.75 13.77
C LEU B 314 -0.91 -32.96 13.26
N ALA B 315 -0.76 -32.26 12.14
CA ALA B 315 -1.91 -31.59 11.56
C ALA B 315 -3.01 -32.58 11.25
N GLY B 316 -2.66 -33.68 10.57
CA GLY B 316 -3.64 -34.70 10.29
C GLY B 316 -4.20 -35.34 11.56
N ALA B 317 -3.33 -35.60 12.52
CA ALA B 317 -3.78 -36.25 13.76
C ALA B 317 -4.79 -35.40 14.50
N VAL B 318 -4.51 -34.10 14.65
CA VAL B 318 -5.46 -33.23 15.32
C VAL B 318 -6.71 -33.05 14.47
N GLY B 319 -6.57 -33.11 13.14
CA GLY B 319 -7.74 -33.11 12.29
C GLY B 319 -8.64 -34.30 12.56
N ALA B 320 -8.04 -35.44 12.89
CA ALA B 320 -8.83 -36.61 13.27
C ALA B 320 -9.59 -36.39 14.57
N LEU B 321 -9.21 -35.39 15.35
CA LEU B 321 -9.92 -35.07 16.58
C LEU B 321 -11.12 -34.17 16.33
N TYR B 322 -11.27 -33.65 15.11
CA TYR B 322 -12.40 -32.80 14.75
C TYR B 322 -13.73 -33.55 14.86
N GLY B 323 -13.71 -34.87 14.78
CA GLY B 323 -14.91 -35.66 14.80
C GLY B 323 -15.78 -35.38 16.01
N PRO B 324 -17.07 -35.16 15.78
CA PRO B 324 -17.99 -34.97 16.93
C PRO B 324 -18.03 -36.18 17.84
N LEU B 325 -17.67 -37.36 17.36
CA LEU B 325 -17.45 -38.49 18.25
C LEU B 325 -16.21 -38.29 19.12
N HIS B 326 -15.32 -37.38 18.74
CA HIS B 326 -14.06 -37.16 19.40
C HIS B 326 -13.94 -35.72 19.91
N GLY B 327 -15.00 -35.20 20.52
CA GLY B 327 -14.95 -33.86 21.06
C GLY B 327 -16.19 -33.02 20.78
N GLY B 328 -17.18 -33.63 20.13
CA GLY B 328 -18.46 -32.99 19.92
C GLY B 328 -19.57 -33.45 20.84
N ALA B 329 -19.28 -34.27 21.84
CA ALA B 329 -20.29 -34.78 22.76
C ALA B 329 -20.64 -33.79 23.86
N ASN B 330 -19.87 -32.71 24.02
CA ASN B 330 -20.20 -31.71 25.03
C ASN B 330 -21.52 -31.01 24.73
N GLU B 331 -21.78 -30.73 23.44
CA GLU B 331 -22.99 -30.02 23.07
C GLU B 331 -24.23 -30.82 23.45
N ALA B 332 -24.12 -32.15 23.54
CA ALA B 332 -25.26 -32.96 23.95
C ALA B 332 -25.71 -32.60 25.36
N VAL B 333 -24.79 -32.61 26.32
CA VAL B 333 -25.17 -32.26 27.68
C VAL B 333 -25.44 -30.77 27.79
N LEU B 334 -24.79 -29.94 26.96
CA LEU B 334 -25.10 -28.52 26.97
C LEU B 334 -26.56 -28.28 26.57
N LYS B 335 -27.03 -28.97 25.53
CA LYS B 335 -28.43 -28.86 25.16
C LYS B 335 -29.33 -29.54 26.18
N MET B 336 -28.83 -30.55 26.89
CA MET B 336 -29.59 -31.12 28.00
C MET B 336 -29.88 -30.06 29.06
N LEU B 337 -28.84 -29.33 29.48
CA LEU B 337 -29.00 -28.32 30.52
C LEU B 337 -29.58 -27.01 29.99
N ASN B 338 -29.64 -26.83 28.67
CA ASN B 338 -30.24 -25.63 28.10
C ASN B 338 -31.72 -25.82 27.80
N GLU B 339 -32.08 -26.94 27.16
CA GLU B 339 -33.48 -27.21 26.85
C GLU B 339 -34.32 -27.37 28.10
N ILE B 340 -33.73 -27.85 29.19
CA ILE B 340 -34.47 -28.03 30.43
C ILE B 340 -34.95 -26.69 31.00
N GLY B 341 -34.29 -25.60 30.63
CA GLY B 341 -34.77 -24.28 31.00
C GLY B 341 -34.73 -24.04 32.50
N THR B 342 -35.89 -23.75 33.08
CA THR B 342 -35.96 -23.35 34.48
C THR B 342 -35.62 -24.51 35.41
N VAL B 343 -35.09 -24.15 36.58
CA VAL B 343 -34.69 -25.14 37.59
C VAL B 343 -35.89 -25.94 38.07
N GLU B 344 -37.10 -25.39 38.01
CA GLU B 344 -38.30 -26.11 38.43
C GLU B 344 -38.67 -27.24 37.49
N ASN B 345 -37.87 -27.52 36.46
CA ASN B 345 -38.13 -28.61 35.54
C ASN B 345 -37.28 -29.84 35.83
N ILE B 346 -36.51 -29.83 36.90
CA ILE B 346 -35.52 -30.87 37.16
C ILE B 346 -36.15 -32.17 37.65
N PRO B 347 -36.92 -32.19 38.74
CA PRO B 347 -37.49 -33.48 39.18
C PRO B 347 -38.43 -34.08 38.17
N ASP B 348 -39.25 -33.26 37.51
CA ASP B 348 -40.08 -33.79 36.43
C ASP B 348 -39.23 -34.27 35.27
N PHE B 349 -38.07 -33.63 35.04
CA PHE B 349 -37.18 -34.10 33.99
C PHE B 349 -36.66 -35.51 34.29
N ILE B 350 -36.20 -35.74 35.51
CA ILE B 350 -35.68 -37.06 35.83
C ILE B 350 -36.80 -38.10 35.84
N GLU B 351 -38.00 -37.70 36.29
CA GLU B 351 -39.11 -38.65 36.23
C GLU B 351 -39.48 -39.00 34.80
N GLY B 352 -39.51 -38.01 33.90
CA GLY B 352 -39.73 -38.30 32.49
C GLY B 352 -38.62 -39.14 31.90
N VAL B 353 -37.40 -38.98 32.40
CA VAL B 353 -36.31 -39.88 32.04
C VAL B 353 -36.67 -41.31 32.43
N LYS B 354 -37.22 -41.49 33.63
CA LYS B 354 -37.68 -42.82 34.03
C LYS B 354 -38.77 -43.32 33.09
N ASN B 355 -39.51 -42.41 32.46
CA ASN B 355 -40.55 -42.78 31.51
C ASN B 355 -40.00 -43.12 30.12
N ARG B 356 -38.67 -43.18 29.97
CA ARG B 356 -38.04 -43.39 28.67
C ARG B 356 -38.50 -42.35 27.66
N LYS B 357 -38.60 -41.11 28.12
CA LYS B 357 -39.08 -40.00 27.31
C LYS B 357 -38.05 -38.90 27.12
N ARG B 358 -37.18 -38.67 28.10
CA ARG B 358 -36.21 -37.59 28.07
C ARG B 358 -34.79 -38.15 28.02
N LYS B 359 -33.92 -37.46 27.31
CA LYS B 359 -32.60 -37.98 26.96
C LYS B 359 -31.68 -38.01 28.17
N MET B 360 -30.76 -38.97 28.16
CA MET B 360 -29.66 -39.07 29.13
C MET B 360 -28.33 -39.05 28.38
N SER B 361 -27.39 -38.27 28.88
CA SER B 361 -26.09 -38.15 28.24
C SER B 361 -25.08 -37.62 29.25
N GLY B 362 -23.82 -38.02 29.07
CA GLY B 362 -22.75 -37.57 29.93
C GLY B 362 -22.65 -38.29 31.26
N PHE B 363 -23.53 -39.24 31.53
CA PHE B 363 -23.52 -39.93 32.82
C PHE B 363 -22.80 -41.26 32.64
N GLY B 364 -21.70 -41.43 33.36
CA GLY B 364 -20.87 -42.60 33.22
C GLY B 364 -19.92 -42.49 32.05
N HIS B 365 -18.65 -42.85 32.26
CA HIS B 365 -17.69 -42.86 31.17
C HIS B 365 -17.88 -44.10 30.31
N ARG B 366 -17.53 -43.97 29.04
CA ARG B 366 -17.60 -45.13 28.15
C ARG B 366 -16.35 -45.99 28.22
N VAL B 367 -15.37 -45.60 29.03
CA VAL B 367 -14.21 -46.44 29.28
C VAL B 367 -14.15 -46.74 30.77
N TYR B 368 -14.66 -45.83 31.60
CA TYR B 368 -14.67 -45.97 33.04
C TYR B 368 -16.10 -46.24 33.49
N LYS B 369 -16.31 -47.35 34.18
CA LYS B 369 -17.64 -47.73 34.63
C LYS B 369 -17.82 -47.68 36.14
N ASN B 370 -16.74 -47.62 36.90
CA ASN B 370 -16.82 -47.64 38.37
C ASN B 370 -16.70 -46.24 38.97
N TYR B 371 -15.59 -45.55 38.71
CA TYR B 371 -15.33 -44.28 39.34
C TYR B 371 -14.20 -43.58 38.59
N ASP B 372 -13.98 -42.32 38.93
CA ASP B 372 -12.87 -41.56 38.36
C ASP B 372 -12.52 -40.39 39.28
N PRO B 373 -11.28 -40.31 39.78
CA PRO B 373 -10.89 -39.18 40.63
C PRO B 373 -10.93 -37.84 39.92
N ARG B 374 -10.86 -37.85 38.58
CA ARG B 374 -11.02 -36.62 37.82
C ARG B 374 -12.32 -35.92 38.21
N ALA B 375 -13.39 -36.68 38.42
CA ALA B 375 -14.68 -36.10 38.77
C ALA B 375 -14.57 -35.24 40.03
N LYS B 376 -14.04 -35.82 41.11
CA LYS B 376 -13.97 -35.08 42.37
C LYS B 376 -13.01 -33.90 42.28
N VAL B 377 -11.84 -34.10 41.65
CA VAL B 377 -10.87 -33.00 41.63
C VAL B 377 -11.41 -31.83 40.80
N ILE B 378 -12.01 -32.11 39.63
CA ILE B 378 -12.54 -31.02 38.85
C ILE B 378 -13.83 -30.48 39.44
N ARG B 379 -14.53 -31.24 40.29
CA ARG B 379 -15.66 -30.66 41.01
C ARG B 379 -15.17 -29.63 42.03
N LYS B 380 -14.10 -29.93 42.75
CA LYS B 380 -13.50 -28.93 43.63
C LYS B 380 -13.05 -27.72 42.83
N LEU B 381 -12.41 -27.95 41.68
CA LEU B 381 -11.98 -26.83 40.84
C LEU B 381 -13.17 -26.02 40.34
N ALA B 382 -14.26 -26.69 39.99
CA ALA B 382 -15.46 -26.00 39.51
C ALA B 382 -16.07 -25.15 40.61
N GLU B 383 -16.10 -25.67 41.85
CA GLU B 383 -16.57 -24.86 42.97
C GLU B 383 -15.68 -23.64 43.14
N GLU B 384 -14.37 -23.80 43.00
CA GLU B 384 -13.46 -22.65 43.05
C GLU B 384 -13.78 -21.65 41.95
N VAL B 385 -14.08 -22.14 40.75
CA VAL B 385 -14.43 -21.26 39.63
C VAL B 385 -15.70 -20.49 39.94
N PHE B 386 -16.71 -21.17 40.48
CA PHE B 386 -17.95 -20.49 40.85
C PHE B 386 -17.68 -19.45 41.91
N SER B 387 -16.75 -19.74 42.83
CA SER B 387 -16.37 -18.76 43.83
C SER B 387 -15.74 -17.53 43.21
N ILE B 388 -14.88 -17.72 42.21
CA ILE B 388 -14.11 -16.58 41.71
C ILE B 388 -14.93 -15.75 40.73
N VAL B 389 -15.69 -16.39 39.82
CA VAL B 389 -16.39 -15.64 38.78
C VAL B 389 -17.88 -15.51 39.05
N GLY B 390 -18.52 -16.49 39.69
CA GLY B 390 -19.93 -16.37 39.98
C GLY B 390 -20.75 -17.57 39.53
N ARG B 391 -22.03 -17.35 39.25
CA ARG B 391 -22.94 -18.43 38.90
C ARG B 391 -23.78 -17.98 37.71
N ASP B 392 -24.73 -18.83 37.32
CA ASP B 392 -25.71 -18.50 36.30
C ASP B 392 -26.86 -19.50 36.42
N PRO B 393 -27.99 -19.24 35.75
CA PRO B 393 -29.08 -20.22 35.81
C PRO B 393 -28.67 -21.60 35.34
N LEU B 394 -27.82 -21.69 34.33
CA LEU B 394 -27.37 -22.99 33.83
C LEU B 394 -26.61 -23.75 34.91
N ILE B 395 -25.73 -23.07 35.64
CA ILE B 395 -24.92 -23.74 36.66
C ILE B 395 -25.80 -24.28 37.78
N GLU B 396 -26.74 -23.47 38.25
CA GLU B 396 -27.61 -23.92 39.34
C GLU B 396 -28.52 -25.04 38.87
N VAL B 397 -29.02 -24.96 37.63
CA VAL B 397 -29.83 -26.04 37.09
C VAL B 397 -29.02 -27.33 37.03
N ALA B 398 -27.78 -27.25 36.56
CA ALA B 398 -26.94 -28.44 36.49
C ALA B 398 -26.66 -29.00 37.88
N ILE B 399 -26.39 -28.13 38.85
CA ILE B 399 -26.05 -28.60 40.19
C ILE B 399 -27.24 -29.32 40.82
N ALA B 400 -28.41 -28.69 40.77
CA ALA B 400 -29.60 -29.34 41.33
C ALA B 400 -29.96 -30.61 40.55
N LEU B 401 -29.76 -30.60 39.23
CA LEU B 401 -30.06 -31.78 38.44
C LEU B 401 -29.16 -32.95 38.80
N GLU B 402 -27.86 -32.70 38.97
CA GLU B 402 -26.97 -33.79 39.35
C GLU B 402 -27.22 -34.24 40.78
N LYS B 403 -27.61 -33.32 41.68
CA LYS B 403 -27.97 -33.72 43.03
C LYS B 403 -29.20 -34.62 43.03
N ALA B 404 -30.20 -34.28 42.21
CA ALA B 404 -31.37 -35.16 42.08
C ALA B 404 -31.03 -36.46 41.38
N ALA B 405 -30.01 -36.43 40.51
CA ALA B 405 -29.61 -37.64 39.80
C ALA B 405 -28.90 -38.61 40.73
N LEU B 406 -28.11 -38.11 41.67
CA LEU B 406 -27.46 -38.98 42.63
C LEU B 406 -28.45 -39.68 43.54
N SER B 407 -29.68 -39.18 43.64
CA SER B 407 -30.69 -39.74 44.53
C SER B 407 -31.53 -40.83 43.85
N ASP B 408 -32.02 -40.55 42.64
CA ASP B 408 -32.90 -41.49 41.95
C ASP B 408 -32.18 -42.80 41.66
N GLU B 409 -32.87 -43.91 41.91
CA GLU B 409 -32.25 -45.23 41.75
C GLU B 409 -31.97 -45.55 40.29
N TYR B 410 -32.79 -45.03 39.37
CA TYR B 410 -32.59 -45.33 37.96
C TYR B 410 -31.23 -44.86 37.47
N PHE B 411 -30.71 -43.78 38.05
CA PHE B 411 -29.35 -43.35 37.75
C PHE B 411 -28.32 -43.99 38.66
N ILE B 412 -28.71 -44.43 39.85
CA ILE B 412 -27.77 -45.05 40.78
C ILE B 412 -27.31 -46.41 40.26
N LYS B 413 -28.26 -47.24 39.82
CA LYS B 413 -27.94 -48.64 39.51
C LYS B 413 -27.27 -48.83 38.16
N ARG B 414 -27.29 -47.83 37.28
CA ARG B 414 -26.70 -47.98 35.95
C ARG B 414 -25.32 -47.34 35.83
N LYS B 415 -24.62 -47.14 36.97
CA LYS B 415 -23.28 -46.56 36.99
C LYS B 415 -23.24 -45.21 36.28
N LEU B 416 -24.30 -44.42 36.40
CA LEU B 416 -24.41 -43.14 35.70
C LEU B 416 -23.82 -42.01 36.54
N TYR B 417 -22.56 -42.18 36.93
CA TYR B 417 -22.02 -40.99 37.57
C TYR B 417 -21.63 -39.97 36.52
N PRO B 418 -21.78 -38.68 36.82
CA PRO B 418 -21.48 -37.65 35.82
C PRO B 418 -20.03 -37.72 35.36
N ASN B 419 -19.82 -37.41 34.08
CA ASN B 419 -18.49 -37.48 33.52
C ASN B 419 -17.75 -36.16 33.75
N VAL B 420 -16.48 -36.13 33.32
CA VAL B 420 -15.71 -34.91 33.38
C VAL B 420 -16.24 -33.86 32.42
N ASP B 421 -17.06 -34.27 31.44
CA ASP B 421 -17.53 -33.33 30.43
C ASP B 421 -18.44 -32.26 31.04
N PHE B 422 -19.31 -32.64 31.99
CA PHE B 422 -20.19 -31.66 32.63
C PHE B 422 -19.38 -30.53 33.23
N TYR B 423 -18.56 -30.85 34.23
CA TYR B 423 -17.80 -29.84 34.94
C TYR B 423 -16.83 -29.13 34.02
N SER B 424 -16.27 -29.85 33.06
CA SER B 424 -15.39 -29.21 32.07
C SER B 424 -16.12 -28.08 31.38
N GLY B 425 -17.18 -28.40 30.64
CA GLY B 425 -17.91 -27.37 29.91
C GLY B 425 -18.41 -26.26 30.81
N LEU B 426 -18.85 -26.61 32.02
CA LEU B 426 -19.25 -25.60 32.98
C LEU B 426 -18.13 -24.60 33.22
N ILE B 427 -16.93 -25.10 33.53
CA ILE B 427 -15.81 -24.21 33.81
C ILE B 427 -15.45 -23.39 32.57
N TYR B 428 -15.40 -24.05 31.41
CA TYR B 428 -14.94 -23.38 30.20
C TYR B 428 -15.87 -22.24 29.80
N ARG B 429 -17.18 -22.47 29.87
CA ARG B 429 -18.11 -21.38 29.58
C ARG B 429 -18.08 -20.34 30.70
N ALA B 430 -17.82 -20.78 31.93
CA ALA B 430 -17.68 -19.83 33.04
C ALA B 430 -16.53 -18.87 32.80
N MET B 431 -15.41 -19.38 32.29
CA MET B 431 -14.30 -18.50 31.91
C MET B 431 -14.73 -17.50 30.84
N GLY B 432 -15.76 -17.82 30.07
CA GLY B 432 -16.20 -16.92 29.03
C GLY B 432 -15.84 -17.41 27.64
N PHE B 433 -15.89 -18.73 27.45
CA PHE B 433 -15.51 -19.32 26.18
C PHE B 433 -16.76 -19.68 25.38
N PRO B 434 -16.78 -19.35 24.09
CA PRO B 434 -17.94 -19.72 23.27
C PRO B 434 -18.06 -21.23 23.11
N THR B 435 -19.22 -21.65 22.60
CA THR B 435 -19.46 -23.07 22.37
C THR B 435 -18.54 -23.61 21.28
N GLU B 436 -18.56 -22.97 20.11
CA GLU B 436 -17.77 -23.46 18.99
C GLU B 436 -16.29 -23.53 19.31
N PHE B 437 -15.86 -22.86 20.37
CA PHE B 437 -14.45 -22.81 20.71
C PHE B 437 -14.02 -23.92 21.68
N PHE B 438 -14.96 -24.71 22.22
CA PHE B 438 -14.50 -25.77 23.12
C PHE B 438 -13.45 -26.70 22.51
N PRO B 439 -13.70 -27.31 21.33
CA PRO B 439 -12.80 -28.40 20.91
C PRO B 439 -11.35 -27.98 20.77
N VAL B 440 -11.09 -26.76 20.30
CA VAL B 440 -9.71 -26.36 20.04
C VAL B 440 -8.87 -26.45 21.31
N LEU B 441 -9.44 -26.05 22.45
CA LEU B 441 -8.67 -26.14 23.68
C LEU B 441 -8.45 -27.59 24.06
N PHE B 442 -9.44 -28.46 23.82
CA PHE B 442 -9.22 -29.89 24.00
C PHE B 442 -8.04 -30.37 23.19
N ALA B 443 -7.79 -29.74 22.03
CA ALA B 443 -6.66 -30.15 21.21
C ALA B 443 -5.33 -29.86 21.89
N ILE B 444 -5.28 -28.76 22.64
CA ILE B 444 -4.00 -28.26 23.14
C ILE B 444 -3.22 -29.30 23.96
N PRO B 445 -3.82 -29.96 24.96
CA PRO B 445 -3.03 -30.93 25.73
C PRO B 445 -2.68 -32.18 24.94
N ARG B 446 -3.69 -32.79 24.31
CA ARG B 446 -3.53 -34.12 23.73
C ARG B 446 -2.36 -34.17 22.76
N MET B 447 -2.10 -33.06 22.06
CA MET B 447 -1.04 -33.05 21.06
C MET B 447 0.30 -33.44 21.66
N ALA B 448 0.59 -33.00 22.88
CA ALA B 448 1.83 -33.40 23.54
C ALA B 448 1.97 -34.91 23.52
N GLY B 449 0.92 -35.62 23.95
CA GLY B 449 0.96 -37.06 23.91
C GLY B 449 1.20 -37.61 22.52
N TYR B 450 0.55 -37.00 21.51
CA TYR B 450 0.77 -37.46 20.14
C TYR B 450 2.20 -37.22 19.70
N LEU B 451 2.85 -36.18 20.23
CA LEU B 451 4.28 -36.05 19.99
C LEU B 451 5.04 -37.18 20.67
N ALA B 452 4.66 -37.51 21.91
CA ALA B 452 5.38 -38.53 22.67
C ALA B 452 5.46 -39.84 21.89
N HIS B 453 4.31 -40.41 21.55
CA HIS B 453 4.31 -41.65 20.78
C HIS B 453 5.01 -41.47 19.44
N TRP B 454 4.97 -40.25 18.88
CA TRP B 454 5.68 -40.00 17.64
C TRP B 454 7.17 -40.24 17.80
N ARG B 455 7.73 -39.84 18.93
CA ARG B 455 9.11 -40.21 19.22
C ARG B 455 9.24 -41.71 19.39
N GLU B 456 8.29 -42.31 20.13
CA GLU B 456 8.38 -43.73 20.48
C GLU B 456 8.57 -44.59 19.24
N SER B 457 7.60 -44.55 18.33
CA SER B 457 7.66 -45.39 17.14
C SER B 457 8.85 -45.05 16.25
N LEU B 458 9.46 -43.88 16.43
CA LEU B 458 10.64 -43.54 15.64
C LEU B 458 11.94 -43.99 16.27
N ASP B 459 11.92 -44.47 17.52
CA ASP B 459 13.08 -45.11 18.11
C ASP B 459 12.91 -46.62 18.22
N ASP B 460 11.95 -47.13 17.44
CA ASP B 460 11.69 -48.55 17.40
C ASP B 460 11.53 -48.97 15.96
N PRO B 461 12.48 -49.74 15.44
CA PRO B 461 12.43 -50.16 14.04
C PRO B 461 11.77 -51.50 13.85
N ASP B 462 11.62 -52.26 14.92
CA ASP B 462 10.92 -53.52 14.79
C ASP B 462 9.65 -53.14 14.10
N THR B 463 9.07 -52.02 14.52
CA THR B 463 7.87 -51.55 13.89
C THR B 463 8.22 -51.01 12.53
N LYS B 464 7.41 -51.33 11.53
CA LYS B 464 7.74 -50.90 10.19
C LYS B 464 6.57 -50.39 9.41
N ILE B 465 6.78 -50.14 8.13
CA ILE B 465 5.74 -49.59 7.27
C ILE B 465 4.51 -50.49 7.30
N MET B 466 3.33 -49.89 7.23
CA MET B 466 2.10 -50.66 7.28
C MET B 466 1.81 -51.30 5.92
N ARG B 467 0.98 -52.33 5.95
CA ARG B 467 0.52 -52.98 4.72
C ARG B 467 -0.77 -53.72 5.06
N PRO B 468 -1.92 -53.09 4.86
CA PRO B 468 -3.19 -53.76 5.16
C PRO B 468 -3.52 -54.83 4.12
N GLN B 469 -3.98 -55.97 4.62
CA GLN B 469 -4.37 -57.07 3.75
C GLN B 469 -5.82 -56.89 3.30
N GLN B 470 -6.08 -57.13 2.02
CA GLN B 470 -7.40 -56.95 1.45
C GLN B 470 -8.01 -58.31 1.09
N VAL B 471 -9.23 -58.54 1.53
CA VAL B 471 -9.98 -59.73 1.16
C VAL B 471 -11.06 -59.27 0.18
N TYR B 472 -10.86 -59.59 -1.10
CA TYR B 472 -11.77 -59.15 -2.14
C TYR B 472 -12.96 -60.09 -2.23
N THR B 473 -14.16 -59.54 -2.17
CA THR B 473 -15.38 -60.32 -2.20
C THR B 473 -16.22 -60.10 -3.45
N GLY B 474 -15.74 -59.29 -4.40
CA GLY B 474 -16.50 -58.97 -5.59
C GLY B 474 -16.29 -59.98 -6.70
N VAL B 475 -16.71 -59.59 -7.90
CA VAL B 475 -16.58 -60.44 -9.07
C VAL B 475 -15.11 -60.65 -9.38
N TRP B 476 -14.73 -61.91 -9.64
CA TRP B 476 -13.33 -62.22 -9.86
C TRP B 476 -12.86 -61.77 -11.23
N LEU B 477 -13.46 -62.31 -12.29
CA LEU B 477 -13.04 -62.02 -13.65
C LEU B 477 -14.26 -61.75 -14.52
N ARG B 478 -14.13 -60.79 -15.43
CA ARG B 478 -15.16 -60.51 -16.42
C ARG B 478 -14.53 -59.66 -17.53
N HIS B 479 -14.78 -60.05 -18.77
CA HIS B 479 -14.29 -59.27 -19.90
C HIS B 479 -15.00 -57.92 -19.96
N TYR B 480 -14.22 -56.87 -20.23
CA TYR B 480 -14.77 -55.53 -20.33
C TYR B 480 -15.51 -55.38 -21.66
N THR B 481 -16.71 -54.87 -21.57
CA THR B 481 -17.49 -54.62 -22.75
C THR B 481 -17.12 -53.30 -23.33
N PRO B 482 -17.24 -53.19 -24.64
CA PRO B 482 -17.00 -51.87 -25.21
C PRO B 482 -17.88 -50.91 -24.50
N LEU B 483 -17.29 -49.87 -23.95
CA LEU B 483 -18.03 -48.85 -23.24
C LEU B 483 -19.09 -48.22 -24.11
N GLN B 484 -19.05 -48.51 -25.39
CA GLN B 484 -19.98 -47.89 -26.28
C GLN B 484 -21.02 -48.92 -26.53
N GLU B 485 -20.57 -50.14 -26.71
CA GLU B 485 -21.53 -51.20 -26.83
C GLU B 485 -22.17 -51.23 -25.48
N ARG B 486 -21.45 -50.76 -24.48
CA ARG B 486 -21.95 -50.74 -23.13
C ARG B 486 -23.48 -50.68 -23.10
N THR B 487 -24.10 -51.65 -22.44
CA THR B 487 -25.55 -51.68 -22.34
C THR B 487 -26.12 -50.38 -21.80
N VAL B 488 -27.35 -50.05 -22.17
CA VAL B 488 -27.96 -48.81 -21.74
C VAL B 488 -29.30 -49.07 -21.05
N SER B 489 -29.32 -50.07 -20.17
CA SER B 489 -30.55 -50.46 -19.48
C SER B 489 -30.63 -49.97 -18.04
N ASN B 490 -29.62 -49.24 -17.56
CA ASN B 490 -29.60 -48.76 -16.19
C ASN B 490 -29.35 -47.26 -16.16
N ASP B 491 -30.16 -46.55 -15.35
CA ASP B 491 -30.02 -45.11 -15.18
C ASP B 491 -30.25 -44.69 -13.74
N GLU B 492 -29.85 -45.53 -12.78
CA GLU B 492 -30.23 -45.35 -11.39
C GLU B 492 -29.32 -44.35 -10.67
N ASP B 493 -29.74 -44.00 -9.45
CA ASP B 493 -29.01 -43.19 -8.46
C ASP B 493 -28.98 -41.71 -8.80
N LYS B 494 -29.33 -41.36 -10.05
CA LYS B 494 -29.84 -40.04 -10.43
C LYS B 494 -29.23 -38.87 -9.66
N LEU B 495 -27.92 -38.67 -9.71
CA LEU B 495 -27.32 -37.57 -8.98
C LEU B 495 -27.89 -36.23 -9.48
N GLY B 496 -27.52 -35.84 -10.70
CA GLY B 496 -28.26 -34.87 -11.51
C GLY B 496 -28.70 -33.60 -10.81
N GLN B 497 -28.02 -33.20 -9.74
CA GLN B 497 -28.46 -32.01 -9.00
C GLN B 497 -27.29 -31.38 -8.27
N VAL B 498 -26.71 -30.33 -8.86
CA VAL B 498 -25.76 -29.47 -8.15
C VAL B 498 -25.63 -28.18 -8.95
N ALA B 499 -26.11 -27.07 -8.39
CA ALA B 499 -26.09 -25.79 -9.09
C ALA B 499 -26.50 -24.70 -8.10
N VAL B 500 -26.61 -23.47 -8.60
CA VAL B 500 -27.02 -22.30 -7.81
C VAL B 500 -28.47 -21.98 -8.16
N SER B 501 -29.39 -22.45 -7.31
CA SER B 501 -30.82 -22.20 -7.45
C SER B 501 -31.34 -22.69 -8.81
N ASN B 502 -31.24 -24.01 -8.99
CA ASN B 502 -31.73 -24.70 -10.18
C ASN B 502 -31.06 -24.16 -11.45
N ALA B 503 -29.73 -24.15 -11.44
CA ALA B 503 -28.90 -23.81 -12.60
C ALA B 503 -29.13 -22.39 -13.10
N THR B 504 -29.73 -21.53 -12.27
CA THR B 504 -29.96 -20.15 -12.68
C THR B 504 -28.68 -19.33 -12.73
N ARG B 505 -27.57 -19.87 -12.24
CA ARG B 505 -26.34 -19.09 -12.13
C ARG B 505 -25.86 -18.62 -13.51
N ARG B 506 -25.98 -19.47 -14.52
CA ARG B 506 -25.51 -19.12 -15.86
C ARG B 506 -26.52 -19.49 -16.93
N ARG B 507 -27.82 -19.42 -16.61
CA ARG B 507 -28.84 -19.72 -17.60
C ARG B 507 -28.83 -18.73 -18.75
N LEU B 508 -28.17 -17.59 -18.57
CA LEU B 508 -28.04 -16.61 -19.63
C LEU B 508 -26.75 -16.81 -20.41
N LYS C 95 -58.44 19.85 22.24
CA LYS C 95 -57.50 19.11 21.39
C LYS C 95 -58.19 17.90 20.74
N LEU C 96 -57.38 17.03 20.14
CA LEU C 96 -57.89 15.82 19.50
C LEU C 96 -57.15 14.59 20.00
N TYR C 97 -57.42 13.44 19.40
CA TYR C 97 -56.69 12.22 19.73
C TYR C 97 -56.84 11.23 18.58
N ASP C 98 -55.70 10.85 17.99
CA ASP C 98 -55.66 9.84 16.94
C ASP C 98 -54.40 9.02 17.12
N PRO C 99 -54.50 7.79 17.63
CA PRO C 99 -53.30 7.02 17.97
C PRO C 99 -52.38 6.75 16.80
N GLY C 100 -52.90 6.10 15.76
CA GLY C 100 -52.09 5.78 14.60
C GLY C 100 -52.29 6.77 13.47
N TYR C 101 -52.81 7.95 13.80
CA TYR C 101 -53.19 8.95 12.80
C TYR C 101 -54.16 8.33 11.79
N LEU C 102 -55.08 7.51 12.31
CA LEU C 102 -55.91 6.66 11.46
C LEU C 102 -56.84 7.47 10.57
N ASN C 103 -57.45 8.52 11.10
CA ASN C 103 -58.29 9.41 10.30
C ASN C 103 -57.65 10.77 10.09
N THR C 104 -56.34 10.88 10.32
CA THR C 104 -55.62 12.14 10.20
C THR C 104 -54.92 12.20 8.85
N ALA C 105 -55.09 13.33 8.17
CA ALA C 105 -54.40 13.59 6.90
C ALA C 105 -53.46 14.77 7.07
N PRO C 106 -52.15 14.56 7.06
CA PRO C 106 -51.22 15.67 7.29
C PRO C 106 -50.76 16.41 6.05
N VAL C 107 -51.12 15.96 4.86
CA VAL C 107 -50.65 16.59 3.63
C VAL C 107 -51.57 16.18 2.48
N ARG C 108 -51.72 17.08 1.52
CA ARG C 108 -52.37 16.78 0.26
C ARG C 108 -51.31 16.72 -0.83
N SER C 109 -51.26 15.61 -1.57
CA SER C 109 -50.23 15.40 -2.57
C SER C 109 -50.85 14.82 -3.83
N SER C 110 -50.00 14.55 -4.79
CA SER C 110 -50.48 13.92 -5.99
C SER C 110 -49.43 12.90 -6.46
N ILE C 111 -48.90 12.12 -5.54
CA ILE C 111 -47.95 11.08 -5.90
C ILE C 111 -48.68 9.85 -6.38
N CYS C 112 -49.44 9.18 -5.51
CA CYS C 112 -50.20 8.00 -5.87
C CYS C 112 -51.43 7.89 -4.99
N TYR C 113 -52.48 7.32 -5.56
CA TYR C 113 -53.74 7.08 -4.87
C TYR C 113 -53.99 5.59 -4.77
N ILE C 114 -54.37 5.13 -3.58
CA ILE C 114 -54.65 3.74 -3.32
C ILE C 114 -56.14 3.58 -3.09
N ASP C 115 -56.76 2.66 -3.84
CA ASP C 115 -58.16 2.32 -3.69
C ASP C 115 -58.21 1.00 -2.91
N GLY C 116 -58.10 1.12 -1.58
CA GLY C 116 -57.86 -0.06 -0.76
C GLY C 116 -58.99 -1.07 -0.81
N ASP C 117 -60.23 -0.60 -0.71
CA ASP C 117 -61.37 -1.52 -0.69
C ASP C 117 -61.64 -2.12 -2.06
N GLU C 118 -61.11 -1.54 -3.13
CA GLU C 118 -61.28 -2.09 -4.46
C GLU C 118 -59.96 -2.48 -5.14
N GLY C 119 -58.83 -2.21 -4.51
CA GLY C 119 -57.55 -2.61 -5.05
C GLY C 119 -57.19 -1.96 -6.38
N ILE C 120 -57.37 -0.65 -6.48
CA ILE C 120 -56.98 0.09 -7.68
C ILE C 120 -55.82 1.00 -7.30
N LEU C 121 -54.67 0.78 -7.95
CA LEU C 121 -53.48 1.59 -7.75
C LEU C 121 -53.21 2.38 -9.01
N ARG C 122 -52.96 3.69 -8.86
CA ARG C 122 -52.76 4.55 -10.01
C ARG C 122 -51.65 5.56 -9.84
N TYR C 123 -50.43 5.09 -9.96
CA TYR C 123 -49.34 6.00 -9.89
C TYR C 123 -49.62 7.10 -10.87
N ARG C 124 -49.36 8.33 -10.48
CA ARG C 124 -49.51 9.47 -11.37
C ARG C 124 -50.52 9.29 -12.44
N GLY C 125 -51.69 8.81 -12.09
CA GLY C 125 -52.75 8.73 -13.07
C GLY C 125 -52.69 7.61 -14.07
N TYR C 126 -52.13 6.49 -13.64
CA TYR C 126 -52.07 5.36 -14.53
C TYR C 126 -52.11 4.05 -13.80
N PRO C 127 -53.14 3.24 -14.08
CA PRO C 127 -53.14 1.88 -13.50
C PRO C 127 -51.85 1.15 -13.83
N ILE C 128 -51.36 0.39 -12.85
CA ILE C 128 -49.99 -0.11 -12.89
C ILE C 128 -49.79 -1.12 -14.02
N GLU C 129 -50.84 -1.84 -14.42
CA GLU C 129 -50.65 -2.97 -15.32
C GLU C 129 -50.10 -2.53 -16.67
N GLU C 130 -50.62 -1.44 -17.23
CA GLU C 130 -50.11 -0.95 -18.50
C GLU C 130 -48.66 -0.50 -18.37
N LEU C 131 -48.33 0.14 -17.25
CA LEU C 131 -46.95 0.55 -17.01
C LEU C 131 -46.02 -0.65 -16.99
N ALA C 132 -46.43 -1.74 -16.33
CA ALA C 132 -45.61 -2.94 -16.30
C ALA C 132 -45.47 -3.54 -17.69
N GLU C 133 -46.59 -3.78 -18.37
CA GLU C 133 -46.53 -4.52 -19.63
C GLU C 133 -45.82 -3.73 -20.73
N SER C 134 -45.92 -2.41 -20.70
CA SER C 134 -45.41 -1.56 -21.77
C SER C 134 -44.20 -0.74 -21.35
N SER C 135 -44.30 0.01 -20.26
CA SER C 135 -43.25 0.93 -19.87
C SER C 135 -42.10 0.16 -19.21
N SER C 136 -41.15 0.93 -18.67
CA SER C 136 -39.99 0.37 -18.00
C SER C 136 -39.68 1.19 -16.75
N TYR C 137 -38.88 0.61 -15.87
CA TYR C 137 -38.67 1.20 -14.54
C TYR C 137 -38.14 2.62 -14.59
N PRO C 138 -37.12 2.96 -15.39
CA PRO C 138 -36.72 4.37 -15.46
C PRO C 138 -37.86 5.28 -15.88
N GLU C 139 -38.71 4.82 -16.80
CA GLU C 139 -39.83 5.63 -17.24
C GLU C 139 -40.83 5.87 -16.12
N VAL C 140 -41.14 4.83 -15.34
CA VAL C 140 -42.09 5.03 -14.25
C VAL C 140 -41.49 5.87 -13.13
N ALA C 141 -40.18 5.74 -12.90
CA ALA C 141 -39.55 6.63 -11.92
C ALA C 141 -39.64 8.08 -12.36
N TYR C 142 -39.60 8.25 -13.66
CA TYR C 142 -39.81 9.59 -14.15
C TYR C 142 -41.29 9.92 -14.03
N LEU C 143 -42.18 9.02 -14.38
CA LEU C 143 -43.56 9.37 -14.28
C LEU C 143 -43.90 9.69 -12.85
N LEU C 144 -42.97 9.47 -11.93
CA LEU C 144 -43.31 9.66 -10.54
C LEU C 144 -42.72 10.91 -9.98
N MET C 145 -41.49 11.19 -10.30
CA MET C 145 -40.97 12.43 -9.86
C MET C 145 -41.60 13.42 -10.81
N TYR C 146 -40.81 14.03 -11.68
CA TYR C 146 -41.31 15.04 -12.62
C TYR C 146 -42.64 14.79 -13.25
N GLY C 147 -43.71 14.98 -12.52
CA GLY C 147 -45.02 14.86 -13.11
C GLY C 147 -45.38 13.86 -14.18
N ASN C 148 -45.44 14.26 -15.45
CA ASN C 148 -45.91 13.35 -16.50
C ASN C 148 -44.87 12.57 -17.27
N LEU C 149 -45.22 12.03 -18.42
CA LEU C 149 -44.28 11.12 -19.05
C LEU C 149 -43.21 11.87 -19.83
N PRO C 150 -42.06 11.25 -20.05
CA PRO C 150 -40.97 11.92 -20.78
C PRO C 150 -41.24 11.93 -22.28
N SER C 151 -40.33 12.59 -23.00
CA SER C 151 -40.18 12.43 -24.43
C SER C 151 -39.10 11.39 -24.69
N LYS C 152 -38.92 11.06 -25.97
CA LYS C 152 -37.83 10.16 -26.33
C LYS C 152 -36.49 10.76 -25.94
N SER C 153 -36.29 12.05 -26.25
CA SER C 153 -35.08 12.73 -25.83
C SER C 153 -35.01 12.84 -24.30
N GLN C 154 -36.14 13.18 -23.68
CA GLN C 154 -36.16 13.31 -22.22
C GLN C 154 -35.78 12.01 -21.55
N LEU C 155 -36.43 10.91 -21.95
CA LEU C 155 -36.14 9.62 -21.33
C LEU C 155 -34.72 9.17 -21.65
N ALA C 156 -34.24 9.46 -22.87
CA ALA C 156 -32.86 9.13 -23.20
C ALA C 156 -31.88 9.84 -22.28
N ASP C 157 -32.12 11.13 -22.05
CA ASP C 157 -31.27 11.88 -21.13
C ASP C 157 -31.38 11.33 -19.72
N TRP C 158 -32.59 10.96 -19.30
CA TRP C 158 -32.81 10.40 -17.97
C TRP C 158 -31.95 9.16 -17.76
N GLU C 159 -32.07 8.19 -18.68
CA GLU C 159 -31.34 6.95 -18.52
C GLU C 159 -29.85 7.18 -18.65
N PHE C 160 -29.43 8.07 -19.56
CA PHE C 160 -28.00 8.34 -19.72
C PHE C 160 -27.41 8.90 -18.44
N ALA C 161 -28.07 9.90 -17.84
CA ALA C 161 -27.54 10.50 -16.63
C ALA C 161 -27.53 9.50 -15.47
N ILE C 162 -28.62 8.75 -15.31
CA ILE C 162 -28.70 7.82 -14.19
C ILE C 162 -27.64 6.73 -14.33
N SER C 163 -27.35 6.30 -15.56
CA SER C 163 -26.23 5.39 -15.76
C SER C 163 -24.91 6.08 -15.47
N GLN C 164 -24.80 7.36 -15.82
CA GLN C 164 -23.52 8.05 -15.73
C GLN C 164 -23.07 8.21 -14.29
N HIS C 165 -23.95 8.71 -13.42
CA HIS C 165 -23.53 8.97 -12.05
C HIS C 165 -23.40 7.71 -11.20
N SER C 166 -23.50 6.53 -11.80
CA SER C 166 -23.67 5.30 -11.03
C SER C 166 -22.47 5.00 -10.15
N ALA C 167 -21.28 5.37 -10.59
CA ALA C 167 -20.06 4.96 -9.90
C ALA C 167 -20.04 5.46 -8.46
N VAL C 168 -19.54 4.61 -7.57
CA VAL C 168 -19.51 4.87 -6.13
C VAL C 168 -18.09 5.24 -5.68
N PRO C 169 -17.92 6.17 -4.76
CA PRO C 169 -16.58 6.46 -4.24
C PRO C 169 -15.97 5.25 -3.56
N GLN C 170 -14.64 5.18 -3.61
CA GLN C 170 -13.94 4.02 -3.07
C GLN C 170 -14.14 3.90 -1.56
N GLY C 171 -14.17 5.03 -0.86
CA GLY C 171 -14.27 4.99 0.59
C GLY C 171 -15.49 4.27 1.10
N VAL C 172 -16.60 4.32 0.35
CA VAL C 172 -17.77 3.54 0.71
C VAL C 172 -17.44 2.05 0.65
N LEU C 173 -16.66 1.64 -0.34
CA LEU C 173 -16.24 0.25 -0.41
C LEU C 173 -15.29 -0.09 0.73
N ASP C 174 -14.43 0.84 1.11
CA ASP C 174 -13.55 0.61 2.26
C ASP C 174 -14.37 0.39 3.53
N ILE C 175 -15.41 1.20 3.73
CA ILE C 175 -16.22 1.10 4.93
C ILE C 175 -17.06 -0.17 4.91
N ILE C 176 -17.69 -0.49 3.77
CA ILE C 176 -18.47 -1.71 3.69
C ILE C 176 -17.58 -2.91 3.90
N GLN C 177 -16.30 -2.82 3.52
CA GLN C 177 -15.40 -3.95 3.72
C GLN C 177 -15.04 -4.13 5.20
N GLY C 178 -15.25 -3.11 6.03
CA GLY C 178 -14.79 -3.16 7.40
C GLY C 178 -15.79 -3.65 8.42
N MET C 179 -16.71 -4.52 8.02
CA MET C 179 -17.73 -5.04 8.91
C MET C 179 -17.83 -6.55 8.77
N PRO C 180 -18.28 -7.24 9.81
CA PRO C 180 -18.41 -8.71 9.71
C PRO C 180 -19.41 -9.11 8.64
N HIS C 181 -19.14 -10.25 8.00
CA HIS C 181 -19.98 -10.71 6.90
C HIS C 181 -21.26 -11.39 7.36
N ASP C 182 -21.32 -11.83 8.62
CA ASP C 182 -22.58 -12.35 9.15
C ASP C 182 -23.60 -11.25 9.37
N ALA C 183 -23.20 -9.99 9.28
CA ALA C 183 -24.11 -8.87 9.44
C ALA C 183 -25.20 -8.91 8.37
N HIS C 184 -26.43 -8.64 8.80
CA HIS C 184 -27.53 -8.59 7.86
C HIS C 184 -27.27 -7.51 6.82
N PRO C 185 -27.61 -7.74 5.55
CA PRO C 185 -27.31 -6.73 4.52
C PRO C 185 -27.94 -5.37 4.76
N MET C 186 -29.11 -5.32 5.39
CA MET C 186 -29.78 -4.03 5.61
C MET C 186 -28.95 -3.08 6.47
N GLY C 187 -28.38 -3.58 7.57
CA GLY C 187 -27.53 -2.73 8.37
C GLY C 187 -26.37 -2.18 7.56
N VAL C 188 -25.78 -3.03 6.72
CA VAL C 188 -24.68 -2.60 5.88
C VAL C 188 -25.14 -1.52 4.91
N LEU C 189 -26.29 -1.71 4.26
CA LEU C 189 -26.77 -0.74 3.30
C LEU C 189 -27.08 0.59 3.95
N VAL C 190 -27.71 0.56 5.13
CA VAL C 190 -28.05 1.80 5.82
C VAL C 190 -26.79 2.54 6.22
N CYS C 191 -25.80 1.83 6.77
CA CYS C 191 -24.55 2.47 7.11
C CYS C 191 -23.87 3.03 5.87
N ALA C 192 -24.01 2.33 4.74
CA ALA C 192 -23.44 2.83 3.49
C ALA C 192 -24.12 4.12 3.06
N MET C 193 -25.44 4.20 3.20
CA MET C 193 -26.14 5.43 2.82
C MET C 193 -25.74 6.59 3.70
N SER C 194 -25.59 6.36 5.01
CA SER C 194 -25.10 7.42 5.88
C SER C 194 -23.70 7.84 5.49
N ALA C 195 -22.83 6.88 5.19
CA ALA C 195 -21.49 7.20 4.71
C ALA C 195 -21.55 8.02 3.43
N LEU C 196 -22.48 7.68 2.54
CA LEU C 196 -22.64 8.44 1.31
C LEU C 196 -23.03 9.88 1.62
N SER C 197 -23.92 10.07 2.58
CA SER C 197 -24.21 11.42 3.05
C SER C 197 -22.95 12.11 3.51
N VAL C 198 -22.04 11.36 4.13
CA VAL C 198 -20.78 11.96 4.58
C VAL C 198 -19.93 12.40 3.39
N PHE C 199 -19.80 11.54 2.37
CA PHE C 199 -18.80 11.74 1.32
C PHE C 199 -19.13 12.86 0.35
N HIS C 200 -20.32 13.46 0.39
CA HIS C 200 -20.74 14.42 -0.63
C HIS C 200 -21.06 15.74 0.05
N PRO C 201 -20.05 16.54 0.37
CA PRO C 201 -20.29 17.79 1.09
C PRO C 201 -20.82 18.90 0.20
N ASP C 202 -21.25 18.56 -1.01
CA ASP C 202 -21.79 19.53 -1.94
C ASP C 202 -23.29 19.73 -1.77
N ALA C 203 -23.93 19.05 -0.82
CA ALA C 203 -25.37 19.16 -0.65
C ALA C 203 -25.77 19.24 0.82
N ASN C 204 -24.87 19.66 1.70
CA ASN C 204 -25.17 19.69 3.13
C ASN C 204 -25.62 21.09 3.53
N PRO C 205 -26.88 21.30 3.88
CA PRO C 205 -27.33 22.63 4.29
C PRO C 205 -26.76 23.11 5.61
N ALA C 206 -25.91 22.33 6.26
CA ALA C 206 -25.10 22.85 7.36
C ALA C 206 -23.75 23.35 6.89
N LEU C 207 -23.27 22.87 5.74
CA LEU C 207 -22.08 23.42 5.11
C LEU C 207 -22.40 24.60 4.19
N ARG C 208 -23.69 24.85 3.95
CA ARG C 208 -24.13 25.99 3.15
C ARG C 208 -25.39 26.55 3.80
N GLY C 209 -26.10 27.39 3.07
CA GLY C 209 -27.31 27.99 3.59
C GLY C 209 -28.56 27.15 3.34
N GLN C 210 -29.67 27.57 3.96
CA GLN C 210 -30.94 26.90 3.76
C GLN C 210 -31.44 27.03 2.33
N ASP C 211 -30.92 28.00 1.57
CA ASP C 211 -31.28 28.17 0.17
C ASP C 211 -30.77 27.06 -0.72
N LEU C 212 -29.92 26.17 -0.19
CA LEU C 212 -29.23 25.19 -1.02
C LEU C 212 -30.18 24.28 -1.78
N TYR C 213 -31.43 24.14 -1.33
CA TYR C 213 -32.40 23.30 -2.02
C TYR C 213 -33.43 24.14 -2.78
N LYS C 214 -33.00 25.29 -3.30
CA LYS C 214 -33.85 26.12 -4.15
C LYS C 214 -33.50 25.98 -5.63
N SER C 215 -32.21 25.85 -5.95
CA SER C 215 -31.80 25.73 -7.34
C SER C 215 -32.28 24.40 -7.92
N LYS C 216 -33.07 24.47 -8.99
CA LYS C 216 -33.59 23.27 -9.63
C LYS C 216 -32.46 22.32 -10.02
N GLN C 217 -31.34 22.87 -10.49
CA GLN C 217 -30.26 22.04 -10.99
C GLN C 217 -29.69 21.15 -9.88
N LEU C 218 -29.39 21.74 -8.72
CA LEU C 218 -28.84 20.93 -7.63
C LEU C 218 -29.86 19.93 -7.11
N ARG C 219 -31.13 20.32 -7.07
CA ARG C 219 -32.20 19.40 -6.70
C ARG C 219 -32.17 18.15 -7.56
N ASP C 220 -32.29 18.32 -8.88
CA ASP C 220 -32.30 17.16 -9.76
C ASP C 220 -30.96 16.44 -9.76
N LYS C 221 -29.86 17.16 -9.55
CA LYS C 221 -28.56 16.52 -9.44
C LYS C 221 -28.54 15.53 -8.30
N GLN C 222 -29.05 15.93 -7.14
CA GLN C 222 -29.07 15.02 -6.01
C GLN C 222 -30.06 13.88 -6.22
N ILE C 223 -31.20 14.17 -6.86
CA ILE C 223 -32.18 13.11 -7.12
C ILE C 223 -31.56 12.02 -7.99
N VAL C 224 -30.96 12.42 -9.11
CA VAL C 224 -30.30 11.45 -9.98
C VAL C 224 -29.14 10.79 -9.25
N ARG C 225 -28.45 11.56 -8.41
CA ARG C 225 -27.34 11.00 -7.65
C ARG C 225 -27.79 9.79 -6.84
N ILE C 226 -28.78 9.97 -5.98
CA ILE C 226 -29.27 8.83 -5.19
C ILE C 226 -29.77 7.72 -6.09
N LEU C 227 -30.63 8.07 -7.06
CA LEU C 227 -31.27 7.04 -7.85
C LEU C 227 -30.26 6.23 -8.65
N GLY C 228 -29.05 6.74 -8.81
CA GLY C 228 -28.00 5.95 -9.42
C GLY C 228 -27.07 5.28 -8.42
N LYS C 229 -26.88 5.90 -7.25
CA LYS C 229 -25.90 5.37 -6.32
C LYS C 229 -26.40 4.14 -5.59
N VAL C 230 -27.72 3.97 -5.50
CA VAL C 230 -28.27 2.81 -4.78
C VAL C 230 -27.85 1.48 -5.41
N PRO C 231 -28.06 1.23 -6.70
CA PRO C 231 -27.83 -0.13 -7.22
C PRO C 231 -26.41 -0.64 -7.03
N THR C 232 -25.41 0.23 -7.15
CA THR C 232 -24.04 -0.25 -6.98
C THR C 232 -23.80 -0.69 -5.54
N ILE C 233 -24.42 -0.01 -4.57
CA ILE C 233 -24.27 -0.44 -3.19
C ILE C 233 -24.98 -1.76 -2.97
N ALA C 234 -26.14 -1.95 -3.60
CA ALA C 234 -26.80 -3.26 -3.50
C ALA C 234 -25.92 -4.36 -4.06
N ALA C 235 -25.30 -4.11 -5.21
CA ALA C 235 -24.39 -5.10 -5.79
C ALA C 235 -23.20 -5.35 -4.88
N ALA C 236 -22.68 -4.29 -4.25
CA ALA C 236 -21.57 -4.46 -3.34
C ALA C 236 -21.95 -5.34 -2.15
N ALA C 237 -23.18 -5.17 -1.65
CA ALA C 237 -23.67 -6.03 -0.58
C ALA C 237 -23.70 -7.49 -1.04
N TYR C 238 -24.27 -7.73 -2.22
CA TYR C 238 -24.35 -9.11 -2.71
C TYR C 238 -22.96 -9.71 -2.87
N LEU C 239 -22.02 -8.93 -3.39
CA LEU C 239 -20.65 -9.43 -3.55
C LEU C 239 -20.00 -9.73 -2.22
N ARG C 240 -20.09 -8.79 -1.28
CA ARG C 240 -19.44 -8.97 0.01
C ARG C 240 -20.07 -10.09 0.82
N LEU C 241 -21.30 -10.49 0.47
CA LEU C 241 -21.86 -11.69 1.09
C LEU C 241 -20.98 -12.90 0.80
N ALA C 242 -20.84 -13.26 -0.47
CA ALA C 242 -20.06 -14.43 -0.85
C ALA C 242 -18.62 -14.08 -1.23
N GLY C 243 -17.97 -13.27 -0.39
CA GLY C 243 -16.52 -13.11 -0.45
C GLY C 243 -15.95 -12.33 -1.61
N ARG C 244 -16.68 -12.24 -2.71
CA ARG C 244 -16.10 -11.68 -3.92
C ARG C 244 -15.89 -10.17 -3.79
N PRO C 245 -14.78 -9.63 -4.29
CA PRO C 245 -14.53 -8.18 -4.23
C PRO C 245 -15.50 -7.41 -5.10
N PRO C 246 -15.45 -6.07 -5.07
CA PRO C 246 -16.43 -5.26 -5.79
C PRO C 246 -16.43 -5.49 -7.29
N VAL C 247 -17.46 -4.95 -7.95
CA VAL C 247 -17.58 -4.93 -9.40
C VAL C 247 -17.72 -3.47 -9.85
N LEU C 248 -16.86 -3.07 -10.77
CA LEU C 248 -16.98 -1.74 -11.35
C LEU C 248 -18.17 -1.69 -12.31
N PRO C 249 -18.95 -0.62 -12.33
CA PRO C 249 -20.23 -0.63 -13.04
C PRO C 249 -20.05 -0.51 -14.55
N SER C 250 -20.64 -1.46 -15.27
CA SER C 250 -20.84 -1.27 -16.70
C SER C 250 -21.80 -0.10 -16.94
N ASN C 251 -21.52 0.67 -17.98
CA ASN C 251 -22.25 1.91 -18.24
C ASN C 251 -22.75 1.95 -19.67
N ASN C 252 -23.36 0.84 -20.12
CA ASN C 252 -23.90 0.80 -21.47
C ASN C 252 -25.22 0.03 -21.54
N PHE C 253 -25.79 -0.37 -20.41
CA PHE C 253 -26.98 -1.22 -20.39
C PHE C 253 -28.08 -0.53 -19.59
N SER C 254 -29.27 -1.12 -19.64
CA SER C 254 -30.41 -0.55 -18.92
C SER C 254 -30.24 -0.75 -17.42
N TYR C 255 -31.23 -0.27 -16.67
CA TYR C 255 -31.15 -0.26 -15.21
C TYR C 255 -31.05 -1.68 -14.66
N SER C 256 -32.11 -2.47 -14.86
CA SER C 256 -32.11 -3.84 -14.39
C SER C 256 -30.90 -4.59 -14.94
N GLU C 257 -30.73 -4.53 -16.27
CA GLU C 257 -29.54 -5.09 -16.91
C GLU C 257 -28.27 -4.73 -16.15
N ASN C 258 -28.13 -3.46 -15.77
CA ASN C 258 -26.94 -3.05 -15.04
C ASN C 258 -26.79 -3.82 -13.75
N PHE C 259 -27.86 -3.88 -12.95
CA PHE C 259 -27.75 -4.58 -11.66
C PHE C 259 -27.50 -6.07 -11.86
N LEU C 260 -28.32 -6.71 -12.70
CA LEU C 260 -28.22 -8.14 -12.94
C LEU C 260 -26.84 -8.51 -13.45
N TYR C 261 -26.23 -7.64 -14.27
CA TYR C 261 -24.87 -7.87 -14.71
C TYR C 261 -23.88 -7.71 -13.56
N MET C 262 -24.05 -6.66 -12.76
CA MET C 262 -23.12 -6.44 -11.65
C MET C 262 -23.17 -7.56 -10.63
N LEU C 263 -24.24 -8.38 -10.65
CA LEU C 263 -24.25 -9.55 -9.78
C LEU C 263 -23.36 -10.66 -10.34
N ASP C 264 -23.70 -11.17 -11.53
CA ASP C 264 -23.00 -12.30 -12.12
C ASP C 264 -22.20 -11.83 -13.33
N SER C 265 -20.98 -11.36 -13.08
CA SER C 265 -20.01 -11.13 -14.14
C SER C 265 -18.63 -11.64 -13.80
N LEU C 266 -18.30 -11.79 -12.51
CA LEU C 266 -17.02 -12.32 -12.06
C LEU C 266 -15.85 -11.51 -12.60
N GLY C 267 -16.04 -10.19 -12.75
CA GLY C 267 -14.98 -9.35 -13.27
C GLY C 267 -14.74 -9.47 -14.75
N ASN C 268 -15.66 -10.08 -15.48
CA ASN C 268 -15.53 -10.25 -16.93
C ASN C 268 -16.31 -9.13 -17.62
N ARG C 269 -15.59 -8.15 -18.17
CA ARG C 269 -16.23 -7.02 -18.84
C ARG C 269 -16.85 -7.39 -20.16
N SER C 270 -16.91 -8.67 -20.50
CA SER C 270 -17.41 -9.12 -21.79
C SER C 270 -18.54 -10.13 -21.60
N TYR C 271 -19.47 -9.80 -20.70
CA TYR C 271 -20.62 -10.64 -20.42
C TYR C 271 -21.91 -9.87 -20.66
N LYS C 272 -22.93 -10.58 -21.14
CA LYS C 272 -24.23 -10.00 -21.41
C LYS C 272 -25.32 -10.92 -20.88
N PRO C 273 -26.00 -10.56 -19.81
CA PRO C 273 -27.04 -11.43 -19.23
C PRO C 273 -28.29 -11.43 -20.10
N ASN C 274 -29.26 -12.24 -19.68
CA ASN C 274 -30.44 -12.48 -20.49
C ASN C 274 -31.27 -11.20 -20.63
N THR C 275 -31.96 -11.11 -21.77
CA THR C 275 -32.96 -10.06 -21.94
C THR C 275 -34.22 -10.37 -21.16
N ARG C 276 -34.65 -11.63 -21.13
CA ARG C 276 -35.86 -11.99 -20.42
C ARG C 276 -35.70 -11.80 -18.91
N LEU C 277 -34.55 -12.20 -18.36
CA LEU C 277 -34.33 -12.01 -16.92
C LEU C 277 -34.26 -10.54 -16.55
N ALA C 278 -33.61 -9.71 -17.38
CA ALA C 278 -33.61 -8.28 -17.13
C ALA C 278 -35.03 -7.72 -17.22
N ARG C 279 -35.82 -8.21 -18.17
CA ARG C 279 -37.22 -7.79 -18.27
C ARG C 279 -37.97 -8.12 -17.00
N VAL C 280 -37.74 -9.32 -16.46
CA VAL C 280 -38.35 -9.72 -15.20
C VAL C 280 -37.91 -8.82 -14.07
N LEU C 281 -36.62 -8.50 -14.00
CA LEU C 281 -36.14 -7.64 -12.92
C LEU C 281 -36.78 -6.27 -13.00
N ASP C 282 -36.93 -5.72 -14.22
CA ASP C 282 -37.58 -4.44 -14.37
C ASP C 282 -39.04 -4.50 -13.94
N ILE C 283 -39.75 -5.59 -14.30
CA ILE C 283 -41.14 -5.71 -13.89
C ILE C 283 -41.25 -5.78 -12.37
N LEU C 284 -40.40 -6.58 -11.74
CA LEU C 284 -40.42 -6.65 -10.28
C LEU C 284 -40.09 -5.30 -9.66
N PHE C 285 -39.21 -4.53 -10.28
CA PHE C 285 -38.92 -3.20 -9.76
C PHE C 285 -40.13 -2.28 -9.89
N ILE C 286 -40.84 -2.33 -11.01
CA ILE C 286 -41.96 -1.41 -11.19
C ILE C 286 -43.14 -1.81 -10.31
N LEU C 287 -43.27 -3.10 -10.00
CA LEU C 287 -44.34 -3.55 -9.11
C LEU C 287 -44.06 -3.26 -7.64
N HIS C 288 -42.93 -2.63 -7.30
CA HIS C 288 -42.66 -2.22 -5.93
C HIS C 288 -42.12 -0.81 -5.90
N ALA C 289 -42.67 0.07 -6.74
CA ALA C 289 -42.24 1.46 -6.73
C ALA C 289 -42.44 2.10 -5.37
N GLU C 290 -43.69 2.20 -4.92
CA GLU C 290 -43.99 2.84 -3.65
C GLU C 290 -45.40 2.54 -3.19
N HIS C 291 -45.55 2.01 -1.98
CA HIS C 291 -46.83 1.98 -1.30
C HIS C 291 -46.98 3.26 -0.49
N GLU C 292 -48.19 3.79 -0.45
CA GLU C 292 -48.39 5.14 0.07
C GLU C 292 -48.20 5.15 1.59
N MET C 293 -48.52 6.28 2.21
CA MET C 293 -47.96 6.72 3.49
C MET C 293 -47.76 5.59 4.48
N ASN C 294 -46.55 5.51 5.01
CA ASN C 294 -46.20 4.58 6.08
C ASN C 294 -45.32 5.32 7.07
N CYS C 295 -44.76 4.58 8.02
CA CYS C 295 -43.86 5.19 8.99
C CYS C 295 -42.66 5.82 8.30
N SER C 296 -42.05 5.09 7.36
CA SER C 296 -40.87 5.60 6.68
C SER C 296 -41.18 6.86 5.88
N THR C 297 -42.29 6.86 5.15
CA THR C 297 -42.66 8.03 4.36
C THR C 297 -42.90 9.24 5.25
N ALA C 298 -43.62 9.04 6.35
CA ALA C 298 -43.87 10.13 7.27
C ALA C 298 -42.57 10.68 7.84
N ALA C 299 -41.65 9.78 8.22
CA ALA C 299 -40.37 10.24 8.75
C ALA C 299 -39.58 11.00 7.70
N ALA C 300 -39.60 10.55 6.46
CA ALA C 300 -38.90 11.25 5.39
C ALA C 300 -39.48 12.64 5.19
N ARG C 301 -40.82 12.75 5.24
CA ARG C 301 -41.45 14.06 5.11
C ARG C 301 -41.05 14.96 6.27
N HIS C 302 -41.02 14.41 7.48
CA HIS C 302 -40.58 15.19 8.65
C HIS C 302 -39.17 15.72 8.44
N LEU C 303 -38.25 14.85 8.03
CA LEU C 303 -36.88 15.27 7.82
C LEU C 303 -36.78 16.33 6.73
N ALA C 304 -37.50 16.15 5.63
CA ALA C 304 -37.46 17.12 4.55
C ALA C 304 -37.99 18.47 5.01
N SER C 305 -39.06 18.47 5.81
CA SER C 305 -39.59 19.72 6.34
C SER C 305 -38.56 20.44 7.19
N SER C 306 -37.69 19.71 7.87
CA SER C 306 -36.71 20.30 8.77
C SER C 306 -35.47 20.83 8.05
N GLY C 307 -35.51 20.93 6.71
CA GLY C 307 -34.38 21.42 5.95
C GLY C 307 -33.08 20.70 6.24
N VAL C 308 -33.04 19.41 5.90
CA VAL C 308 -31.87 18.56 6.14
C VAL C 308 -31.47 17.93 4.81
N ASP C 309 -30.18 17.62 4.68
CA ASP C 309 -29.70 17.02 3.45
C ASP C 309 -30.43 15.72 3.13
N VAL C 310 -30.71 15.52 1.84
CA VAL C 310 -31.59 14.44 1.44
C VAL C 310 -31.00 13.08 1.76
N PHE C 311 -29.68 12.98 1.75
CA PHE C 311 -29.03 11.67 1.94
C PHE C 311 -29.36 11.10 3.32
N THR C 312 -29.16 11.90 4.36
CA THR C 312 -29.43 11.43 5.72
C THR C 312 -30.91 11.13 5.89
N ALA C 313 -31.78 11.94 5.29
CA ALA C 313 -33.21 11.70 5.38
C ALA C 313 -33.57 10.34 4.80
N LEU C 314 -32.99 10.01 3.63
CA LEU C 314 -33.30 8.71 3.04
C LEU C 314 -32.65 7.58 3.81
N ALA C 315 -31.50 7.82 4.43
CA ALA C 315 -30.91 6.83 5.31
C ALA C 315 -31.87 6.50 6.45
N GLY C 316 -32.43 7.53 7.07
CA GLY C 316 -33.40 7.31 8.12
C GLY C 316 -34.65 6.60 7.61
N ALA C 317 -35.09 6.96 6.40
CA ALA C 317 -36.28 6.33 5.84
C ALA C 317 -36.07 4.83 5.63
N VAL C 318 -34.94 4.45 5.02
CA VAL C 318 -34.70 3.03 4.81
C VAL C 318 -34.47 2.32 6.15
N GLY C 319 -33.83 2.99 7.11
CA GLY C 319 -33.69 2.41 8.43
C GLY C 319 -35.03 2.11 9.07
N ALA C 320 -36.00 3.02 8.90
CA ALA C 320 -37.36 2.73 9.32
C ALA C 320 -37.92 1.53 8.56
N LEU C 321 -37.61 1.45 7.27
CA LEU C 321 -38.08 0.32 6.46
C LEU C 321 -37.50 -1.00 6.95
N TYR C 322 -36.38 -0.95 7.67
CA TYR C 322 -35.70 -2.18 8.11
C TYR C 322 -36.64 -3.21 8.71
N GLY C 323 -37.64 -2.76 9.45
CA GLY C 323 -38.45 -3.65 10.26
C GLY C 323 -39.09 -4.78 9.47
N PRO C 324 -39.17 -5.96 10.09
CA PRO C 324 -39.79 -7.10 9.43
C PRO C 324 -41.30 -7.09 9.53
N LEU C 325 -41.89 -5.95 9.26
CA LEU C 325 -43.35 -5.80 9.24
C LEU C 325 -43.84 -5.22 7.92
N HIS C 326 -43.11 -4.28 7.33
CA HIS C 326 -43.51 -3.69 6.06
C HIS C 326 -43.06 -4.53 4.86
N GLY C 327 -42.00 -5.32 5.00
CA GLY C 327 -41.54 -6.15 3.92
C GLY C 327 -41.03 -7.50 4.36
N GLY C 328 -41.13 -7.80 5.65
CA GLY C 328 -40.58 -9.01 6.20
C GLY C 328 -41.56 -10.16 6.33
N ALA C 329 -42.67 -10.09 5.60
CA ALA C 329 -43.68 -11.15 5.68
C ALA C 329 -43.29 -12.41 4.92
N ASN C 330 -42.29 -12.33 4.04
CA ASN C 330 -41.89 -13.49 3.26
C ASN C 330 -41.30 -14.60 4.11
N GLU C 331 -40.83 -14.29 5.31
CA GLU C 331 -40.27 -15.33 6.17
C GLU C 331 -41.32 -16.34 6.58
N ALA C 332 -42.59 -15.92 6.70
CA ALA C 332 -43.64 -16.86 7.05
C ALA C 332 -43.87 -17.89 5.95
N VAL C 333 -43.95 -17.45 4.70
CA VAL C 333 -44.12 -18.41 3.61
C VAL C 333 -42.85 -19.22 3.42
N LEU C 334 -41.68 -18.65 3.73
CA LEU C 334 -40.45 -19.43 3.72
C LEU C 334 -40.52 -20.56 4.73
N LYS C 335 -41.00 -20.27 5.94
CA LYS C 335 -41.15 -21.31 6.96
C LYS C 335 -42.16 -22.36 6.51
N MET C 336 -43.25 -21.93 5.88
CA MET C 336 -44.22 -22.89 5.35
C MET C 336 -43.57 -23.83 4.34
N LEU C 337 -42.86 -23.28 3.36
CA LEU C 337 -42.22 -24.11 2.35
C LEU C 337 -41.11 -24.98 2.93
N ASN C 338 -40.48 -24.54 4.01
CA ASN C 338 -39.45 -25.36 4.64
C ASN C 338 -40.07 -26.54 5.40
N GLU C 339 -41.15 -26.29 6.14
CA GLU C 339 -41.73 -27.35 6.96
C GLU C 339 -42.55 -28.33 6.13
N ILE C 340 -43.19 -27.85 5.06
CA ILE C 340 -44.14 -28.69 4.33
C ILE C 340 -43.42 -29.84 3.63
N GLY C 341 -42.21 -29.60 3.15
CA GLY C 341 -41.41 -30.65 2.55
C GLY C 341 -42.05 -31.33 1.36
N THR C 342 -42.49 -32.56 1.55
CA THR C 342 -43.04 -33.36 0.47
C THR C 342 -44.32 -32.75 -0.08
N VAL C 343 -44.59 -33.03 -1.35
CA VAL C 343 -45.83 -32.56 -1.97
C VAL C 343 -47.05 -33.20 -1.29
N GLU C 344 -46.97 -34.50 -1.00
CA GLU C 344 -48.10 -35.21 -0.41
C GLU C 344 -48.52 -34.64 0.94
N ASN C 345 -47.74 -33.72 1.50
CA ASN C 345 -48.10 -33.06 2.76
C ASN C 345 -49.11 -31.94 2.57
N ILE C 346 -49.59 -31.72 1.34
CA ILE C 346 -50.49 -30.60 1.10
C ILE C 346 -51.79 -30.67 1.89
N PRO C 347 -52.58 -31.77 1.83
CA PRO C 347 -53.96 -31.67 2.34
C PRO C 347 -54.04 -31.53 3.84
N ASP C 348 -53.41 -32.45 4.58
CA ASP C 348 -53.52 -32.42 6.04
C ASP C 348 -53.06 -31.09 6.60
N PHE C 349 -51.94 -30.57 6.09
CA PHE C 349 -51.46 -29.28 6.56
C PHE C 349 -52.49 -28.19 6.32
N ILE C 350 -53.08 -28.13 5.13
CA ILE C 350 -54.12 -27.13 4.93
C ILE C 350 -55.32 -27.48 5.81
N GLU C 351 -55.58 -28.78 6.00
CA GLU C 351 -56.55 -29.17 7.02
C GLU C 351 -56.09 -28.70 8.39
N GLY C 352 -54.80 -28.87 8.69
CA GLY C 352 -54.25 -28.26 9.89
C GLY C 352 -54.40 -26.76 9.88
N VAL C 353 -54.26 -26.15 8.70
CA VAL C 353 -54.63 -24.74 8.55
C VAL C 353 -56.12 -24.55 8.75
N LYS C 354 -56.92 -25.42 8.13
CA LYS C 354 -58.37 -25.34 8.28
C LYS C 354 -58.84 -25.81 9.65
N ASN C 355 -57.98 -26.44 10.44
CA ASN C 355 -58.23 -26.70 11.84
C ASN C 355 -57.70 -25.58 12.73
N ARG C 356 -57.12 -24.53 12.15
CA ARG C 356 -56.61 -23.37 12.88
C ARG C 356 -55.55 -23.76 13.90
N LYS C 357 -54.77 -24.80 13.59
CA LYS C 357 -53.69 -25.25 14.45
C LYS C 357 -52.32 -25.04 13.84
N ARG C 358 -52.24 -24.41 12.67
CA ARG C 358 -50.97 -24.21 11.98
C ARG C 358 -50.97 -22.83 11.34
N LYS C 359 -49.77 -22.38 10.98
CA LYS C 359 -49.57 -21.00 10.53
C LYS C 359 -50.31 -20.73 9.22
N MET C 360 -50.88 -19.52 9.12
CA MET C 360 -51.54 -19.05 7.91
C MET C 360 -50.94 -17.71 7.48
N SER C 361 -50.48 -17.64 6.25
CA SER C 361 -49.87 -16.44 5.70
C SER C 361 -49.76 -16.57 4.19
N GLY C 362 -49.44 -15.46 3.54
CA GLY C 362 -49.24 -15.46 2.10
C GLY C 362 -50.50 -15.42 1.28
N PHE C 363 -51.67 -15.47 1.90
CA PHE C 363 -52.94 -15.43 1.20
C PHE C 363 -53.78 -14.29 1.74
N GLY C 364 -54.25 -13.42 0.83
CA GLY C 364 -55.01 -12.25 1.23
C GLY C 364 -54.12 -11.06 1.56
N HIS C 365 -54.64 -9.85 1.35
CA HIS C 365 -53.90 -8.63 1.59
C HIS C 365 -54.47 -7.90 2.80
N ARG C 366 -53.58 -7.31 3.59
CA ARG C 366 -54.03 -6.45 4.69
C ARG C 366 -54.59 -5.13 4.19
N VAL C 367 -54.31 -4.78 2.94
CA VAL C 367 -54.86 -3.58 2.33
C VAL C 367 -55.97 -3.90 1.33
N TYR C 368 -55.93 -5.05 0.67
CA TYR C 368 -56.88 -5.39 -0.37
C TYR C 368 -57.74 -6.56 0.08
N LYS C 369 -59.01 -6.53 -0.29
CA LYS C 369 -59.94 -7.61 0.01
C LYS C 369 -60.53 -8.25 -1.23
N ASN C 370 -60.88 -7.46 -2.25
CA ASN C 370 -61.34 -8.04 -3.50
C ASN C 370 -60.20 -8.79 -4.19
N TYR C 371 -59.14 -8.06 -4.56
CA TYR C 371 -57.97 -8.65 -5.18
C TYR C 371 -56.87 -7.61 -5.35
N ASP C 372 -55.73 -8.02 -5.87
CA ASP C 372 -54.66 -7.11 -6.27
C ASP C 372 -54.36 -7.35 -7.74
N PRO C 373 -54.54 -6.36 -8.62
CA PRO C 373 -54.14 -6.56 -10.02
C PRO C 373 -52.68 -6.91 -10.17
N ARG C 374 -51.83 -6.33 -9.33
CA ARG C 374 -50.40 -6.64 -9.34
C ARG C 374 -50.16 -8.13 -9.46
N ALA C 375 -50.75 -8.90 -8.54
CA ALA C 375 -50.62 -10.35 -8.53
C ALA C 375 -50.79 -10.94 -9.92
N LYS C 376 -51.89 -10.59 -10.58
CA LYS C 376 -52.14 -11.08 -11.93
C LYS C 376 -50.87 -10.97 -12.77
N VAL C 377 -50.39 -9.74 -12.94
CA VAL C 377 -49.21 -9.52 -13.77
C VAL C 377 -48.05 -10.35 -13.27
N ILE C 378 -47.77 -10.29 -11.96
CA ILE C 378 -46.60 -11.00 -11.48
C ILE C 378 -46.80 -12.50 -11.66
N ARG C 379 -48.03 -12.99 -11.52
CA ARG C 379 -48.29 -14.39 -11.79
C ARG C 379 -47.96 -14.71 -13.24
N LYS C 380 -48.44 -13.88 -14.16
CA LYS C 380 -48.15 -14.07 -15.57
C LYS C 380 -46.68 -13.88 -15.86
N LEU C 381 -45.92 -13.32 -14.93
CA LEU C 381 -44.48 -13.28 -15.06
C LEU C 381 -43.82 -14.57 -14.60
N ALA C 382 -44.33 -15.14 -13.49
CA ALA C 382 -43.58 -16.18 -12.78
C ALA C 382 -43.16 -17.29 -13.73
N GLU C 383 -44.13 -17.85 -14.47
CA GLU C 383 -43.86 -19.02 -15.30
C GLU C 383 -42.66 -18.79 -16.22
N GLU C 384 -42.54 -17.58 -16.77
CA GLU C 384 -41.44 -17.29 -17.68
C GLU C 384 -40.09 -17.51 -17.01
N VAL C 385 -39.91 -16.98 -15.80
CA VAL C 385 -38.70 -17.27 -15.05
C VAL C 385 -38.57 -18.78 -14.88
N PHE C 386 -39.66 -19.44 -14.48
CA PHE C 386 -39.57 -20.86 -14.22
C PHE C 386 -39.33 -21.63 -15.52
N SER C 387 -39.59 -20.97 -16.65
CA SER C 387 -39.37 -21.62 -17.94
C SER C 387 -37.90 -21.63 -18.33
N ILE C 388 -37.07 -20.81 -17.67
CA ILE C 388 -35.67 -20.68 -18.06
C ILE C 388 -34.73 -21.20 -16.99
N VAL C 389 -35.06 -21.04 -15.71
CA VAL C 389 -34.12 -21.38 -14.65
C VAL C 389 -34.60 -22.57 -13.85
N GLY C 390 -35.39 -23.43 -14.47
CA GLY C 390 -35.79 -24.67 -13.83
C GLY C 390 -36.71 -24.44 -12.63
N ARG C 391 -36.91 -25.53 -11.88
CA ARG C 391 -37.79 -25.50 -10.71
C ARG C 391 -37.20 -26.43 -9.65
N ASP C 392 -36.54 -25.84 -8.66
CA ASP C 392 -35.99 -26.61 -7.55
C ASP C 392 -37.08 -26.88 -6.51
N PRO C 393 -36.90 -27.93 -5.65
CA PRO C 393 -38.03 -28.50 -4.89
C PRO C 393 -39.08 -27.53 -4.35
N LEU C 394 -38.63 -26.46 -3.69
CA LEU C 394 -39.57 -25.52 -3.09
C LEU C 394 -40.54 -24.96 -4.11
N ILE C 395 -40.10 -24.81 -5.37
CA ILE C 395 -40.96 -24.26 -6.40
C ILE C 395 -42.17 -25.14 -6.66
N GLU C 396 -41.96 -26.39 -7.07
CA GLU C 396 -43.10 -27.25 -7.34
C GLU C 396 -43.88 -27.56 -6.08
N VAL C 397 -43.22 -27.56 -4.92
CA VAL C 397 -43.94 -27.72 -3.66
C VAL C 397 -44.94 -26.58 -3.48
N ALA C 398 -44.48 -25.34 -3.66
CA ALA C 398 -45.37 -24.19 -3.54
C ALA C 398 -46.42 -24.16 -4.63
N ILE C 399 -46.10 -24.68 -5.81
CA ILE C 399 -47.08 -24.75 -6.90
C ILE C 399 -48.21 -25.68 -6.52
N ALA C 400 -47.87 -26.84 -5.98
CA ALA C 400 -48.89 -27.74 -5.46
C ALA C 400 -49.67 -27.08 -4.32
N LEU C 401 -48.97 -26.36 -3.46
CA LEU C 401 -49.64 -25.66 -2.35
C LEU C 401 -50.69 -24.69 -2.86
N GLU C 402 -50.33 -23.87 -3.84
CA GLU C 402 -51.28 -22.88 -4.35
C GLU C 402 -52.40 -23.55 -5.13
N LYS C 403 -52.10 -24.62 -5.87
CA LYS C 403 -53.14 -25.33 -6.60
C LYS C 403 -54.16 -25.92 -5.64
N ALA C 404 -53.70 -26.50 -4.54
CA ALA C 404 -54.62 -27.01 -3.54
C ALA C 404 -55.37 -25.88 -2.83
N ALA C 405 -54.69 -24.77 -2.59
CA ALA C 405 -55.29 -23.66 -1.86
C ALA C 405 -56.43 -23.03 -2.64
N LEU C 406 -56.22 -22.80 -3.94
CA LEU C 406 -57.29 -22.24 -4.76
C LEU C 406 -58.45 -23.22 -4.89
N SER C 407 -58.15 -24.52 -4.94
CA SER C 407 -59.22 -25.51 -5.03
C SER C 407 -59.94 -25.69 -3.71
N ASP C 408 -59.26 -25.44 -2.59
CA ASP C 408 -59.85 -25.66 -1.28
C ASP C 408 -60.99 -24.67 -1.04
N GLU C 409 -62.07 -25.17 -0.42
CA GLU C 409 -63.26 -24.34 -0.22
C GLU C 409 -63.02 -23.27 0.84
N TYR C 410 -62.29 -23.60 1.90
CA TYR C 410 -62.14 -22.69 3.03
C TYR C 410 -61.50 -21.38 2.61
N PHE C 411 -60.46 -21.46 1.77
CA PHE C 411 -59.74 -20.26 1.36
C PHE C 411 -60.60 -19.38 0.46
N ILE C 412 -61.33 -19.98 -0.47
CA ILE C 412 -62.20 -19.21 -1.36
C ILE C 412 -63.32 -18.56 -0.56
N LYS C 413 -63.86 -19.27 0.43
CA LYS C 413 -64.87 -18.68 1.30
C LYS C 413 -64.29 -17.73 2.33
N ARG C 414 -62.98 -17.73 2.52
CA ARG C 414 -62.32 -16.77 3.40
C ARG C 414 -61.64 -15.65 2.63
N LYS C 415 -61.87 -15.55 1.32
CA LYS C 415 -61.29 -14.53 0.45
C LYS C 415 -59.77 -14.55 0.47
N LEU C 416 -59.17 -15.69 0.77
CA LEU C 416 -57.72 -15.80 0.88
C LEU C 416 -57.13 -16.17 -0.47
N TYR C 417 -56.38 -15.24 -1.05
CA TYR C 417 -55.74 -15.40 -2.35
C TYR C 417 -54.27 -15.04 -2.24
N PRO C 418 -53.41 -15.70 -3.01
CA PRO C 418 -51.96 -15.50 -2.83
C PRO C 418 -51.56 -14.05 -3.05
N ASN C 419 -50.86 -13.49 -2.07
CA ASN C 419 -50.42 -12.11 -2.17
C ASN C 419 -49.28 -11.99 -3.18
N VAL C 420 -48.99 -10.74 -3.55
CA VAL C 420 -47.83 -10.51 -4.41
C VAL C 420 -46.55 -10.90 -3.70
N ASP C 421 -46.55 -10.91 -2.36
CA ASP C 421 -45.37 -11.31 -1.63
C ASP C 421 -45.04 -12.78 -1.85
N PHE C 422 -46.05 -13.61 -2.09
CA PHE C 422 -45.81 -15.02 -2.35
C PHE C 422 -44.99 -15.22 -3.61
N TYR C 423 -45.51 -14.72 -4.74
CA TYR C 423 -44.76 -14.79 -5.99
C TYR C 423 -43.45 -14.03 -5.89
N SER C 424 -43.40 -12.99 -5.07
CA SER C 424 -42.15 -12.26 -4.88
C SER C 424 -41.09 -13.16 -4.26
N GLY C 425 -41.41 -13.82 -3.15
CA GLY C 425 -40.47 -14.76 -2.57
C GLY C 425 -40.07 -15.83 -3.54
N LEU C 426 -41.05 -16.38 -4.27
CA LEU C 426 -40.77 -17.42 -5.25
C LEU C 426 -39.74 -16.95 -6.27
N ILE C 427 -39.98 -15.79 -6.90
CA ILE C 427 -39.12 -15.34 -7.97
C ILE C 427 -37.76 -14.91 -7.44
N TYR C 428 -37.73 -14.14 -6.35
CA TYR C 428 -36.45 -13.67 -5.86
C TYR C 428 -35.63 -14.78 -5.23
N ARG C 429 -36.21 -15.94 -4.95
CA ARG C 429 -35.37 -17.09 -4.64
C ARG C 429 -34.95 -17.83 -5.90
N ALA C 430 -35.90 -18.03 -6.83
CA ALA C 430 -35.60 -18.75 -8.06
C ALA C 430 -34.46 -18.09 -8.83
N MET C 431 -34.43 -16.76 -8.85
CA MET C 431 -33.34 -16.07 -9.52
C MET C 431 -32.01 -16.27 -8.80
N GLY C 432 -32.02 -16.81 -7.58
CA GLY C 432 -30.79 -17.15 -6.91
C GLY C 432 -30.34 -16.16 -5.86
N PHE C 433 -31.28 -15.64 -5.08
CA PHE C 433 -30.87 -14.72 -4.05
C PHE C 433 -31.02 -15.35 -2.67
N PRO C 434 -30.06 -15.14 -1.77
CA PRO C 434 -30.23 -15.59 -0.39
C PRO C 434 -31.44 -14.92 0.24
N THR C 435 -32.12 -15.68 1.12
CA THR C 435 -33.41 -15.22 1.64
C THR C 435 -33.26 -13.93 2.45
N GLU C 436 -32.21 -13.83 3.26
CA GLU C 436 -32.02 -12.61 4.04
C GLU C 436 -31.63 -11.41 3.19
N PHE C 437 -31.30 -11.62 1.93
CA PHE C 437 -31.10 -10.53 0.99
C PHE C 437 -32.40 -10.08 0.34
N PHE C 438 -33.52 -10.73 0.66
CA PHE C 438 -34.80 -10.32 0.12
C PHE C 438 -35.18 -8.88 0.42
N PRO C 439 -34.94 -8.33 1.61
CA PRO C 439 -35.34 -6.92 1.85
C PRO C 439 -34.69 -5.94 0.90
N VAL C 440 -33.49 -6.23 0.39
CA VAL C 440 -32.85 -5.31 -0.55
C VAL C 440 -33.76 -5.04 -1.73
N LEU C 441 -34.34 -6.10 -2.28
CA LEU C 441 -35.20 -5.94 -3.45
C LEU C 441 -36.56 -5.36 -3.10
N PHE C 442 -36.82 -5.07 -1.82
CA PHE C 442 -37.98 -4.28 -1.41
C PHE C 442 -37.59 -2.87 -1.02
N ALA C 443 -36.32 -2.48 -1.23
CA ALA C 443 -35.84 -1.16 -0.88
C ALA C 443 -35.23 -0.41 -2.03
N ILE C 444 -34.67 -1.09 -3.02
CA ILE C 444 -34.09 -0.43 -4.18
C ILE C 444 -35.17 0.36 -4.90
N PRO C 445 -36.34 -0.22 -5.22
CA PRO C 445 -37.33 0.57 -5.96
C PRO C 445 -38.06 1.59 -5.10
N ARG C 446 -38.18 1.35 -3.78
CA ARG C 446 -38.88 2.33 -2.95
C ARG C 446 -38.16 3.66 -2.91
N MET C 447 -36.89 3.71 -3.32
CA MET C 447 -36.22 4.99 -3.52
C MET C 447 -37.05 5.88 -4.43
N ALA C 448 -37.44 5.35 -5.59
CA ALA C 448 -38.17 6.13 -6.57
C ALA C 448 -39.56 6.50 -6.06
N GLY C 449 -39.89 6.05 -4.86
CA GLY C 449 -41.06 6.57 -4.19
C GLY C 449 -40.71 7.70 -3.26
N TYR C 450 -39.77 7.44 -2.34
CA TYR C 450 -39.53 8.37 -1.23
C TYR C 450 -39.14 9.73 -1.75
N LEU C 451 -38.16 9.77 -2.65
CA LEU C 451 -37.70 11.04 -3.21
C LEU C 451 -38.88 11.85 -3.73
N ALA C 452 -39.84 11.18 -4.38
CA ALA C 452 -41.03 11.87 -4.85
C ALA C 452 -41.63 12.73 -3.75
N HIS C 453 -41.99 12.10 -2.62
CA HIS C 453 -42.50 12.86 -1.49
C HIS C 453 -41.54 13.98 -1.12
N TRP C 454 -40.26 13.63 -0.96
CA TRP C 454 -39.27 14.64 -0.65
C TRP C 454 -39.27 15.73 -1.69
N ARG C 455 -39.30 15.36 -2.97
CA ARG C 455 -39.20 16.37 -4.01
C ARG C 455 -40.44 17.26 -4.07
N GLU C 456 -41.53 16.88 -3.44
CA GLU C 456 -42.68 17.77 -3.34
C GLU C 456 -42.89 18.31 -1.93
N SER C 457 -42.06 17.90 -0.97
CA SER C 457 -42.15 18.48 0.36
C SER C 457 -41.74 19.94 0.34
N LEU C 458 -40.70 20.27 -0.43
CA LEU C 458 -40.22 21.65 -0.49
C LEU C 458 -41.21 22.56 -1.23
N ASP C 459 -41.89 22.04 -2.25
CA ASP C 459 -42.75 22.84 -3.10
C ASP C 459 -44.16 23.00 -2.54
N ASP C 460 -44.35 22.77 -1.24
CA ASP C 460 -45.65 22.97 -0.62
C ASP C 460 -45.55 24.08 0.42
N PRO C 461 -46.24 25.21 0.23
CA PRO C 461 -46.22 26.26 1.26
C PRO C 461 -47.01 25.91 2.50
N ASP C 462 -47.93 24.93 2.41
CA ASP C 462 -48.78 24.62 3.55
C ASP C 462 -47.98 24.08 4.72
N THR C 463 -46.99 23.22 4.45
CA THR C 463 -46.25 22.58 5.51
C THR C 463 -45.43 23.58 6.31
N LYS C 464 -45.43 23.40 7.62
CA LYS C 464 -44.53 24.10 8.52
C LYS C 464 -43.82 23.05 9.36
N ILE C 465 -43.00 23.51 10.31
CA ILE C 465 -42.39 22.59 11.25
C ILE C 465 -43.47 22.04 12.17
N MET C 466 -43.47 20.73 12.35
CA MET C 466 -44.52 20.06 13.10
C MET C 466 -44.10 19.89 14.56
N ARG C 467 -45.01 20.23 15.46
CA ARG C 467 -44.76 20.15 16.90
C ARG C 467 -46.06 19.79 17.61
N PRO C 468 -46.42 18.51 17.59
CA PRO C 468 -47.66 18.07 18.23
C PRO C 468 -47.53 18.06 19.75
N GLN C 469 -48.70 17.99 20.40
CA GLN C 469 -48.79 18.02 21.85
C GLN C 469 -48.85 16.59 22.40
N GLN C 470 -49.08 16.47 23.70
CA GLN C 470 -49.18 15.18 24.36
C GLN C 470 -50.21 15.27 25.48
N VAL C 471 -50.75 14.12 25.86
CA VAL C 471 -51.72 14.02 26.95
C VAL C 471 -50.95 13.59 28.19
N TYR C 472 -50.74 14.53 29.11
CA TYR C 472 -49.97 14.25 30.32
C TYR C 472 -50.87 13.57 31.34
N THR C 473 -50.76 12.25 31.44
CA THR C 473 -51.54 11.47 32.38
C THR C 473 -50.79 11.23 33.69
N GLY C 474 -49.62 11.84 33.86
CA GLY C 474 -48.75 11.53 34.98
C GLY C 474 -49.12 12.28 36.25
N VAL C 475 -48.28 12.06 37.27
CA VAL C 475 -48.45 12.75 38.51
C VAL C 475 -48.15 14.22 38.35
N TRP C 476 -49.11 15.06 38.67
CA TRP C 476 -48.89 16.49 38.59
C TRP C 476 -47.87 16.95 39.57
N LEU C 477 -48.03 18.17 40.03
CA LEU C 477 -47.04 18.71 40.90
C LEU C 477 -46.61 17.66 41.89
N ARG C 478 -45.32 17.56 42.12
CA ARG C 478 -44.81 16.62 43.10
C ARG C 478 -43.75 17.40 43.81
N HIS C 479 -42.65 16.76 44.16
CA HIS C 479 -41.59 17.49 44.79
C HIS C 479 -40.36 16.66 44.91
N TYR C 480 -39.28 17.30 45.30
CA TYR C 480 -38.03 16.60 45.40
C TYR C 480 -37.76 16.08 46.78
N THR C 481 -36.82 15.16 46.88
CA THR C 481 -36.48 14.56 48.16
C THR C 481 -35.00 14.23 48.18
N PRO C 482 -34.18 14.95 48.95
CA PRO C 482 -32.73 14.66 48.98
C PRO C 482 -32.43 13.22 49.36
N LEU C 483 -31.83 12.49 48.43
CA LEU C 483 -31.57 11.07 48.65
C LEU C 483 -30.59 10.85 49.80
N GLN C 484 -29.53 11.66 49.86
CA GLN C 484 -28.46 11.41 50.82
C GLN C 484 -28.93 11.48 52.26
N GLU C 485 -30.07 12.13 52.51
CA GLU C 485 -30.70 12.07 53.82
C GLU C 485 -31.91 11.16 53.85
N ARG C 486 -32.51 10.87 52.69
CA ARG C 486 -33.68 10.00 52.65
C ARG C 486 -33.25 8.54 52.68
N THR C 487 -33.97 7.74 53.46
CA THR C 487 -33.71 6.30 53.58
C THR C 487 -35.01 5.55 53.29
N VAL C 488 -35.18 5.13 52.04
CA VAL C 488 -36.33 4.31 51.67
C VAL C 488 -35.97 3.50 50.43
N SER C 489 -36.71 2.40 50.24
CA SER C 489 -36.52 1.52 49.10
C SER C 489 -37.89 1.07 48.61
N ASN C 490 -37.89 0.13 47.67
CA ASN C 490 -39.08 -0.44 47.05
C ASN C 490 -39.95 0.60 46.35
N ASP C 491 -39.45 1.83 46.18
CA ASP C 491 -40.16 2.87 45.47
C ASP C 491 -39.72 2.95 44.01
N GLU C 492 -38.41 2.85 43.77
CA GLU C 492 -37.87 2.82 42.42
C GLU C 492 -37.77 1.39 41.94
N ASP C 493 -38.26 1.13 40.72
CA ASP C 493 -38.30 -0.22 40.20
C ASP C 493 -36.90 -0.82 40.12
N LYS C 494 -36.79 -2.10 40.47
CA LYS C 494 -35.51 -2.77 40.46
C LYS C 494 -34.95 -2.88 39.05
N LEU C 495 -33.63 -2.76 38.93
CA LEU C 495 -32.93 -2.83 37.64
C LEU C 495 -31.81 -3.85 37.78
N GLY C 496 -32.13 -5.11 37.48
CA GLY C 496 -31.14 -6.17 37.54
C GLY C 496 -30.06 -5.93 36.48
N GLN C 497 -28.88 -5.53 36.93
CA GLN C 497 -27.80 -5.22 36.00
C GLN C 497 -27.31 -6.46 35.29
N VAL C 498 -26.94 -6.32 34.02
CA VAL C 498 -26.41 -7.42 33.24
C VAL C 498 -24.93 -7.62 33.58
N ALA C 499 -24.33 -8.63 32.96
CA ALA C 499 -22.91 -8.92 33.13
C ALA C 499 -22.35 -9.34 31.78
N VAL C 500 -21.14 -8.85 31.48
CA VAL C 500 -20.53 -9.13 30.18
C VAL C 500 -20.22 -10.62 30.00
N SER C 501 -20.01 -11.34 31.09
CA SER C 501 -19.68 -12.76 31.15
C SER C 501 -18.31 -13.07 30.55
N ASN C 502 -17.58 -12.04 30.20
CA ASN C 502 -16.33 -12.29 29.58
C ASN C 502 -15.28 -11.75 30.45
N ALA C 503 -15.09 -10.44 30.38
CA ALA C 503 -14.06 -9.81 31.16
C ALA C 503 -14.33 -10.19 32.56
N THR C 504 -15.48 -10.82 32.82
CA THR C 504 -15.76 -11.35 34.12
C THR C 504 -14.67 -12.38 34.34
N ARG C 505 -13.41 -11.97 34.33
CA ARG C 505 -12.28 -12.84 34.53
C ARG C 505 -11.15 -11.93 34.20
N ARG C 506 -11.25 -11.30 33.04
CA ARG C 506 -10.23 -10.35 32.66
C ARG C 506 -10.24 -9.35 33.74
N ARG C 507 -11.38 -8.70 33.89
CA ARG C 507 -11.52 -7.72 34.93
C ARG C 507 -10.90 -8.26 36.18
N LEU C 508 -11.23 -9.51 36.50
CA LEU C 508 -10.72 -10.09 37.72
C LEU C 508 -9.22 -10.25 37.63
N ALA C 509 -8.52 -9.15 37.39
CA ALA C 509 -7.07 -9.17 37.32
C ALA C 509 -6.51 -7.76 37.35
N GLY C 510 -5.23 -7.61 37.66
CA GLY C 510 -4.58 -6.31 37.73
C GLY C 510 -4.74 -5.54 36.42
N LYS D 70 -68.26 15.13 23.75
CA LYS D 70 -67.45 14.13 24.42
C LYS D 70 -66.42 14.79 25.33
N ILE D 71 -66.45 14.43 26.61
CA ILE D 71 -65.57 14.99 27.62
C ILE D 71 -64.98 13.87 28.45
N SER D 72 -63.67 13.95 28.72
CA SER D 72 -62.99 13.02 29.60
C SER D 72 -62.14 13.76 30.62
N ASP D 73 -62.55 14.99 30.96
CA ASP D 73 -61.76 15.93 31.77
C ASP D 73 -60.40 16.21 31.14
N GLU D 74 -60.23 15.86 29.87
CA GLU D 74 -59.01 16.11 29.12
C GLU D 74 -59.24 16.75 27.77
N GLY D 75 -60.45 16.68 27.21
CA GLY D 75 -60.74 17.22 25.90
C GLY D 75 -60.29 16.36 24.74
N THR D 76 -59.76 15.18 25.00
CA THR D 76 -59.26 14.30 23.94
C THR D 76 -60.44 13.67 23.22
N VAL D 77 -60.88 14.29 22.13
CA VAL D 77 -61.97 13.74 21.34
C VAL D 77 -61.48 12.50 20.60
N ARG D 78 -62.26 11.43 20.67
CA ARG D 78 -61.92 10.21 19.95
C ARG D 78 -61.86 10.47 18.46
N ALA D 79 -60.89 9.84 17.79
CA ALA D 79 -60.74 10.02 16.36
C ALA D 79 -61.98 9.54 15.61
N THR D 80 -62.57 8.43 16.06
CA THR D 80 -63.75 7.88 15.41
C THR D 80 -64.98 8.77 15.54
N ASP D 81 -64.93 9.79 16.40
CA ASP D 81 -66.07 10.70 16.53
C ASP D 81 -66.32 11.49 15.25
N PHE D 82 -65.32 11.61 14.37
CA PHE D 82 -65.57 12.12 13.03
C PHE D 82 -65.67 11.01 12.00
N LYS D 83 -65.39 9.76 12.39
CA LYS D 83 -65.85 8.62 11.61
C LYS D 83 -67.35 8.36 11.83
N LYS D 84 -67.90 8.83 12.94
CA LYS D 84 -69.33 8.65 13.20
C LYS D 84 -70.19 9.52 12.29
N ILE D 85 -69.62 10.55 11.68
CA ILE D 85 -70.33 11.38 10.72
C ILE D 85 -69.94 10.95 9.30
N THR D 86 -70.95 10.62 8.50
CA THR D 86 -70.73 10.16 7.14
C THR D 86 -71.73 10.84 6.21
N THR D 87 -71.25 11.26 5.05
CA THR D 87 -72.08 11.86 4.01
C THR D 87 -72.20 10.84 2.88
N GLY D 88 -73.15 9.93 3.02
CA GLY D 88 -73.37 8.88 2.04
C GLY D 88 -72.15 7.97 1.92
N LYS D 89 -72.06 7.33 0.75
CA LYS D 89 -70.92 6.48 0.43
C LYS D 89 -69.70 7.28 0.04
N ASN D 90 -69.84 8.59 -0.19
CA ASN D 90 -68.68 9.43 -0.49
C ASN D 90 -67.73 9.50 0.69
N ASP D 91 -68.26 9.64 1.90
CA ASP D 91 -67.47 9.83 3.10
C ASP D 91 -67.27 8.49 3.81
N LYS D 92 -66.02 8.17 4.11
CA LYS D 92 -65.68 7.04 4.97
C LYS D 92 -65.42 7.50 6.41
N GLY D 93 -66.13 8.53 6.85
CA GLY D 93 -65.81 9.21 8.09
C GLY D 93 -64.88 10.37 7.83
N LEU D 94 -65.25 11.56 8.31
CA LEU D 94 -64.54 12.77 7.94
C LEU D 94 -63.09 12.72 8.40
N LYS D 95 -62.19 13.10 7.51
CA LYS D 95 -60.76 13.12 7.80
C LYS D 95 -60.38 14.41 8.51
N LEU D 96 -59.22 14.39 9.15
CA LEU D 96 -58.70 15.53 9.88
C LEU D 96 -57.47 16.07 9.16
N TYR D 97 -57.46 17.37 8.92
CA TYR D 97 -56.36 18.03 8.21
C TYR D 97 -55.61 18.91 9.19
N ASP D 98 -54.35 18.55 9.45
CA ASP D 98 -53.48 19.33 10.32
C ASP D 98 -52.03 19.00 9.98
N PRO D 99 -51.39 19.80 9.10
CA PRO D 99 -50.04 19.43 8.64
C PRO D 99 -49.03 19.31 9.76
N GLY D 100 -49.03 20.25 10.69
CA GLY D 100 -48.09 20.22 11.80
C GLY D 100 -48.55 19.44 13.01
N TYR D 101 -49.74 18.84 12.96
CA TYR D 101 -50.34 18.12 14.08
C TYR D 101 -50.50 19.02 15.30
N LEU D 102 -50.64 20.33 15.07
CA LEU D 102 -50.73 21.28 16.18
C LEU D 102 -52.01 21.14 16.99
N ASN D 103 -53.09 20.68 16.38
CA ASN D 103 -54.35 20.48 17.07
C ASN D 103 -54.46 19.06 17.64
N THR D 104 -53.38 18.29 17.58
CA THR D 104 -53.42 16.89 17.94
C THR D 104 -52.38 16.60 19.01
N ALA D 105 -52.80 15.86 20.04
CA ALA D 105 -51.92 15.24 21.02
C ALA D 105 -52.01 13.73 20.78
N PRO D 106 -51.20 13.18 19.87
CA PRO D 106 -51.48 11.80 19.39
C PRO D 106 -51.39 10.72 20.47
N VAL D 107 -50.27 10.65 21.18
CA VAL D 107 -50.03 9.57 22.14
C VAL D 107 -49.91 10.17 23.54
N ARG D 108 -50.60 9.56 24.50
CA ARG D 108 -50.55 10.02 25.87
C ARG D 108 -49.19 9.71 26.48
N SER D 109 -48.89 10.38 27.59
CA SER D 109 -47.61 10.18 28.26
C SER D 109 -47.79 10.52 29.74
N SER D 110 -46.71 10.30 30.51
CA SER D 110 -46.75 10.53 31.95
C SER D 110 -45.45 11.11 32.50
N ILE D 111 -44.48 11.45 31.66
CA ILE D 111 -43.11 11.64 32.13
C ILE D 111 -42.77 13.10 32.37
N CYS D 112 -43.03 13.99 31.42
CA CYS D 112 -42.55 15.36 31.52
C CYS D 112 -43.62 16.34 31.11
N TYR D 113 -43.84 17.35 31.95
CA TYR D 113 -44.81 18.41 31.68
C TYR D 113 -44.09 19.72 31.46
N ILE D 114 -44.34 20.36 30.32
CA ILE D 114 -43.78 21.66 30.00
C ILE D 114 -44.90 22.69 30.01
N ASP D 115 -44.66 23.80 30.71
CA ASP D 115 -45.62 24.91 30.76
C ASP D 115 -44.90 26.15 30.25
N GLY D 116 -44.91 26.33 28.93
CA GLY D 116 -44.32 27.52 28.34
C GLY D 116 -45.06 28.79 28.67
N ASP D 117 -46.36 28.69 28.94
CA ASP D 117 -47.13 29.84 29.39
C ASP D 117 -46.94 30.13 30.87
N GLU D 118 -46.23 29.25 31.59
CA GLU D 118 -45.92 29.46 33.00
C GLU D 118 -44.44 29.31 33.31
N GLY D 119 -43.61 29.00 32.31
CA GLY D 119 -42.20 28.78 32.56
C GLY D 119 -41.89 27.61 33.46
N ILE D 120 -42.84 26.70 33.64
CA ILE D 120 -42.72 25.60 34.59
C ILE D 120 -42.32 24.34 33.82
N LEU D 121 -41.18 23.77 34.20
CA LEU D 121 -40.68 22.53 33.63
C LEU D 121 -40.58 21.48 34.73
N ARG D 122 -41.21 20.33 34.51
CA ARG D 122 -41.24 19.28 35.52
C ARG D 122 -41.06 17.92 34.85
N TYR D 123 -40.04 17.18 35.30
CA TYR D 123 -39.88 15.79 34.92
C TYR D 123 -40.53 14.92 35.97
N ARG D 124 -41.51 14.13 35.58
CA ARG D 124 -42.13 13.22 36.51
C ARG D 124 -42.34 13.99 37.80
N GLY D 125 -43.07 15.08 37.70
CA GLY D 125 -43.37 15.85 38.87
C GLY D 125 -42.13 16.37 39.51
N TYR D 126 -41.48 17.31 38.86
CA TYR D 126 -40.32 17.89 39.50
C TYR D 126 -39.90 19.29 39.05
N PRO D 127 -39.82 20.22 39.98
CA PRO D 127 -39.31 21.55 39.66
C PRO D 127 -37.97 21.49 38.99
N ILE D 128 -37.89 21.80 37.69
CA ILE D 128 -36.60 21.63 37.03
C ILE D 128 -35.48 22.31 37.80
N GLU D 129 -35.76 23.46 38.41
CA GLU D 129 -34.72 24.23 39.07
C GLU D 129 -34.11 23.45 40.23
N GLU D 130 -34.94 22.74 40.94
CA GLU D 130 -34.41 22.02 42.03
C GLU D 130 -33.54 20.94 41.46
N LEU D 131 -34.09 20.18 40.54
CA LEU D 131 -33.36 19.06 39.95
C LEU D 131 -31.97 19.49 39.51
N ALA D 132 -31.89 20.65 38.86
CA ALA D 132 -30.58 21.17 38.45
C ALA D 132 -29.72 21.52 39.65
N GLU D 133 -30.32 22.11 40.69
CA GLU D 133 -29.54 22.62 41.81
C GLU D 133 -29.14 21.54 42.81
N SER D 134 -29.73 20.36 42.76
CA SER D 134 -29.45 19.36 43.79
C SER D 134 -28.90 18.05 43.26
N SER D 135 -29.46 17.51 42.18
CA SER D 135 -29.14 16.16 41.77
C SER D 135 -28.01 16.14 40.73
N SER D 136 -27.78 14.98 40.12
CA SER D 136 -26.81 14.80 39.06
C SER D 136 -27.49 14.09 37.90
N TYR D 137 -26.82 14.10 36.74
CA TYR D 137 -27.49 13.67 35.51
C TYR D 137 -27.96 12.23 35.54
N PRO D 138 -27.15 11.24 35.92
CA PRO D 138 -27.65 9.85 35.88
C PRO D 138 -28.89 9.64 36.74
N GLU D 139 -28.99 10.35 37.87
CA GLU D 139 -30.19 10.26 38.68
C GLU D 139 -31.41 10.75 37.91
N VAL D 140 -31.25 11.83 37.16
CA VAL D 140 -32.36 12.34 36.37
C VAL D 140 -32.72 11.37 35.26
N ALA D 141 -31.71 10.73 34.66
CA ALA D 141 -32.00 9.73 33.63
C ALA D 141 -32.80 8.56 34.21
N TYR D 142 -32.40 8.09 35.39
CA TYR D 142 -33.14 7.01 36.03
C TYR D 142 -34.56 7.47 36.37
N LEU D 143 -34.70 8.71 36.82
CA LEU D 143 -36.03 9.24 37.13
C LEU D 143 -36.89 9.26 35.87
N LEU D 144 -36.30 9.61 34.74
CA LEU D 144 -37.04 9.57 33.47
C LEU D 144 -37.49 8.16 33.16
N MET D 145 -36.58 7.20 33.26
CA MET D 145 -36.91 5.84 32.81
C MET D 145 -37.89 5.14 33.74
N TYR D 146 -37.70 5.26 35.05
CA TYR D 146 -38.35 4.37 35.99
C TYR D 146 -39.51 5.00 36.75
N GLY D 147 -39.67 6.31 36.70
CA GLY D 147 -40.82 6.89 37.36
C GLY D 147 -40.56 7.50 38.71
N ASN D 148 -39.45 7.20 39.31
CA ASN D 148 -39.08 7.83 40.57
C ASN D 148 -37.58 7.67 40.79
N LEU D 149 -37.01 8.60 41.53
CA LEU D 149 -35.58 8.63 41.73
C LEU D 149 -35.13 7.39 42.51
N PRO D 150 -33.90 6.92 42.26
CA PRO D 150 -33.47 5.64 42.84
C PRO D 150 -33.09 5.74 44.31
N SER D 151 -32.54 4.66 44.86
CA SER D 151 -31.89 4.69 46.15
C SER D 151 -30.38 4.74 45.97
N LYS D 152 -29.67 4.93 47.09
CA LYS D 152 -28.21 5.06 47.02
C LYS D 152 -27.59 3.79 46.45
N SER D 153 -28.05 2.62 46.88
CA SER D 153 -27.61 1.38 46.26
C SER D 153 -28.04 1.32 44.79
N GLN D 154 -29.27 1.73 44.51
CA GLN D 154 -29.73 1.75 43.13
C GLN D 154 -28.91 2.73 42.29
N LEU D 155 -28.60 3.90 42.84
CA LEU D 155 -27.80 4.87 42.12
C LEU D 155 -26.40 4.33 41.85
N ALA D 156 -25.80 3.69 42.85
CA ALA D 156 -24.47 3.11 42.64
C ALA D 156 -24.51 2.05 41.56
N ASP D 157 -25.54 1.19 41.59
CA ASP D 157 -25.67 0.16 40.57
C ASP D 157 -25.83 0.78 39.18
N TRP D 158 -26.67 1.80 39.08
CA TRP D 158 -26.91 2.45 37.81
C TRP D 158 -25.64 3.06 37.23
N GLU D 159 -24.95 3.87 38.03
CA GLU D 159 -23.74 4.53 37.54
C GLU D 159 -22.66 3.52 37.19
N PHE D 160 -22.49 2.49 38.03
CA PHE D 160 -21.45 1.51 37.74
C PHE D 160 -21.78 0.71 36.49
N ALA D 161 -23.06 0.34 36.32
CA ALA D 161 -23.45 -0.38 35.12
C ALA D 161 -23.22 0.47 33.87
N ILE D 162 -23.54 1.76 33.95
CA ILE D 162 -23.30 2.65 32.82
C ILE D 162 -21.81 2.71 32.50
N SER D 163 -20.99 2.91 33.54
CA SER D 163 -19.55 3.03 33.31
C SER D 163 -18.92 1.70 32.87
N GLN D 164 -19.56 0.58 33.15
CA GLN D 164 -19.00 -0.71 32.78
C GLN D 164 -19.13 -0.97 31.28
N HIS D 165 -20.25 -0.57 30.69
CA HIS D 165 -20.47 -0.73 29.26
C HIS D 165 -19.89 0.41 28.46
N SER D 166 -19.22 1.36 29.12
CA SER D 166 -18.66 2.52 28.43
C SER D 166 -17.61 2.16 27.39
N ALA D 167 -17.20 0.90 27.31
CA ALA D 167 -16.25 0.49 26.29
C ALA D 167 -16.86 0.61 24.91
N VAL D 168 -16.06 1.11 23.97
CA VAL D 168 -16.50 1.28 22.59
C VAL D 168 -15.87 0.20 21.73
N PRO D 169 -16.60 -0.39 20.78
CA PRO D 169 -16.00 -1.37 19.88
C PRO D 169 -14.86 -0.78 19.07
N GLN D 170 -14.12 -1.66 18.40
CA GLN D 170 -12.99 -1.24 17.58
C GLN D 170 -13.34 -1.12 16.10
N GLY D 171 -14.26 -1.93 15.60
CA GLY D 171 -14.70 -1.76 14.23
C GLY D 171 -15.35 -0.42 13.97
N VAL D 172 -16.15 0.06 14.93
CA VAL D 172 -16.76 1.38 14.78
C VAL D 172 -15.70 2.46 14.75
N LEU D 173 -14.69 2.37 15.61
CA LEU D 173 -13.62 3.34 15.60
C LEU D 173 -12.86 3.32 14.27
N ASP D 174 -12.62 2.11 13.75
CA ASP D 174 -11.99 2.00 12.44
C ASP D 174 -12.82 2.69 11.36
N ILE D 175 -14.14 2.46 11.39
CA ILE D 175 -15.02 3.12 10.42
C ILE D 175 -14.97 4.63 10.59
N ILE D 176 -14.86 5.10 11.83
CA ILE D 176 -14.72 6.53 12.07
C ILE D 176 -13.45 7.05 11.42
N GLN D 177 -12.35 6.33 11.57
CA GLN D 177 -11.13 6.75 10.91
C GLN D 177 -11.14 6.45 9.41
N GLY D 178 -12.12 5.69 8.93
CA GLY D 178 -12.32 5.54 7.51
C GLY D 178 -13.00 6.72 6.85
N MET D 179 -13.62 7.60 7.63
CA MET D 179 -14.19 8.83 7.12
C MET D 179 -13.08 9.76 6.65
N PRO D 180 -13.40 10.72 5.78
CA PRO D 180 -12.46 11.79 5.46
C PRO D 180 -12.43 12.83 6.57
N HIS D 181 -11.38 13.65 6.54
CA HIS D 181 -11.21 14.64 7.59
C HIS D 181 -12.24 15.76 7.50
N ASP D 182 -12.67 16.10 6.29
CA ASP D 182 -13.58 17.24 6.10
C ASP D 182 -15.00 16.93 6.54
N ALA D 183 -15.30 15.70 6.90
CA ALA D 183 -16.67 15.30 7.25
C ALA D 183 -17.20 16.11 8.42
N HIS D 184 -18.47 16.48 8.33
CA HIS D 184 -19.13 17.16 9.42
C HIS D 184 -19.31 16.17 10.59
N PRO D 185 -19.09 16.61 11.83
CA PRO D 185 -19.07 15.66 12.95
C PRO D 185 -20.33 14.81 13.09
N MET D 186 -21.51 15.40 12.91
CA MET D 186 -22.73 14.63 13.16
C MET D 186 -22.91 13.53 12.11
N GLY D 187 -22.36 13.73 10.92
CA GLY D 187 -22.32 12.63 9.97
C GLY D 187 -21.54 11.45 10.51
N VAL D 188 -20.39 11.71 11.13
CA VAL D 188 -19.62 10.66 11.77
C VAL D 188 -20.44 10.00 12.87
N LEU D 189 -21.13 10.83 13.66
CA LEU D 189 -21.95 10.28 14.73
C LEU D 189 -23.02 9.34 14.20
N VAL D 190 -23.69 9.74 13.12
CA VAL D 190 -24.78 8.94 12.58
C VAL D 190 -24.24 7.65 11.96
N CYS D 191 -23.12 7.73 11.25
CA CYS D 191 -22.51 6.52 10.71
C CYS D 191 -22.11 5.56 11.82
N ALA D 192 -21.57 6.10 12.90
CA ALA D 192 -21.22 5.28 14.05
C ALA D 192 -22.46 4.62 14.64
N MET D 193 -23.57 5.36 14.71
CA MET D 193 -24.80 4.78 15.25
C MET D 193 -25.29 3.64 14.37
N SER D 194 -25.25 3.84 13.05
CA SER D 194 -25.58 2.76 12.14
C SER D 194 -24.69 1.55 12.38
N ALA D 195 -23.39 1.77 12.60
CA ALA D 195 -22.49 0.67 12.86
C ALA D 195 -22.85 -0.07 14.14
N LEU D 196 -23.12 0.68 15.22
CA LEU D 196 -23.58 0.06 16.45
C LEU D 196 -24.82 -0.78 16.21
N SER D 197 -25.69 -0.35 15.29
CA SER D 197 -26.86 -1.15 14.98
C SER D 197 -26.48 -2.50 14.39
N VAL D 198 -25.24 -2.66 13.95
CA VAL D 198 -24.76 -3.90 13.37
C VAL D 198 -23.96 -4.72 14.36
N PHE D 199 -23.02 -4.08 15.07
CA PHE D 199 -22.08 -4.83 15.91
C PHE D 199 -22.73 -5.50 17.11
N HIS D 200 -24.05 -5.40 17.24
CA HIS D 200 -24.77 -6.13 18.29
C HIS D 200 -25.92 -6.88 17.65
N PRO D 201 -25.62 -7.92 16.88
CA PRO D 201 -26.69 -8.72 16.26
C PRO D 201 -27.59 -9.38 17.28
N ASP D 202 -27.07 -9.71 18.46
CA ASP D 202 -27.90 -10.26 19.53
C ASP D 202 -29.07 -9.36 19.88
N ALA D 203 -29.01 -8.09 19.50
CA ALA D 203 -30.11 -7.17 19.72
C ALA D 203 -31.00 -6.99 18.50
N ASN D 204 -30.59 -7.51 17.35
CA ASN D 204 -31.38 -7.39 16.14
C ASN D 204 -32.67 -8.20 16.30
N PRO D 205 -33.85 -7.58 16.22
CA PRO D 205 -35.09 -8.35 16.31
C PRO D 205 -35.51 -8.97 14.98
N ALA D 206 -35.08 -8.43 13.86
CA ALA D 206 -35.46 -8.97 12.56
C ALA D 206 -34.81 -10.32 12.28
N LEU D 207 -33.78 -10.69 13.02
CA LEU D 207 -33.15 -12.00 12.89
C LEU D 207 -33.55 -12.98 13.97
N ARG D 208 -34.25 -12.53 15.01
CA ARG D 208 -34.70 -13.40 16.09
C ARG D 208 -36.20 -13.30 16.34
N GLY D 209 -36.95 -12.68 15.44
CA GLY D 209 -38.39 -12.57 15.57
C GLY D 209 -38.80 -11.33 16.35
N GLN D 210 -40.09 -11.01 16.23
CA GLN D 210 -40.64 -9.83 16.88
C GLN D 210 -41.00 -10.12 18.34
N ASP D 211 -40.09 -10.76 19.07
CA ASP D 211 -40.36 -11.12 20.45
C ASP D 211 -39.18 -10.85 21.39
N LEU D 212 -38.04 -10.36 20.89
CA LEU D 212 -36.84 -10.31 21.69
C LEU D 212 -36.92 -9.30 22.83
N TYR D 213 -37.87 -8.37 22.77
CA TYR D 213 -37.91 -7.26 23.72
C TYR D 213 -38.94 -7.45 24.82
N LYS D 214 -39.48 -8.67 24.97
CA LYS D 214 -40.40 -8.91 26.07
C LYS D 214 -39.71 -8.99 27.42
N SER D 215 -38.39 -9.17 27.42
CA SER D 215 -37.63 -9.27 28.66
C SER D 215 -37.16 -7.90 29.12
N LYS D 216 -37.40 -7.60 30.39
CA LYS D 216 -36.91 -6.34 30.95
C LYS D 216 -35.38 -6.28 30.92
N GLN D 217 -34.73 -7.42 31.14
CA GLN D 217 -33.28 -7.44 31.16
C GLN D 217 -32.70 -7.06 29.79
N LEU D 218 -33.33 -7.53 28.71
CA LEU D 218 -32.86 -7.17 27.38
C LEU D 218 -32.91 -5.66 27.17
N ARG D 219 -34.04 -5.04 27.50
CA ARG D 219 -34.18 -3.60 27.31
C ARG D 219 -33.22 -2.82 28.20
N ASP D 220 -33.01 -3.28 29.43
CA ASP D 220 -32.01 -2.65 30.28
C ASP D 220 -30.63 -2.75 29.66
N LYS D 221 -30.30 -3.90 29.08
CA LYS D 221 -29.02 -4.05 28.41
C LYS D 221 -28.90 -3.05 27.26
N GLN D 222 -29.95 -2.91 26.46
CA GLN D 222 -29.91 -1.98 25.34
C GLN D 222 -29.67 -0.55 25.82
N ILE D 223 -30.44 -0.12 26.83
CA ILE D 223 -30.32 1.27 27.27
C ILE D 223 -28.95 1.52 27.88
N VAL D 224 -28.44 0.61 28.69
CA VAL D 224 -27.13 0.83 29.28
C VAL D 224 -26.08 0.88 28.18
N ARG D 225 -26.18 -0.03 27.20
CA ARG D 225 -25.25 -0.04 26.09
C ARG D 225 -25.23 1.32 25.39
N ILE D 226 -26.40 1.84 25.04
CA ILE D 226 -26.46 3.06 24.25
C ILE D 226 -25.92 4.24 25.05
N LEU D 227 -26.40 4.39 26.29
CA LEU D 227 -25.92 5.48 27.12
C LEU D 227 -24.42 5.41 27.34
N GLY D 228 -23.84 4.22 27.27
CA GLY D 228 -22.40 4.12 27.38
C GLY D 228 -21.69 4.49 26.10
N LYS D 229 -22.17 3.98 24.97
CA LYS D 229 -21.46 4.17 23.71
C LYS D 229 -21.46 5.63 23.28
N VAL D 230 -22.58 6.34 23.45
CA VAL D 230 -22.74 7.64 22.79
C VAL D 230 -21.66 8.64 23.17
N PRO D 231 -21.41 8.94 24.46
CA PRO D 231 -20.38 9.96 24.77
C PRO D 231 -19.00 9.59 24.26
N THR D 232 -18.65 8.30 24.31
CA THR D 232 -17.36 7.88 23.81
C THR D 232 -17.24 8.16 22.33
N ILE D 233 -18.29 7.89 21.56
CA ILE D 233 -18.27 8.17 20.13
C ILE D 233 -18.12 9.66 19.89
N ALA D 234 -18.84 10.48 20.66
CA ALA D 234 -18.73 11.93 20.50
C ALA D 234 -17.30 12.39 20.73
N ALA D 235 -16.68 11.91 21.82
CA ALA D 235 -15.31 12.30 22.11
C ALA D 235 -14.36 11.80 21.03
N ALA D 236 -14.60 10.59 20.51
CA ALA D 236 -13.75 10.06 19.45
C ALA D 236 -13.82 10.91 18.20
N ALA D 237 -15.01 11.36 17.84
CA ALA D 237 -15.15 12.26 16.70
C ALA D 237 -14.43 13.58 16.96
N TYR D 238 -14.58 14.13 18.16
CA TYR D 238 -13.90 15.39 18.47
C TYR D 238 -12.39 15.24 18.34
N LEU D 239 -11.84 14.15 18.87
CA LEU D 239 -10.40 13.94 18.77
C LEU D 239 -9.96 13.59 17.36
N ARG D 240 -10.83 13.00 16.56
CA ARG D 240 -10.54 12.86 15.15
C ARG D 240 -10.42 14.22 14.47
N LEU D 241 -11.23 15.19 14.90
CA LEU D 241 -11.03 16.56 14.44
C LEU D 241 -9.64 17.06 14.81
N ALA D 242 -9.18 16.74 16.02
CA ALA D 242 -7.84 17.12 16.46
C ALA D 242 -6.75 16.20 15.92
N GLY D 243 -7.11 15.20 15.12
CA GLY D 243 -6.15 14.32 14.49
C GLY D 243 -5.64 13.18 15.34
N ARG D 244 -6.05 13.11 16.58
CA ARG D 244 -5.58 12.01 17.41
C ARG D 244 -6.49 10.80 17.27
N PRO D 245 -5.97 9.59 17.51
CA PRO D 245 -6.80 8.39 17.43
C PRO D 245 -7.76 8.31 18.59
N PRO D 246 -8.77 7.43 18.52
CA PRO D 246 -9.70 7.29 19.65
C PRO D 246 -8.97 6.87 20.92
N VAL D 247 -9.44 7.39 22.04
CA VAL D 247 -8.85 7.11 23.35
C VAL D 247 -9.77 6.17 24.12
N LEU D 248 -9.19 5.17 24.75
CA LEU D 248 -9.97 4.19 25.51
C LEU D 248 -10.70 4.89 26.67
N PRO D 249 -11.98 4.60 26.88
CA PRO D 249 -12.71 5.27 27.97
C PRO D 249 -12.16 4.89 29.33
N SER D 250 -12.27 5.82 30.27
CA SER D 250 -11.84 5.57 31.64
C SER D 250 -12.91 4.77 32.37
N ASN D 251 -12.69 4.51 33.66
CA ASN D 251 -13.59 3.64 34.42
C ASN D 251 -14.10 4.26 35.71
N ASN D 252 -13.24 5.00 36.40
CA ASN D 252 -13.53 5.49 37.74
C ASN D 252 -13.93 6.96 37.73
N PHE D 253 -14.65 7.39 36.70
CA PHE D 253 -15.11 8.76 36.59
C PHE D 253 -16.62 8.77 36.35
N SER D 254 -17.31 9.69 37.03
CA SER D 254 -18.74 9.84 36.83
C SER D 254 -19.03 10.39 35.44
N TYR D 255 -20.25 10.14 34.97
CA TYR D 255 -20.64 10.33 33.57
C TYR D 255 -20.12 11.63 32.97
N SER D 256 -20.55 12.76 33.54
CA SER D 256 -20.09 14.06 33.03
C SER D 256 -18.59 14.20 33.17
N GLU D 257 -18.06 13.92 34.36
CA GLU D 257 -16.62 13.95 34.55
C GLU D 257 -15.93 12.95 33.66
N ASN D 258 -16.55 11.79 33.43
CA ASN D 258 -15.97 10.82 32.50
C ASN D 258 -15.77 11.45 31.12
N PHE D 259 -16.84 12.03 30.57
CA PHE D 259 -16.73 12.61 29.24
C PHE D 259 -15.72 13.75 29.23
N LEU D 260 -15.71 14.58 30.28
CA LEU D 260 -14.78 15.70 30.32
C LEU D 260 -13.34 15.21 30.35
N TYR D 261 -13.08 14.12 31.07
CA TYR D 261 -11.71 13.63 31.21
C TYR D 261 -11.26 12.91 29.95
N MET D 262 -11.93 11.81 29.60
CA MET D 262 -11.39 10.95 28.55
C MET D 262 -11.35 11.64 27.20
N LEU D 263 -12.20 12.63 26.98
CA LEU D 263 -12.12 13.42 25.76
C LEU D 263 -10.79 14.17 25.68
N ASP D 264 -10.36 14.75 26.79
CA ASP D 264 -9.17 15.59 26.84
C ASP D 264 -8.04 14.88 27.59
N SER D 265 -7.96 13.56 27.43
CA SER D 265 -7.01 12.76 28.19
C SER D 265 -5.57 12.97 27.75
N LEU D 266 -5.37 13.35 26.48
CA LEU D 266 -4.04 13.51 25.88
C LEU D 266 -3.12 12.32 26.19
N GLY D 267 -3.73 11.14 26.37
CA GLY D 267 -2.96 9.95 26.66
C GLY D 267 -2.21 10.00 27.98
N ASN D 268 -2.82 10.57 29.02
CA ASN D 268 -2.19 10.68 30.32
C ASN D 268 -3.11 10.08 31.39
N ARG D 269 -2.51 9.31 32.30
CA ARG D 269 -3.21 8.76 33.44
C ARG D 269 -3.30 9.74 34.61
N SER D 270 -2.61 10.87 34.53
CA SER D 270 -2.66 11.89 35.56
C SER D 270 -3.55 13.07 35.20
N TYR D 271 -4.26 13.01 34.08
CA TYR D 271 -5.12 14.10 33.68
C TYR D 271 -6.32 14.20 34.61
N LYS D 272 -6.78 15.43 34.83
CA LYS D 272 -7.91 15.67 35.72
C LYS D 272 -8.67 16.92 35.30
N PRO D 273 -9.95 16.80 34.97
CA PRO D 273 -10.76 17.99 34.68
C PRO D 273 -11.15 18.69 35.97
N ASN D 274 -11.52 19.96 35.82
CA ASN D 274 -11.93 20.76 36.97
C ASN D 274 -13.31 20.34 37.44
N THR D 275 -13.48 20.26 38.76
CA THR D 275 -14.78 19.90 39.32
C THR D 275 -15.82 20.96 39.03
N ARG D 276 -15.43 22.23 38.94
CA ARG D 276 -16.39 23.28 38.57
C ARG D 276 -16.91 23.06 37.15
N LEU D 277 -16.00 22.82 36.21
CA LEU D 277 -16.43 22.56 34.84
C LEU D 277 -17.25 21.28 34.76
N ALA D 278 -16.85 20.25 35.50
CA ALA D 278 -17.60 19.00 35.49
C ALA D 278 -19.02 19.22 35.98
N ARG D 279 -19.19 19.92 37.11
CA ARG D 279 -20.52 20.10 37.66
C ARG D 279 -21.36 20.98 36.76
N VAL D 280 -20.77 22.03 36.17
CA VAL D 280 -21.58 22.87 35.31
C VAL D 280 -21.95 22.12 34.02
N LEU D 281 -21.07 21.25 33.54
CA LEU D 281 -21.43 20.44 32.37
C LEU D 281 -22.57 19.49 32.69
N ASP D 282 -22.52 18.86 33.87
CA ASP D 282 -23.63 17.99 34.27
C ASP D 282 -24.92 18.78 34.41
N ILE D 283 -24.84 19.97 35.00
CA ILE D 283 -26.03 20.81 35.14
C ILE D 283 -26.59 21.17 33.77
N LEU D 284 -25.73 21.57 32.84
CA LEU D 284 -26.19 21.89 31.49
C LEU D 284 -26.85 20.67 30.85
N PHE D 285 -26.27 19.49 31.03
CA PHE D 285 -26.91 18.28 30.52
C PHE D 285 -28.30 18.12 31.11
N ILE D 286 -28.47 18.49 32.38
CA ILE D 286 -29.82 18.49 32.97
C ILE D 286 -30.71 19.48 32.23
N LEU D 287 -30.22 20.68 31.98
CA LEU D 287 -31.05 21.74 31.43
C LEU D 287 -31.43 21.52 29.98
N HIS D 288 -30.91 20.48 29.34
CA HIS D 288 -31.34 20.08 28.00
C HIS D 288 -31.69 18.60 27.98
N ALA D 289 -32.29 18.13 29.07
CA ALA D 289 -32.62 16.71 29.17
C ALA D 289 -33.58 16.29 28.07
N GLU D 290 -34.77 16.87 28.05
CA GLU D 290 -35.80 16.45 27.11
C GLU D 290 -36.81 17.56 26.92
N HIS D 291 -36.98 18.01 25.68
CA HIS D 291 -38.06 18.92 25.30
C HIS D 291 -39.15 18.08 24.64
N GLU D 292 -40.40 18.35 25.03
CA GLU D 292 -41.49 17.43 24.72
C GLU D 292 -41.78 17.33 23.24
N MET D 293 -42.78 16.51 22.88
CA MET D 293 -42.95 15.90 21.56
C MET D 293 -42.60 16.86 20.42
N ASN D 294 -41.65 16.45 19.60
CA ASN D 294 -41.22 17.20 18.44
C ASN D 294 -40.96 16.20 17.33
N CYS D 295 -40.26 16.64 16.27
CA CYS D 295 -39.96 15.75 15.16
C CYS D 295 -39.12 14.56 15.62
N SER D 296 -38.11 14.82 16.45
CA SER D 296 -37.20 13.76 16.85
C SER D 296 -37.90 12.70 17.69
N THR D 297 -38.60 13.12 18.73
CA THR D 297 -39.27 12.15 19.61
C THR D 297 -40.39 11.42 18.87
N ALA D 298 -41.12 12.13 18.02
CA ALA D 298 -42.15 11.49 17.22
C ALA D 298 -41.54 10.44 16.29
N ALA D 299 -40.41 10.76 15.68
CA ALA D 299 -39.73 9.78 14.82
C ALA D 299 -39.27 8.58 15.64
N ALA D 300 -38.76 8.82 16.84
CA ALA D 300 -38.33 7.72 17.69
C ALA D 300 -39.50 6.79 18.01
N ARG D 301 -40.64 7.37 18.39
CA ARG D 301 -41.82 6.56 18.68
C ARG D 301 -42.28 5.81 17.44
N HIS D 302 -42.29 6.48 16.29
CA HIS D 302 -42.73 5.85 15.05
C HIS D 302 -41.86 4.64 14.72
N LEU D 303 -40.54 4.80 14.82
CA LEU D 303 -39.64 3.71 14.48
C LEU D 303 -39.71 2.58 15.50
N ALA D 304 -39.85 2.93 16.79
CA ALA D 304 -39.98 1.90 17.81
C ALA D 304 -41.25 1.08 17.60
N SER D 305 -42.34 1.74 17.20
CA SER D 305 -43.59 1.03 16.97
C SER D 305 -43.48 0.03 15.83
N SER D 306 -42.46 0.14 15.00
CA SER D 306 -42.28 -0.76 13.86
C SER D 306 -41.57 -2.05 14.24
N GLY D 307 -41.17 -2.22 15.50
CA GLY D 307 -40.51 -3.45 15.91
C GLY D 307 -39.08 -3.58 15.47
N VAL D 308 -38.46 -2.53 14.97
CA VAL D 308 -37.06 -2.54 14.58
C VAL D 308 -36.21 -2.40 15.83
N ASP D 309 -34.91 -2.66 15.74
CA ASP D 309 -34.06 -2.51 16.90
C ASP D 309 -34.01 -1.05 17.36
N VAL D 310 -33.39 -0.85 18.51
CA VAL D 310 -33.35 0.49 19.09
C VAL D 310 -32.27 1.34 18.43
N PHE D 311 -31.20 0.72 17.93
CA PHE D 311 -30.03 1.49 17.52
C PHE D 311 -30.32 2.31 16.27
N THR D 312 -30.90 1.70 15.23
CA THR D 312 -31.17 2.48 14.03
C THR D 312 -32.26 3.50 14.27
N ALA D 313 -33.19 3.21 15.19
CA ALA D 313 -34.19 4.20 15.56
C ALA D 313 -33.54 5.43 16.15
N LEU D 314 -32.59 5.24 17.06
CA LEU D 314 -31.87 6.38 17.61
C LEU D 314 -31.00 7.06 16.56
N ALA D 315 -30.42 6.29 15.65
CA ALA D 315 -29.65 6.89 14.57
C ALA D 315 -30.51 7.85 13.76
N GLY D 316 -31.66 7.38 13.30
CA GLY D 316 -32.56 8.24 12.54
C GLY D 316 -33.07 9.42 13.35
N ALA D 317 -33.37 9.19 14.62
CA ALA D 317 -33.92 10.26 15.46
C ALA D 317 -32.90 11.36 15.67
N VAL D 318 -31.68 11.00 16.09
CA VAL D 318 -30.64 12.00 16.27
C VAL D 318 -30.26 12.62 14.96
N GLY D 319 -30.51 11.93 13.84
CA GLY D 319 -30.36 12.58 12.55
C GLY D 319 -31.31 13.75 12.39
N ALA D 320 -32.53 13.62 12.90
CA ALA D 320 -33.51 14.69 12.78
C ALA D 320 -33.06 15.95 13.51
N LEU D 321 -32.14 15.83 14.46
CA LEU D 321 -31.63 17.00 15.16
C LEU D 321 -30.57 17.74 14.37
N TYR D 322 -30.08 17.15 13.28
CA TYR D 322 -29.05 17.80 12.47
C TYR D 322 -29.54 19.12 11.87
N GLY D 323 -30.83 19.26 11.64
CA GLY D 323 -31.36 20.40 10.93
C GLY D 323 -31.12 21.70 11.65
N PRO D 324 -30.90 22.77 10.88
CA PRO D 324 -30.70 24.09 11.49
C PRO D 324 -31.96 24.72 12.04
N LEU D 325 -33.03 23.94 12.20
CA LEU D 325 -34.26 24.44 12.78
C LEU D 325 -34.44 24.02 14.24
N HIS D 326 -33.62 23.09 14.73
CA HIS D 326 -33.67 22.66 16.12
C HIS D 326 -32.49 23.11 16.94
N GLY D 327 -31.31 23.26 16.33
CA GLY D 327 -30.14 23.75 17.02
C GLY D 327 -29.49 24.89 16.25
N GLY D 328 -30.27 25.51 15.38
CA GLY D 328 -29.82 26.57 14.50
C GLY D 328 -29.87 27.97 15.07
N ALA D 329 -30.22 28.13 16.35
CA ALA D 329 -30.30 29.47 16.92
C ALA D 329 -28.93 30.01 17.32
N ASN D 330 -28.04 29.14 17.81
CA ASN D 330 -26.83 29.63 18.46
C ASN D 330 -25.80 30.17 17.47
N GLU D 331 -25.76 29.63 16.25
CA GLU D 331 -24.84 30.19 15.27
C GLU D 331 -25.24 31.61 14.91
N ALA D 332 -26.54 31.89 14.91
CA ALA D 332 -27.03 33.23 14.58
C ALA D 332 -26.54 34.25 15.58
N VAL D 333 -26.73 33.99 16.87
CA VAL D 333 -26.23 34.92 17.88
C VAL D 333 -24.72 34.97 17.84
N LEU D 334 -24.07 33.86 17.47
CA LEU D 334 -22.62 33.86 17.45
C LEU D 334 -22.08 34.81 16.39
N LYS D 335 -22.62 34.75 15.17
CA LYS D 335 -22.22 35.74 14.17
C LYS D 335 -22.73 37.14 14.47
N MET D 336 -23.84 37.28 15.20
CA MET D 336 -24.23 38.62 15.63
C MET D 336 -23.14 39.21 16.54
N LEU D 337 -22.66 38.40 17.48
CA LEU D 337 -21.59 38.83 18.37
C LEU D 337 -20.29 39.06 17.61
N ASN D 338 -20.05 38.26 16.56
CA ASN D 338 -18.83 38.44 15.78
C ASN D 338 -18.87 39.76 15.00
N GLU D 339 -19.98 40.02 14.32
CA GLU D 339 -20.08 41.21 13.48
C GLU D 339 -20.28 42.50 14.28
N ILE D 340 -20.76 42.41 15.52
CA ILE D 340 -21.00 43.63 16.28
C ILE D 340 -19.70 44.37 16.55
N GLY D 341 -18.58 43.64 16.61
CA GLY D 341 -17.28 44.26 16.77
C GLY D 341 -16.96 44.71 18.19
N THR D 342 -16.80 46.02 18.37
CA THR D 342 -16.39 46.57 19.65
C THR D 342 -17.57 46.70 20.60
N VAL D 343 -17.27 47.06 21.85
CA VAL D 343 -18.32 47.26 22.85
C VAL D 343 -19.11 48.54 22.65
N GLU D 344 -18.66 49.42 21.75
CA GLU D 344 -19.31 50.70 21.55
C GLU D 344 -20.28 50.71 20.37
N ASN D 345 -20.32 49.64 19.57
CA ASN D 345 -21.27 49.53 18.48
C ASN D 345 -22.62 49.00 18.94
N ILE D 346 -22.90 49.04 20.24
CA ILE D 346 -24.16 48.57 20.81
C ILE D 346 -25.31 49.57 20.60
N PRO D 347 -25.20 50.83 21.06
CA PRO D 347 -26.40 51.69 21.06
C PRO D 347 -26.92 51.99 19.67
N ASP D 348 -26.04 52.30 18.72
CA ASP D 348 -26.49 52.51 17.35
C ASP D 348 -27.18 51.26 16.83
N PHE D 349 -26.65 50.09 17.19
CA PHE D 349 -27.18 48.85 16.63
C PHE D 349 -28.54 48.52 17.23
N ILE D 350 -28.75 48.83 18.51
CA ILE D 350 -30.07 48.61 19.09
C ILE D 350 -31.07 49.61 18.52
N GLU D 351 -30.63 50.84 18.25
CA GLU D 351 -31.51 51.79 17.57
C GLU D 351 -31.90 51.28 16.19
N GLY D 352 -30.94 50.69 15.48
CA GLY D 352 -31.27 50.06 14.20
C GLY D 352 -32.26 48.91 14.36
N VAL D 353 -32.11 48.15 15.45
CA VAL D 353 -33.06 47.06 15.73
C VAL D 353 -34.45 47.62 15.93
N LYS D 354 -34.56 48.75 16.63
CA LYS D 354 -35.87 49.34 16.92
C LYS D 354 -36.60 49.75 15.65
N ASN D 355 -35.90 49.97 14.55
CA ASN D 355 -36.52 50.33 13.28
C ASN D 355 -36.54 49.14 12.32
N ARG D 356 -36.21 47.94 12.82
CA ARG D 356 -36.27 46.68 12.10
C ARG D 356 -35.29 46.59 10.93
N LYS D 357 -34.37 47.55 10.80
CA LYS D 357 -33.36 47.45 9.76
C LYS D 357 -32.31 46.38 10.08
N ARG D 358 -32.13 46.06 11.36
CA ARG D 358 -31.21 45.04 11.80
C ARG D 358 -31.87 44.26 12.93
N LYS D 359 -31.45 43.01 13.13
CA LYS D 359 -32.23 42.07 13.91
C LYS D 359 -31.43 41.47 15.06
N MET D 360 -32.15 41.15 16.13
CA MET D 360 -31.63 40.39 17.28
C MET D 360 -32.15 38.96 17.16
N SER D 361 -31.23 38.03 16.93
CA SER D 361 -31.60 36.63 16.91
C SER D 361 -31.61 36.07 18.33
N GLY D 362 -32.41 35.02 18.52
CA GLY D 362 -32.40 34.26 19.75
C GLY D 362 -32.86 35.00 20.98
N PHE D 363 -33.82 35.91 20.84
CA PHE D 363 -34.50 36.50 21.98
C PHE D 363 -35.97 36.08 21.99
N GLY D 364 -36.63 36.37 23.11
CA GLY D 364 -37.91 35.71 23.33
C GLY D 364 -37.70 34.22 23.42
N HIS D 365 -38.63 33.47 22.81
CA HIS D 365 -38.54 32.03 22.68
C HIS D 365 -39.77 31.58 21.90
N ARG D 366 -39.82 30.30 21.52
CA ARG D 366 -41.02 29.79 20.87
C ARG D 366 -42.18 29.69 21.84
N VAL D 367 -41.94 29.24 23.07
CA VAL D 367 -43.02 29.06 24.04
C VAL D 367 -42.80 29.94 25.26
N TYR D 368 -41.55 30.22 25.59
CA TYR D 368 -41.24 31.01 26.78
C TYR D 368 -41.51 32.48 26.46
N LYS D 369 -42.55 33.03 27.08
CA LYS D 369 -42.91 34.43 26.90
C LYS D 369 -42.92 35.21 28.20
N ASN D 370 -42.81 34.55 29.35
CA ASN D 370 -42.96 35.21 30.64
C ASN D 370 -41.65 35.24 31.42
N TYR D 371 -41.06 34.08 31.69
CA TYR D 371 -39.83 33.99 32.46
C TYR D 371 -39.33 32.56 32.37
N ASP D 372 -38.16 32.31 32.97
CA ASP D 372 -37.56 31.00 32.89
C ASP D 372 -36.54 30.80 34.00
N PRO D 373 -36.70 29.77 34.84
CA PRO D 373 -35.67 29.52 35.87
C PRO D 373 -34.37 29.00 35.29
N ARG D 374 -34.45 28.24 34.20
CA ARG D 374 -33.24 27.81 33.50
C ARG D 374 -32.38 29.00 33.18
N ALA D 375 -33.01 30.13 32.81
CA ALA D 375 -32.26 31.33 32.47
C ALA D 375 -31.39 31.78 33.62
N LYS D 376 -31.98 31.94 34.82
CA LYS D 376 -31.20 32.45 35.94
C LYS D 376 -30.12 31.47 36.37
N VAL D 377 -30.42 30.17 36.38
CA VAL D 377 -29.40 29.24 36.84
C VAL D 377 -28.24 29.19 35.85
N ILE D 378 -28.53 29.18 34.55
CA ILE D 378 -27.43 29.16 33.59
C ILE D 378 -26.70 30.48 33.60
N ARG D 379 -27.37 31.58 33.98
CA ARG D 379 -26.66 32.85 34.10
C ARG D 379 -25.63 32.79 35.22
N LYS D 380 -26.03 32.30 36.40
CA LYS D 380 -25.07 32.16 37.49
C LYS D 380 -23.94 31.22 37.09
N LEU D 381 -24.27 30.12 36.42
CA LEU D 381 -23.26 29.28 35.80
C LEU D 381 -22.33 30.09 34.92
N ALA D 382 -22.88 31.04 34.17
CA ALA D 382 -22.08 31.82 33.25
C ALA D 382 -21.06 32.67 33.99
N GLU D 383 -21.49 33.39 35.03
CA GLU D 383 -20.51 34.22 35.74
C GLU D 383 -19.44 33.35 36.40
N GLU D 384 -19.82 32.22 36.99
CA GLU D 384 -18.77 31.41 37.60
C GLU D 384 -17.83 30.80 36.57
N VAL D 385 -18.34 30.46 35.38
CA VAL D 385 -17.46 30.00 34.31
C VAL D 385 -16.50 31.12 33.90
N PHE D 386 -17.02 32.34 33.73
CA PHE D 386 -16.16 33.46 33.41
C PHE D 386 -15.06 33.62 34.45
N SER D 387 -15.42 33.40 35.72
CA SER D 387 -14.42 33.47 36.79
C SER D 387 -13.37 32.36 36.64
N ILE D 388 -13.79 31.17 36.23
CA ILE D 388 -12.90 30.01 36.34
C ILE D 388 -12.05 29.76 35.10
N VAL D 389 -12.53 30.09 33.90
CA VAL D 389 -11.86 29.66 32.68
C VAL D 389 -11.06 30.77 32.01
N GLY D 390 -11.47 32.02 32.14
CA GLY D 390 -10.86 33.07 31.35
C GLY D 390 -11.77 33.49 30.21
N ARG D 391 -11.65 34.75 29.81
CA ARG D 391 -12.63 35.36 28.93
C ARG D 391 -11.96 36.05 27.75
N ASP D 392 -12.71 36.21 26.68
CA ASP D 392 -12.37 37.02 25.52
C ASP D 392 -13.34 38.20 25.44
N PRO D 393 -12.96 39.30 24.78
CA PRO D 393 -13.78 40.52 24.86
C PRO D 393 -15.22 40.35 24.40
N LEU D 394 -15.50 39.39 23.52
CA LEU D 394 -16.88 39.19 23.05
C LEU D 394 -17.81 38.82 24.20
N ILE D 395 -17.30 38.17 25.24
CA ILE D 395 -18.10 37.89 26.42
C ILE D 395 -18.58 39.19 27.05
N GLU D 396 -17.66 40.14 27.26
CA GLU D 396 -18.05 41.44 27.79
C GLU D 396 -18.96 42.18 26.82
N VAL D 397 -18.78 41.97 25.51
CA VAL D 397 -19.66 42.59 24.53
C VAL D 397 -21.09 42.14 24.74
N ALA D 398 -21.29 40.82 24.83
CA ALA D 398 -22.63 40.28 25.07
C ALA D 398 -23.16 40.71 26.43
N ILE D 399 -22.29 40.75 27.43
CA ILE D 399 -22.71 41.15 28.77
C ILE D 399 -23.26 42.58 28.76
N ALA D 400 -22.52 43.50 28.14
CA ALA D 400 -22.98 44.88 28.05
C ALA D 400 -24.21 44.99 27.18
N LEU D 401 -24.29 44.19 26.12
CA LEU D 401 -25.47 44.19 25.26
C LEU D 401 -26.71 43.86 26.07
N GLU D 402 -26.65 42.80 26.87
CA GLU D 402 -27.79 42.45 27.69
C GLU D 402 -28.03 43.44 28.81
N LYS D 403 -26.97 44.00 29.39
CA LYS D 403 -27.14 45.01 30.43
C LYS D 403 -27.91 46.21 29.90
N ALA D 404 -27.63 46.62 28.67
CA ALA D 404 -28.40 47.68 28.03
C ALA D 404 -29.80 47.21 27.66
N ALA D 405 -29.92 45.95 27.24
CA ALA D 405 -31.23 45.43 26.83
C ALA D 405 -32.21 45.44 27.99
N LEU D 406 -31.80 44.92 29.14
CA LEU D 406 -32.68 44.88 30.30
C LEU D 406 -33.03 46.29 30.78
N SER D 407 -32.12 47.24 30.58
CA SER D 407 -32.41 48.64 30.89
C SER D 407 -33.27 49.30 29.83
N ASP D 408 -33.52 48.62 28.72
CA ASP D 408 -34.23 49.19 27.58
C ASP D 408 -35.71 48.87 27.65
N GLU D 409 -36.54 49.91 27.57
CA GLU D 409 -37.98 49.76 27.44
C GLU D 409 -38.34 48.83 26.28
N TYR D 410 -37.61 48.94 25.17
CA TYR D 410 -37.92 48.18 23.98
C TYR D 410 -37.83 46.68 24.25
N PHE D 411 -36.78 46.26 24.96
CA PHE D 411 -36.61 44.83 25.23
C PHE D 411 -37.63 44.33 26.23
N ILE D 412 -37.92 45.13 27.26
CA ILE D 412 -38.83 44.67 28.31
C ILE D 412 -40.24 44.51 27.77
N LYS D 413 -40.75 45.52 27.06
CA LYS D 413 -42.14 45.51 26.64
C LYS D 413 -42.35 45.02 25.20
N ARG D 414 -41.37 44.33 24.64
CA ARG D 414 -41.59 43.55 23.42
C ARG D 414 -41.80 42.07 23.73
N LYS D 415 -41.91 41.71 25.01
CA LYS D 415 -42.05 40.32 25.44
C LYS D 415 -40.92 39.45 24.92
N LEU D 416 -39.70 39.98 24.96
CA LEU D 416 -38.53 39.24 24.54
C LEU D 416 -37.38 39.49 25.51
N TYR D 417 -36.52 38.49 25.65
CA TYR D 417 -35.34 38.54 26.51
C TYR D 417 -34.49 37.31 26.21
N PRO D 418 -33.21 37.34 26.58
CA PRO D 418 -32.32 36.24 26.18
C PRO D 418 -32.78 34.89 26.69
N ASN D 419 -32.56 33.87 25.87
CA ASN D 419 -33.02 32.51 26.16
C ASN D 419 -31.85 31.64 26.58
N VAL D 420 -32.15 30.35 26.78
CA VAL D 420 -31.14 29.41 27.23
C VAL D 420 -30.08 29.19 26.17
N ASP D 421 -30.46 29.22 24.89
CA ASP D 421 -29.51 28.98 23.82
C ASP D 421 -28.38 30.00 23.83
N PHE D 422 -28.71 31.25 24.16
CA PHE D 422 -27.72 32.32 24.22
C PHE D 422 -26.59 31.97 25.17
N TYR D 423 -26.91 31.78 26.46
CA TYR D 423 -25.89 31.50 27.44
C TYR D 423 -25.26 30.13 27.23
N SER D 424 -26.01 29.19 26.64
CA SER D 424 -25.42 27.89 26.32
C SER D 424 -24.29 28.06 25.31
N GLY D 425 -24.53 28.84 24.27
CA GLY D 425 -23.48 29.15 23.32
C GLY D 425 -22.32 29.89 23.98
N LEU D 426 -22.64 30.81 24.89
CA LEU D 426 -21.59 31.52 25.63
C LEU D 426 -20.68 30.55 26.37
N ILE D 427 -21.27 29.64 27.14
CA ILE D 427 -20.50 28.69 27.92
C ILE D 427 -19.70 27.76 27.02
N TYR D 428 -20.34 27.26 25.96
CA TYR D 428 -19.64 26.32 25.09
C TYR D 428 -18.46 26.99 24.38
N ARG D 429 -18.61 28.26 24.03
CA ARG D 429 -17.46 29.02 23.56
C ARG D 429 -16.41 29.13 24.65
N ALA D 430 -16.84 29.38 25.89
CA ALA D 430 -15.89 29.54 26.98
C ALA D 430 -15.04 28.29 27.15
N MET D 431 -15.65 27.15 26.78
CA MET D 431 -14.91 25.90 26.82
C MET D 431 -14.27 25.77 25.49
N GLY D 432 -14.56 26.69 24.62
CA GLY D 432 -13.86 26.68 23.37
C GLY D 432 -14.33 25.69 22.36
N PHE D 433 -15.33 24.93 22.73
CA PHE D 433 -15.87 23.96 21.78
C PHE D 433 -16.02 24.60 20.40
N PRO D 434 -15.66 23.89 19.34
CA PRO D 434 -15.89 24.42 17.99
C PRO D 434 -17.37 24.70 17.75
N THR D 435 -17.64 25.79 17.03
CA THR D 435 -19.02 26.17 16.77
C THR D 435 -19.75 25.07 16.01
N GLU D 436 -19.10 24.51 14.99
CA GLU D 436 -19.63 23.38 14.24
C GLU D 436 -19.82 22.15 15.12
N PHE D 437 -19.18 22.10 16.29
CA PHE D 437 -19.34 21.00 17.22
C PHE D 437 -20.41 21.28 18.26
N PHE D 438 -21.12 22.41 18.14
CA PHE D 438 -22.24 22.67 19.05
C PHE D 438 -23.37 21.67 18.93
N PRO D 439 -23.83 21.25 17.75
CA PRO D 439 -25.00 20.36 17.69
C PRO D 439 -24.83 19.05 18.44
N VAL D 440 -23.65 18.45 18.41
CA VAL D 440 -23.47 17.16 19.09
C VAL D 440 -23.67 17.35 20.59
N LEU D 441 -23.23 18.49 21.13
CA LEU D 441 -23.46 18.77 22.53
C LEU D 441 -24.93 18.94 22.87
N PHE D 442 -25.79 19.14 21.88
CA PHE D 442 -27.22 19.17 22.10
C PHE D 442 -27.90 17.85 21.75
N ALA D 443 -27.13 16.83 21.41
CA ALA D 443 -27.67 15.50 21.17
C ALA D 443 -27.33 14.50 22.26
N ILE D 444 -26.22 14.70 22.96
CA ILE D 444 -25.89 13.80 24.07
C ILE D 444 -26.98 13.78 25.14
N PRO D 445 -27.48 14.93 25.64
CA PRO D 445 -28.51 14.87 26.68
C PRO D 445 -29.83 14.29 26.18
N ARG D 446 -30.31 14.80 25.04
CA ARG D 446 -31.63 14.41 24.55
C ARG D 446 -31.76 12.91 24.42
N MET D 447 -30.64 12.22 24.19
CA MET D 447 -30.60 10.76 24.15
C MET D 447 -31.47 10.17 25.25
N ALA D 448 -31.21 10.56 26.50
CA ALA D 448 -31.99 10.08 27.62
C ALA D 448 -33.48 10.11 27.32
N GLY D 449 -33.98 11.31 27.02
CA GLY D 449 -35.40 11.45 26.75
C GLY D 449 -35.90 10.46 25.73
N TYR D 450 -35.18 10.33 24.62
CA TYR D 450 -35.57 9.37 23.59
C TYR D 450 -35.85 8.02 24.22
N LEU D 451 -34.86 7.45 24.90
CA LEU D 451 -35.01 6.11 25.42
C LEU D 451 -36.16 6.06 26.43
N ALA D 452 -36.35 7.15 27.18
CA ALA D 452 -37.54 7.24 28.01
C ALA D 452 -38.78 7.06 27.17
N HIS D 453 -39.01 7.99 26.24
CA HIS D 453 -40.15 7.87 25.35
C HIS D 453 -40.05 6.67 24.45
N TRP D 454 -38.98 5.87 24.58
CA TRP D 454 -38.92 4.58 23.91
C TRP D 454 -39.56 3.50 24.77
N ARG D 455 -39.12 3.37 26.02
CA ARG D 455 -39.55 2.25 26.85
C ARG D 455 -41.06 2.25 27.02
N GLU D 456 -41.62 3.38 27.45
CA GLU D 456 -43.07 3.50 27.57
C GLU D 456 -43.75 3.19 26.25
N SER D 457 -43.16 3.65 25.13
CA SER D 457 -43.75 3.43 23.83
C SER D 457 -43.91 1.95 23.50
N LEU D 458 -43.14 1.09 24.15
CA LEU D 458 -43.32 -0.34 23.95
C LEU D 458 -44.35 -0.94 24.89
N ASP D 459 -44.47 -0.42 26.10
CA ASP D 459 -45.38 -0.98 27.08
C ASP D 459 -46.83 -0.55 26.88
N ASP D 460 -47.07 0.46 26.05
CA ASP D 460 -48.43 0.88 25.78
C ASP D 460 -49.13 -0.13 24.87
N PRO D 461 -50.22 -0.75 25.30
CA PRO D 461 -50.99 -1.60 24.39
C PRO D 461 -51.56 -0.83 23.21
N ASP D 462 -51.82 0.46 23.39
CA ASP D 462 -52.39 1.28 22.32
C ASP D 462 -51.39 1.60 21.22
N THR D 463 -50.12 1.27 21.40
CA THR D 463 -49.11 1.56 20.39
C THR D 463 -49.37 0.68 19.17
N LYS D 464 -49.96 1.27 18.13
CA LYS D 464 -50.23 0.59 16.87
C LYS D 464 -49.54 1.37 15.76
N ILE D 465 -48.92 0.66 14.83
CA ILE D 465 -48.15 1.30 13.77
C ILE D 465 -49.05 2.25 13.00
N MET D 466 -48.55 3.46 12.77
CA MET D 466 -49.37 4.51 12.18
C MET D 466 -49.50 4.33 10.67
N ARG D 467 -50.69 4.65 10.16
CA ARG D 467 -50.96 4.53 8.72
C ARG D 467 -51.92 5.65 8.33
N PRO D 468 -51.44 6.87 8.21
CA PRO D 468 -52.30 8.01 7.92
C PRO D 468 -52.76 8.03 6.46
N GLN D 469 -53.61 8.99 6.15
CA GLN D 469 -54.16 9.18 4.81
C GLN D 469 -53.76 10.57 4.30
N GLN D 470 -54.33 10.94 3.15
CA GLN D 470 -54.01 12.22 2.51
C GLN D 470 -55.21 12.64 1.66
N VAL D 471 -55.08 13.78 0.99
CA VAL D 471 -56.05 14.24 0.01
C VAL D 471 -55.35 14.23 -1.33
N TYR D 472 -55.77 13.36 -2.23
CA TYR D 472 -55.15 13.36 -3.53
C TYR D 472 -55.41 14.68 -4.16
N THR D 473 -54.59 15.03 -5.12
CA THR D 473 -54.80 16.25 -5.88
C THR D 473 -54.66 16.08 -7.38
N GLY D 474 -53.96 15.05 -7.85
CA GLY D 474 -53.76 14.84 -9.26
C GLY D 474 -55.03 14.38 -9.95
N VAL D 475 -54.89 14.15 -11.26
CA VAL D 475 -56.02 13.72 -12.07
C VAL D 475 -56.48 12.34 -11.62
N TRP D 476 -57.77 12.07 -11.79
CA TRP D 476 -58.32 10.78 -11.41
C TRP D 476 -57.74 9.66 -12.26
N LEU D 477 -57.80 9.80 -13.58
CA LEU D 477 -57.39 8.71 -14.46
C LEU D 477 -57.24 9.22 -15.89
N ARG D 478 -56.23 8.65 -16.57
CA ARG D 478 -55.95 8.98 -17.95
C ARG D 478 -55.24 7.76 -18.57
N HIS D 479 -55.63 7.34 -19.76
CA HIS D 479 -55.04 6.15 -20.36
C HIS D 479 -53.57 6.40 -20.71
N TYR D 480 -52.76 5.37 -20.49
CA TYR D 480 -51.35 5.46 -20.83
C TYR D 480 -51.17 5.49 -22.35
N THR D 481 -50.08 6.12 -22.79
CA THR D 481 -49.71 6.15 -24.19
C THR D 481 -48.25 5.77 -24.35
N PRO D 482 -47.94 4.87 -25.28
CA PRO D 482 -46.55 4.53 -25.56
C PRO D 482 -45.74 5.73 -26.03
N LEU D 483 -44.42 5.53 -26.10
CA LEU D 483 -43.50 6.64 -26.32
C LEU D 483 -43.57 7.18 -27.75
N GLN D 484 -43.68 6.29 -28.73
CA GLN D 484 -43.46 6.69 -30.12
C GLN D 484 -44.50 7.69 -30.64
N GLU D 485 -45.67 7.78 -30.03
CA GLU D 485 -46.71 8.69 -30.51
C GLU D 485 -46.93 9.89 -29.61
N ARG D 486 -46.35 9.91 -28.41
CA ARG D 486 -46.48 11.08 -27.56
C ARG D 486 -45.56 12.20 -28.05
N THR D 487 -46.06 13.43 -27.93
CA THR D 487 -45.26 14.60 -28.29
C THR D 487 -45.06 15.48 -27.06
N VAL D 488 -46.16 15.74 -26.33
CA VAL D 488 -46.14 16.56 -25.13
C VAL D 488 -45.40 17.87 -25.35
N SER D 489 -44.08 17.86 -25.12
CA SER D 489 -43.23 19.03 -25.26
C SER D 489 -43.77 20.23 -24.49
N ASN D 490 -44.12 21.30 -25.22
CA ASN D 490 -44.51 22.57 -24.62
C ASN D 490 -43.43 23.07 -23.65
N ASP D 491 -42.20 22.60 -23.89
CA ASP D 491 -41.02 22.85 -23.07
C ASP D 491 -41.10 22.08 -21.75
N GLU D 492 -42.26 21.48 -21.47
CA GLU D 492 -42.52 20.61 -20.33
C GLU D 492 -41.77 21.02 -19.08
N ASP D 493 -41.13 20.04 -18.44
CA ASP D 493 -40.18 20.27 -17.36
C ASP D 493 -38.98 19.37 -17.61
N LYS D 494 -37.85 19.97 -17.96
CA LYS D 494 -36.67 19.23 -18.40
C LYS D 494 -35.67 19.14 -17.24
N LEU D 495 -35.36 17.92 -16.83
CA LEU D 495 -34.26 17.68 -15.91
C LEU D 495 -32.98 17.84 -16.72
N GLY D 496 -32.58 19.11 -16.87
CA GLY D 496 -31.55 19.49 -17.83
C GLY D 496 -30.30 18.65 -17.68
N GLN D 497 -29.78 18.19 -18.82
CA GLN D 497 -28.62 17.32 -18.81
C GLN D 497 -27.41 18.05 -18.26
N VAL D 498 -27.03 17.70 -17.04
CA VAL D 498 -25.87 18.30 -16.38
C VAL D 498 -24.62 17.56 -16.87
N ALA D 499 -24.14 17.96 -18.04
CA ALA D 499 -23.01 17.28 -18.67
C ALA D 499 -22.07 18.35 -19.22
N VAL D 500 -21.07 18.73 -18.42
CA VAL D 500 -20.04 19.64 -18.89
C VAL D 500 -18.66 19.24 -18.38
N SER D 501 -18.51 18.04 -17.83
CA SER D 501 -17.24 17.60 -17.27
C SER D 501 -16.24 17.32 -18.38
N ASN D 502 -15.06 16.83 -17.98
CA ASN D 502 -14.01 16.51 -18.95
C ASN D 502 -14.51 15.53 -20.00
N ALA D 503 -15.17 14.46 -19.56
CA ALA D 503 -15.74 13.50 -20.49
C ALA D 503 -16.78 14.16 -21.39
N THR D 504 -17.67 14.96 -20.80
CA THR D 504 -18.77 15.56 -21.54
C THR D 504 -18.25 16.47 -22.65
N ARG D 505 -17.47 17.50 -22.29
CA ARG D 505 -16.96 18.42 -23.29
C ARG D 505 -16.00 17.74 -24.26
N ARG D 506 -15.19 16.80 -23.78
CA ARG D 506 -14.26 16.10 -24.66
C ARG D 506 -15.00 15.33 -25.74
N ARG D 507 -16.08 14.63 -25.36
CA ARG D 507 -16.87 13.91 -26.34
C ARG D 507 -17.62 14.87 -27.25
N LEU D 508 -18.15 15.96 -26.69
CA LEU D 508 -18.94 16.89 -27.49
C LEU D 508 -18.11 17.66 -28.50
N ALA D 509 -16.81 17.83 -28.24
CA ALA D 509 -15.93 18.60 -29.12
C ALA D 509 -15.16 17.73 -30.11
N GLY D 510 -15.75 16.62 -30.53
CA GLY D 510 -15.11 15.73 -31.50
C GLY D 510 -15.09 16.37 -32.88
N ASN E 103 54.76 -7.96 -25.28
CA ASN E 103 55.11 -8.92 -26.33
C ASN E 103 55.42 -10.29 -25.74
N THR E 104 56.25 -11.06 -26.44
CA THR E 104 56.65 -12.40 -26.03
C THR E 104 55.43 -13.28 -25.77
N ALA E 105 54.68 -13.52 -26.86
CA ALA E 105 53.40 -14.20 -26.85
C ALA E 105 53.43 -15.51 -26.07
N PRO E 106 52.78 -15.57 -24.90
CA PRO E 106 52.70 -16.84 -24.17
C PRO E 106 51.41 -17.60 -24.45
N VAL E 107 50.46 -16.93 -25.10
CA VAL E 107 49.14 -17.50 -25.39
C VAL E 107 48.78 -17.20 -26.83
N ARG E 108 47.82 -17.96 -27.34
CA ARG E 108 47.41 -17.86 -28.74
C ARG E 108 46.03 -17.21 -28.85
N SER E 109 45.75 -16.67 -30.04
CA SER E 109 44.43 -16.19 -30.39
C SER E 109 43.99 -16.89 -31.67
N SER E 110 42.77 -17.44 -31.65
CA SER E 110 42.26 -18.19 -32.79
C SER E 110 41.05 -17.53 -33.45
N ILE E 111 40.51 -16.46 -32.87
CA ILE E 111 39.40 -15.76 -33.50
C ILE E 111 39.85 -15.02 -34.75
N CYS E 112 41.00 -14.37 -34.68
CA CYS E 112 41.47 -13.55 -35.79
C CYS E 112 42.98 -13.37 -35.74
N TYR E 113 43.53 -13.03 -36.88
CA TYR E 113 44.89 -12.52 -37.02
C TYR E 113 44.85 -11.10 -37.55
N ILE E 114 45.63 -10.21 -36.92
CA ILE E 114 45.55 -8.79 -37.22
C ILE E 114 46.97 -8.24 -37.41
N ASP E 115 47.12 -7.35 -38.39
CA ASP E 115 48.35 -6.59 -38.59
C ASP E 115 47.94 -5.18 -38.98
N GLY E 116 47.80 -4.32 -37.97
CA GLY E 116 47.35 -2.96 -38.21
C GLY E 116 48.35 -2.15 -39.03
N ASP E 117 49.64 -2.39 -38.83
CA ASP E 117 50.65 -1.69 -39.61
C ASP E 117 50.57 -2.02 -41.10
N GLU E 118 49.98 -3.17 -41.44
CA GLU E 118 49.73 -3.52 -42.83
C GLU E 118 48.25 -3.58 -43.16
N GLY E 119 47.37 -3.38 -42.17
CA GLY E 119 45.95 -3.38 -42.43
C GLY E 119 45.36 -4.74 -42.74
N ILE E 120 46.01 -5.81 -42.33
CA ILE E 120 45.55 -7.17 -42.60
C ILE E 120 44.58 -7.57 -41.51
N LEU E 121 43.29 -7.64 -41.85
CA LEU E 121 42.24 -8.12 -40.94
C LEU E 121 41.80 -9.49 -41.42
N ARG E 122 41.92 -10.49 -40.55
CA ARG E 122 41.82 -11.87 -40.99
C ARG E 122 40.80 -12.65 -40.14
N TYR E 123 39.58 -12.12 -40.00
CA TYR E 123 38.56 -12.81 -39.24
C TYR E 123 38.35 -14.22 -39.77
N ARG E 124 38.82 -15.22 -39.03
CA ARG E 124 38.69 -16.63 -39.39
C ARG E 124 39.09 -16.90 -40.84
N GLY E 125 40.13 -16.23 -41.32
CA GLY E 125 40.56 -16.35 -42.70
C GLY E 125 39.84 -15.40 -43.65
N TYR E 126 38.60 -15.05 -43.35
CA TYR E 126 37.85 -14.13 -44.17
C TYR E 126 38.35 -12.71 -43.96
N PRO E 127 38.66 -11.95 -45.01
CA PRO E 127 39.07 -10.55 -44.83
C PRO E 127 37.89 -9.69 -44.40
N ILE E 128 38.24 -8.49 -43.91
CA ILE E 128 37.24 -7.60 -43.31
C ILE E 128 36.26 -7.08 -44.37
N GLU E 129 36.75 -6.76 -45.56
CA GLU E 129 35.94 -5.97 -46.50
C GLU E 129 34.68 -6.71 -46.92
N GLU E 130 34.78 -8.01 -47.18
CA GLU E 130 33.61 -8.78 -47.60
C GLU E 130 32.55 -8.79 -46.51
N LEU E 131 32.96 -9.00 -45.25
CA LEU E 131 32.01 -8.98 -44.15
C LEU E 131 31.38 -7.61 -43.98
N ALA E 132 32.19 -6.56 -44.13
CA ALA E 132 31.67 -5.20 -43.96
C ALA E 132 30.64 -4.86 -45.03
N GLU E 133 30.90 -5.24 -46.27
CA GLU E 133 30.04 -4.84 -47.37
C GLU E 133 28.90 -5.83 -47.65
N SER E 134 28.92 -7.01 -47.04
CA SER E 134 27.94 -8.03 -47.42
C SER E 134 27.20 -8.65 -46.24
N SER E 135 27.85 -8.74 -45.08
CA SER E 135 27.33 -9.54 -43.98
C SER E 135 26.54 -8.67 -43.00
N SER E 136 26.17 -9.26 -41.87
CA SER E 136 25.46 -8.56 -40.80
C SER E 136 26.07 -8.98 -39.47
N TYR E 137 25.59 -8.33 -38.40
CA TYR E 137 26.19 -8.55 -37.08
C TYR E 137 26.04 -9.99 -36.59
N PRO E 138 24.86 -10.62 -36.61
CA PRO E 138 24.80 -12.04 -36.25
C PRO E 138 25.65 -12.90 -37.16
N GLU E 139 25.77 -12.54 -38.44
CA GLU E 139 26.58 -13.32 -39.37
C GLU E 139 28.05 -13.31 -38.95
N VAL E 140 28.60 -12.12 -38.68
CA VAL E 140 30.00 -12.06 -38.26
C VAL E 140 30.16 -12.70 -36.88
N ALA E 141 29.13 -12.62 -36.03
CA ALA E 141 29.20 -13.27 -34.73
C ALA E 141 29.36 -14.78 -34.88
N TYR E 142 28.53 -15.39 -35.75
CA TYR E 142 28.68 -16.81 -36.01
C TYR E 142 30.03 -17.10 -36.63
N LEU E 143 30.46 -16.27 -37.57
CA LEU E 143 31.73 -16.50 -38.26
C LEU E 143 32.88 -16.53 -37.25
N LEU E 144 32.87 -15.63 -36.28
CA LEU E 144 33.95 -15.58 -35.31
C LEU E 144 33.85 -16.69 -34.27
N MET E 145 32.64 -17.00 -33.80
CA MET E 145 32.57 -17.97 -32.71
C MET E 145 32.75 -19.40 -33.21
N TYR E 146 32.25 -19.70 -34.42
CA TYR E 146 32.33 -21.05 -34.96
C TYR E 146 33.41 -21.23 -36.01
N GLY E 147 33.97 -20.15 -36.52
CA GLY E 147 34.98 -20.24 -37.57
C GLY E 147 34.46 -20.17 -38.99
N ASN E 148 33.50 -21.03 -39.31
CA ASN E 148 32.94 -21.09 -40.66
C ASN E 148 31.83 -20.04 -40.80
N LEU E 149 31.20 -20.03 -41.98
CA LEU E 149 30.09 -19.14 -42.25
C LEU E 149 28.78 -19.93 -42.22
N PRO E 150 27.70 -19.30 -41.69
CA PRO E 150 26.52 -20.13 -41.41
C PRO E 150 25.45 -20.34 -42.44
N SER E 151 24.55 -21.28 -42.15
CA SER E 151 23.43 -21.51 -43.03
C SER E 151 22.30 -20.64 -42.54
N LYS E 152 21.47 -20.20 -43.46
CA LYS E 152 20.34 -19.38 -43.07
C LYS E 152 19.72 -19.99 -41.84
N SER E 153 19.27 -21.22 -41.93
CA SER E 153 18.62 -21.86 -40.81
C SER E 153 19.55 -21.84 -39.64
N GLN E 154 20.79 -22.23 -39.90
CA GLN E 154 21.76 -22.27 -38.84
C GLN E 154 21.61 -21.03 -37.98
N LEU E 155 21.45 -19.88 -38.62
CA LEU E 155 21.36 -18.62 -37.86
C LEU E 155 19.94 -18.09 -37.76
N ALA E 156 19.05 -18.54 -38.62
CA ALA E 156 17.68 -18.13 -38.49
C ALA E 156 17.41 -18.57 -37.09
N ASP E 157 17.66 -19.84 -36.84
CA ASP E 157 17.51 -20.33 -35.47
C ASP E 157 18.26 -19.44 -34.48
N TRP E 158 19.45 -18.97 -34.86
CA TRP E 158 20.22 -18.10 -33.98
C TRP E 158 19.47 -16.80 -33.69
N GLU E 159 18.99 -16.14 -34.75
CA GLU E 159 18.28 -14.88 -34.56
C GLU E 159 17.00 -15.08 -33.76
N PHE E 160 16.24 -16.14 -34.05
CA PHE E 160 15.01 -16.38 -33.30
C PHE E 160 15.29 -16.72 -31.84
N ALA E 161 16.38 -17.42 -31.56
CA ALA E 161 16.76 -17.66 -30.18
C ALA E 161 17.10 -16.36 -29.47
N ILE E 162 17.85 -15.48 -30.13
CA ILE E 162 18.18 -14.19 -29.52
C ILE E 162 16.94 -13.36 -29.28
N SER E 163 15.95 -13.46 -30.18
CA SER E 163 14.72 -12.69 -30.05
C SER E 163 13.97 -13.07 -28.78
N GLN E 164 13.96 -14.36 -28.43
CA GLN E 164 13.21 -14.86 -27.28
C GLN E 164 13.95 -14.56 -25.98
N HIS E 165 14.23 -13.27 -25.78
CA HIS E 165 14.95 -12.75 -24.63
C HIS E 165 14.57 -11.28 -24.46
N SER E 166 15.38 -10.54 -23.71
CA SER E 166 15.25 -9.10 -23.50
C SER E 166 14.11 -8.73 -22.56
N ALA E 167 13.67 -9.67 -21.72
CA ALA E 167 12.71 -9.39 -20.64
C ALA E 167 13.50 -9.36 -19.34
N VAL E 168 14.04 -8.19 -19.02
CA VAL E 168 14.97 -8.05 -17.90
C VAL E 168 14.15 -7.77 -16.64
N PRO E 169 14.59 -8.25 -15.48
CA PRO E 169 13.81 -8.01 -14.25
C PRO E 169 13.69 -6.54 -13.91
N GLN E 170 12.63 -6.22 -13.15
CA GLN E 170 12.39 -4.86 -12.69
C GLN E 170 13.50 -4.40 -11.76
N GLY E 171 14.30 -5.33 -11.23
CA GLY E 171 15.38 -4.94 -10.34
C GLY E 171 16.34 -3.96 -11.00
N VAL E 172 16.77 -4.27 -12.22
CA VAL E 172 17.65 -3.34 -12.92
C VAL E 172 16.92 -2.05 -13.25
N LEU E 173 15.63 -2.15 -13.59
CA LEU E 173 14.91 -0.97 -14.06
C LEU E 173 14.73 0.05 -12.95
N ASP E 174 14.38 -0.41 -11.75
CA ASP E 174 14.26 0.54 -10.64
C ASP E 174 15.59 0.79 -9.95
N ILE E 175 16.63 0.01 -10.23
CA ILE E 175 17.95 0.36 -9.75
C ILE E 175 18.54 1.47 -10.60
N ILE E 176 18.13 1.57 -11.86
CA ILE E 176 18.62 2.63 -12.71
C ILE E 176 17.72 3.86 -12.68
N GLN E 177 16.42 3.66 -12.41
CA GLN E 177 15.54 4.79 -12.11
C GLN E 177 15.81 5.37 -10.73
N GLY E 178 16.36 4.56 -9.82
CA GLY E 178 16.67 5.01 -8.48
C GLY E 178 18.01 5.72 -8.41
N MET E 179 18.64 5.86 -9.54
CA MET E 179 19.92 6.54 -9.65
C MET E 179 19.69 7.99 -10.04
N PRO E 180 20.43 8.94 -9.48
CA PRO E 180 20.15 10.36 -9.79
C PRO E 180 20.44 10.69 -11.24
N HIS E 181 19.79 11.76 -11.71
CA HIS E 181 19.87 12.15 -13.11
C HIS E 181 21.31 12.41 -13.55
N ASP E 182 22.17 12.85 -12.63
CA ASP E 182 23.58 13.04 -12.94
C ASP E 182 24.29 11.73 -12.60
N ALA E 183 24.83 11.08 -13.62
CA ALA E 183 25.54 9.81 -13.49
C ALA E 183 26.26 9.56 -14.80
N HIS E 184 26.80 8.36 -14.96
CA HIS E 184 27.32 7.91 -16.24
C HIS E 184 26.55 6.68 -16.68
N PRO E 185 25.99 6.69 -17.89
CA PRO E 185 25.13 5.57 -18.30
C PRO E 185 25.84 4.23 -18.38
N MET E 186 27.16 4.21 -18.59
CA MET E 186 27.78 2.91 -18.73
C MET E 186 28.01 2.26 -17.37
N GLY E 187 28.19 3.08 -16.31
CA GLY E 187 28.08 2.55 -14.97
C GLY E 187 26.70 1.95 -14.73
N VAL E 188 25.68 2.56 -15.31
CA VAL E 188 24.34 1.97 -15.29
C VAL E 188 24.35 0.59 -15.96
N LEU E 189 25.00 0.49 -17.11
CA LEU E 189 25.13 -0.80 -17.79
C LEU E 189 25.79 -1.84 -16.88
N VAL E 190 26.93 -1.48 -16.28
CA VAL E 190 27.68 -2.47 -15.53
C VAL E 190 26.91 -2.88 -14.27
N CYS E 191 26.19 -1.93 -13.65
CA CYS E 191 25.40 -2.27 -12.48
C CYS E 191 24.23 -3.19 -12.83
N ALA E 192 23.50 -2.87 -13.91
CA ALA E 192 22.38 -3.71 -14.30
C ALA E 192 22.85 -5.09 -14.72
N MET E 193 24.05 -5.17 -15.31
CA MET E 193 24.59 -6.45 -15.74
C MET E 193 25.14 -7.26 -14.56
N SER E 194 25.66 -6.59 -13.53
CA SER E 194 25.94 -7.28 -12.27
C SER E 194 24.64 -7.81 -11.66
N ALA E 195 23.57 -7.04 -11.76
CA ALA E 195 22.27 -7.52 -11.27
C ALA E 195 21.81 -8.74 -12.07
N LEU E 196 22.07 -8.74 -13.37
CA LEU E 196 21.82 -9.95 -14.17
C LEU E 196 22.62 -11.13 -13.62
N SER E 197 23.86 -10.88 -13.21
CA SER E 197 24.58 -11.91 -12.47
C SER E 197 23.77 -12.36 -11.27
N VAL E 198 23.18 -11.41 -10.53
CA VAL E 198 22.39 -11.74 -9.36
C VAL E 198 21.10 -12.46 -9.76
N PHE E 199 20.38 -11.93 -10.75
CA PHE E 199 19.06 -12.46 -11.08
C PHE E 199 19.10 -13.84 -11.73
N HIS E 200 20.28 -14.43 -11.93
CA HIS E 200 20.39 -15.79 -12.46
C HIS E 200 21.35 -16.60 -11.60
N PRO E 201 20.99 -16.85 -10.33
CA PRO E 201 21.84 -17.71 -9.50
C PRO E 201 21.90 -19.14 -9.98
N ASP E 202 20.89 -19.60 -10.73
CA ASP E 202 20.93 -20.94 -11.29
C ASP E 202 22.06 -21.10 -12.30
N ALA E 203 22.48 -20.01 -12.94
CA ALA E 203 23.50 -20.05 -13.96
C ALA E 203 24.92 -20.00 -13.41
N ASN E 204 25.09 -19.87 -12.10
CA ASN E 204 26.50 -19.75 -11.75
C ASN E 204 27.13 -21.13 -11.52
N PRO E 205 28.41 -21.28 -11.85
CA PRO E 205 29.13 -22.52 -11.52
C PRO E 205 29.94 -22.39 -10.24
N ALA E 206 29.91 -21.19 -9.66
CA ALA E 206 30.77 -20.86 -8.52
C ALA E 206 30.43 -21.64 -7.26
N LEU E 207 29.21 -22.16 -7.13
CA LEU E 207 28.81 -22.90 -5.95
C LEU E 207 28.43 -24.34 -6.22
N ARG E 208 28.43 -24.78 -7.48
CA ARG E 208 28.12 -26.16 -7.83
C ARG E 208 29.33 -26.90 -8.40
N GLY E 209 30.53 -26.43 -8.10
CA GLY E 209 31.75 -27.06 -8.58
C GLY E 209 32.18 -26.54 -9.94
N GLN E 210 33.43 -26.82 -10.27
CA GLN E 210 34.01 -26.42 -11.55
C GLN E 210 33.81 -27.47 -12.64
N ASP E 211 32.81 -28.33 -12.49
CA ASP E 211 32.42 -29.27 -13.53
C ASP E 211 31.04 -28.98 -14.10
N LEU E 212 30.32 -27.99 -13.55
CA LEU E 212 28.95 -27.71 -13.98
C LEU E 212 28.89 -27.22 -15.42
N TYR E 213 29.94 -26.54 -15.90
CA TYR E 213 29.93 -25.87 -17.19
C TYR E 213 30.41 -26.77 -18.32
N LYS E 214 30.24 -28.08 -18.20
CA LYS E 214 30.73 -29.02 -19.20
C LYS E 214 29.73 -29.29 -20.33
N SER E 215 28.57 -28.64 -20.30
CA SER E 215 27.52 -28.88 -21.30
C SER E 215 27.50 -27.76 -22.34
N LYS E 216 27.20 -28.15 -23.58
CA LYS E 216 27.06 -27.16 -24.64
C LYS E 216 25.77 -26.37 -24.49
N GLN E 217 24.73 -26.98 -23.92
CA GLN E 217 23.43 -26.30 -23.80
C GLN E 217 23.54 -25.04 -22.95
N LEU E 218 24.27 -25.12 -21.84
CA LEU E 218 24.44 -23.93 -21.00
C LEU E 218 25.26 -22.86 -21.70
N ARG E 219 26.25 -23.26 -22.51
CA ARG E 219 26.96 -22.30 -23.33
C ARG E 219 26.01 -21.56 -24.26
N ASP E 220 25.19 -22.32 -24.97
CA ASP E 220 24.23 -21.71 -25.90
C ASP E 220 23.29 -20.77 -25.16
N LYS E 221 22.76 -21.22 -24.02
CA LYS E 221 21.80 -20.41 -23.27
C LYS E 221 22.45 -19.12 -22.76
N GLN E 222 23.66 -19.21 -22.22
CA GLN E 222 24.30 -18.00 -21.70
C GLN E 222 24.61 -17.02 -22.83
N ILE E 223 25.10 -17.51 -23.97
CA ILE E 223 25.41 -16.60 -25.08
C ILE E 223 24.14 -15.94 -25.59
N VAL E 224 23.08 -16.73 -25.78
CA VAL E 224 21.88 -16.17 -26.37
C VAL E 224 21.20 -15.20 -25.40
N ARG E 225 21.23 -15.51 -24.10
CA ARG E 225 20.66 -14.59 -23.13
C ARG E 225 21.44 -13.29 -23.09
N ILE E 226 22.78 -13.35 -23.10
CA ILE E 226 23.58 -12.14 -23.04
C ILE E 226 23.31 -11.27 -24.26
N LEU E 227 23.29 -11.89 -25.45
CA LEU E 227 23.03 -11.13 -26.67
C LEU E 227 21.64 -10.52 -26.67
N GLY E 228 20.63 -11.25 -26.20
CA GLY E 228 19.28 -10.69 -26.14
C GLY E 228 19.17 -9.55 -25.14
N LYS E 229 19.87 -9.65 -24.01
CA LYS E 229 19.68 -8.69 -22.93
C LYS E 229 20.43 -7.38 -23.17
N VAL E 230 21.67 -7.43 -23.69
CA VAL E 230 22.51 -6.24 -23.71
C VAL E 230 21.89 -5.05 -24.44
N PRO E 231 21.30 -5.19 -25.65
CA PRO E 231 20.84 -3.97 -26.33
C PRO E 231 19.68 -3.30 -25.63
N THR E 232 18.78 -4.11 -25.04
CA THR E 232 17.68 -3.55 -24.27
C THR E 232 18.19 -2.73 -23.10
N ILE E 233 19.21 -3.24 -22.41
CA ILE E 233 19.77 -2.52 -21.27
C ILE E 233 20.43 -1.23 -21.72
N ALA E 234 21.18 -1.28 -22.82
CA ALA E 234 21.83 -0.08 -23.33
C ALA E 234 20.80 0.99 -23.68
N ALA E 235 19.74 0.60 -24.40
CA ALA E 235 18.72 1.57 -24.77
C ALA E 235 17.96 2.07 -23.55
N ALA E 236 17.72 1.20 -22.58
CA ALA E 236 17.02 1.61 -21.38
C ALA E 236 17.82 2.65 -20.62
N ALA E 237 19.13 2.43 -20.47
CA ALA E 237 19.98 3.42 -19.82
C ALA E 237 20.00 4.72 -20.61
N TYR E 238 20.08 4.63 -21.94
CA TYR E 238 20.08 5.83 -22.78
C TYR E 238 18.83 6.66 -22.53
N LEU E 239 17.66 6.09 -22.81
CA LEU E 239 16.42 6.86 -22.74
C LEU E 239 16.00 7.16 -21.31
N ARG E 240 16.54 6.44 -20.32
CA ARG E 240 16.34 6.83 -18.93
C ARG E 240 17.15 8.07 -18.60
N LEU E 241 18.39 8.14 -19.09
CA LEU E 241 19.14 9.38 -18.98
C LEU E 241 18.44 10.51 -19.73
N ALA E 242 17.71 10.17 -20.79
CA ALA E 242 16.84 11.13 -21.47
C ALA E 242 15.56 11.41 -20.70
N GLY E 243 15.29 10.66 -19.63
CA GLY E 243 14.14 10.92 -18.79
C GLY E 243 13.01 9.93 -18.99
N ARG E 244 12.79 9.51 -20.23
CA ARG E 244 11.69 8.61 -20.52
C ARG E 244 11.93 7.25 -19.88
N PRO E 245 10.93 6.65 -19.22
CA PRO E 245 11.17 5.38 -18.53
C PRO E 245 11.47 4.26 -19.51
N PRO E 246 12.30 3.29 -19.13
CA PRO E 246 12.65 2.19 -20.04
C PRO E 246 11.45 1.48 -20.64
N VAL E 247 11.29 1.59 -21.97
CA VAL E 247 10.17 0.95 -22.64
C VAL E 247 10.45 -0.53 -22.84
N LEU E 248 9.38 -1.32 -22.93
CA LEU E 248 9.33 -2.77 -23.05
C LEU E 248 9.60 -3.20 -24.49
N PRO E 249 10.14 -4.42 -24.70
CA PRO E 249 10.61 -4.81 -26.03
C PRO E 249 9.54 -5.42 -26.92
N SER E 250 9.50 -4.96 -28.17
CA SER E 250 8.72 -5.60 -29.23
C SER E 250 9.69 -6.29 -30.18
N ASN E 251 9.46 -7.58 -30.43
CA ASN E 251 10.44 -8.43 -31.09
C ASN E 251 9.90 -8.84 -32.46
N ASN E 252 10.11 -7.98 -33.46
CA ASN E 252 9.80 -8.33 -34.83
C ASN E 252 10.85 -7.85 -35.83
N PHE E 253 11.88 -7.13 -35.38
CA PHE E 253 12.89 -6.56 -36.26
C PHE E 253 14.23 -7.26 -36.05
N SER E 254 15.20 -6.91 -36.90
CA SER E 254 16.55 -7.37 -36.73
C SER E 254 17.19 -6.69 -35.51
N TYR E 255 18.38 -7.17 -35.14
CA TYR E 255 19.04 -6.70 -33.93
C TYR E 255 19.17 -5.18 -33.92
N SER E 256 19.73 -4.62 -35.00
CA SER E 256 19.87 -3.17 -35.10
C SER E 256 18.51 -2.49 -35.10
N GLU E 257 17.58 -2.99 -35.90
CA GLU E 257 16.26 -2.35 -36.00
C GLU E 257 15.43 -2.58 -34.74
N ASN E 258 15.57 -3.73 -34.10
CA ASN E 258 14.91 -3.92 -32.82
C ASN E 258 15.48 -2.98 -31.76
N PHE E 259 16.78 -2.69 -31.83
CA PHE E 259 17.34 -1.65 -30.97
C PHE E 259 16.75 -0.28 -31.30
N LEU E 260 16.58 0.00 -32.60
CA LEU E 260 16.01 1.28 -33.02
C LEU E 260 14.62 1.46 -32.44
N TYR E 261 13.79 0.42 -32.51
CA TYR E 261 12.50 0.46 -31.85
C TYR E 261 12.67 0.63 -30.34
N MET E 262 13.62 -0.10 -29.76
CA MET E 262 13.96 0.07 -28.35
C MET E 262 14.59 1.42 -28.08
N LEU E 263 15.24 2.02 -29.09
CA LEU E 263 15.84 3.34 -28.89
C LEU E 263 14.78 4.39 -28.59
N ASP E 264 13.68 4.39 -29.35
CA ASP E 264 12.53 5.25 -29.06
C ASP E 264 11.33 4.72 -29.82
N SER E 265 10.27 4.38 -29.09
CA SER E 265 9.01 3.98 -29.71
C SER E 265 7.77 4.59 -29.09
N LEU E 266 7.81 5.03 -27.83
CA LEU E 266 6.66 5.59 -27.13
C LEU E 266 5.49 4.62 -27.10
N GLY E 267 5.78 3.32 -27.18
CA GLY E 267 4.74 2.31 -27.22
C GLY E 267 3.99 2.23 -28.51
N ASN E 268 4.44 2.92 -29.55
CA ASN E 268 3.73 2.95 -30.83
C ASN E 268 4.02 1.70 -31.63
N ARG E 269 2.98 1.19 -32.30
CA ARG E 269 3.12 0.10 -33.24
C ARG E 269 3.42 0.57 -34.64
N SER E 270 3.09 1.83 -34.97
CA SER E 270 3.30 2.35 -36.31
C SER E 270 4.75 2.67 -36.60
N TYR E 271 5.57 2.89 -35.58
CA TYR E 271 6.94 3.31 -35.79
C TYR E 271 7.74 2.21 -36.48
N LYS E 272 8.24 2.52 -37.69
CA LYS E 272 9.00 1.59 -38.49
C LYS E 272 10.47 2.01 -38.56
N PRO E 273 11.40 1.06 -38.65
CA PRO E 273 12.81 1.43 -38.67
C PRO E 273 13.23 2.05 -39.99
N ASN E 274 14.29 2.85 -39.93
CA ASN E 274 14.88 3.46 -41.12
C ASN E 274 16.04 2.60 -41.59
N THR E 275 15.94 2.10 -42.82
CA THR E 275 16.87 1.08 -43.30
C THR E 275 18.30 1.62 -43.43
N ARG E 276 18.46 2.84 -43.95
CA ARG E 276 19.79 3.35 -44.23
C ARG E 276 20.61 3.50 -42.95
N LEU E 277 20.05 4.18 -41.94
CA LEU E 277 20.78 4.37 -40.70
C LEU E 277 21.00 3.03 -40.00
N ALA E 278 20.03 2.12 -40.11
CA ALA E 278 20.19 0.80 -39.50
C ALA E 278 21.37 0.07 -40.10
N ARG E 279 21.49 0.06 -41.43
CA ARG E 279 22.56 -0.70 -42.06
C ARG E 279 23.92 -0.03 -41.82
N VAL E 280 23.98 1.30 -41.86
CA VAL E 280 25.26 1.96 -41.60
C VAL E 280 25.68 1.74 -40.15
N LEU E 281 24.71 1.74 -39.23
CA LEU E 281 25.03 1.45 -37.83
C LEU E 281 25.51 0.02 -37.66
N ASP E 282 24.91 -0.92 -38.41
CA ASP E 282 25.37 -2.30 -38.36
C ASP E 282 26.81 -2.41 -38.86
N ILE E 283 27.13 -1.71 -39.95
CA ILE E 283 28.50 -1.74 -40.47
C ILE E 283 29.47 -1.14 -39.46
N LEU E 284 29.07 -0.03 -38.83
CA LEU E 284 29.91 0.57 -37.79
C LEU E 284 30.11 -0.39 -36.62
N PHE E 285 29.07 -1.15 -36.27
CA PHE E 285 29.20 -2.19 -35.27
C PHE E 285 30.23 -3.22 -35.71
N ILE E 286 30.19 -3.61 -36.98
CA ILE E 286 31.15 -4.61 -37.49
C ILE E 286 32.57 -4.08 -37.38
N LEU E 287 32.77 -2.80 -37.72
CA LEU E 287 34.13 -2.24 -37.68
C LEU E 287 34.71 -2.27 -36.28
N HIS E 288 33.87 -2.15 -35.25
CA HIS E 288 34.32 -2.20 -33.86
C HIS E 288 33.88 -3.49 -33.17
N ALA E 289 33.76 -4.57 -33.94
CA ALA E 289 33.40 -5.86 -33.36
C ALA E 289 34.55 -6.53 -32.63
N GLU E 290 35.79 -6.11 -32.90
CA GLU E 290 36.96 -6.72 -32.28
C GLU E 290 38.16 -5.80 -32.47
N HIS E 291 39.03 -5.77 -31.47
CA HIS E 291 40.30 -5.06 -31.55
C HIS E 291 41.38 -5.95 -30.94
N GLU E 292 42.63 -5.64 -31.27
CA GLU E 292 43.74 -6.41 -30.71
C GLU E 292 43.68 -6.40 -29.20
N MET E 293 44.07 -7.52 -28.59
CA MET E 293 43.74 -7.84 -27.20
C MET E 293 43.97 -6.66 -26.26
N ASN E 294 42.89 -6.13 -25.71
CA ASN E 294 42.96 -5.03 -24.76
C ASN E 294 43.21 -5.60 -23.37
N CYS E 295 43.18 -4.74 -22.35
CA CYS E 295 43.25 -5.24 -20.99
C CYS E 295 42.04 -6.11 -20.68
N SER E 296 40.89 -5.79 -21.29
CA SER E 296 39.65 -6.51 -21.01
C SER E 296 39.76 -7.97 -21.41
N THR E 297 40.21 -8.24 -22.63
CA THR E 297 40.31 -9.62 -23.09
C THR E 297 41.35 -10.39 -22.30
N ALA E 298 42.47 -9.74 -21.98
CA ALA E 298 43.50 -10.40 -21.19
C ALA E 298 42.97 -10.81 -19.82
N ALA E 299 42.22 -9.91 -19.18
CA ALA E 299 41.63 -10.28 -17.90
C ALA E 299 40.52 -11.32 -18.06
N ALA E 300 39.78 -11.26 -19.17
CA ALA E 300 38.64 -12.16 -19.36
C ALA E 300 39.08 -13.59 -19.63
N ARG E 301 40.23 -13.77 -20.27
CA ARG E 301 40.73 -15.13 -20.47
C ARG E 301 40.98 -15.82 -19.13
N HIS E 302 41.51 -15.08 -18.16
CA HIS E 302 41.77 -15.65 -16.84
C HIS E 302 40.51 -15.69 -15.98
N LEU E 303 39.55 -14.81 -16.26
CA LEU E 303 38.23 -14.93 -15.66
C LEU E 303 37.56 -16.23 -16.07
N ALA E 304 37.67 -16.58 -17.36
CA ALA E 304 37.20 -17.87 -17.83
C ALA E 304 38.01 -19.00 -17.21
N SER E 305 39.33 -18.82 -17.07
CA SER E 305 40.15 -19.84 -16.43
C SER E 305 39.74 -20.06 -14.98
N SER E 306 39.07 -19.10 -14.36
CA SER E 306 38.66 -19.21 -12.97
C SER E 306 37.28 -19.85 -12.80
N GLY E 307 36.58 -20.15 -13.89
CA GLY E 307 35.28 -20.81 -13.80
C GLY E 307 34.24 -19.98 -13.08
N VAL E 308 34.13 -18.71 -13.44
CA VAL E 308 33.20 -17.79 -12.81
C VAL E 308 32.11 -17.46 -13.83
N ASP E 309 31.02 -16.87 -13.34
CA ASP E 309 29.87 -16.56 -14.17
C ASP E 309 30.29 -15.70 -15.37
N VAL E 310 29.71 -16.02 -16.53
CA VAL E 310 30.00 -15.25 -17.74
C VAL E 310 29.61 -13.79 -17.55
N PHE E 311 28.49 -13.55 -16.86
CA PHE E 311 28.09 -12.19 -16.54
C PHE E 311 29.23 -11.43 -15.88
N THR E 312 29.83 -12.02 -14.85
CA THR E 312 30.92 -11.37 -14.13
C THR E 312 32.16 -11.21 -14.99
N ALA E 313 32.45 -12.20 -15.85
CA ALA E 313 33.63 -12.11 -16.70
C ALA E 313 33.50 -10.95 -17.67
N LEU E 314 32.37 -10.87 -18.39
CA LEU E 314 32.18 -9.72 -19.26
C LEU E 314 31.99 -8.44 -18.46
N ALA E 315 31.62 -8.55 -17.19
CA ALA E 315 31.64 -7.37 -16.31
C ALA E 315 33.03 -6.82 -16.17
N GLY E 316 33.99 -7.70 -15.88
CA GLY E 316 35.37 -7.26 -15.83
C GLY E 316 35.83 -6.70 -17.15
N ALA E 317 35.41 -7.33 -18.25
CA ALA E 317 35.83 -6.85 -19.58
C ALA E 317 35.31 -5.44 -19.84
N VAL E 318 34.02 -5.22 -19.64
CA VAL E 318 33.46 -3.91 -19.94
C VAL E 318 34.00 -2.87 -18.97
N GLY E 319 34.20 -3.24 -17.70
CA GLY E 319 34.80 -2.33 -16.75
C GLY E 319 36.21 -1.92 -17.17
N ALA E 320 36.95 -2.84 -17.79
CA ALA E 320 38.22 -2.46 -18.41
C ALA E 320 37.98 -1.46 -19.53
N LEU E 321 36.94 -1.68 -20.33
CA LEU E 321 36.60 -0.72 -21.38
C LEU E 321 36.17 0.64 -20.84
N TYR E 322 35.86 0.74 -19.55
CA TYR E 322 35.36 2.01 -19.01
C TYR E 322 36.39 3.14 -19.13
N GLY E 323 37.66 2.83 -18.91
CA GLY E 323 38.67 3.85 -18.75
C GLY E 323 38.85 4.75 -19.95
N PRO E 324 39.25 6.00 -19.70
CA PRO E 324 39.54 6.93 -20.81
C PRO E 324 40.72 6.53 -21.67
N LEU E 325 41.43 5.44 -21.34
CA LEU E 325 42.44 4.93 -22.25
C LEU E 325 41.81 4.50 -23.58
N HIS E 326 40.65 3.87 -23.52
CA HIS E 326 39.92 3.48 -24.71
C HIS E 326 38.94 4.55 -25.17
N GLY E 327 38.06 5.00 -24.27
CA GLY E 327 37.02 5.93 -24.65
C GLY E 327 37.45 7.38 -24.74
N GLY E 328 38.61 7.73 -24.20
CA GLY E 328 39.02 9.12 -24.12
C GLY E 328 39.49 9.74 -25.42
N ALA E 329 39.05 9.18 -26.55
CA ALA E 329 39.40 9.70 -27.86
C ALA E 329 38.24 10.37 -28.55
N ASN E 330 37.06 9.75 -28.54
CA ASN E 330 35.92 10.30 -29.28
C ASN E 330 35.49 11.64 -28.73
N GLU E 331 35.30 11.75 -27.42
CA GLU E 331 34.90 13.02 -26.83
C GLU E 331 36.01 14.05 -26.95
N ALA E 332 37.27 13.63 -26.87
CA ALA E 332 38.38 14.55 -27.04
C ALA E 332 38.38 15.17 -28.43
N VAL E 333 38.15 14.35 -29.46
CA VAL E 333 38.11 14.88 -30.83
C VAL E 333 36.88 15.75 -31.02
N LEU E 334 35.74 15.34 -30.45
CA LEU E 334 34.53 16.13 -30.58
C LEU E 334 34.70 17.52 -29.98
N LYS E 335 35.31 17.60 -28.79
CA LYS E 335 35.53 18.90 -28.16
C LYS E 335 36.65 19.67 -28.85
N MET E 336 37.63 18.96 -29.44
CA MET E 336 38.60 19.60 -30.32
C MET E 336 37.90 20.36 -31.43
N LEU E 337 36.99 19.68 -32.13
CA LEU E 337 36.25 20.32 -33.22
C LEU E 337 35.34 21.42 -32.71
N ASN E 338 34.75 21.23 -31.52
CA ASN E 338 33.85 22.23 -30.98
C ASN E 338 34.58 23.52 -30.63
N GLU E 339 35.74 23.40 -29.97
CA GLU E 339 36.42 24.61 -29.51
C GLU E 339 37.26 25.24 -30.61
N ILE E 340 37.70 24.47 -31.60
CA ILE E 340 38.34 25.11 -32.74
C ILE E 340 37.35 25.99 -33.49
N GLY E 341 36.06 25.67 -33.40
CA GLY E 341 35.03 26.60 -33.82
C GLY E 341 35.00 26.83 -35.32
N THR E 342 34.99 28.10 -35.71
CA THR E 342 34.72 28.50 -37.08
C THR E 342 35.90 28.14 -38.00
N VAL E 343 35.64 28.24 -39.30
CA VAL E 343 36.68 27.97 -40.30
C VAL E 343 37.78 29.01 -40.23
N GLU E 344 37.46 30.23 -39.80
CA GLU E 344 38.49 31.26 -39.66
C GLU E 344 39.55 30.88 -38.64
N ASN E 345 39.23 30.01 -37.69
CA ASN E 345 40.19 29.53 -36.72
C ASN E 345 40.96 28.31 -37.22
N ILE E 346 40.79 27.93 -38.47
CA ILE E 346 41.53 26.82 -39.08
C ILE E 346 42.92 27.26 -39.51
N PRO E 347 43.10 28.42 -40.20
CA PRO E 347 44.46 28.82 -40.59
C PRO E 347 45.41 28.92 -39.41
N ASP E 348 45.09 29.75 -38.42
CA ASP E 348 45.96 29.88 -37.25
C ASP E 348 46.08 28.57 -36.49
N PHE E 349 45.18 27.61 -36.74
CA PHE E 349 45.34 26.28 -36.17
C PHE E 349 46.26 25.41 -37.00
N ILE E 350 46.15 25.45 -38.33
CA ILE E 350 46.94 24.53 -39.14
C ILE E 350 48.43 24.90 -39.07
N GLU E 351 48.75 26.19 -39.21
CA GLU E 351 50.10 26.62 -38.93
C GLU E 351 50.51 26.25 -37.51
N GLY E 352 49.54 26.22 -36.59
CA GLY E 352 49.82 25.82 -35.22
C GLY E 352 50.37 24.41 -35.11
N VAL E 353 49.97 23.52 -36.02
CA VAL E 353 50.55 22.19 -36.02
C VAL E 353 51.78 22.13 -36.91
N LYS E 354 51.96 23.09 -37.83
CA LYS E 354 53.15 23.12 -38.65
C LYS E 354 54.38 23.53 -37.85
N ASN E 355 54.24 24.53 -36.97
CA ASN E 355 55.31 24.93 -36.07
C ASN E 355 55.24 24.22 -34.73
N ARG E 356 54.29 23.30 -34.56
CA ARG E 356 54.12 22.52 -33.34
C ARG E 356 53.80 23.41 -32.14
N LYS E 357 52.77 24.25 -32.30
CA LYS E 357 52.20 24.99 -31.18
C LYS E 357 50.74 24.66 -30.94
N ARG E 358 50.09 23.91 -31.83
CA ARG E 358 48.75 23.40 -31.63
C ARG E 358 48.73 21.92 -32.00
N LYS E 359 47.83 21.17 -31.36
CA LYS E 359 47.75 19.73 -31.52
C LYS E 359 46.41 19.33 -32.10
N MET E 360 46.44 18.44 -33.08
CA MET E 360 45.24 17.90 -33.71
C MET E 360 44.99 16.50 -33.18
N SER E 361 43.77 16.25 -32.72
CA SER E 361 43.36 14.96 -32.20
C SER E 361 42.32 14.36 -33.12
N GLY E 362 42.55 13.12 -33.55
CA GLY E 362 41.64 12.41 -34.44
C GLY E 362 42.22 12.11 -35.81
N PHE E 363 43.27 12.82 -36.22
CA PHE E 363 43.91 12.57 -37.49
C PHE E 363 45.14 11.66 -37.37
N GLY E 364 45.42 11.15 -36.18
CA GLY E 364 46.54 10.25 -35.99
C GLY E 364 46.25 9.10 -35.05
N HIS E 365 46.69 7.90 -35.42
CA HIS E 365 46.49 6.72 -34.57
C HIS E 365 47.52 5.68 -34.97
N ARG E 366 48.34 5.24 -34.01
CA ARG E 366 49.45 4.34 -34.32
C ARG E 366 48.97 3.08 -35.04
N VAL E 367 47.78 2.60 -34.70
CA VAL E 367 47.29 1.36 -35.32
C VAL E 367 47.12 1.54 -36.82
N TYR E 368 46.61 2.70 -37.26
CA TYR E 368 46.44 2.98 -38.68
C TYR E 368 46.81 4.43 -38.95
N LYS E 369 48.09 4.67 -39.26
CA LYS E 369 48.55 5.95 -39.76
C LYS E 369 48.59 6.01 -41.27
N ASN E 370 48.12 4.97 -41.95
CA ASN E 370 48.33 4.79 -43.37
C ASN E 370 47.12 4.08 -43.96
N TYR E 371 47.31 3.48 -45.13
CA TYR E 371 46.26 2.82 -45.91
C TYR E 371 45.31 2.02 -45.02
N ASP E 372 44.02 2.34 -45.12
CA ASP E 372 42.96 1.62 -44.43
C ASP E 372 41.63 1.90 -45.10
N PRO E 373 41.22 1.11 -46.09
CA PRO E 373 39.99 1.41 -46.84
C PRO E 373 38.74 1.45 -45.97
N ARG E 374 38.80 0.96 -44.73
CA ARG E 374 37.68 1.12 -43.82
C ARG E 374 37.32 2.58 -43.65
N ALA E 375 38.32 3.48 -43.71
CA ALA E 375 38.05 4.90 -43.68
C ALA E 375 37.21 5.33 -44.87
N LYS E 376 37.50 4.82 -46.07
CA LYS E 376 36.68 5.13 -47.23
C LYS E 376 35.27 4.58 -47.08
N VAL E 377 35.15 3.37 -46.52
CA VAL E 377 33.83 2.79 -46.30
C VAL E 377 33.00 3.65 -45.38
N ILE E 378 33.58 4.05 -44.25
CA ILE E 378 32.84 4.89 -43.31
C ILE E 378 32.63 6.30 -43.86
N ARG E 379 33.48 6.76 -44.78
CA ARG E 379 33.23 8.04 -45.43
C ARG E 379 31.99 7.96 -46.33
N LYS E 380 31.87 6.89 -47.10
CA LYS E 380 30.67 6.71 -47.91
C LYS E 380 29.44 6.57 -47.04
N LEU E 381 29.55 5.81 -45.94
CA LEU E 381 28.44 5.72 -45.00
C LEU E 381 28.11 7.08 -44.40
N ALA E 382 29.13 7.92 -44.16
CA ALA E 382 28.91 9.25 -43.63
C ALA E 382 28.14 10.11 -44.63
N GLU E 383 28.48 10.01 -45.91
CA GLU E 383 27.73 10.75 -46.92
C GLU E 383 26.28 10.27 -46.97
N GLU E 384 26.07 8.96 -46.86
CA GLU E 384 24.70 8.45 -46.82
C GLU E 384 23.95 8.97 -45.61
N VAL E 385 24.62 9.02 -44.45
CA VAL E 385 24.00 9.54 -43.24
C VAL E 385 23.65 11.01 -43.41
N PHE E 386 24.56 11.79 -44.01
CA PHE E 386 24.26 13.20 -44.29
C PHE E 386 23.02 13.32 -45.16
N SER E 387 22.90 12.46 -46.18
CA SER E 387 21.72 12.48 -47.02
C SER E 387 20.46 12.16 -46.22
N ILE E 388 20.55 11.19 -45.31
CA ILE E 388 19.36 10.70 -44.61
C ILE E 388 18.93 11.60 -43.44
N VAL E 389 19.83 12.38 -42.85
CA VAL E 389 19.47 13.20 -41.70
C VAL E 389 19.90 14.65 -41.84
N GLY E 390 20.83 15.00 -42.71
CA GLY E 390 21.29 16.36 -42.83
C GLY E 390 22.73 16.53 -42.36
N ARG E 391 23.05 17.76 -42.00
CA ARG E 391 24.40 18.10 -41.57
C ARG E 391 24.34 19.08 -40.41
N ASP E 392 25.45 19.20 -39.70
CA ASP E 392 25.61 20.07 -38.54
C ASP E 392 26.82 20.97 -38.78
N PRO E 393 26.86 22.13 -38.13
CA PRO E 393 27.98 23.07 -38.39
C PRO E 393 29.34 22.45 -38.14
N LEU E 394 29.47 21.62 -37.09
CA LEU E 394 30.74 20.95 -36.84
C LEU E 394 31.11 20.00 -37.96
N ILE E 395 30.12 19.35 -38.58
CA ILE E 395 30.40 18.46 -39.71
C ILE E 395 30.98 19.26 -40.87
N GLU E 396 30.40 20.42 -41.16
CA GLU E 396 30.91 21.26 -42.24
C GLU E 396 32.32 21.77 -41.93
N VAL E 397 32.56 22.16 -40.67
CA VAL E 397 33.89 22.62 -40.28
C VAL E 397 34.89 21.49 -40.43
N ALA E 398 34.52 20.28 -40.03
CA ALA E 398 35.43 19.14 -40.17
C ALA E 398 35.71 18.83 -41.64
N ILE E 399 34.68 18.94 -42.49
CA ILE E 399 34.88 18.71 -43.92
C ILE E 399 35.87 19.72 -44.49
N ALA E 400 35.67 21.00 -44.16
CA ALA E 400 36.59 22.03 -44.63
C ALA E 400 38.00 21.78 -44.11
N LEU E 401 38.12 21.40 -42.83
CA LEU E 401 39.43 21.14 -42.25
C LEU E 401 40.13 19.98 -42.94
N GLU E 402 39.40 18.89 -43.22
CA GLU E 402 40.03 17.74 -43.87
C GLU E 402 40.40 18.07 -45.31
N LYS E 403 39.58 18.86 -46.01
CA LYS E 403 39.93 19.26 -47.36
C LYS E 403 41.18 20.14 -47.37
N ALA E 404 41.30 21.03 -46.39
CA ALA E 404 42.55 21.80 -46.25
C ALA E 404 43.71 20.89 -45.91
N ALA E 405 43.48 19.86 -45.09
CA ALA E 405 44.52 18.94 -44.70
C ALA E 405 45.07 18.17 -45.90
N LEU E 406 44.19 17.72 -46.79
CA LEU E 406 44.64 17.03 -48.00
C LEU E 406 45.52 17.93 -48.85
N SER E 407 45.15 19.21 -48.96
CA SER E 407 45.99 20.18 -49.68
C SER E 407 47.24 20.56 -48.90
N ASP E 408 47.34 20.19 -47.63
CA ASP E 408 48.47 20.53 -46.80
C ASP E 408 49.44 19.34 -46.73
N GLU E 409 50.72 19.63 -46.91
CA GLU E 409 51.74 18.59 -46.89
C GLU E 409 52.00 18.05 -45.49
N TYR E 410 51.73 18.86 -44.45
CA TYR E 410 52.05 18.44 -43.09
C TYR E 410 51.25 17.21 -42.67
N PHE E 411 49.95 17.19 -43.01
CA PHE E 411 49.10 16.07 -42.60
C PHE E 411 49.53 14.78 -43.30
N ILE E 412 49.67 14.82 -44.62
CA ILE E 412 49.97 13.58 -45.36
C ILE E 412 51.39 13.12 -45.08
N LYS E 413 52.35 14.05 -45.05
CA LYS E 413 53.74 13.67 -44.83
C LYS E 413 53.94 13.03 -43.47
N ARG E 414 53.30 13.59 -42.44
CA ARG E 414 53.35 13.03 -41.10
C ARG E 414 52.29 11.97 -40.85
N LYS E 415 51.69 11.46 -41.92
CA LYS E 415 50.69 10.38 -41.86
C LYS E 415 49.45 10.79 -41.07
N LEU E 416 49.20 12.10 -40.95
CA LEU E 416 48.07 12.61 -40.16
C LEU E 416 46.83 12.68 -41.06
N TYR E 417 46.26 11.51 -41.33
CA TYR E 417 45.03 11.41 -42.09
C TYR E 417 43.88 11.05 -41.17
N PRO E 418 42.65 11.51 -41.46
CA PRO E 418 41.53 11.27 -40.53
C PRO E 418 41.32 9.80 -40.29
N ASN E 419 41.04 9.46 -39.03
CA ASN E 419 40.95 8.08 -38.59
C ASN E 419 39.48 7.65 -38.48
N VAL E 420 39.30 6.39 -38.10
CA VAL E 420 37.94 5.83 -37.96
C VAL E 420 37.20 6.54 -36.84
N ASP E 421 37.89 6.85 -35.74
CA ASP E 421 37.23 7.46 -34.59
C ASP E 421 36.63 8.81 -34.95
N PHE E 422 37.34 9.60 -35.75
CA PHE E 422 36.87 10.92 -36.16
C PHE E 422 35.51 10.82 -36.85
N TYR E 423 35.47 10.14 -37.99
CA TYR E 423 34.24 10.01 -38.77
C TYR E 423 33.16 9.31 -37.96
N SER E 424 33.53 8.26 -37.22
CA SER E 424 32.54 7.52 -36.44
C SER E 424 31.88 8.41 -35.40
N GLY E 425 32.66 9.22 -34.69
CA GLY E 425 32.07 10.14 -33.73
C GLY E 425 31.18 11.17 -34.39
N LEU E 426 31.60 11.68 -35.55
CA LEU E 426 30.70 12.54 -36.31
C LEU E 426 29.37 11.83 -36.58
N ILE E 427 29.43 10.55 -36.91
CA ILE E 427 28.21 9.80 -37.21
C ILE E 427 27.36 9.62 -35.95
N TYR E 428 27.98 9.28 -34.83
CA TYR E 428 27.21 9.14 -33.59
C TYR E 428 26.51 10.45 -33.25
N ARG E 429 27.18 11.57 -33.47
CA ARG E 429 26.48 12.86 -33.35
C ARG E 429 25.33 12.93 -34.35
N ALA E 430 25.56 12.45 -35.57
CA ALA E 430 24.54 12.55 -36.62
C ALA E 430 23.26 11.81 -36.26
N MET E 431 23.37 10.66 -35.57
CA MET E 431 22.15 10.01 -35.08
C MET E 431 21.54 10.73 -33.88
N GLY E 432 21.98 11.94 -33.56
CA GLY E 432 21.46 12.64 -32.42
C GLY E 432 21.80 11.99 -31.09
N PHE E 433 23.03 11.49 -30.95
CA PHE E 433 23.45 10.88 -29.70
C PHE E 433 24.38 11.82 -28.96
N PRO E 434 24.21 11.96 -27.64
CA PRO E 434 25.07 12.85 -26.87
C PRO E 434 26.48 12.30 -26.76
N THR E 435 27.42 13.22 -26.55
CA THR E 435 28.81 12.82 -26.44
C THR E 435 29.02 11.87 -25.27
N GLU E 436 28.31 12.10 -24.15
CA GLU E 436 28.43 11.24 -23.00
C GLU E 436 28.03 9.80 -23.32
N PHE E 437 27.06 9.61 -24.22
CA PHE E 437 26.66 8.27 -24.62
C PHE E 437 27.53 7.71 -25.74
N PHE E 438 28.74 8.24 -25.92
CA PHE E 438 29.64 7.69 -26.94
C PHE E 438 30.21 6.33 -26.55
N PRO E 439 30.89 6.18 -25.41
CA PRO E 439 31.63 4.92 -25.16
C PRO E 439 30.77 3.67 -25.18
N VAL E 440 29.52 3.76 -24.71
CA VAL E 440 28.66 2.58 -24.73
C VAL E 440 28.45 2.09 -26.15
N LEU E 441 28.34 3.01 -27.11
CA LEU E 441 28.18 2.63 -28.50
C LEU E 441 29.42 1.92 -29.03
N PHE E 442 30.57 2.11 -28.38
CA PHE E 442 31.78 1.38 -28.74
C PHE E 442 31.87 0.01 -28.08
N ALA E 443 30.88 -0.37 -27.27
CA ALA E 443 30.97 -1.59 -26.46
C ALA E 443 29.98 -2.67 -26.86
N ILE E 444 28.82 -2.30 -27.36
CA ILE E 444 27.77 -3.27 -27.72
C ILE E 444 28.28 -4.33 -28.70
N PRO E 445 29.07 -3.98 -29.73
CA PRO E 445 29.58 -5.05 -30.59
C PRO E 445 30.73 -5.84 -29.98
N ARG E 446 31.63 -5.18 -29.26
CA ARG E 446 32.88 -5.80 -28.85
C ARG E 446 32.64 -7.07 -28.04
N MET E 447 31.64 -7.04 -27.15
CA MET E 447 31.27 -8.20 -26.36
C MET E 447 31.21 -9.48 -27.20
N ALA E 448 30.66 -9.39 -28.41
CA ALA E 448 30.61 -10.55 -29.30
C ALA E 448 31.99 -11.20 -29.42
N GLY E 449 32.97 -10.44 -29.92
CA GLY E 449 34.31 -10.98 -30.02
C GLY E 449 34.82 -11.47 -28.68
N TYR E 450 34.53 -10.73 -27.62
CA TYR E 450 34.94 -11.16 -26.29
C TYR E 450 34.36 -12.53 -25.97
N LEU E 451 33.05 -12.70 -26.23
CA LEU E 451 32.44 -14.01 -25.97
C LEU E 451 33.04 -15.06 -26.89
N ALA E 452 33.49 -14.67 -28.09
CA ALA E 452 34.12 -15.62 -28.98
C ALA E 452 35.37 -16.22 -28.36
N HIS E 453 36.01 -15.50 -27.43
CA HIS E 453 37.17 -16.06 -26.76
C HIS E 453 36.80 -16.96 -25.60
N TRP E 454 35.60 -16.79 -25.03
CA TRP E 454 35.25 -17.45 -23.77
C TRP E 454 35.42 -18.95 -23.88
N ARG E 455 34.62 -19.61 -24.72
CA ARG E 455 34.82 -21.04 -24.95
C ARG E 455 36.21 -21.30 -25.50
N GLU E 456 36.70 -20.40 -26.36
CA GLU E 456 38.06 -20.54 -26.88
C GLU E 456 39.08 -20.51 -25.74
N SER E 457 38.85 -19.68 -24.73
CA SER E 457 39.69 -19.69 -23.56
C SER E 457 39.38 -20.87 -22.65
N LEU E 458 38.14 -21.36 -22.67
CA LEU E 458 37.77 -22.49 -21.83
C LEU E 458 38.44 -23.78 -22.30
N ASP E 459 38.56 -23.95 -23.61
CA ASP E 459 39.10 -25.18 -24.18
C ASP E 459 40.61 -25.16 -24.34
N ASP E 460 41.27 -24.08 -23.95
CA ASP E 460 42.73 -24.02 -24.01
C ASP E 460 43.30 -24.46 -22.68
N PRO E 461 44.01 -25.60 -22.61
CA PRO E 461 44.47 -26.10 -21.31
C PRO E 461 45.50 -25.21 -20.63
N ASP E 462 46.25 -24.42 -21.39
CA ASP E 462 47.37 -23.66 -20.81
C ASP E 462 46.88 -22.63 -19.80
N THR E 463 45.80 -21.93 -20.10
CA THR E 463 45.34 -20.86 -19.22
C THR E 463 44.80 -21.45 -17.92
N LYS E 464 45.34 -20.97 -16.79
CA LYS E 464 44.96 -21.43 -15.46
C LYS E 464 45.11 -20.24 -14.50
N ILE E 465 45.09 -20.55 -13.21
CA ILE E 465 45.51 -19.57 -12.21
C ILE E 465 47.03 -19.45 -12.25
N MET E 466 47.52 -18.22 -12.25
CA MET E 466 48.93 -17.96 -12.52
C MET E 466 49.61 -17.37 -11.30
N ARG E 467 50.94 -17.43 -11.32
CA ARG E 467 51.76 -16.64 -10.40
C ARG E 467 52.45 -15.54 -11.20
N PRO E 468 52.02 -14.28 -11.08
CA PRO E 468 52.73 -13.20 -11.76
C PRO E 468 54.11 -13.00 -11.17
N GLN E 469 55.02 -12.54 -12.03
CA GLN E 469 56.40 -12.28 -11.62
C GLN E 469 56.54 -10.85 -11.13
N GLN E 470 57.44 -10.65 -10.17
CA GLN E 470 57.64 -9.32 -9.59
C GLN E 470 59.00 -9.28 -8.93
N VAL E 471 59.46 -8.06 -8.65
CA VAL E 471 60.70 -7.81 -7.93
C VAL E 471 60.34 -7.15 -6.62
N TYR E 472 60.61 -7.83 -5.51
CA TYR E 472 60.32 -7.32 -4.16
C TYR E 472 61.61 -6.71 -3.61
N THR E 473 61.76 -5.40 -3.78
CA THR E 473 62.92 -4.68 -3.27
C THR E 473 62.72 -4.20 -1.85
N GLY E 474 61.56 -4.47 -1.25
CA GLY E 474 61.33 -4.08 0.13
C GLY E 474 62.20 -4.85 1.10
N VAL E 475 62.15 -4.42 2.36
CA VAL E 475 62.96 -5.02 3.42
C VAL E 475 62.69 -6.52 3.48
N TRP E 476 63.75 -7.31 3.28
CA TRP E 476 63.61 -8.77 3.27
C TRP E 476 63.24 -9.29 4.65
N LEU E 477 63.82 -8.70 5.70
CA LEU E 477 63.56 -9.14 7.08
C LEU E 477 63.50 -7.91 7.97
N ARG E 478 62.29 -7.49 8.31
CA ARG E 478 62.06 -6.40 9.26
C ARG E 478 61.14 -6.92 10.34
N HIS E 479 61.56 -6.78 11.59
CA HIS E 479 60.84 -7.36 12.71
C HIS E 479 59.89 -6.36 13.36
N TYR E 480 58.75 -6.86 13.81
CA TYR E 480 57.73 -6.01 14.40
C TYR E 480 58.21 -5.41 15.72
N THR E 481 57.73 -4.21 16.00
CA THR E 481 58.07 -3.47 17.21
C THR E 481 56.79 -3.03 17.91
N PRO E 482 56.71 -3.22 19.23
CA PRO E 482 55.53 -2.73 19.96
C PRO E 482 55.45 -1.21 19.90
N LEU E 483 54.22 -0.70 19.95
CA LEU E 483 53.98 0.74 19.90
C LEU E 483 54.06 1.34 21.32
N GLN E 484 55.22 1.13 21.94
CA GLN E 484 55.52 1.72 23.24
C GLN E 484 56.72 2.64 23.19
N GLU E 485 57.86 2.17 22.67
CA GLU E 485 59.05 3.01 22.58
C GLU E 485 59.02 3.95 21.38
N ARG E 486 58.08 3.77 20.45
CA ARG E 486 58.00 4.66 19.31
C ARG E 486 57.51 6.04 19.72
N GLU E 492 56.13 13.35 6.99
CA GLU E 492 56.21 12.84 5.63
C GLU E 492 54.90 12.87 4.87
N ASP E 493 53.75 12.83 5.54
CA ASP E 493 52.47 12.83 4.85
C ASP E 493 51.42 13.49 5.72
N LYS E 494 50.34 13.93 5.08
CA LYS E 494 49.22 14.54 5.79
C LYS E 494 48.32 13.53 6.47
N LEU E 495 48.55 12.23 6.22
CA LEU E 495 47.75 11.15 6.80
C LEU E 495 46.26 11.33 6.46
N GLY E 496 46.01 11.53 5.17
CA GLY E 496 44.65 11.70 4.64
C GLY E 496 43.93 12.86 5.34
N GLN E 497 44.47 14.07 5.14
CA GLN E 497 43.91 15.27 5.74
C GLN E 497 42.48 15.49 5.27
N VAL E 498 41.53 15.35 6.19
CA VAL E 498 40.11 15.54 5.88
C VAL E 498 39.72 16.96 6.24
N ALA E 499 39.23 17.71 5.25
CA ALA E 499 38.84 19.09 5.46
C ALA E 499 37.64 19.15 6.41
N VAL E 500 37.86 19.64 7.63
CA VAL E 500 36.81 19.75 8.64
C VAL E 500 36.37 21.22 8.67
N SER E 501 35.50 21.57 7.73
CA SER E 501 34.89 22.89 7.69
C SER E 501 33.38 22.87 7.57
N ASN E 502 32.81 21.88 6.89
CA ASN E 502 31.38 21.64 6.88
C ASN E 502 30.95 20.66 7.96
N ALA E 503 31.89 20.12 8.73
CA ALA E 503 31.59 19.21 9.82
C ALA E 503 31.53 19.91 11.17
N THR E 504 31.68 21.23 11.21
CA THR E 504 31.57 21.97 12.45
C THR E 504 30.14 22.23 12.87
N ARG E 505 29.17 22.05 11.97
CA ARG E 505 27.76 22.16 12.30
C ARG E 505 26.98 20.86 12.15
N ARG E 506 27.46 19.92 11.33
CA ARG E 506 26.80 18.64 11.16
C ARG E 506 27.52 17.48 11.85
N ARG E 507 28.75 17.70 12.32
CA ARG E 507 29.49 16.67 13.04
C ARG E 507 30.23 17.27 14.24
N LEU E 508 29.69 18.34 14.81
CA LEU E 508 30.29 19.02 15.97
C LEU E 508 31.73 19.42 15.70
N PRO F 106 58.92 -5.87 -17.81
CA PRO F 106 58.04 -6.69 -16.96
C PRO F 106 57.39 -5.89 -15.83
N VAL F 107 56.32 -6.44 -15.27
CA VAL F 107 55.62 -5.80 -14.16
C VAL F 107 56.23 -6.29 -12.85
N ARG F 108 56.58 -5.35 -11.98
CA ARG F 108 57.23 -5.69 -10.72
C ARG F 108 56.71 -4.80 -9.60
N SER F 109 56.52 -5.39 -8.43
CA SER F 109 56.11 -4.66 -7.23
C SER F 109 56.75 -5.30 -6.02
N SER F 110 56.90 -4.51 -4.96
CA SER F 110 57.59 -4.92 -3.74
C SER F 110 56.66 -4.90 -2.55
N ILE F 111 55.40 -5.30 -2.76
CA ILE F 111 54.41 -5.22 -1.70
C ILE F 111 54.68 -6.26 -0.61
N CYS F 112 54.99 -7.50 -1.00
CA CYS F 112 55.12 -8.58 -0.03
C CYS F 112 55.89 -9.73 -0.68
N TYR F 113 56.27 -10.69 0.16
CA TYR F 113 57.03 -11.85 -0.27
C TYR F 113 56.44 -13.11 0.38
N ILE F 114 56.46 -14.21 -0.36
CA ILE F 114 56.07 -15.52 0.16
C ILE F 114 57.26 -16.46 0.01
N ASP F 115 57.63 -17.12 1.11
CA ASP F 115 58.58 -18.22 1.07
C ASP F 115 57.75 -19.49 0.90
N GLY F 116 57.69 -19.99 -0.35
CA GLY F 116 56.80 -21.10 -0.63
C GLY F 116 57.13 -22.35 0.15
N ASP F 117 58.41 -22.72 0.19
CA ASP F 117 58.80 -23.94 0.88
C ASP F 117 58.52 -23.85 2.38
N GLU F 118 58.86 -22.72 3.00
CA GLU F 118 58.68 -22.54 4.44
C GLU F 118 57.33 -21.95 4.81
N GLY F 119 56.53 -21.51 3.84
CA GLY F 119 55.24 -20.92 4.15
C GLY F 119 55.32 -19.64 4.95
N ILE F 120 56.23 -18.75 4.58
CA ILE F 120 56.44 -17.49 5.29
C ILE F 120 55.75 -16.37 4.54
N LEU F 121 54.97 -15.57 5.25
CA LEU F 121 54.33 -14.38 4.71
C LEU F 121 55.03 -13.16 5.31
N ARG F 122 55.56 -12.30 4.45
CA ARG F 122 56.32 -11.13 4.89
C ARG F 122 55.70 -9.88 4.29
N TYR F 123 54.82 -9.24 5.06
CA TYR F 123 54.30 -7.92 4.72
C TYR F 123 55.39 -6.91 5.05
N ARG F 124 56.27 -6.67 4.08
CA ARG F 124 57.46 -5.84 4.26
C ARG F 124 58.38 -6.40 5.34
N GLY F 125 58.75 -7.68 5.16
CA GLY F 125 59.70 -8.34 6.01
C GLY F 125 59.16 -8.80 7.36
N TYR F 126 57.92 -8.47 7.69
CA TYR F 126 57.36 -8.83 8.99
C TYR F 126 56.72 -10.20 8.91
N PRO F 127 57.12 -11.16 9.75
CA PRO F 127 56.40 -12.43 9.81
C PRO F 127 54.95 -12.21 10.24
N ILE F 128 54.04 -12.98 9.65
CA ILE F 128 52.62 -12.76 9.88
C ILE F 128 52.25 -12.99 11.34
N GLU F 129 52.94 -13.91 12.01
CA GLU F 129 52.66 -14.15 13.43
C GLU F 129 52.95 -12.92 14.27
N GLU F 130 54.04 -12.19 13.94
CA GLU F 130 54.35 -10.97 14.67
C GLU F 130 53.20 -9.97 14.57
N LEU F 131 52.57 -9.87 13.41
CA LEU F 131 51.39 -9.04 13.27
C LEU F 131 50.27 -9.54 14.16
N ALA F 132 49.82 -10.79 13.94
CA ALA F 132 48.62 -11.29 14.60
C ALA F 132 48.79 -11.36 16.11
N GLU F 133 50.02 -11.29 16.63
CA GLU F 133 50.19 -11.33 18.08
C GLU F 133 49.54 -10.13 18.76
N SER F 134 49.73 -8.91 18.22
CA SER F 134 49.23 -7.73 18.90
C SER F 134 48.70 -6.64 17.97
N SER F 135 48.63 -6.86 16.67
CA SER F 135 48.32 -5.76 15.76
C SER F 135 46.82 -5.47 15.71
N SER F 136 46.51 -4.26 15.27
CA SER F 136 45.15 -3.84 14.97
C SER F 136 44.97 -3.72 13.46
N TYR F 137 43.72 -3.81 13.02
CA TYR F 137 43.46 -3.84 11.58
C TYR F 137 43.86 -2.56 10.86
N PRO F 138 43.47 -1.36 11.32
CA PRO F 138 44.00 -0.16 10.65
C PRO F 138 45.50 -0.08 10.72
N GLU F 139 46.10 -0.58 11.81
CA GLU F 139 47.55 -0.58 11.94
C GLU F 139 48.20 -1.35 10.81
N VAL F 140 47.78 -2.60 10.59
CA VAL F 140 48.39 -3.40 9.54
C VAL F 140 48.00 -2.89 8.17
N ALA F 141 46.80 -2.31 8.03
CA ALA F 141 46.41 -1.71 6.76
C ALA F 141 47.41 -0.63 6.36
N TYR F 142 47.64 0.34 7.26
CA TYR F 142 48.61 1.39 6.97
C TYR F 142 50.01 0.82 6.81
N LEU F 143 50.34 -0.20 7.59
CA LEU F 143 51.66 -0.85 7.52
C LEU F 143 51.93 -1.35 6.11
N LEU F 144 51.13 -2.30 5.66
CA LEU F 144 51.39 -2.92 4.37
C LEU F 144 51.15 -1.95 3.21
N MET F 145 50.10 -1.15 3.27
CA MET F 145 49.80 -0.32 2.11
C MET F 145 50.77 0.85 1.94
N TYR F 146 51.69 1.06 2.87
CA TYR F 146 52.76 2.03 2.67
C TYR F 146 54.14 1.50 3.05
N GLY F 147 54.25 0.26 3.51
CA GLY F 147 55.56 -0.31 3.82
C GLY F 147 56.22 0.25 5.06
N ASN F 148 55.46 0.87 5.96
CA ASN F 148 56.04 1.45 7.17
C ASN F 148 55.05 1.33 8.31
N LEU F 149 55.58 1.20 9.52
CA LEU F 149 54.74 1.08 10.70
C LEU F 149 54.00 2.40 10.95
N PRO F 150 52.74 2.33 11.40
CA PRO F 150 52.03 3.56 11.79
C PRO F 150 52.40 3.97 13.21
N SER F 151 53.00 5.14 13.35
CA SER F 151 53.44 5.63 14.65
C SER F 151 52.23 6.08 15.48
N LYS F 152 52.51 6.54 16.69
CA LYS F 152 51.44 6.97 17.60
C LYS F 152 50.54 8.01 16.94
N SER F 153 51.11 9.14 16.52
CA SER F 153 50.34 10.14 15.81
C SER F 153 49.83 9.59 14.48
N GLN F 154 50.68 8.83 13.77
CA GLN F 154 50.29 8.28 12.48
C GLN F 154 49.11 7.34 12.60
N LEU F 155 49.21 6.36 13.50
CA LEU F 155 48.11 5.41 13.68
C LEU F 155 46.89 6.10 14.25
N ALA F 156 47.07 7.07 15.13
CA ALA F 156 45.94 7.81 15.68
C ALA F 156 45.17 8.52 14.59
N ASP F 157 45.89 9.22 13.69
CA ASP F 157 45.23 9.90 12.58
C ASP F 157 44.58 8.90 11.63
N TRP F 158 45.25 7.77 11.39
CA TRP F 158 44.69 6.77 10.48
C TRP F 158 43.38 6.21 11.02
N GLU F 159 43.37 5.76 12.28
CA GLU F 159 42.14 5.24 12.86
C GLU F 159 41.08 6.34 12.99
N PHE F 160 41.51 7.58 13.23
CA PHE F 160 40.59 8.71 13.25
C PHE F 160 39.85 8.82 11.92
N ALA F 161 40.61 8.86 10.83
CA ALA F 161 40.01 8.96 9.51
C ALA F 161 39.12 7.76 9.20
N ILE F 162 39.56 6.56 9.59
CA ILE F 162 38.76 5.36 9.33
C ILE F 162 37.43 5.44 10.07
N SER F 163 37.46 5.90 11.32
CA SER F 163 36.23 5.94 12.11
C SER F 163 35.31 7.07 11.66
N GLN F 164 35.86 8.17 11.13
CA GLN F 164 35.02 9.30 10.75
C GLN F 164 34.03 8.93 9.66
N HIS F 165 34.53 8.51 8.51
CA HIS F 165 33.66 8.29 7.35
C HIS F 165 33.09 6.87 7.35
N SER F 166 32.98 6.26 8.53
CA SER F 166 32.38 4.93 8.62
C SER F 166 30.97 4.91 8.06
N ALA F 167 30.28 6.04 8.07
CA ALA F 167 28.95 6.11 7.49
C ALA F 167 29.00 5.81 6.00
N VAL F 168 28.10 4.94 5.56
CA VAL F 168 27.98 4.59 4.14
C VAL F 168 26.83 5.40 3.56
N PRO F 169 26.88 5.79 2.29
CA PRO F 169 25.73 6.46 1.67
C PRO F 169 24.48 5.60 1.77
N GLN F 170 23.33 6.24 1.54
CA GLN F 170 22.04 5.59 1.67
C GLN F 170 21.43 5.18 0.35
N GLY F 171 21.91 5.74 -0.76
CA GLY F 171 21.51 5.21 -2.06
C GLY F 171 21.85 3.75 -2.20
N VAL F 172 23.02 3.34 -1.70
CA VAL F 172 23.35 1.92 -1.68
C VAL F 172 22.45 1.15 -0.73
N LEU F 173 21.85 1.81 0.26
CA LEU F 173 20.83 1.14 1.06
C LEU F 173 19.56 0.90 0.24
N ASP F 174 19.16 1.87 -0.58
CA ASP F 174 18.11 1.59 -1.55
C ASP F 174 18.51 0.44 -2.45
N ILE F 175 19.80 0.36 -2.78
CA ILE F 175 20.29 -0.71 -3.64
C ILE F 175 20.11 -2.06 -2.97
N ILE F 176 20.53 -2.17 -1.70
CA ILE F 176 20.43 -3.45 -1.00
C ILE F 176 18.97 -3.82 -0.79
N GLN F 177 18.10 -2.84 -0.59
CA GLN F 177 16.66 -3.14 -0.66
C GLN F 177 16.26 -3.60 -2.05
N GLY F 178 17.00 -3.22 -3.09
CA GLY F 178 16.67 -3.66 -4.43
C GLY F 178 16.84 -5.15 -4.64
N MET F 179 17.96 -5.70 -4.18
CA MET F 179 18.25 -7.11 -4.43
C MET F 179 17.28 -8.02 -3.66
N PRO F 180 16.93 -9.16 -4.24
CA PRO F 180 15.93 -10.04 -3.61
C PRO F 180 16.46 -10.68 -2.33
N HIS F 181 15.55 -11.40 -1.67
CA HIS F 181 15.86 -12.00 -0.38
C HIS F 181 16.92 -13.10 -0.51
N ASP F 182 16.70 -14.04 -1.44
CA ASP F 182 17.59 -15.18 -1.59
C ASP F 182 18.82 -14.88 -2.44
N ALA F 183 19.13 -13.60 -2.66
CA ALA F 183 20.27 -13.23 -3.50
C ALA F 183 21.58 -13.64 -2.86
N HIS F 184 22.50 -14.11 -3.68
CA HIS F 184 23.84 -14.44 -3.21
C HIS F 184 24.58 -13.15 -2.87
N PRO F 185 25.09 -13.00 -1.64
CA PRO F 185 25.64 -11.71 -1.22
C PRO F 185 26.85 -11.25 -2.03
N MET F 186 27.47 -12.12 -2.81
CA MET F 186 28.63 -11.71 -3.61
C MET F 186 28.20 -10.80 -4.76
N GLY F 187 27.18 -11.21 -5.50
CA GLY F 187 26.62 -10.33 -6.52
C GLY F 187 26.01 -9.08 -5.90
N VAL F 188 25.39 -9.23 -4.74
CA VAL F 188 24.91 -8.07 -3.99
C VAL F 188 26.04 -7.10 -3.72
N LEU F 189 27.18 -7.62 -3.29
CA LEU F 189 28.33 -6.81 -2.94
C LEU F 189 28.91 -6.08 -4.15
N VAL F 190 29.07 -6.79 -5.26
CA VAL F 190 29.63 -6.13 -6.45
C VAL F 190 28.66 -5.09 -6.99
N CYS F 191 27.36 -5.39 -6.97
CA CYS F 191 26.37 -4.40 -7.37
C CYS F 191 26.39 -3.18 -6.46
N ALA F 192 26.56 -3.41 -5.16
CA ALA F 192 26.58 -2.30 -4.21
C ALA F 192 27.75 -1.37 -4.48
N MET F 193 28.95 -1.93 -4.69
CA MET F 193 30.06 -1.04 -5.00
C MET F 193 29.98 -0.44 -6.40
N SER F 194 29.30 -1.08 -7.35
CA SER F 194 29.05 -0.40 -8.63
C SER F 194 28.17 0.84 -8.41
N ALA F 195 27.11 0.68 -7.63
CA ALA F 195 26.26 1.83 -7.31
C ALA F 195 27.04 2.90 -6.56
N LEU F 196 27.91 2.49 -5.64
CA LEU F 196 28.75 3.44 -4.93
C LEU F 196 29.67 4.18 -5.88
N SER F 197 30.16 3.50 -6.89
CA SER F 197 30.99 4.21 -7.81
C SER F 197 30.13 5.29 -8.30
N VAL F 198 29.04 4.88 -8.90
CA VAL F 198 28.20 5.91 -9.51
C VAL F 198 27.94 7.05 -8.52
N PHE F 199 27.92 6.76 -7.23
CA PHE F 199 27.51 7.71 -6.20
C PHE F 199 28.63 8.61 -5.71
N HIS F 200 29.77 8.62 -6.38
CA HIS F 200 30.87 9.53 -6.05
C HIS F 200 31.36 10.21 -7.31
N PRO F 201 30.57 11.15 -7.84
CA PRO F 201 30.98 11.84 -9.08
C PRO F 201 32.28 12.60 -8.97
N ASP F 202 32.63 13.09 -7.79
CA ASP F 202 33.90 13.79 -7.61
C ASP F 202 35.10 12.87 -7.72
N ALA F 203 34.89 11.54 -7.69
CA ALA F 203 35.98 10.58 -7.72
C ALA F 203 36.01 9.74 -8.99
N ASN F 204 35.22 10.08 -10.01
CA ASN F 204 35.31 9.20 -11.16
C ASN F 204 36.01 9.88 -12.33
N PRO F 205 36.62 9.09 -13.23
CA PRO F 205 37.26 9.69 -14.41
C PRO F 205 36.27 10.15 -15.48
N ALA F 206 34.97 9.90 -15.31
CA ALA F 206 34.01 10.27 -16.32
C ALA F 206 33.90 11.79 -16.47
N LEU F 207 34.25 12.54 -15.43
CA LEU F 207 34.11 14.00 -15.49
C LEU F 207 35.29 14.73 -14.86
N ARG F 208 36.36 14.04 -14.47
CA ARG F 208 37.49 14.69 -13.83
C ARG F 208 38.82 14.39 -14.50
N GLY F 209 38.80 13.80 -15.70
CA GLY F 209 40.04 13.56 -16.41
C GLY F 209 40.92 12.51 -15.74
N GLN F 210 42.22 12.60 -16.05
CA GLN F 210 43.21 11.68 -15.52
C GLN F 210 43.99 12.24 -14.34
N ASP F 211 44.08 13.56 -14.20
CA ASP F 211 44.78 14.15 -13.07
C ASP F 211 44.11 13.81 -11.75
N LEU F 212 42.78 13.58 -11.78
CA LEU F 212 42.04 13.27 -10.57
C LEU F 212 42.65 12.10 -9.81
N TYR F 213 43.16 11.11 -10.54
CA TYR F 213 43.76 9.92 -9.94
C TYR F 213 45.27 10.02 -9.89
N LYS F 214 45.80 11.22 -9.69
CA LYS F 214 47.24 11.42 -9.48
C LYS F 214 47.58 12.09 -8.16
N SER F 215 46.71 12.97 -7.66
CA SER F 215 46.99 13.65 -6.41
C SER F 215 46.88 12.67 -5.24
N LYS F 216 47.82 12.80 -4.29
CA LYS F 216 47.83 11.90 -3.14
C LYS F 216 46.66 12.15 -2.20
N GLN F 217 46.20 13.39 -2.09
CA GLN F 217 45.14 13.71 -1.14
C GLN F 217 43.84 12.99 -1.51
N LEU F 218 43.40 13.11 -2.78
CA LEU F 218 42.22 12.38 -3.21
C LEU F 218 42.43 10.88 -3.14
N ARG F 219 43.64 10.43 -3.46
CA ARG F 219 43.94 9.00 -3.41
C ARG F 219 43.69 8.45 -2.01
N ASP F 220 44.28 9.08 -1.02
CA ASP F 220 44.02 8.60 0.30
C ASP F 220 42.55 8.72 0.62
N LYS F 221 42.01 9.90 0.44
CA LYS F 221 40.62 10.13 0.83
C LYS F 221 39.73 9.00 0.34
N GLN F 222 39.83 8.65 -0.94
CA GLN F 222 39.00 7.58 -1.47
C GLN F 222 39.44 6.22 -0.93
N ILE F 223 40.73 6.04 -0.61
CA ILE F 223 41.17 4.78 -0.03
C ILE F 223 40.47 4.55 1.31
N VAL F 224 40.53 5.54 2.20
CA VAL F 224 39.88 5.38 3.50
C VAL F 224 38.37 5.35 3.33
N ARG F 225 37.84 6.05 2.32
CA ARG F 225 36.41 6.03 2.08
C ARG F 225 35.92 4.63 1.76
N ILE F 226 36.56 3.97 0.79
CA ILE F 226 36.14 2.62 0.42
C ILE F 226 36.41 1.64 1.55
N LEU F 227 37.51 1.84 2.29
CA LEU F 227 37.79 0.97 3.44
C LEU F 227 36.68 1.05 4.47
N GLY F 228 36.14 2.25 4.68
CA GLY F 228 34.95 2.37 5.52
C GLY F 228 33.73 1.73 4.90
N LYS F 229 33.51 1.95 3.60
CA LYS F 229 32.24 1.56 2.98
C LYS F 229 32.08 0.05 2.93
N VAL F 230 33.13 -0.68 2.60
CA VAL F 230 32.98 -2.12 2.33
C VAL F 230 32.41 -2.89 3.52
N PRO F 231 32.98 -2.82 4.72
CA PRO F 231 32.42 -3.60 5.83
C PRO F 231 31.01 -3.21 6.19
N THR F 232 30.66 -1.92 6.03
CA THR F 232 29.29 -1.50 6.30
C THR F 232 28.32 -2.23 5.39
N ILE F 233 28.64 -2.31 4.11
CA ILE F 233 27.76 -3.02 3.17
C ILE F 233 27.76 -4.51 3.46
N ALA F 234 28.89 -5.08 3.86
CA ALA F 234 28.91 -6.49 4.23
C ALA F 234 27.98 -6.75 5.42
N ALA F 235 28.02 -5.88 6.42
CA ALA F 235 27.12 -6.01 7.57
C ALA F 235 25.67 -5.85 7.14
N ALA F 236 25.42 -4.92 6.22
CA ALA F 236 24.07 -4.75 5.70
C ALA F 236 23.59 -6.03 5.02
N ALA F 237 24.45 -6.67 4.24
CA ALA F 237 24.10 -7.92 3.60
C ALA F 237 23.78 -9.00 4.62
N TYR F 238 24.64 -9.13 5.65
CA TYR F 238 24.38 -10.08 6.72
C TYR F 238 23.02 -9.84 7.36
N LEU F 239 22.74 -8.59 7.72
CA LEU F 239 21.56 -8.31 8.52
C LEU F 239 20.29 -8.42 7.70
N ARG F 240 20.29 -7.89 6.48
CA ARG F 240 19.14 -8.04 5.59
C ARG F 240 18.94 -9.48 5.15
N LEU F 241 19.99 -10.30 5.20
CA LEU F 241 19.85 -11.71 4.88
C LEU F 241 18.75 -12.37 5.69
N ALA F 242 18.55 -11.93 6.93
CA ALA F 242 17.45 -12.39 7.75
C ALA F 242 16.17 -11.60 7.55
N GLY F 243 16.20 -10.57 6.69
CA GLY F 243 15.01 -9.79 6.41
C GLY F 243 14.69 -8.71 7.43
N ARG F 244 15.54 -8.53 8.44
CA ARG F 244 15.49 -7.58 9.54
C ARG F 244 15.92 -6.19 9.08
N PRO F 245 15.29 -5.13 9.58
CA PRO F 245 15.62 -3.77 9.14
C PRO F 245 17.07 -3.41 9.41
N PRO F 246 17.72 -2.71 8.49
CA PRO F 246 19.14 -2.40 8.65
C PRO F 246 19.39 -1.40 9.78
N VAL F 247 20.67 -1.12 10.01
CA VAL F 247 21.11 -0.34 11.16
C VAL F 247 22.13 0.70 10.72
N LEU F 248 22.29 1.73 11.56
CA LEU F 248 23.21 2.85 11.40
C LEU F 248 24.62 2.45 11.85
N PRO F 249 25.65 3.07 11.29
CA PRO F 249 27.01 2.85 11.79
C PRO F 249 27.34 3.70 13.02
N SER F 250 28.34 3.22 13.75
CA SER F 250 28.85 3.90 14.94
C SER F 250 30.29 4.33 14.71
N ASN F 251 30.83 5.09 15.67
CA ASN F 251 32.15 5.70 15.48
C ASN F 251 33.01 5.68 16.74
N ASN F 252 32.63 4.97 17.80
CA ASN F 252 33.31 5.05 19.08
C ASN F 252 34.23 3.85 19.34
N PHE F 253 34.74 3.22 18.29
CA PHE F 253 35.59 2.05 18.44
C PHE F 253 36.61 2.04 17.30
N SER F 254 37.35 0.93 17.19
CA SER F 254 38.18 0.67 16.03
C SER F 254 37.52 -0.41 15.17
N TYR F 255 38.22 -0.81 14.11
CA TYR F 255 37.62 -1.44 12.95
C TYR F 255 36.76 -2.68 13.26
N SER F 256 37.40 -3.74 13.77
CA SER F 256 36.72 -5.02 13.87
C SER F 256 35.61 -4.98 14.91
N GLU F 257 35.89 -4.43 16.09
CA GLU F 257 34.86 -4.38 17.12
C GLU F 257 33.78 -3.37 16.78
N ASN F 258 34.10 -2.31 16.03
CA ASN F 258 33.04 -1.45 15.53
C ASN F 258 32.13 -2.22 14.58
N PHE F 259 32.72 -3.05 13.72
CA PHE F 259 31.89 -3.87 12.83
C PHE F 259 31.02 -4.83 13.62
N LEU F 260 31.56 -5.43 14.69
CA LEU F 260 30.76 -6.32 15.51
C LEU F 260 29.64 -5.57 16.21
N TYR F 261 29.92 -4.36 16.69
CA TYR F 261 28.86 -3.51 17.24
C TYR F 261 27.80 -3.25 16.18
N MET F 262 28.21 -3.11 14.93
CA MET F 262 27.25 -3.06 13.83
C MET F 262 26.43 -4.34 13.74
N LEU F 263 27.08 -5.49 13.94
CA LEU F 263 26.45 -6.76 13.65
C LEU F 263 25.34 -7.07 14.64
N ASP F 264 25.57 -6.79 15.92
CA ASP F 264 24.65 -7.16 17.00
C ASP F 264 24.18 -5.89 17.72
N SER F 265 22.98 -5.43 17.38
CA SER F 265 22.34 -4.37 18.14
C SER F 265 20.91 -4.75 18.50
N LEU F 266 20.25 -5.51 17.61
CA LEU F 266 18.87 -5.96 17.80
C LEU F 266 17.92 -4.78 18.05
N GLY F 267 18.26 -3.60 17.54
CA GLY F 267 17.51 -2.40 17.85
C GLY F 267 17.96 -1.68 19.10
N ASN F 268 18.94 -2.22 19.82
CA ASN F 268 19.47 -1.61 21.04
C ASN F 268 20.83 -1.00 20.70
N ARG F 269 20.91 0.32 20.79
CA ARG F 269 22.14 1.04 20.48
C ARG F 269 23.10 1.13 21.67
N SER F 270 22.83 0.40 22.75
CA SER F 270 23.70 0.39 23.92
C SER F 270 24.52 -0.90 24.00
N TYR F 271 24.73 -1.57 22.87
CA TYR F 271 25.46 -2.82 22.85
C TYR F 271 26.96 -2.56 23.03
N LYS F 272 27.73 -3.63 22.99
CA LYS F 272 29.19 -3.54 23.07
C LYS F 272 29.78 -4.80 22.48
N PRO F 273 31.03 -4.77 22.03
CA PRO F 273 31.66 -5.99 21.52
C PRO F 273 32.38 -6.78 22.61
N ASN F 274 32.17 -8.09 22.64
CA ASN F 274 32.98 -8.94 23.52
C ASN F 274 34.42 -8.89 23.03
N THR F 275 35.31 -8.32 23.85
CA THR F 275 36.66 -8.00 23.39
C THR F 275 37.40 -9.23 22.90
N ARG F 276 37.21 -10.38 23.54
CA ARG F 276 37.82 -11.61 23.04
C ARG F 276 37.29 -11.95 21.66
N LEU F 277 35.98 -11.84 21.47
CA LEU F 277 35.38 -12.13 20.17
C LEU F 277 35.83 -11.12 19.12
N ALA F 278 35.92 -9.84 19.51
CA ALA F 278 36.40 -8.83 18.58
C ALA F 278 37.83 -9.11 18.15
N ARG F 279 38.70 -9.46 19.10
CA ARG F 279 40.09 -9.73 18.78
C ARG F 279 40.23 -10.96 17.90
N VAL F 280 39.47 -12.02 18.19
CA VAL F 280 39.58 -13.22 17.37
C VAL F 280 39.05 -12.96 15.97
N LEU F 281 37.98 -12.17 15.83
CA LEU F 281 37.50 -11.82 14.50
C LEU F 281 38.52 -10.98 13.74
N ASP F 282 39.18 -10.06 14.44
CA ASP F 282 40.21 -9.24 13.80
C ASP F 282 41.36 -10.10 13.31
N ILE F 283 41.77 -11.09 14.10
CA ILE F 283 42.84 -11.99 13.66
C ILE F 283 42.36 -12.84 12.49
N LEU F 284 41.10 -13.26 12.51
CA LEU F 284 40.53 -13.96 11.35
C LEU F 284 40.62 -13.11 10.10
N PHE F 285 40.35 -11.81 10.24
CA PHE F 285 40.47 -10.92 9.10
C PHE F 285 41.93 -10.78 8.66
N ILE F 286 42.85 -10.68 9.62
CA ILE F 286 44.23 -10.37 9.26
C ILE F 286 44.92 -11.57 8.62
N LEU F 287 44.47 -12.79 8.93
CA LEU F 287 45.16 -13.96 8.41
C LEU F 287 45.06 -14.03 6.89
N HIS F 288 43.90 -13.66 6.33
CA HIS F 288 43.68 -13.69 4.89
C HIS F 288 43.86 -12.30 4.27
N ALA F 289 44.81 -11.53 4.79
CA ALA F 289 44.97 -10.14 4.35
C ALA F 289 45.47 -10.07 2.91
N GLU F 290 46.65 -10.62 2.64
CA GLU F 290 47.26 -10.47 1.32
C GLU F 290 48.21 -11.63 1.04
N HIS F 291 48.11 -12.17 -0.16
CA HIS F 291 49.05 -13.14 -0.70
C HIS F 291 49.75 -12.52 -1.89
N GLU F 292 50.99 -12.92 -2.15
CA GLU F 292 51.73 -12.40 -3.29
C GLU F 292 50.94 -12.69 -4.57
N MET F 293 51.29 -11.98 -5.65
CA MET F 293 50.42 -11.81 -6.81
C MET F 293 49.66 -13.08 -7.17
N ASN F 294 48.33 -12.97 -7.20
CA ASN F 294 47.44 -14.06 -7.53
C ASN F 294 46.60 -13.67 -8.74
N CYS F 295 45.76 -14.61 -9.18
CA CYS F 295 44.92 -14.35 -10.35
C CYS F 295 44.00 -13.16 -10.13
N SER F 296 43.30 -13.14 -9.00
CA SER F 296 42.46 -12.00 -8.67
C SER F 296 43.29 -10.73 -8.52
N THR F 297 44.44 -10.83 -7.86
CA THR F 297 45.32 -9.68 -7.73
C THR F 297 45.87 -9.25 -9.10
N ALA F 298 46.16 -10.24 -9.95
CA ALA F 298 46.61 -9.92 -11.31
C ALA F 298 45.57 -9.10 -12.05
N ALA F 299 44.31 -9.55 -12.01
CA ALA F 299 43.23 -8.77 -12.61
C ALA F 299 43.10 -7.42 -11.91
N ALA F 300 43.31 -7.39 -10.60
CA ALA F 300 43.21 -6.14 -9.85
C ALA F 300 44.13 -5.07 -10.42
N ARG F 301 45.44 -5.32 -10.40
CA ARG F 301 46.34 -4.27 -10.87
C ARG F 301 46.31 -4.14 -12.39
N HIS F 302 45.89 -5.19 -13.10
CA HIS F 302 45.73 -5.10 -14.55
C HIS F 302 44.63 -4.10 -14.92
N LEU F 303 43.51 -4.13 -14.20
CA LEU F 303 42.52 -3.07 -14.32
C LEU F 303 43.07 -1.74 -13.81
N ALA F 304 43.74 -1.77 -12.66
CA ALA F 304 44.10 -0.54 -11.96
C ALA F 304 45.00 0.35 -12.82
N SER F 305 46.09 -0.23 -13.34
CA SER F 305 47.00 0.58 -14.16
C SER F 305 46.37 1.02 -15.47
N SER F 306 45.25 0.43 -15.87
CA SER F 306 44.57 0.83 -17.10
C SER F 306 43.51 1.90 -16.85
N GLY F 307 43.90 2.94 -16.11
CA GLY F 307 43.12 4.15 -15.94
C GLY F 307 41.61 4.01 -15.79
N VAL F 308 41.15 3.26 -14.79
CA VAL F 308 39.72 3.10 -14.55
C VAL F 308 39.41 3.56 -13.13
N ASP F 309 38.12 3.85 -12.88
CA ASP F 309 37.68 4.34 -11.55
C ASP F 309 37.85 3.34 -10.43
N VAL F 310 38.60 3.72 -9.41
CA VAL F 310 38.90 2.78 -8.35
C VAL F 310 37.70 1.99 -7.83
N PHE F 311 36.51 2.56 -7.92
CA PHE F 311 35.35 1.89 -7.32
C PHE F 311 35.09 0.57 -7.93
N THR F 312 34.22 0.61 -8.89
CA THR F 312 33.90 -0.61 -9.56
C THR F 312 35.16 -1.31 -9.89
N ALA F 313 36.24 -0.55 -10.00
CA ALA F 313 37.49 -1.16 -10.30
C ALA F 313 37.55 -2.40 -9.49
N LEU F 314 37.64 -2.21 -8.21
CA LEU F 314 37.79 -3.38 -7.38
C LEU F 314 36.58 -4.26 -7.53
N ALA F 315 35.42 -3.65 -7.77
CA ALA F 315 34.20 -4.43 -7.82
C ALA F 315 34.51 -5.72 -8.45
N GLY F 316 35.29 -5.67 -9.49
CA GLY F 316 35.53 -6.90 -10.17
C GLY F 316 36.47 -7.75 -9.38
N ALA F 317 37.66 -7.26 -9.16
CA ALA F 317 38.67 -8.03 -8.45
C ALA F 317 38.06 -8.90 -7.36
N VAL F 318 37.01 -8.42 -6.71
CA VAL F 318 36.36 -9.21 -5.66
C VAL F 318 35.43 -10.25 -6.25
N GLY F 319 34.75 -9.94 -7.36
CA GLY F 319 34.01 -10.96 -8.07
C GLY F 319 34.88 -12.08 -8.58
N ALA F 320 36.17 -11.79 -8.80
CA ALA F 320 37.09 -12.86 -9.19
C ALA F 320 37.15 -13.97 -8.15
N LEU F 321 36.97 -13.65 -6.87
CA LEU F 321 36.98 -14.67 -5.83
C LEU F 321 35.72 -15.52 -5.81
N TYR F 322 34.67 -15.12 -6.53
CA TYR F 322 33.43 -15.90 -6.50
C TYR F 322 33.67 -17.33 -6.98
N GLY F 323 34.62 -17.52 -7.87
CA GLY F 323 34.96 -18.84 -8.36
C GLY F 323 35.40 -19.77 -7.25
N PRO F 324 35.24 -21.07 -7.45
CA PRO F 324 35.51 -22.03 -6.38
C PRO F 324 36.99 -22.27 -6.13
N LEU F 325 37.85 -21.39 -6.67
CA LEU F 325 39.27 -21.48 -6.37
C LEU F 325 39.51 -21.41 -4.87
N HIS F 326 38.88 -20.44 -4.20
CA HIS F 326 38.89 -20.37 -2.75
C HIS F 326 37.52 -20.08 -2.14
N GLY F 327 36.54 -19.64 -2.92
CA GLY F 327 35.21 -19.37 -2.39
C GLY F 327 34.36 -20.59 -2.15
N GLY F 328 34.78 -21.75 -2.63
CA GLY F 328 34.04 -22.97 -2.40
C GLY F 328 34.87 -24.03 -1.69
N ALA F 329 36.11 -23.68 -1.37
CA ALA F 329 37.01 -24.64 -0.71
C ALA F 329 36.49 -25.03 0.67
N ASN F 330 36.02 -24.06 1.44
CA ASN F 330 35.52 -24.36 2.78
C ASN F 330 34.24 -25.18 2.72
N GLU F 331 33.38 -24.91 1.73
CA GLU F 331 32.18 -25.71 1.58
C GLU F 331 32.51 -27.18 1.32
N ALA F 332 33.61 -27.45 0.62
CA ALA F 332 34.00 -28.82 0.36
C ALA F 332 34.27 -29.58 1.65
N VAL F 333 35.12 -29.01 2.51
CA VAL F 333 35.44 -29.69 3.76
C VAL F 333 34.21 -29.76 4.66
N LEU F 334 33.36 -28.72 4.63
CA LEU F 334 32.15 -28.74 5.42
C LEU F 334 31.23 -29.89 5.00
N LYS F 335 30.98 -30.03 3.69
CA LYS F 335 30.07 -31.07 3.25
C LYS F 335 30.67 -32.46 3.44
N MET F 336 31.99 -32.60 3.25
CA MET F 336 32.60 -33.90 3.49
C MET F 336 32.51 -34.29 4.96
N LEU F 337 32.80 -33.37 5.87
CA LEU F 337 32.70 -33.67 7.29
C LEU F 337 31.25 -33.93 7.71
N ASN F 338 30.30 -33.25 7.08
CA ASN F 338 28.89 -33.50 7.38
C ASN F 338 28.46 -34.89 6.90
N GLU F 339 28.80 -35.23 5.66
CA GLU F 339 28.40 -36.52 5.10
C GLU F 339 29.13 -37.68 5.75
N ILE F 340 30.30 -37.44 6.34
CA ILE F 340 30.99 -38.50 7.07
C ILE F 340 30.13 -38.99 8.24
N GLY F 341 29.65 -38.06 9.04
CA GLY F 341 28.72 -38.39 10.12
C GLY F 341 29.46 -38.73 11.42
N THR F 342 29.17 -39.91 11.97
CA THR F 342 29.67 -40.29 13.27
C THR F 342 31.17 -40.59 13.22
N VAL F 343 31.76 -40.69 14.42
CA VAL F 343 33.17 -41.06 14.52
C VAL F 343 33.39 -42.49 14.05
N GLU F 344 32.36 -43.33 14.16
CA GLU F 344 32.48 -44.71 13.69
C GLU F 344 32.78 -44.77 12.20
N ASN F 345 32.27 -43.81 11.43
CA ASN F 345 32.55 -43.77 10.00
C ASN F 345 33.99 -43.37 9.70
N ILE F 346 34.69 -42.77 10.67
CA ILE F 346 36.04 -42.26 10.41
C ILE F 346 37.02 -43.38 10.06
N PRO F 347 37.13 -44.48 10.82
CA PRO F 347 38.20 -45.46 10.52
C PRO F 347 38.13 -46.03 9.10
N ASP F 348 36.97 -46.54 8.69
CA ASP F 348 36.86 -47.08 7.33
C ASP F 348 37.09 -45.98 6.30
N PHE F 349 36.53 -44.79 6.54
CA PHE F 349 36.84 -43.65 5.69
C PHE F 349 38.32 -43.32 5.71
N ILE F 350 38.98 -43.54 6.85
CA ILE F 350 40.44 -43.42 6.92
C ILE F 350 41.08 -44.39 5.93
N GLU F 351 40.56 -45.62 5.86
CA GLU F 351 40.95 -46.51 4.78
C GLU F 351 40.42 -46.00 3.44
N GLY F 352 39.18 -45.49 3.44
CA GLY F 352 38.55 -45.09 2.18
C GLY F 352 39.33 -44.02 1.44
N VAL F 353 39.81 -43.01 2.16
CA VAL F 353 40.61 -41.97 1.53
C VAL F 353 41.89 -42.55 0.96
N LYS F 354 42.47 -43.55 1.63
CA LYS F 354 43.64 -44.23 1.09
C LYS F 354 43.29 -45.20 -0.02
N ASN F 355 42.01 -45.51 -0.21
CA ASN F 355 41.56 -46.35 -1.31
C ASN F 355 41.33 -45.55 -2.60
N ARG F 356 41.55 -44.24 -2.55
CA ARG F 356 41.45 -43.33 -3.70
C ARG F 356 40.03 -43.21 -4.25
N LYS F 357 39.04 -43.80 -3.58
CA LYS F 357 37.66 -43.64 -4.01
C LYS F 357 37.08 -42.30 -3.56
N ARG F 358 37.50 -41.79 -2.41
CA ARG F 358 37.01 -40.53 -1.88
C ARG F 358 38.20 -39.68 -1.45
N LYS F 359 38.25 -38.45 -1.94
CA LYS F 359 39.39 -37.57 -1.70
C LYS F 359 39.21 -36.80 -0.40
N MET F 360 40.31 -36.21 0.08
CA MET F 360 40.34 -35.46 1.32
C MET F 360 41.00 -34.11 1.09
N SER F 361 40.24 -33.04 1.32
CA SER F 361 40.77 -31.68 1.34
C SER F 361 40.53 -31.08 2.71
N GLY F 362 41.39 -30.16 3.10
CA GLY F 362 41.34 -29.59 4.44
C GLY F 362 42.63 -29.81 5.17
N PHE F 363 43.66 -30.27 4.47
CA PHE F 363 44.92 -30.58 5.15
C PHE F 363 46.15 -30.13 4.39
N GLY F 364 46.65 -28.93 4.65
CA GLY F 364 47.91 -28.51 4.03
C GLY F 364 47.86 -27.28 3.15
N HIS F 365 48.82 -27.13 2.23
CA HIS F 365 48.75 -26.00 1.29
C HIS F 365 49.49 -26.17 -0.03
N ARG F 366 48.84 -25.78 -1.12
CA ARG F 366 49.44 -25.86 -2.44
C ARG F 366 50.62 -24.91 -2.62
N VAL F 367 50.80 -23.93 -1.74
CA VAL F 367 51.95 -23.04 -1.80
C VAL F 367 52.72 -22.99 -0.49
N TYR F 368 52.14 -23.49 0.59
CA TYR F 368 52.90 -23.55 1.83
C TYR F 368 52.93 -24.99 2.28
N LYS F 369 54.07 -25.42 2.76
CA LYS F 369 54.19 -26.82 3.13
C LYS F 369 54.84 -26.88 4.48
N ASN F 370 56.04 -26.31 4.59
CA ASN F 370 56.74 -26.37 5.84
C ASN F 370 55.76 -26.06 6.92
N TYR F 371 55.10 -24.92 6.77
CA TYR F 371 54.11 -24.55 7.74
C TYR F 371 53.32 -23.33 7.37
N ASP F 372 52.27 -23.08 8.12
CA ASP F 372 51.51 -21.88 7.91
C ASP F 372 51.14 -21.46 9.30
N PRO F 373 52.02 -20.71 9.96
CA PRO F 373 51.73 -20.22 11.32
C PRO F 373 50.28 -19.81 11.51
N ARG F 374 49.60 -19.44 10.42
CA ARG F 374 48.18 -19.10 10.51
C ARG F 374 47.38 -20.27 11.05
N ALA F 375 47.72 -21.49 10.63
CA ALA F 375 47.03 -22.67 11.14
C ALA F 375 47.20 -22.80 12.65
N LYS F 376 48.41 -22.56 13.15
CA LYS F 376 48.65 -22.66 14.59
C LYS F 376 47.87 -21.59 15.36
N VAL F 377 47.92 -20.35 14.88
CA VAL F 377 47.24 -19.28 15.61
C VAL F 377 45.74 -19.47 15.59
N ILE F 378 45.19 -19.95 14.47
CA ILE F 378 43.74 -20.20 14.45
C ILE F 378 43.39 -21.47 15.20
N ARG F 379 44.31 -22.41 15.39
CA ARG F 379 44.05 -23.51 16.31
C ARG F 379 43.92 -23.00 17.74
N LYS F 380 44.81 -22.10 18.13
CA LYS F 380 44.70 -21.49 19.46
C LYS F 380 43.39 -20.74 19.60
N LEU F 381 43.03 -19.95 18.59
CA LEU F 381 41.78 -19.22 18.62
C LEU F 381 40.56 -20.14 18.55
N ALA F 382 40.70 -21.32 17.95
CA ALA F 382 39.60 -22.28 17.94
C ALA F 382 39.40 -22.89 19.31
N GLU F 383 40.49 -23.19 20.02
CA GLU F 383 40.36 -23.59 21.42
C GLU F 383 39.66 -22.49 22.22
N GLU F 384 40.07 -21.23 21.99
CA GLU F 384 39.46 -20.11 22.71
C GLU F 384 37.97 -19.98 22.38
N VAL F 385 37.60 -20.15 21.11
CA VAL F 385 36.20 -19.99 20.73
C VAL F 385 35.35 -21.15 21.23
N PHE F 386 35.93 -22.36 21.30
CA PHE F 386 35.22 -23.45 21.95
C PHE F 386 34.99 -23.15 23.42
N SER F 387 35.99 -22.57 24.08
CA SER F 387 35.83 -22.16 25.47
C SER F 387 34.75 -21.10 25.62
N ILE F 388 34.69 -20.14 24.69
CA ILE F 388 33.86 -18.95 24.88
C ILE F 388 32.44 -19.10 24.32
N VAL F 389 32.19 -20.02 23.41
CA VAL F 389 30.86 -20.22 22.87
C VAL F 389 30.32 -21.62 23.11
N GLY F 390 31.15 -22.64 23.18
CA GLY F 390 30.68 -23.99 23.45
C GLY F 390 30.99 -24.96 22.33
N ARG F 391 30.34 -26.11 22.40
CA ARG F 391 30.57 -27.22 21.49
C ARG F 391 29.29 -27.55 20.72
N ASP F 392 29.48 -28.03 19.49
CA ASP F 392 28.39 -28.41 18.60
C ASP F 392 28.82 -29.66 17.85
N PRO F 393 27.89 -30.48 17.35
CA PRO F 393 28.27 -31.82 16.86
C PRO F 393 29.37 -31.80 15.81
N LEU F 394 29.29 -30.86 14.86
CA LEU F 394 30.34 -30.74 13.87
C LEU F 394 31.68 -30.45 14.53
N ILE F 395 31.68 -29.78 15.68
CA ILE F 395 32.93 -29.43 16.32
C ILE F 395 33.64 -30.67 16.85
N GLU F 396 32.93 -31.55 17.56
CA GLU F 396 33.63 -32.72 18.08
C GLU F 396 33.94 -33.71 16.96
N VAL F 397 33.10 -33.79 15.93
CA VAL F 397 33.52 -34.66 14.83
C VAL F 397 34.76 -34.10 14.15
N ALA F 398 34.88 -32.77 14.06
CA ALA F 398 36.08 -32.17 13.48
C ALA F 398 37.32 -32.47 14.33
N ILE F 399 37.21 -32.29 15.64
CA ILE F 399 38.38 -32.52 16.49
C ILE F 399 38.75 -34.00 16.52
N ALA F 400 37.73 -34.88 16.47
CA ALA F 400 38.01 -36.31 16.41
C ALA F 400 38.73 -36.66 15.11
N LEU F 401 38.31 -36.07 13.99
CA LEU F 401 39.04 -36.27 12.75
C LEU F 401 40.47 -35.75 12.86
N GLU F 402 40.63 -34.58 13.49
CA GLU F 402 41.96 -34.00 13.64
C GLU F 402 42.88 -34.93 14.42
N LYS F 403 42.37 -35.54 15.49
CA LYS F 403 43.20 -36.44 16.28
C LYS F 403 43.44 -37.76 15.57
N ALA F 404 42.43 -38.27 14.85
CA ALA F 404 42.52 -39.61 14.28
C ALA F 404 43.35 -39.65 13.02
N ALA F 405 43.15 -38.68 12.12
CA ALA F 405 43.82 -38.71 10.82
C ALA F 405 45.33 -38.62 10.95
N LEU F 406 45.82 -37.93 11.98
CA LEU F 406 47.26 -37.82 12.17
C LEU F 406 47.88 -39.17 12.50
N SER F 407 47.15 -40.02 13.23
CA SER F 407 47.67 -41.33 13.59
C SER F 407 47.85 -42.22 12.38
N ASP F 408 46.96 -42.12 11.38
CA ASP F 408 47.05 -42.96 10.20
C ASP F 408 48.31 -42.62 9.39
N GLU F 409 48.86 -43.65 8.75
CA GLU F 409 50.10 -43.50 8.00
C GLU F 409 49.95 -42.63 6.75
N TYR F 410 48.72 -42.34 6.32
CA TYR F 410 48.50 -41.55 5.12
C TYR F 410 49.17 -40.20 5.23
N PHE F 411 48.72 -39.37 6.16
CA PHE F 411 49.29 -38.03 6.31
C PHE F 411 50.73 -38.05 6.79
N ILE F 412 51.18 -39.18 7.37
CA ILE F 412 52.58 -39.32 7.72
C ILE F 412 53.44 -39.46 6.47
N LYS F 413 52.99 -40.26 5.50
CA LYS F 413 53.74 -40.46 4.27
C LYS F 413 53.34 -39.48 3.17
N ARG F 414 52.05 -39.15 3.07
CA ARG F 414 51.59 -38.23 2.04
C ARG F 414 51.83 -36.77 2.42
N LYS F 415 51.83 -36.49 3.73
CA LYS F 415 51.98 -35.11 4.20
C LYS F 415 50.83 -34.19 3.85
N LEU F 416 49.80 -34.14 4.69
CA LEU F 416 48.70 -33.18 4.49
C LEU F 416 48.40 -32.55 5.83
N TYR F 417 48.92 -31.35 6.08
CA TYR F 417 48.74 -30.76 7.41
C TYR F 417 47.53 -29.84 7.52
N PRO F 418 46.53 -30.23 8.35
CA PRO F 418 45.29 -29.46 8.51
C PRO F 418 45.38 -28.02 8.03
N ASN F 419 44.68 -27.68 6.97
CA ASN F 419 44.81 -26.34 6.41
C ASN F 419 44.00 -25.26 7.13
N VAL F 420 44.46 -24.01 7.05
CA VAL F 420 43.67 -22.94 7.64
C VAL F 420 42.19 -23.11 7.30
N ASP F 421 41.87 -23.84 6.25
CA ASP F 421 40.47 -23.98 5.83
C ASP F 421 39.65 -24.66 6.91
N PHE F 422 40.18 -25.73 7.49
CA PHE F 422 39.48 -26.49 8.53
C PHE F 422 39.07 -25.59 9.69
N TYR F 423 40.05 -24.96 10.32
CA TYR F 423 39.78 -24.14 11.49
C TYR F 423 38.95 -22.92 11.14
N SER F 424 39.21 -22.30 9.98
CA SER F 424 38.42 -21.14 9.58
C SER F 424 36.96 -21.51 9.41
N GLY F 425 36.67 -22.65 8.78
CA GLY F 425 35.30 -23.06 8.59
C GLY F 425 34.60 -23.40 9.90
N LEU F 426 35.28 -24.15 10.79
CA LEU F 426 34.65 -24.47 12.06
C LEU F 426 34.42 -23.21 12.90
N ILE F 427 35.37 -22.28 12.88
CA ILE F 427 35.18 -21.03 13.61
C ILE F 427 34.02 -20.23 13.03
N TYR F 428 33.93 -20.17 11.70
CA TYR F 428 32.82 -19.49 11.06
C TYR F 428 31.49 -20.10 11.49
N ARG F 429 31.44 -21.43 11.57
CA ARG F 429 30.24 -22.08 12.10
C ARG F 429 29.97 -21.65 13.54
N ALA F 430 31.04 -21.51 14.33
CA ALA F 430 30.88 -21.14 15.74
C ALA F 430 30.33 -19.73 15.89
N MET F 431 30.80 -18.77 15.08
CA MET F 431 30.39 -17.36 15.23
C MET F 431 28.97 -17.09 14.79
N GLY F 432 28.14 -18.08 14.48
CA GLY F 432 26.81 -17.80 13.99
C GLY F 432 26.75 -17.41 12.53
N PHE F 433 27.84 -17.53 11.81
CA PHE F 433 27.84 -17.20 10.38
C PHE F 433 27.05 -18.25 9.61
N PRO F 434 26.07 -17.84 8.79
CA PRO F 434 25.40 -18.80 7.91
C PRO F 434 26.40 -19.47 6.98
N THR F 435 25.96 -20.58 6.38
CA THR F 435 26.84 -21.37 5.54
C THR F 435 27.32 -20.58 4.33
N GLU F 436 26.42 -19.83 3.68
CA GLU F 436 26.77 -19.11 2.47
C GLU F 436 27.56 -17.83 2.71
N PHE F 437 27.69 -17.40 3.97
CA PHE F 437 28.27 -16.08 4.24
C PHE F 437 29.79 -16.10 4.29
N PHE F 438 30.44 -17.26 4.13
CA PHE F 438 31.91 -17.28 4.22
C PHE F 438 32.58 -16.46 3.13
N PRO F 439 32.21 -16.56 1.84
CA PRO F 439 33.00 -15.86 0.81
C PRO F 439 33.09 -14.34 0.99
N VAL F 440 32.01 -13.68 1.42
CA VAL F 440 32.12 -12.23 1.64
C VAL F 440 33.04 -11.95 2.82
N LEU F 441 33.01 -12.82 3.83
CA LEU F 441 33.95 -12.69 4.95
C LEU F 441 35.38 -12.81 4.47
N PHE F 442 35.65 -13.74 3.54
CA PHE F 442 36.96 -13.81 2.93
C PHE F 442 37.25 -12.60 2.06
N ALA F 443 36.21 -11.95 1.55
CA ALA F 443 36.41 -10.77 0.71
C ALA F 443 36.85 -9.57 1.53
N ILE F 444 36.34 -9.44 2.76
CA ILE F 444 36.66 -8.29 3.58
C ILE F 444 38.17 -8.05 3.74
N PRO F 445 39.00 -9.06 4.03
CA PRO F 445 40.43 -8.76 4.20
C PRO F 445 41.13 -8.38 2.91
N ARG F 446 40.76 -9.01 1.79
CA ARG F 446 41.52 -8.83 0.56
C ARG F 446 41.50 -7.38 0.07
N MET F 447 40.47 -6.61 0.44
CA MET F 447 40.37 -5.22 -0.02
C MET F 447 41.61 -4.42 0.32
N ALA F 448 42.24 -4.70 1.46
CA ALA F 448 43.49 -4.01 1.79
C ALA F 448 44.56 -4.28 0.75
N GLY F 449 44.69 -5.54 0.33
CA GLY F 449 45.68 -5.88 -0.68
C GLY F 449 45.40 -5.20 -2.01
N TYR F 450 44.14 -5.20 -2.44
CA TYR F 450 43.81 -4.52 -3.69
C TYR F 450 44.10 -3.03 -3.59
N LEU F 451 43.77 -2.42 -2.45
CA LEU F 451 44.03 -0.99 -2.30
C LEU F 451 45.52 -0.70 -2.35
N ALA F 452 46.32 -1.52 -1.68
CA ALA F 452 47.77 -1.31 -1.70
C ALA F 452 48.33 -1.47 -3.11
N HIS F 453 47.92 -2.54 -3.80
CA HIS F 453 48.41 -2.76 -5.16
C HIS F 453 47.97 -1.65 -6.10
N TRP F 454 46.73 -1.19 -5.96
CA TRP F 454 46.19 -0.14 -6.82
C TRP F 454 46.92 1.17 -6.59
N ARG F 455 47.15 1.53 -5.32
CA ARG F 455 47.89 2.75 -5.03
C ARG F 455 49.32 2.67 -5.56
N GLU F 456 49.98 1.52 -5.38
CA GLU F 456 51.33 1.36 -5.89
C GLU F 456 51.37 1.43 -7.40
N SER F 457 50.39 0.82 -8.07
CA SER F 457 50.34 0.84 -9.53
C SER F 457 50.12 2.26 -10.05
N LEU F 458 49.25 3.03 -9.40
CA LEU F 458 49.11 4.42 -9.77
C LEU F 458 50.36 5.23 -9.43
N ASP F 459 51.16 4.74 -8.48
CA ASP F 459 52.35 5.48 -8.08
C ASP F 459 53.41 5.48 -9.18
N ASP F 460 53.63 4.34 -9.84
CA ASP F 460 54.75 4.22 -10.76
C ASP F 460 54.26 4.25 -12.20
N PRO F 461 54.52 5.32 -12.95
CA PRO F 461 54.16 5.33 -14.38
C PRO F 461 55.08 4.48 -15.24
N ASP F 462 56.27 4.12 -14.75
CA ASP F 462 57.20 3.33 -15.54
C ASP F 462 56.66 1.94 -15.84
N THR F 463 55.82 1.39 -14.97
CA THR F 463 55.21 0.09 -15.21
C THR F 463 54.09 0.22 -16.23
N LYS F 464 54.15 -0.59 -17.29
CA LYS F 464 53.18 -0.55 -18.36
C LYS F 464 52.63 -1.95 -18.61
N ILE F 465 51.44 -1.99 -19.19
CA ILE F 465 50.85 -3.23 -19.68
C ILE F 465 50.76 -3.09 -21.20
N MET F 466 51.77 -3.63 -21.88
CA MET F 466 51.85 -3.54 -23.33
C MET F 466 50.76 -4.40 -23.97
N ARG F 467 50.71 -4.36 -25.30
CA ARG F 467 49.77 -5.21 -26.01
C ARG F 467 50.44 -6.55 -26.28
N PRO F 468 49.97 -7.63 -25.66
CA PRO F 468 50.64 -8.92 -25.83
C PRO F 468 50.52 -9.43 -27.25
N GLN F 469 51.56 -10.13 -27.69
CA GLN F 469 51.54 -10.77 -28.99
C GLN F 469 50.71 -12.04 -28.94
N GLN F 470 50.35 -12.54 -30.12
CA GLN F 470 49.61 -13.79 -30.24
C GLN F 470 50.01 -14.45 -31.54
N VAL F 471 49.91 -15.78 -31.57
CA VAL F 471 50.18 -16.57 -32.76
C VAL F 471 48.87 -17.20 -33.21
N TYR F 472 48.45 -16.86 -34.43
CA TYR F 472 47.17 -17.32 -34.94
C TYR F 472 47.16 -18.84 -35.11
N THR F 473 46.07 -19.47 -34.68
CA THR F 473 45.86 -20.89 -34.88
C THR F 473 44.67 -21.17 -35.79
N GLY F 474 44.27 -20.17 -36.58
CA GLY F 474 43.22 -20.33 -37.56
C GLY F 474 43.76 -20.31 -38.99
N VAL F 475 42.83 -20.46 -39.93
CA VAL F 475 43.21 -20.49 -41.34
C VAL F 475 43.69 -19.11 -41.78
N TRP F 476 44.64 -19.10 -42.72
CA TRP F 476 45.27 -17.84 -43.12
C TRP F 476 44.42 -17.09 -44.14
N LEU F 477 43.53 -17.79 -44.84
CA LEU F 477 42.74 -17.12 -45.87
C LEU F 477 41.43 -17.87 -46.12
N ARG F 478 40.34 -17.12 -46.16
CA ARG F 478 39.04 -17.61 -46.58
C ARG F 478 38.33 -16.48 -47.32
N HIS F 479 37.11 -16.76 -47.79
CA HIS F 479 36.36 -15.76 -48.53
C HIS F 479 34.87 -15.94 -48.28
N TYR F 480 34.13 -14.87 -48.51
CA TYR F 480 32.69 -14.83 -48.22
C TYR F 480 31.89 -15.15 -49.47
N THR F 481 30.86 -15.96 -49.30
CA THR F 481 29.99 -16.25 -50.40
C THR F 481 28.68 -15.85 -49.85
N PRO F 482 27.71 -15.56 -50.72
CA PRO F 482 26.44 -15.24 -50.08
C PRO F 482 25.90 -16.44 -49.35
N LEU F 483 24.76 -16.28 -48.71
CA LEU F 483 24.18 -17.37 -47.94
C LEU F 483 23.13 -18.21 -48.67
N GLN F 484 22.45 -17.62 -49.63
CA GLN F 484 21.40 -18.34 -50.33
C GLN F 484 21.86 -19.73 -50.67
N GLU F 485 23.11 -19.86 -51.09
CA GLU F 485 23.61 -21.16 -51.49
C GLU F 485 24.12 -21.96 -50.31
N ARG F 486 24.13 -21.37 -49.13
CA ARG F 486 24.72 -22.06 -47.98
C ARG F 486 24.28 -23.51 -47.97
N THR F 487 25.21 -24.40 -48.25
CA THR F 487 24.96 -25.83 -48.24
C THR F 487 24.66 -26.31 -46.83
N VAL F 488 23.77 -27.29 -46.72
CA VAL F 488 23.40 -27.86 -45.43
C VAL F 488 23.22 -29.36 -45.52
N ALA F 499 20.00 -27.27 -33.84
CA ALA F 499 20.96 -27.36 -32.75
C ALA F 499 20.25 -27.42 -31.40
N VAL F 500 20.98 -27.09 -30.34
CA VAL F 500 20.47 -27.06 -28.99
C VAL F 500 20.47 -25.65 -28.42
N SER F 501 20.06 -24.68 -29.25
CA SER F 501 20.13 -23.28 -28.83
C SER F 501 19.07 -22.95 -27.79
N ASN F 502 17.85 -23.43 -27.98
CA ASN F 502 16.74 -23.13 -27.09
C ASN F 502 16.17 -24.41 -26.50
N ALA F 503 15.87 -24.37 -25.20
CA ALA F 503 15.22 -25.50 -24.55
C ALA F 503 13.83 -25.71 -25.12
N THR F 504 13.48 -26.96 -25.35
CA THR F 504 12.20 -27.32 -25.94
C THR F 504 11.38 -28.14 -24.94
N ARG F 505 10.25 -28.65 -25.42
CA ARG F 505 9.33 -29.50 -24.65
C ARG F 505 8.65 -28.70 -23.55
N ARG F 506 9.03 -27.44 -23.37
CA ARG F 506 8.41 -26.58 -22.36
C ARG F 506 7.55 -25.50 -23.01
N ARG F 507 8.15 -24.71 -23.90
CA ARG F 507 7.37 -23.79 -24.72
C ARG F 507 6.99 -24.40 -26.06
N LEU F 508 7.83 -25.28 -26.60
CA LEU F 508 7.49 -25.97 -27.84
C LEU F 508 6.25 -26.83 -27.65
N ALA F 509 6.22 -27.63 -26.58
CA ALA F 509 5.03 -28.41 -26.28
C ALA F 509 3.85 -27.51 -25.96
N GLY F 510 4.11 -26.38 -25.30
CA GLY F 510 3.05 -25.42 -24.99
C GLY F 510 2.40 -24.90 -26.27
N SER F 511 3.21 -24.68 -27.31
CA SER F 511 2.67 -24.22 -28.59
C SER F 511 2.15 -25.36 -29.44
N ARG F 512 2.69 -26.56 -29.26
CA ARG F 512 2.27 -27.72 -30.03
C ARG F 512 0.81 -28.06 -29.78
N PRO G 106 7.19 55.12 -12.48
CA PRO G 106 7.69 55.61 -13.76
C PRO G 106 8.32 54.51 -14.62
N VAL G 107 7.56 54.02 -15.60
CA VAL G 107 8.02 53.01 -16.54
C VAL G 107 7.83 53.56 -17.95
N ARG G 108 8.88 53.47 -18.76
CA ARG G 108 8.87 53.98 -20.13
C ARG G 108 9.07 52.81 -21.08
N SER G 109 8.03 52.51 -21.87
CA SER G 109 8.09 51.41 -22.82
C SER G 109 7.11 51.67 -23.96
N SER G 110 7.31 50.94 -25.06
CA SER G 110 6.48 51.05 -26.25
C SER G 110 5.68 49.78 -26.51
N ILE G 111 5.49 48.94 -25.48
CA ILE G 111 4.83 47.65 -25.68
C ILE G 111 3.37 47.83 -26.05
N CYS G 112 2.64 48.66 -25.29
CA CYS G 112 1.22 48.85 -25.49
C CYS G 112 0.84 50.22 -24.98
N TYR G 113 -0.36 50.67 -25.36
CA TYR G 113 -0.87 51.99 -24.99
C TYR G 113 -2.33 51.84 -24.57
N ILE G 114 -2.60 51.99 -23.28
CA ILE G 114 -3.97 52.06 -22.79
C ILE G 114 -4.50 53.47 -23.03
N ASP G 115 -5.63 53.57 -23.73
CA ASP G 115 -6.30 54.83 -24.00
C ASP G 115 -7.72 54.70 -23.48
N GLY G 116 -7.91 54.98 -22.19
CA GLY G 116 -9.18 54.68 -21.55
C GLY G 116 -10.33 55.53 -22.07
N ASP G 117 -10.10 56.83 -22.26
CA ASP G 117 -11.20 57.73 -22.59
C ASP G 117 -11.79 57.41 -23.96
N GLU G 118 -10.96 57.02 -24.92
CA GLU G 118 -11.44 56.73 -26.26
C GLU G 118 -11.55 55.24 -26.57
N GLY G 119 -10.68 54.41 -26.00
CA GLY G 119 -10.70 52.99 -26.26
C GLY G 119 -9.93 52.61 -27.50
N ILE G 120 -8.72 53.12 -27.63
CA ILE G 120 -7.87 52.82 -28.77
C ILE G 120 -6.65 52.04 -28.30
N LEU G 121 -6.73 50.72 -28.33
CA LEU G 121 -5.62 49.86 -27.95
C LEU G 121 -4.87 49.41 -29.19
N ARG G 122 -3.56 49.24 -29.04
CA ARG G 122 -2.72 48.86 -30.17
C ARG G 122 -1.60 47.97 -29.68
N TYR G 123 -1.36 46.89 -30.42
CA TYR G 123 -0.23 45.98 -30.15
C TYR G 123 0.90 46.38 -31.09
N ARG G 124 1.90 47.09 -30.53
CA ARG G 124 2.99 47.66 -31.31
C ARG G 124 2.48 48.59 -32.41
N GLY G 125 1.29 49.15 -32.23
CA GLY G 125 0.63 49.92 -33.27
C GLY G 125 -0.52 49.20 -33.93
N TYR G 126 -0.72 47.92 -33.67
CA TYR G 126 -1.75 47.14 -34.33
C TYR G 126 -3.02 47.13 -33.48
N PRO G 127 -4.13 47.68 -33.96
CA PRO G 127 -5.36 47.66 -33.18
C PRO G 127 -6.06 46.31 -33.25
N ILE G 128 -6.99 46.12 -32.31
CA ILE G 128 -7.76 44.88 -32.25
C ILE G 128 -8.66 44.72 -33.47
N GLU G 129 -9.11 45.83 -34.05
CA GLU G 129 -10.07 45.77 -35.14
C GLU G 129 -9.52 45.07 -36.38
N GLU G 130 -8.20 45.10 -36.58
CA GLU G 130 -7.56 44.40 -37.68
C GLU G 130 -6.81 43.15 -37.22
N LEU G 131 -6.99 42.74 -35.98
CA LEU G 131 -6.27 41.60 -35.42
C LEU G 131 -7.18 40.47 -34.98
N ALA G 132 -8.26 40.77 -34.26
CA ALA G 132 -9.15 39.72 -33.76
C ALA G 132 -9.85 38.95 -34.87
N GLU G 133 -9.90 39.50 -36.08
CA GLU G 133 -10.53 38.84 -37.21
C GLU G 133 -9.58 38.48 -38.34
N SER G 134 -8.30 38.88 -38.25
CA SER G 134 -7.35 38.64 -39.33
C SER G 134 -5.97 38.25 -38.81
N SER G 135 -5.91 37.55 -37.68
CA SER G 135 -4.62 37.15 -37.12
C SER G 135 -4.80 35.97 -36.18
N SER G 136 -3.68 35.35 -35.83
CA SER G 136 -3.63 34.25 -34.89
C SER G 136 -2.83 34.65 -33.65
N TYR G 137 -3.11 33.97 -32.55
CA TYR G 137 -2.43 34.28 -31.29
C TYR G 137 -0.92 34.15 -31.38
N PRO G 138 -0.34 33.09 -31.97
CA PRO G 138 1.12 33.07 -32.13
C PRO G 138 1.64 34.20 -33.00
N GLU G 139 0.86 34.65 -33.99
CA GLU G 139 1.29 35.76 -34.83
C GLU G 139 1.42 37.04 -34.02
N VAL G 140 0.42 37.32 -33.17
CA VAL G 140 0.51 38.47 -32.28
C VAL G 140 1.63 38.28 -31.28
N ALA G 141 1.89 37.04 -30.86
CA ALA G 141 3.01 36.78 -29.96
C ALA G 141 4.34 37.17 -30.62
N TYR G 142 4.52 36.78 -31.89
CA TYR G 142 5.70 37.21 -32.62
C TYR G 142 5.77 38.72 -32.73
N LEU G 143 4.64 39.35 -33.07
CA LEU G 143 4.61 40.80 -33.21
C LEU G 143 5.08 41.48 -31.92
N LEU G 144 4.57 41.03 -30.78
CA LEU G 144 4.90 41.69 -29.53
C LEU G 144 6.30 41.33 -29.06
N MET G 145 6.81 40.15 -29.44
CA MET G 145 8.24 39.89 -29.27
C MET G 145 9.10 40.88 -30.05
N TYR G 146 8.75 41.17 -31.30
CA TYR G 146 9.65 41.91 -32.18
C TYR G 146 9.13 43.26 -32.63
N GLY G 147 7.88 43.60 -32.33
CA GLY G 147 7.36 44.90 -32.74
C GLY G 147 7.01 45.01 -34.21
N ASN G 148 6.98 43.90 -34.94
CA ASN G 148 6.70 43.94 -36.37
C ASN G 148 5.94 42.68 -36.76
N LEU G 149 5.25 42.76 -37.89
CA LEU G 149 4.47 41.63 -38.37
C LEU G 149 5.38 40.55 -38.94
N PRO G 150 5.14 39.29 -38.62
CA PRO G 150 5.84 38.21 -39.30
C PRO G 150 5.28 37.95 -40.69
N SER G 151 6.09 37.30 -41.51
CA SER G 151 5.68 36.84 -42.83
C SER G 151 5.22 35.39 -42.74
N LYS G 152 4.65 34.89 -43.85
CA LYS G 152 4.10 33.54 -43.84
C LYS G 152 5.18 32.50 -43.63
N SER G 153 6.36 32.67 -44.23
CA SER G 153 7.49 31.79 -43.91
C SER G 153 8.00 32.06 -42.50
N GLN G 154 8.06 33.34 -42.11
CA GLN G 154 8.43 33.68 -40.74
C GLN G 154 7.43 33.08 -39.76
N LEU G 155 6.14 33.20 -40.04
CA LEU G 155 5.13 32.58 -39.19
C LEU G 155 5.29 31.07 -39.17
N ALA G 156 5.63 30.47 -40.31
CA ALA G 156 5.80 29.03 -40.37
C ALA G 156 6.93 28.56 -39.45
N ASP G 157 8.10 29.18 -39.56
CA ASP G 157 9.21 28.78 -38.71
C ASP G 157 8.94 29.11 -37.24
N TRP G 158 8.25 30.21 -36.96
CA TRP G 158 7.96 30.59 -35.59
C TRP G 158 6.97 29.63 -34.94
N GLU G 159 5.90 29.26 -35.65
CA GLU G 159 4.97 28.28 -35.10
C GLU G 159 5.64 26.91 -34.97
N PHE G 160 6.51 26.55 -35.92
CA PHE G 160 7.25 25.30 -35.79
C PHE G 160 8.11 25.31 -34.53
N ALA G 161 8.80 26.43 -34.28
CA ALA G 161 9.65 26.51 -33.10
C ALA G 161 8.83 26.40 -31.82
N ILE G 162 7.69 27.09 -31.76
CA ILE G 162 6.85 27.03 -30.56
C ILE G 162 6.34 25.61 -30.35
N SER G 163 5.84 24.98 -31.41
CA SER G 163 5.25 23.66 -31.27
C SER G 163 6.28 22.61 -30.88
N GLN G 164 7.44 22.61 -31.56
CA GLN G 164 8.34 21.47 -31.48
C GLN G 164 8.84 21.24 -30.06
N HIS G 165 9.07 22.31 -29.30
CA HIS G 165 9.68 22.19 -27.97
C HIS G 165 8.56 22.27 -26.93
N SER G 166 8.16 21.11 -26.42
CA SER G 166 7.22 21.05 -25.32
C SER G 166 7.60 19.96 -24.32
N ALA G 167 8.89 19.65 -24.21
CA ALA G 167 9.35 18.53 -23.40
C ALA G 167 9.16 18.85 -21.93
N VAL G 168 8.07 18.36 -21.35
CA VAL G 168 7.84 18.51 -19.91
C VAL G 168 8.84 17.64 -19.16
N PRO G 169 9.41 18.12 -18.06
CA PRO G 169 10.23 17.24 -17.22
C PRO G 169 9.40 16.11 -16.62
N GLN G 170 10.06 14.99 -16.38
CA GLN G 170 9.39 13.76 -15.98
C GLN G 170 9.03 13.72 -14.51
N GLY G 171 9.50 14.68 -13.71
CA GLY G 171 9.19 14.67 -12.30
C GLY G 171 7.79 15.11 -11.94
N VAL G 172 7.14 15.90 -12.81
CA VAL G 172 5.88 16.56 -12.45
C VAL G 172 4.81 15.55 -12.12
N LEU G 173 4.85 14.38 -12.77
CA LEU G 173 3.90 13.32 -12.45
C LEU G 173 3.99 12.93 -10.98
N ASP G 174 5.21 12.93 -10.44
CA ASP G 174 5.39 12.63 -9.02
C ASP G 174 4.72 13.69 -8.14
N ILE G 175 4.93 14.97 -8.47
CA ILE G 175 4.40 16.04 -7.62
C ILE G 175 2.88 16.05 -7.67
N ILE G 176 2.30 16.01 -8.87
CA ILE G 176 0.86 16.25 -9.01
C ILE G 176 0.06 15.23 -8.21
N GLN G 177 0.48 13.97 -8.24
CA GLN G 177 -0.12 12.97 -7.36
C GLN G 177 0.64 12.85 -6.04
N GLY G 178 0.89 13.98 -5.39
CA GLY G 178 1.70 13.96 -4.18
C GLY G 178 1.34 14.92 -3.08
N MET G 179 0.21 15.61 -3.17
CA MET G 179 -0.23 16.55 -2.15
C MET G 179 -1.65 16.19 -1.71
N PRO G 180 -2.16 16.84 -0.66
CA PRO G 180 -3.59 16.72 -0.37
C PRO G 180 -4.42 17.09 -1.59
N HIS G 181 -5.42 16.26 -1.87
CA HIS G 181 -6.09 16.26 -3.16
C HIS G 181 -7.22 17.27 -3.26
N ASP G 182 -7.48 18.03 -2.20
CA ASP G 182 -8.47 19.10 -2.24
C ASP G 182 -7.81 20.46 -2.48
N ALA G 183 -6.62 20.47 -3.08
CA ALA G 183 -5.84 21.68 -3.22
C ALA G 183 -6.53 22.68 -4.15
N HIS G 184 -6.14 23.93 -4.01
CA HIS G 184 -6.69 24.97 -4.86
C HIS G 184 -6.14 24.84 -6.27
N PRO G 185 -6.97 25.08 -7.30
CA PRO G 185 -6.47 24.92 -8.68
C PRO G 185 -5.26 25.80 -8.98
N MET G 186 -5.37 27.11 -8.74
CA MET G 186 -4.20 27.98 -8.87
C MET G 186 -3.08 27.56 -7.94
N GLY G 187 -3.45 27.02 -6.76
CA GLY G 187 -2.42 26.49 -5.87
C GLY G 187 -1.68 25.31 -6.46
N VAL G 188 -2.42 24.39 -7.09
CA VAL G 188 -1.76 23.29 -7.80
C VAL G 188 -0.90 23.82 -8.92
N LEU G 189 -1.36 24.88 -9.59
CA LEU G 189 -0.60 25.47 -10.68
C LEU G 189 0.76 25.97 -10.18
N VAL G 190 0.72 26.76 -9.10
CA VAL G 190 1.95 27.34 -8.57
C VAL G 190 2.86 26.26 -7.99
N CYS G 191 2.27 25.24 -7.37
CA CYS G 191 3.09 24.12 -6.89
C CYS G 191 3.80 23.42 -8.04
N ALA G 192 3.07 23.13 -9.11
CA ALA G 192 3.66 22.41 -10.24
C ALA G 192 4.77 23.23 -10.89
N MET G 193 4.54 24.52 -11.10
CA MET G 193 5.57 25.28 -11.80
C MET G 193 6.72 25.66 -10.87
N SER G 194 6.47 25.80 -9.57
CA SER G 194 7.59 25.91 -8.63
C SER G 194 8.42 24.64 -8.63
N ALA G 195 7.77 23.49 -8.79
CA ALA G 195 8.52 22.24 -8.99
C ALA G 195 9.34 22.30 -10.27
N LEU G 196 8.77 22.86 -11.34
CA LEU G 196 9.53 23.08 -12.56
C LEU G 196 10.76 23.95 -12.30
N SER G 197 10.65 24.90 -11.38
CA SER G 197 11.74 25.85 -11.15
C SER G 197 13.05 25.16 -10.77
N VAL G 198 12.99 23.93 -10.28
CA VAL G 198 14.19 23.19 -9.87
C VAL G 198 14.57 22.13 -10.91
N PHE G 199 14.12 22.28 -12.15
CA PHE G 199 14.35 21.27 -13.18
C PHE G 199 15.31 21.73 -14.26
N HIS G 200 15.05 22.86 -14.93
CA HIS G 200 15.86 23.27 -16.07
C HIS G 200 17.01 24.15 -15.62
N PRO G 201 18.26 23.74 -15.84
CA PRO G 201 19.40 24.49 -15.29
C PRO G 201 19.76 25.74 -16.09
N ASP G 202 18.91 26.20 -17.01
CA ASP G 202 19.21 27.43 -17.72
C ASP G 202 18.80 28.68 -16.96
N ALA G 203 18.14 28.52 -15.80
CA ALA G 203 17.59 29.63 -15.04
C ALA G 203 18.29 29.81 -13.70
N ASN G 204 19.61 29.61 -13.68
CA ASN G 204 20.40 29.76 -12.46
C ASN G 204 21.43 30.88 -12.64
N PRO G 205 21.16 32.07 -12.09
CA PRO G 205 22.15 33.16 -12.18
C PRO G 205 23.47 32.83 -11.49
N ALA G 206 23.47 31.83 -10.62
CA ALA G 206 24.71 31.40 -9.99
C ALA G 206 25.66 30.74 -10.99
N LEU G 207 25.13 30.00 -11.95
CA LEU G 207 25.96 29.32 -12.95
C LEU G 207 26.44 30.26 -14.05
N ARG G 208 25.50 30.93 -14.72
CA ARG G 208 25.84 31.90 -15.76
C ARG G 208 26.15 33.22 -15.07
N GLY G 209 27.43 33.43 -14.77
CA GLY G 209 27.83 34.63 -14.05
C GLY G 209 27.59 35.92 -14.83
N GLN G 210 27.75 35.87 -16.14
CA GLN G 210 27.64 37.08 -16.95
C GLN G 210 26.70 36.87 -18.14
N ASP G 211 26.55 35.62 -18.57
CA ASP G 211 25.85 35.28 -19.82
C ASP G 211 24.45 34.74 -19.56
N LEU G 212 23.72 35.32 -18.61
CA LEU G 212 22.40 34.82 -18.24
C LEU G 212 21.40 34.85 -19.40
N TYR G 213 21.01 36.04 -19.84
CA TYR G 213 20.11 36.22 -20.98
C TYR G 213 20.72 37.31 -21.85
N LYS G 214 21.66 36.93 -22.72
CA LYS G 214 22.34 37.90 -23.57
C LYS G 214 22.18 37.60 -25.04
N SER G 215 22.48 36.37 -25.47
CA SER G 215 22.34 36.02 -26.87
C SER G 215 20.87 35.88 -27.25
N LYS G 216 20.57 36.24 -28.50
CA LYS G 216 19.20 36.07 -29.00
C LYS G 216 18.81 34.60 -28.99
N GLN G 217 19.79 33.70 -29.17
CA GLN G 217 19.52 32.27 -28.99
C GLN G 217 18.98 31.98 -27.60
N LEU G 218 19.65 32.46 -26.56
CA LEU G 218 19.16 32.23 -25.22
C LEU G 218 17.78 32.84 -25.02
N ARG G 219 17.58 34.05 -25.56
CA ARG G 219 16.30 34.72 -25.42
C ARG G 219 15.16 33.90 -26.00
N ASP G 220 15.22 33.62 -27.31
CA ASP G 220 14.09 32.92 -27.94
C ASP G 220 13.98 31.47 -27.47
N LYS G 221 15.10 30.83 -27.16
CA LYS G 221 15.05 29.49 -26.59
C LYS G 221 14.29 29.48 -25.27
N GLN G 222 14.57 30.47 -24.41
CA GLN G 222 13.83 30.55 -23.16
C GLN G 222 12.37 30.90 -23.41
N ILE G 223 12.11 31.75 -24.41
CA ILE G 223 10.73 32.13 -24.71
C ILE G 223 9.90 30.90 -25.07
N VAL G 224 10.44 30.06 -25.96
CA VAL G 224 9.71 28.86 -26.35
C VAL G 224 9.67 27.87 -25.18
N ARG G 225 10.76 27.75 -24.43
CA ARG G 225 10.78 26.83 -23.29
C ARG G 225 9.71 27.20 -22.27
N ILE G 226 9.40 28.49 -22.15
CA ILE G 226 8.24 28.89 -21.36
C ILE G 226 6.95 28.50 -22.06
N LEU G 227 6.71 29.08 -23.24
CA LEU G 227 5.37 29.03 -23.82
C LEU G 227 4.90 27.61 -24.10
N GLY G 228 5.78 26.75 -24.60
CA GLY G 228 5.34 25.45 -25.08
C GLY G 228 4.69 24.60 -24.02
N LYS G 229 5.26 24.57 -22.81
CA LYS G 229 4.83 23.65 -21.78
C LYS G 229 3.98 24.29 -20.69
N VAL G 230 3.48 25.50 -20.90
CA VAL G 230 2.73 26.19 -19.85
C VAL G 230 1.50 25.36 -19.45
N PRO G 231 0.53 25.11 -20.35
CA PRO G 231 -0.65 24.33 -19.91
C PRO G 231 -0.30 22.92 -19.50
N THR G 232 0.67 22.29 -20.15
CA THR G 232 1.05 20.93 -19.76
C THR G 232 1.60 20.91 -18.34
N ILE G 233 2.43 21.89 -18.00
CA ILE G 233 2.86 22.05 -16.62
C ILE G 233 1.68 22.47 -15.75
N ALA G 234 0.92 23.47 -16.20
CA ALA G 234 -0.09 24.09 -15.37
C ALA G 234 -1.49 23.50 -15.60
N ALA G 235 -2.03 23.69 -16.79
CA ALA G 235 -3.44 23.36 -17.02
C ALA G 235 -3.71 21.87 -17.06
N ALA G 236 -2.67 21.04 -17.23
CA ALA G 236 -2.87 19.60 -17.16
C ALA G 236 -3.23 19.16 -15.75
N ALA G 237 -2.93 19.98 -14.74
CA ALA G 237 -3.34 19.68 -13.38
C ALA G 237 -4.85 19.68 -13.21
N TYR G 238 -5.57 20.30 -14.14
CA TYR G 238 -7.03 20.23 -14.14
C TYR G 238 -7.51 18.79 -14.25
N LEU G 239 -6.75 17.95 -14.95
CA LEU G 239 -7.10 16.53 -15.04
C LEU G 239 -7.11 15.87 -13.67
N ARG G 240 -6.26 16.35 -12.75
CA ARG G 240 -6.20 15.77 -11.42
C ARG G 240 -7.50 16.01 -10.66
N LEU G 241 -7.97 17.26 -10.65
CA LEU G 241 -9.28 17.53 -10.06
C LEU G 241 -10.37 16.79 -10.81
N ALA G 242 -10.23 16.66 -12.13
CA ALA G 242 -11.09 15.74 -12.87
C ALA G 242 -10.85 14.30 -12.44
N GLY G 243 -9.59 13.92 -12.24
CA GLY G 243 -9.26 12.59 -11.79
C GLY G 243 -8.73 11.69 -12.89
N ARG G 244 -7.96 12.26 -13.81
CA ARG G 244 -7.45 11.52 -14.95
C ARG G 244 -5.95 11.75 -15.08
N PRO G 245 -5.21 10.77 -15.58
CA PRO G 245 -3.76 10.93 -15.72
C PRO G 245 -3.41 11.87 -16.85
N PRO G 246 -2.24 12.51 -16.79
CA PRO G 246 -1.88 13.49 -17.83
C PRO G 246 -1.79 12.84 -19.21
N VAL G 247 -2.21 13.59 -20.22
CA VAL G 247 -2.19 13.14 -21.61
C VAL G 247 -1.11 13.92 -22.34
N LEU G 248 -0.17 13.20 -22.94
CA LEU G 248 0.96 13.85 -23.57
C LEU G 248 0.54 14.56 -24.84
N PRO G 249 0.96 15.81 -25.05
CA PRO G 249 0.52 16.55 -26.23
C PRO G 249 1.30 16.17 -27.48
N SER G 250 0.65 16.34 -28.63
CA SER G 250 1.27 16.17 -29.93
C SER G 250 1.24 17.51 -30.64
N ASN G 251 2.43 18.09 -30.88
CA ASN G 251 2.52 19.42 -31.47
C ASN G 251 2.42 19.36 -32.99
N ASN G 252 1.30 18.81 -33.45
CA ASN G 252 0.95 18.80 -34.87
C ASN G 252 -0.40 19.44 -35.12
N PHE G 253 -1.06 19.95 -34.07
CA PHE G 253 -2.30 20.68 -34.14
C PHE G 253 -2.02 22.17 -33.94
N SER G 254 -3.07 22.97 -33.88
CA SER G 254 -2.93 24.36 -33.49
C SER G 254 -2.70 24.43 -31.98
N TYR G 255 -2.05 25.51 -31.55
CA TYR G 255 -1.62 25.61 -30.15
C TYR G 255 -2.82 25.61 -29.21
N SER G 256 -3.85 26.40 -29.54
CA SER G 256 -5.10 26.33 -28.79
C SER G 256 -5.77 24.96 -28.96
N GLU G 257 -5.77 24.44 -30.19
CA GLU G 257 -6.25 23.08 -30.41
C GLU G 257 -5.43 22.08 -29.60
N ASN G 258 -4.13 22.32 -29.49
CA ASN G 258 -3.28 21.45 -28.68
C ASN G 258 -3.70 21.48 -27.21
N PHE G 259 -3.99 22.68 -26.69
CA PHE G 259 -4.45 22.78 -25.32
C PHE G 259 -5.77 22.05 -25.11
N LEU G 260 -6.73 22.26 -26.03
CA LEU G 260 -8.01 21.58 -25.89
C LEU G 260 -7.86 20.07 -26.02
N TYR G 261 -6.92 19.62 -26.85
CA TYR G 261 -6.63 18.20 -26.97
C TYR G 261 -6.08 17.63 -25.68
N MET G 262 -5.05 18.26 -25.12
CA MET G 262 -4.42 17.71 -23.92
C MET G 262 -5.38 17.75 -22.73
N LEU G 263 -6.19 18.80 -22.63
CA LEU G 263 -7.11 18.86 -21.50
C LEU G 263 -8.34 17.98 -21.72
N ASP G 264 -8.91 18.02 -22.92
CA ASP G 264 -10.08 17.21 -23.26
C ASP G 264 -9.66 16.16 -24.28
N SER G 265 -9.41 14.95 -23.81
CA SER G 265 -9.15 13.80 -24.68
C SER G 265 -9.92 12.55 -24.30
N LEU G 266 -10.36 12.42 -23.03
CA LEU G 266 -11.18 11.33 -22.52
C LEU G 266 -10.45 9.99 -22.52
N GLY G 267 -9.23 9.94 -23.04
CA GLY G 267 -8.49 8.68 -23.07
C GLY G 267 -8.35 8.10 -24.46
N ASN G 268 -8.26 8.96 -25.46
CA ASN G 268 -8.10 8.53 -26.85
C ASN G 268 -6.80 9.06 -27.41
N ARG G 269 -6.12 8.23 -28.20
CA ARG G 269 -4.81 8.60 -28.73
C ARG G 269 -4.94 9.63 -29.85
N SER G 270 -5.93 9.50 -30.71
CA SER G 270 -6.07 10.32 -31.90
C SER G 270 -7.35 11.15 -31.87
N TYR G 271 -7.65 11.75 -30.71
CA TYR G 271 -8.84 12.57 -30.58
C TYR G 271 -8.70 13.84 -31.42
N LYS G 272 -9.84 14.33 -31.91
CA LYS G 272 -9.89 15.56 -32.69
C LYS G 272 -10.67 16.62 -31.93
N PRO G 273 -10.03 17.69 -31.44
CA PRO G 273 -10.79 18.79 -30.86
C PRO G 273 -11.63 19.48 -31.93
N ASN G 274 -12.82 19.92 -31.52
CA ASN G 274 -13.68 20.66 -32.44
C ASN G 274 -12.98 21.93 -32.89
N THR G 275 -12.77 22.06 -34.20
CA THR G 275 -12.04 23.22 -34.73
C THR G 275 -13.00 24.38 -35.01
N ARG G 276 -13.86 24.67 -34.04
CA ARG G 276 -14.63 25.90 -34.00
C ARG G 276 -14.40 26.68 -32.70
N LEU G 277 -14.43 25.97 -31.57
CA LEU G 277 -14.17 26.60 -30.27
C LEU G 277 -12.73 27.06 -30.15
N ALA G 278 -11.81 26.42 -30.87
CA ALA G 278 -10.39 26.74 -30.74
C ALA G 278 -10.11 28.17 -31.19
N ARG G 279 -10.78 28.62 -32.25
CA ARG G 279 -10.62 30.01 -32.67
C ARG G 279 -11.11 30.97 -31.58
N VAL G 280 -12.22 30.65 -30.92
CA VAL G 280 -12.73 31.49 -29.85
C VAL G 280 -11.74 31.54 -28.69
N LEU G 281 -11.19 30.38 -28.32
CA LEU G 281 -10.23 30.34 -27.23
C LEU G 281 -8.96 31.09 -27.59
N ASP G 282 -8.55 31.01 -28.85
CA ASP G 282 -7.41 31.80 -29.33
C ASP G 282 -7.70 33.29 -29.21
N ILE G 283 -8.87 33.72 -29.66
CA ILE G 283 -9.21 35.14 -29.64
C ILE G 283 -9.31 35.65 -28.21
N LEU G 284 -9.81 34.82 -27.30
CA LEU G 284 -10.00 35.25 -25.91
C LEU G 284 -8.69 35.72 -25.29
N PHE G 285 -7.55 35.16 -25.71
CA PHE G 285 -6.27 35.68 -25.24
C PHE G 285 -6.08 37.11 -25.68
N ILE G 286 -6.23 37.37 -26.99
CA ILE G 286 -5.98 38.69 -27.53
C ILE G 286 -6.97 39.70 -26.96
N LEU G 287 -8.17 39.24 -26.59
CA LEU G 287 -9.18 40.15 -26.04
C LEU G 287 -8.72 40.76 -24.74
N HIS G 288 -8.08 39.98 -23.87
CA HIS G 288 -7.61 40.44 -22.57
C HIS G 288 -6.16 40.04 -22.36
N ALA G 289 -5.34 40.27 -23.38
CA ALA G 289 -3.94 39.87 -23.34
C ALA G 289 -3.15 40.61 -22.27
N GLU G 290 -3.00 41.92 -22.43
CA GLU G 290 -2.15 42.71 -21.54
C GLU G 290 -2.85 43.98 -21.12
N HIS G 291 -2.53 44.42 -19.91
CA HIS G 291 -3.01 45.70 -19.37
C HIS G 291 -1.94 46.24 -18.45
N GLU G 292 -1.68 47.54 -18.57
CA GLU G 292 -0.55 48.15 -17.89
C GLU G 292 -0.82 48.31 -16.40
N MET G 293 0.21 48.05 -15.60
CA MET G 293 0.28 48.42 -14.18
C MET G 293 -0.99 48.09 -13.40
N ASN G 294 -1.40 46.81 -13.45
CA ASN G 294 -2.56 46.44 -12.65
C ASN G 294 -2.13 46.21 -11.20
N CYS G 295 -1.44 45.11 -10.93
CA CYS G 295 -0.60 44.99 -9.73
C CYS G 295 0.72 44.31 -10.05
N SER G 296 0.67 43.32 -10.93
CA SER G 296 1.77 42.37 -11.09
C SER G 296 2.64 42.65 -12.30
N THR G 297 2.17 43.42 -13.28
CA THR G 297 3.04 43.81 -14.38
C THR G 297 4.16 44.72 -13.86
N ALA G 298 3.84 45.58 -12.89
CA ALA G 298 4.87 46.36 -12.22
C ALA G 298 5.86 45.44 -11.51
N ALA G 299 5.36 44.38 -10.86
CA ALA G 299 6.27 43.42 -10.23
C ALA G 299 7.17 42.77 -11.26
N ALA G 300 6.61 42.42 -12.42
CA ALA G 300 7.39 41.76 -13.47
C ALA G 300 8.48 42.69 -13.99
N ARG G 301 8.14 43.94 -14.27
CA ARG G 301 9.16 44.87 -14.75
C ARG G 301 10.22 45.13 -13.70
N HIS G 302 9.81 45.22 -12.42
CA HIS G 302 10.77 45.46 -11.35
C HIS G 302 11.74 44.29 -11.21
N LEU G 303 11.22 43.05 -11.22
CA LEU G 303 12.10 41.89 -11.10
C LEU G 303 12.98 41.72 -12.34
N ALA G 304 12.46 42.06 -13.52
CA ALA G 304 13.30 41.99 -14.71
C ALA G 304 14.40 43.04 -14.67
N SER G 305 14.10 44.19 -14.05
CA SER G 305 15.14 45.16 -13.77
C SER G 305 16.17 44.59 -12.80
N SER G 306 15.70 43.81 -11.81
CA SER G 306 16.61 43.18 -10.87
C SER G 306 17.55 42.17 -11.52
N GLY G 307 17.23 41.71 -12.73
CA GLY G 307 18.10 40.79 -13.44
C GLY G 307 18.10 39.38 -12.88
N VAL G 308 16.96 38.71 -12.98
CA VAL G 308 16.82 37.37 -12.43
C VAL G 308 16.43 36.41 -13.54
N ASP G 309 16.19 35.14 -13.19
CA ASP G 309 15.73 34.17 -14.16
C ASP G 309 14.24 34.38 -14.46
N VAL G 310 13.72 33.59 -15.40
CA VAL G 310 12.32 33.72 -15.79
C VAL G 310 11.40 32.77 -15.02
N PHE G 311 11.91 31.65 -14.53
CA PHE G 311 11.05 30.67 -13.86
C PHE G 311 10.49 31.23 -12.56
N THR G 312 11.37 31.56 -11.61
CA THR G 312 10.92 32.14 -10.35
C THR G 312 10.17 33.45 -10.58
N ALA G 313 10.58 34.21 -11.59
CA ALA G 313 9.90 35.46 -11.91
C ALA G 313 8.43 35.21 -12.24
N LEU G 314 8.18 34.31 -13.19
CA LEU G 314 6.81 34.04 -13.59
C LEU G 314 6.05 33.30 -12.50
N ALA G 315 6.77 32.57 -11.64
CA ALA G 315 6.12 31.91 -10.50
C ALA G 315 5.57 32.93 -9.52
N GLY G 316 6.41 33.89 -9.12
CA GLY G 316 5.92 34.97 -8.28
C GLY G 316 4.82 35.77 -8.94
N ALA G 317 4.95 36.00 -10.25
CA ALA G 317 3.95 36.78 -10.97
C ALA G 317 2.60 36.08 -10.94
N VAL G 318 2.56 34.78 -11.25
CA VAL G 318 1.28 34.08 -11.26
C VAL G 318 0.73 33.96 -9.85
N GLY G 319 1.61 33.74 -8.85
CA GLY G 319 1.15 33.72 -7.48
C GLY G 319 0.50 35.03 -7.06
N ALA G 320 1.04 36.15 -7.55
CA ALA G 320 0.47 37.45 -7.22
C ALA G 320 -0.72 37.81 -8.10
N LEU G 321 -0.93 37.12 -9.22
CA LEU G 321 -2.03 37.47 -10.10
C LEU G 321 -3.39 37.26 -9.44
N TYR G 322 -3.49 36.30 -8.52
CA TYR G 322 -4.78 35.90 -7.97
C TYR G 322 -5.32 36.97 -7.02
N GLY G 323 -4.65 38.12 -6.92
CA GLY G 323 -5.16 39.22 -6.16
C GLY G 323 -6.56 39.59 -6.63
N PRO G 324 -7.52 39.57 -5.71
CA PRO G 324 -8.93 39.67 -6.14
C PRO G 324 -9.32 41.06 -6.58
N LEU G 325 -8.47 41.68 -7.39
CA LEU G 325 -8.77 42.90 -8.10
C LEU G 325 -8.37 42.71 -9.56
N HIS G 326 -7.45 41.78 -9.79
CA HIS G 326 -7.17 41.27 -11.13
C HIS G 326 -7.20 39.75 -11.19
N GLY G 327 -7.24 39.07 -10.05
CA GLY G 327 -7.42 37.63 -10.02
C GLY G 327 -8.86 37.25 -9.84
N GLY G 328 -9.56 37.97 -8.95
CA GLY G 328 -10.99 37.84 -8.85
C GLY G 328 -11.67 38.75 -9.86
N ALA G 329 -11.35 38.52 -11.15
CA ALA G 329 -11.82 39.41 -12.20
C ALA G 329 -13.33 39.41 -12.31
N ASN G 330 -13.95 38.23 -12.30
CA ASN G 330 -15.40 38.14 -12.46
C ASN G 330 -16.03 37.09 -11.54
N GLU G 331 -15.32 36.65 -10.50
CA GLU G 331 -15.93 35.71 -9.57
C GLU G 331 -17.07 36.36 -8.80
N ALA G 332 -16.87 37.60 -8.34
CA ALA G 332 -17.83 38.23 -7.44
C ALA G 332 -19.20 38.38 -8.11
N VAL G 333 -19.22 38.83 -9.36
CA VAL G 333 -20.49 39.02 -10.05
C VAL G 333 -21.25 37.71 -10.17
N LEU G 334 -20.55 36.57 -10.14
CA LEU G 334 -21.23 35.28 -10.16
C LEU G 334 -22.22 35.18 -9.01
N LYS G 335 -21.80 35.61 -7.81
CA LYS G 335 -22.72 35.62 -6.68
C LYS G 335 -23.94 36.49 -6.97
N MET G 336 -23.72 37.64 -7.62
CA MET G 336 -24.85 38.45 -8.03
C MET G 336 -25.78 37.68 -8.97
N LEU G 337 -25.20 36.93 -9.90
CA LEU G 337 -26.00 36.13 -10.82
C LEU G 337 -26.84 35.09 -10.10
N ASN G 338 -26.63 34.90 -8.79
CA ASN G 338 -27.47 34.02 -7.99
C ASN G 338 -28.59 34.76 -7.27
N GLU G 339 -28.34 36.00 -6.83
CA GLU G 339 -29.37 36.68 -6.05
C GLU G 339 -30.51 37.20 -6.93
N ILE G 340 -30.30 37.32 -8.23
CA ILE G 340 -31.40 37.65 -9.13
C ILE G 340 -32.39 36.49 -9.21
N GLY G 341 -31.88 35.27 -9.25
CA GLY G 341 -32.73 34.10 -9.33
C GLY G 341 -33.33 33.92 -10.71
N THR G 342 -34.64 34.17 -10.81
CA THR G 342 -35.35 34.10 -12.07
C THR G 342 -35.41 35.50 -12.70
N VAL G 343 -35.53 35.53 -14.03
CA VAL G 343 -35.45 36.78 -14.78
C VAL G 343 -36.56 37.75 -14.36
N GLU G 344 -37.69 37.24 -13.88
CA GLU G 344 -38.78 38.12 -13.50
C GLU G 344 -38.41 39.12 -12.41
N ASN G 345 -37.20 39.02 -11.87
CA ASN G 345 -36.67 39.97 -10.91
C ASN G 345 -35.94 41.14 -11.58
N ILE G 346 -36.22 41.43 -12.85
CA ILE G 346 -35.60 42.56 -13.53
C ILE G 346 -36.01 43.89 -12.91
N PRO G 347 -37.29 44.31 -12.97
CA PRO G 347 -37.60 45.70 -12.60
C PRO G 347 -37.36 46.00 -11.13
N ASP G 348 -37.98 45.19 -10.26
CA ASP G 348 -37.91 45.42 -8.83
C ASP G 348 -36.47 45.52 -8.34
N PHE G 349 -35.57 44.73 -8.92
CA PHE G 349 -34.16 44.81 -8.52
C PHE G 349 -33.52 46.11 -9.01
N ILE G 350 -33.73 46.46 -10.27
CA ILE G 350 -32.95 47.57 -10.84
C ILE G 350 -33.37 48.90 -10.21
N GLU G 351 -34.67 49.07 -9.95
CA GLU G 351 -35.11 50.25 -9.20
C GLU G 351 -34.48 50.25 -7.81
N GLY G 352 -34.36 49.08 -7.19
CA GLY G 352 -33.63 48.99 -5.95
C GLY G 352 -32.18 49.41 -6.11
N VAL G 353 -31.58 49.09 -7.26
CA VAL G 353 -30.26 49.62 -7.58
C VAL G 353 -30.34 51.13 -7.78
N LYS G 354 -31.41 51.60 -8.42
CA LYS G 354 -31.65 53.03 -8.51
C LYS G 354 -31.95 53.65 -7.16
N ASN G 355 -32.42 52.85 -6.20
CA ASN G 355 -32.47 53.28 -4.81
C ASN G 355 -31.13 53.12 -4.10
N ARG G 356 -30.14 52.53 -4.77
CA ARG G 356 -28.81 52.32 -4.21
C ARG G 356 -28.87 51.49 -2.92
N LYS G 357 -29.74 50.49 -2.91
CA LYS G 357 -29.90 49.62 -1.76
C LYS G 357 -29.61 48.16 -2.05
N ARG G 358 -29.42 47.78 -3.31
CA ARG G 358 -29.19 46.39 -3.69
C ARG G 358 -27.79 46.27 -4.28
N LYS G 359 -27.04 45.25 -3.84
CA LYS G 359 -25.63 45.15 -4.13
C LYS G 359 -25.38 44.89 -5.62
N MET G 360 -24.27 45.43 -6.11
CA MET G 360 -23.87 45.29 -7.50
C MET G 360 -22.36 45.10 -7.57
N SER G 361 -21.89 44.56 -8.69
CA SER G 361 -20.47 44.30 -8.87
C SER G 361 -20.12 44.24 -10.34
N GLY G 362 -18.86 44.51 -10.65
CA GLY G 362 -18.29 44.29 -11.96
C GLY G 362 -18.87 45.10 -13.10
N PHE G 363 -19.13 46.39 -12.88
CA PHE G 363 -19.54 47.28 -13.96
C PHE G 363 -18.51 48.39 -14.14
N GLY G 364 -18.50 48.96 -15.34
CA GLY G 364 -17.46 49.89 -15.72
C GLY G 364 -16.12 49.17 -15.80
N HIS G 365 -15.06 49.93 -15.59
CA HIS G 365 -13.74 49.34 -15.48
C HIS G 365 -12.84 50.34 -14.76
N ARG G 366 -11.75 49.81 -14.18
CA ARG G 366 -10.83 50.65 -13.43
C ARG G 366 -10.18 51.70 -14.32
N VAL G 367 -9.80 51.32 -15.55
CA VAL G 367 -9.07 52.19 -16.45
C VAL G 367 -9.85 52.47 -17.73
N TYR G 368 -11.00 51.82 -17.92
CA TYR G 368 -11.82 52.02 -19.12
C TYR G 368 -13.23 52.42 -18.71
N LYS G 369 -13.76 53.45 -19.36
CA LYS G 369 -15.10 53.92 -19.04
C LYS G 369 -15.93 54.32 -20.25
N ASN G 370 -15.46 54.07 -21.47
CA ASN G 370 -16.16 54.49 -22.67
C ASN G 370 -16.46 53.28 -23.55
N TYR G 371 -16.94 53.55 -24.76
CA TYR G 371 -17.26 52.50 -25.71
C TYR G 371 -16.01 51.71 -26.08
N ASP G 372 -16.22 50.46 -26.47
CA ASP G 372 -15.13 49.59 -26.88
C ASP G 372 -15.65 48.61 -27.93
N PRO G 373 -15.01 48.52 -29.10
CA PRO G 373 -15.35 47.44 -30.02
C PRO G 373 -15.10 46.06 -29.44
N ARG G 374 -14.24 45.98 -28.42
CA ARG G 374 -14.07 44.73 -27.69
C ARG G 374 -15.41 44.25 -27.14
N ALA G 375 -16.26 45.17 -26.70
CA ALA G 375 -17.59 44.79 -26.23
C ALA G 375 -18.39 44.12 -27.33
N LYS G 376 -18.36 44.69 -28.54
CA LYS G 376 -19.10 44.10 -29.65
C LYS G 376 -18.56 42.70 -29.99
N VAL G 377 -17.23 42.57 -30.04
CA VAL G 377 -16.67 41.28 -30.43
C VAL G 377 -16.92 40.22 -29.37
N ILE G 378 -16.88 40.61 -28.08
CA ILE G 378 -17.15 39.62 -27.05
C ILE G 378 -18.62 39.27 -27.00
N ARG G 379 -19.51 40.22 -27.29
CA ARG G 379 -20.93 39.87 -27.40
C ARG G 379 -21.16 38.88 -28.53
N LYS G 380 -20.53 39.11 -29.68
CA LYS G 380 -20.67 38.20 -30.80
C LYS G 380 -20.10 36.82 -30.49
N LEU G 381 -18.92 36.77 -29.85
CA LEU G 381 -18.34 35.49 -29.49
C LEU G 381 -19.18 34.76 -28.45
N ALA G 382 -19.74 35.51 -27.49
CA ALA G 382 -20.59 34.89 -26.47
C ALA G 382 -21.84 34.29 -27.09
N GLU G 383 -22.49 35.02 -28.00
CA GLU G 383 -23.69 34.46 -28.62
C GLU G 383 -23.35 33.31 -29.56
N GLU G 384 -22.18 33.33 -30.19
CA GLU G 384 -21.77 32.19 -31.00
C GLU G 384 -21.54 30.95 -30.15
N VAL G 385 -20.86 31.11 -29.01
CA VAL G 385 -20.64 29.98 -28.12
C VAL G 385 -21.97 29.51 -27.53
N PHE G 386 -22.88 30.45 -27.28
CA PHE G 386 -24.28 30.09 -27.04
C PHE G 386 -24.80 29.14 -28.09
N SER G 387 -24.83 29.58 -29.34
CA SER G 387 -25.45 28.81 -30.41
C SER G 387 -24.82 27.43 -30.56
N ILE G 388 -23.52 27.30 -30.28
CA ILE G 388 -22.85 26.03 -30.55
C ILE G 388 -22.87 25.09 -29.33
N VAL G 389 -22.84 25.58 -28.10
CA VAL G 389 -22.84 24.65 -26.96
C VAL G 389 -23.89 24.98 -25.90
N GLY G 390 -24.96 25.65 -26.28
CA GLY G 390 -26.10 25.73 -25.39
C GLY G 390 -25.88 26.60 -24.16
N ARG G 391 -26.83 26.53 -23.24
CA ARG G 391 -26.81 27.35 -22.05
C ARG G 391 -27.57 26.67 -20.93
N ASP G 392 -27.62 27.35 -19.79
CA ASP G 392 -28.54 27.11 -18.70
C ASP G 392 -29.43 28.33 -18.50
N PRO G 393 -30.47 28.23 -17.67
CA PRO G 393 -31.26 29.43 -17.36
C PRO G 393 -30.44 30.54 -16.70
N LEU G 394 -29.31 30.23 -16.07
CA LEU G 394 -28.48 31.25 -15.46
C LEU G 394 -27.90 32.20 -16.49
N ILE G 395 -27.45 31.66 -17.64
CA ILE G 395 -26.96 32.50 -18.72
C ILE G 395 -28.08 33.41 -19.22
N GLU G 396 -29.31 32.88 -19.32
CA GLU G 396 -30.43 33.71 -19.72
C GLU G 396 -30.73 34.79 -18.69
N VAL G 397 -30.51 34.50 -17.40
CA VAL G 397 -30.66 35.52 -16.36
C VAL G 397 -29.63 36.63 -16.56
N ALA G 398 -28.40 36.25 -16.87
CA ALA G 398 -27.36 37.24 -17.17
C ALA G 398 -27.77 38.08 -18.37
N ILE G 399 -28.30 37.44 -19.42
CA ILE G 399 -28.73 38.16 -20.61
C ILE G 399 -29.84 39.15 -20.25
N ALA G 400 -30.81 38.71 -19.45
CA ALA G 400 -31.92 39.57 -19.08
C ALA G 400 -31.46 40.76 -18.27
N LEU G 401 -30.59 40.54 -17.29
CA LEU G 401 -30.11 41.67 -16.48
C LEU G 401 -29.27 42.62 -17.31
N GLU G 402 -28.49 42.10 -18.26
CA GLU G 402 -27.72 42.99 -19.13
C GLU G 402 -28.63 43.81 -20.03
N LYS G 403 -29.66 43.19 -20.61
CA LYS G 403 -30.59 43.94 -21.45
C LYS G 403 -31.40 44.95 -20.64
N ALA G 404 -31.58 44.68 -19.35
CA ALA G 404 -32.20 45.67 -18.47
C ALA G 404 -31.24 46.84 -18.22
N ALA G 405 -29.97 46.53 -17.98
CA ALA G 405 -28.99 47.58 -17.74
C ALA G 405 -28.77 48.46 -18.97
N LEU G 406 -28.93 47.90 -20.16
CA LEU G 406 -28.72 48.66 -21.38
C LEU G 406 -29.85 49.65 -21.69
N SER G 407 -30.98 49.58 -20.97
CA SER G 407 -32.10 50.47 -21.23
C SER G 407 -32.57 51.19 -19.97
N ASP G 408 -31.73 51.26 -18.94
CA ASP G 408 -32.06 51.94 -17.70
C ASP G 408 -31.37 53.29 -17.67
N GLU G 409 -32.13 54.35 -17.37
CA GLU G 409 -31.59 55.70 -17.45
C GLU G 409 -30.47 55.92 -16.45
N TYR G 410 -30.55 55.28 -15.28
CA TYR G 410 -29.56 55.52 -14.23
C TYR G 410 -28.16 55.15 -14.70
N PHE G 411 -28.02 54.01 -15.37
CA PHE G 411 -26.70 53.59 -15.84
C PHE G 411 -26.22 54.46 -17.00
N ILE G 412 -27.14 54.93 -17.83
CA ILE G 412 -26.75 55.82 -18.93
C ILE G 412 -26.25 57.15 -18.40
N LYS G 413 -26.84 57.64 -17.30
CA LYS G 413 -26.35 58.88 -16.70
C LYS G 413 -24.91 58.76 -16.24
N ARG G 414 -24.56 57.61 -15.67
CA ARG G 414 -23.22 57.38 -15.13
C ARG G 414 -22.28 56.71 -16.12
N LYS G 415 -22.68 56.59 -17.39
CA LYS G 415 -21.85 55.99 -18.43
C LYS G 415 -21.43 54.58 -18.06
N LEU G 416 -22.37 53.79 -17.53
CA LEU G 416 -22.07 52.47 -17.01
C LEU G 416 -22.27 51.41 -18.09
N TYR G 417 -21.22 50.63 -18.33
CA TYR G 417 -21.28 49.47 -19.20
C TYR G 417 -20.55 48.32 -18.52
N PRO G 418 -20.99 47.08 -18.73
CA PRO G 418 -20.36 45.95 -18.04
C PRO G 418 -18.92 45.76 -18.46
N ASN G 419 -18.11 45.26 -17.52
CA ASN G 419 -16.72 44.99 -17.80
C ASN G 419 -16.58 43.77 -18.73
N VAL G 420 -15.42 43.68 -19.37
CA VAL G 420 -15.15 42.54 -20.26
C VAL G 420 -15.10 41.24 -19.48
N ASP G 421 -14.69 41.30 -18.22
CA ASP G 421 -14.57 40.09 -17.42
C ASP G 421 -15.91 39.40 -17.22
N PHE G 422 -17.00 40.15 -17.22
CA PHE G 422 -18.33 39.54 -17.09
C PHE G 422 -18.61 38.61 -18.25
N TYR G 423 -18.45 39.09 -19.48
CA TYR G 423 -18.68 38.24 -20.64
C TYR G 423 -17.62 37.16 -20.76
N SER G 424 -16.39 37.43 -20.28
CA SER G 424 -15.38 36.39 -20.27
C SER G 424 -15.80 35.24 -19.36
N GLY G 425 -16.34 35.55 -18.19
CA GLY G 425 -16.85 34.52 -17.30
C GLY G 425 -18.03 33.79 -17.91
N LEU G 426 -18.92 34.52 -18.57
CA LEU G 426 -20.05 33.87 -19.25
C LEU G 426 -19.56 32.88 -20.30
N ILE G 427 -18.57 33.27 -21.09
CA ILE G 427 -18.04 32.39 -22.13
C ILE G 427 -17.35 31.18 -21.50
N TYR G 428 -16.57 31.40 -20.45
CA TYR G 428 -15.89 30.29 -19.80
C TYR G 428 -16.87 29.32 -19.14
N ARG G 429 -18.03 29.83 -18.70
CA ARG G 429 -19.06 28.96 -18.17
C ARG G 429 -19.78 28.20 -19.28
N ALA G 430 -19.95 28.84 -20.43
CA ALA G 430 -20.62 28.19 -21.55
C ALA G 430 -19.85 26.97 -22.02
N MET G 431 -18.52 27.05 -22.05
CA MET G 431 -17.69 25.89 -22.37
C MET G 431 -17.56 24.91 -21.22
N GLY G 432 -18.34 25.09 -20.16
CA GLY G 432 -18.43 24.12 -19.09
C GLY G 432 -17.16 23.90 -18.29
N PHE G 433 -16.49 24.97 -17.93
CA PHE G 433 -15.31 24.82 -17.08
C PHE G 433 -15.59 25.38 -15.70
N PRO G 434 -14.95 24.84 -14.65
CA PRO G 434 -15.25 25.29 -13.30
C PRO G 434 -14.94 26.76 -13.11
N THR G 435 -15.79 27.44 -12.34
CA THR G 435 -15.62 28.87 -12.12
C THR G 435 -14.34 29.15 -11.34
N GLU G 436 -14.05 28.34 -10.32
CA GLU G 436 -12.80 28.49 -9.60
C GLU G 436 -11.60 28.03 -10.43
N PHE G 437 -11.86 27.27 -11.50
CA PHE G 437 -10.83 26.99 -12.50
C PHE G 437 -10.61 28.17 -13.43
N PHE G 438 -11.49 29.17 -13.39
CA PHE G 438 -11.40 30.32 -14.27
C PHE G 438 -10.04 31.04 -14.23
N PRO G 439 -9.40 31.26 -13.08
CA PRO G 439 -8.11 31.97 -13.10
C PRO G 439 -7.08 31.33 -14.00
N VAL G 440 -7.17 30.02 -14.23
CA VAL G 440 -6.29 29.36 -15.19
C VAL G 440 -6.51 29.92 -16.58
N LEU G 441 -7.78 30.08 -16.96
CA LEU G 441 -8.20 30.62 -18.25
C LEU G 441 -8.05 32.13 -18.32
N PHE G 442 -7.39 32.72 -17.32
CA PHE G 442 -7.18 34.15 -17.27
C PHE G 442 -5.71 34.51 -17.13
N ALA G 443 -4.84 33.54 -16.86
CA ALA G 443 -3.42 33.78 -16.66
C ALA G 443 -2.57 33.45 -17.88
N ILE G 444 -3.08 32.65 -18.81
CA ILE G 444 -2.28 32.22 -19.95
C ILE G 444 -1.80 33.39 -20.82
N PRO G 445 -2.66 34.34 -21.23
CA PRO G 445 -2.18 35.35 -22.17
C PRO G 445 -1.22 36.36 -21.57
N ARG G 446 -1.45 36.76 -20.31
CA ARG G 446 -0.71 37.88 -19.74
C ARG G 446 0.79 37.63 -19.77
N MET G 447 1.22 36.41 -19.47
CA MET G 447 2.64 36.10 -19.43
C MET G 447 3.33 36.45 -20.75
N ALA G 448 2.61 36.35 -21.87
CA ALA G 448 3.19 36.70 -23.16
C ALA G 448 3.69 38.14 -23.15
N GLY G 449 2.83 39.07 -22.71
CA GLY G 449 3.26 40.46 -22.66
C GLY G 449 4.37 40.69 -21.65
N TYR G 450 4.51 39.77 -20.70
CA TYR G 450 5.67 39.81 -19.81
C TYR G 450 6.95 39.60 -20.60
N LEU G 451 6.96 38.59 -21.47
CA LEU G 451 8.20 38.15 -22.10
C LEU G 451 8.82 39.29 -22.90
N ALA G 452 8.04 39.93 -23.77
CA ALA G 452 8.52 41.11 -24.47
C ALA G 452 9.00 42.16 -23.49
N HIS G 453 8.16 42.46 -22.48
CA HIS G 453 8.60 43.30 -21.38
C HIS G 453 9.96 42.84 -20.88
N TRP G 454 10.06 41.55 -20.55
CA TRP G 454 11.32 40.93 -20.18
C TRP G 454 12.42 41.37 -21.13
N ARG G 455 12.27 41.06 -22.41
CA ARG G 455 13.26 41.45 -23.41
C ARG G 455 13.50 42.94 -23.34
N GLU G 456 12.43 43.73 -23.39
CA GLU G 456 12.58 45.18 -23.37
C GLU G 456 13.16 45.66 -22.05
N SER G 457 12.86 44.96 -20.95
CA SER G 457 13.44 45.38 -19.67
C SER G 457 14.94 45.16 -19.64
N LEU G 458 15.45 44.27 -20.49
CA LEU G 458 16.89 44.10 -20.61
C LEU G 458 17.51 45.04 -21.63
N ASP G 459 16.70 45.94 -22.22
CA ASP G 459 17.20 46.86 -23.23
C ASP G 459 17.37 48.28 -22.73
N ASP G 460 16.98 48.59 -21.49
CA ASP G 460 17.04 49.97 -21.04
C ASP G 460 17.18 50.06 -19.53
N LYS G 464 15.62 50.43 -13.90
CA LYS G 464 16.69 49.73 -13.18
C LYS G 464 16.14 49.27 -11.83
N ILE G 465 17.03 48.95 -10.89
CA ILE G 465 16.66 48.51 -9.54
C ILE G 465 15.49 49.33 -9.00
N MET G 466 15.60 50.65 -9.09
CA MET G 466 14.47 51.57 -8.91
C MET G 466 13.83 51.39 -7.51
N ARG G 467 14.59 51.78 -6.50
CA ARG G 467 14.05 51.84 -5.15
C ARG G 467 13.21 53.10 -4.99
N PRO G 468 11.94 52.99 -4.62
CA PRO G 468 11.11 54.19 -4.42
C PRO G 468 11.41 54.88 -3.10
N GLN G 469 10.88 56.10 -2.98
CA GLN G 469 11.04 56.90 -1.77
C GLN G 469 9.93 56.59 -0.78
N GLN G 470 10.12 57.07 0.46
CA GLN G 470 9.16 56.85 1.53
C GLN G 470 9.30 57.98 2.55
N VAL G 471 8.40 57.96 3.54
CA VAL G 471 8.41 58.92 4.64
C VAL G 471 8.48 58.14 5.94
N TYR G 472 9.45 58.50 6.78
CA TYR G 472 9.57 57.90 8.11
C TYR G 472 8.61 58.59 9.06
N THR G 473 7.87 57.80 9.84
CA THR G 473 6.86 58.33 10.75
C THR G 473 7.09 57.98 12.20
N GLY G 474 7.91 56.99 12.51
CA GLY G 474 8.12 56.54 13.86
C GLY G 474 9.04 57.44 14.66
N VAL G 475 9.35 56.99 15.87
CA VAL G 475 10.27 57.72 16.73
C VAL G 475 11.67 57.76 16.09
N TRP G 476 12.38 58.86 16.30
CA TRP G 476 13.69 59.02 15.66
C TRP G 476 14.77 58.24 16.39
N LEU G 477 15.01 58.55 17.66
CA LEU G 477 16.05 57.85 18.41
C LEU G 477 15.66 57.78 19.88
N ARG G 478 15.95 56.64 20.50
CA ARG G 478 15.68 56.44 21.92
C ARG G 478 16.63 55.38 22.46
N HIS G 479 16.81 55.39 23.77
CA HIS G 479 17.66 54.42 24.44
C HIS G 479 16.94 53.09 24.58
N TYR G 480 17.72 52.03 24.78
CA TYR G 480 17.21 50.67 24.91
C TYR G 480 17.63 50.09 26.25
N THR G 481 16.73 49.35 26.87
CA THR G 481 17.03 48.65 28.11
C THR G 481 16.94 47.15 27.89
N PRO G 482 17.87 46.37 28.46
CA PRO G 482 17.79 44.91 28.34
C PRO G 482 16.45 44.36 28.78
N LEU G 483 16.18 43.12 28.34
CA LEU G 483 14.86 42.52 28.45
C LEU G 483 14.44 42.24 29.90
N GLN G 484 15.38 42.20 30.84
CA GLN G 484 15.02 41.88 32.22
C GLN G 484 14.11 42.94 32.81
N GLU G 485 14.41 44.22 32.59
CA GLU G 485 13.59 45.32 33.07
C GLU G 485 12.63 45.83 32.01
N ARG G 486 12.45 45.06 30.93
CA ARG G 486 11.42 45.33 29.93
C ARG G 486 10.05 44.82 30.35
N THR G 487 9.87 44.56 31.65
CA THR G 487 8.63 44.03 32.18
C THR G 487 7.50 45.05 32.04
N VAL G 488 6.29 44.60 32.38
CA VAL G 488 5.08 45.42 32.32
C VAL G 488 4.87 46.01 30.93
N ALA G 499 2.34 38.08 22.41
CA ALA G 499 1.36 37.84 21.35
C ALA G 499 0.06 38.58 21.63
N VAL G 500 -0.93 38.38 20.76
CA VAL G 500 -2.24 38.98 20.93
C VAL G 500 -3.37 37.97 21.05
N SER G 501 -3.10 36.68 20.90
CA SER G 501 -4.10 35.63 21.08
C SER G 501 -3.54 34.58 22.01
N ASN G 502 -4.44 33.93 22.76
CA ASN G 502 -4.03 33.01 23.82
C ASN G 502 -4.72 31.65 23.68
N ALA G 503 -5.34 31.38 22.54
CA ALA G 503 -5.94 30.07 22.25
C ALA G 503 -6.94 29.67 23.33
N THR G 504 -8.04 30.43 23.37
CA THR G 504 -9.06 30.34 24.40
C THR G 504 -9.43 28.91 24.76
N ARG G 505 -9.35 28.00 23.79
CA ARG G 505 -9.53 26.57 24.06
C ARG G 505 -8.22 25.99 24.60
N ARG G 506 -7.86 26.45 25.80
CA ARG G 506 -6.59 26.12 26.41
C ARG G 506 -6.68 24.79 27.14
N ARG G 507 -5.74 23.89 26.84
CA ARG G 507 -5.69 22.62 27.54
C ARG G 507 -5.38 22.80 29.02
N LEU G 508 -4.49 23.74 29.35
CA LEU G 508 -4.22 24.05 30.75
C LEU G 508 -5.47 24.58 31.43
N ALA G 509 -6.18 25.51 30.78
CA ALA G 509 -7.49 25.92 31.28
C ALA G 509 -8.49 24.79 31.25
N GLY G 510 -8.30 23.81 30.35
CA GLY G 510 -9.08 22.59 30.36
C GLY G 510 -8.52 21.54 31.32
N SER G 511 -7.34 21.79 31.90
CA SER G 511 -6.80 20.94 32.95
C SER G 511 -6.80 21.60 34.31
N ARG G 512 -7.00 22.91 34.37
CA ARG G 512 -7.05 23.63 35.64
C ARG G 512 -8.35 24.42 35.76
N PRO H 106 5.21 55.46 -2.48
CA PRO H 106 5.64 55.85 -1.12
C PRO H 106 5.01 54.96 -0.04
N VAL H 107 5.55 55.03 1.17
CA VAL H 107 5.02 54.27 2.29
C VAL H 107 5.44 54.97 3.58
N ARG H 108 4.59 54.90 4.59
CA ARG H 108 4.93 55.46 5.89
C ARG H 108 5.76 54.47 6.69
N SER H 109 6.83 54.98 7.31
CA SER H 109 7.79 54.15 8.02
C SER H 109 7.75 54.48 9.50
N SER H 110 7.05 53.64 10.28
CA SER H 110 7.19 53.60 11.73
C SER H 110 7.84 52.30 12.16
N ILE H 111 8.44 51.58 11.23
CA ILE H 111 8.96 50.25 11.45
C ILE H 111 10.47 50.25 11.64
N CYS H 112 11.20 50.92 10.74
CA CYS H 112 12.65 50.91 10.76
C CYS H 112 13.17 51.93 9.75
N TYR H 113 14.26 52.62 10.09
CA TYR H 113 14.83 53.62 9.21
C TYR H 113 16.29 53.28 8.91
N ILE H 114 16.69 53.66 7.70
CA ILE H 114 18.02 53.44 7.17
C ILE H 114 18.61 54.79 6.80
N ASP H 115 19.79 55.11 7.35
CA ASP H 115 20.57 56.24 6.87
C ASP H 115 21.71 55.72 6.00
N GLY H 116 21.33 55.36 4.76
CA GLY H 116 22.26 54.66 3.89
C GLY H 116 23.52 55.45 3.60
N ASP H 117 23.40 56.76 3.42
CA ASP H 117 24.55 57.59 3.12
C ASP H 117 25.31 58.03 4.36
N GLU H 118 24.76 57.83 5.55
CA GLU H 118 25.45 58.13 6.80
C GLU H 118 25.90 56.89 7.55
N GLY H 119 25.00 55.92 7.77
CA GLY H 119 25.41 54.66 8.35
C GLY H 119 24.81 54.31 9.69
N ILE H 120 23.57 54.74 9.94
CA ILE H 120 22.86 54.38 11.16
C ILE H 120 21.52 53.76 10.77
N LEU H 121 21.24 52.60 11.36
CA LEU H 121 19.98 51.90 11.15
C LEU H 121 19.25 51.79 12.48
N ARG H 122 17.93 51.93 12.44
CA ARG H 122 17.12 51.96 13.65
C ARG H 122 15.86 51.13 13.49
N TYR H 123 15.63 50.20 14.42
CA TYR H 123 14.40 49.41 14.46
C TYR H 123 13.41 50.14 15.35
N ARG H 124 12.55 50.95 14.72
CA ARG H 124 11.59 51.80 15.43
C ARG H 124 12.31 52.76 16.39
N GLY H 125 13.21 53.56 15.81
CA GLY H 125 13.96 54.52 16.60
C GLY H 125 14.91 53.91 17.59
N TYR H 126 15.25 52.64 17.42
CA TYR H 126 16.18 51.94 18.31
C TYR H 126 17.49 51.71 17.57
N PRO H 127 18.58 52.37 17.96
CA PRO H 127 19.85 52.17 17.25
C PRO H 127 20.31 50.72 17.33
N ILE H 128 21.01 50.29 16.28
CA ILE H 128 21.38 48.88 16.13
C ILE H 128 22.26 48.40 17.26
N GLU H 129 23.09 49.28 17.83
CA GLU H 129 24.07 48.84 18.80
C GLU H 129 23.42 48.24 20.04
N GLU H 130 22.73 49.06 20.83
CA GLU H 130 22.19 48.60 22.10
C GLU H 130 21.17 47.50 21.89
N LEU H 131 20.34 47.62 20.85
CA LEU H 131 19.36 46.59 20.53
C LEU H 131 20.03 45.27 20.23
N ALA H 132 20.85 45.24 19.17
CA ALA H 132 21.42 43.99 18.68
C ALA H 132 22.37 43.34 19.68
N GLU H 133 22.99 44.11 20.58
CA GLU H 133 23.95 43.52 21.51
C GLU H 133 23.28 42.50 22.43
N SER H 134 22.12 42.83 22.99
CA SER H 134 21.53 42.01 24.04
C SER H 134 20.04 41.80 23.82
N SER H 135 19.65 41.41 22.62
CA SER H 135 18.26 41.11 22.31
C SER H 135 18.14 39.67 21.79
N SER H 136 16.93 39.31 21.37
CA SER H 136 16.63 38.01 20.81
C SER H 136 15.81 38.16 19.54
N TYR H 137 15.82 37.11 18.73
CA TYR H 137 15.11 37.15 17.44
C TYR H 137 13.61 37.39 17.60
N PRO H 138 12.88 36.62 18.44
CA PRO H 138 11.44 36.92 18.57
C PRO H 138 11.16 38.22 19.30
N GLU H 139 12.06 38.66 20.19
CA GLU H 139 11.90 39.97 20.80
C GLU H 139 11.93 41.07 19.75
N VAL H 140 12.92 41.02 18.86
CA VAL H 140 12.99 41.97 17.76
C VAL H 140 11.76 41.84 16.86
N ALA H 141 11.31 40.60 16.63
CA ALA H 141 10.13 40.38 15.79
C ALA H 141 8.90 41.08 16.39
N TYR H 142 8.67 40.91 17.69
CA TYR H 142 7.54 41.55 18.34
C TYR H 142 7.69 43.06 18.32
N LEU H 143 8.88 43.56 18.69
CA LEU H 143 9.07 45.00 18.79
C LEU H 143 8.81 45.68 17.45
N LEU H 144 9.35 45.11 16.38
CA LEU H 144 9.01 45.61 15.05
C LEU H 144 7.53 45.45 14.77
N MET H 145 6.95 44.34 15.22
CA MET H 145 5.58 44.02 14.86
C MET H 145 4.58 44.95 15.53
N TYR H 146 4.74 45.19 16.83
CA TYR H 146 3.71 45.87 17.62
C TYR H 146 4.25 47.15 18.26
N GLY H 147 5.14 47.85 17.57
CA GLY H 147 5.62 49.13 18.06
C GLY H 147 6.44 49.02 19.33
N ASN H 148 5.83 49.40 20.45
CA ASN H 148 6.53 49.40 21.73
C ASN H 148 6.92 47.99 22.13
N LEU H 149 7.98 47.90 22.94
CA LEU H 149 8.57 46.63 23.31
C LEU H 149 7.58 45.78 24.11
N PRO H 150 7.65 44.46 23.98
CA PRO H 150 6.74 43.58 24.70
C PRO H 150 7.22 43.34 26.13
N SER H 151 6.41 42.60 26.88
CA SER H 151 6.69 42.22 28.26
C SER H 151 6.91 40.71 28.34
N LYS H 152 7.16 40.25 29.57
CA LYS H 152 7.46 38.83 29.78
C LYS H 152 6.29 37.95 29.39
N SER H 153 5.07 38.36 29.72
CA SER H 153 3.91 37.59 29.29
C SER H 153 3.82 37.53 27.77
N GLN H 154 4.06 38.66 27.11
CA GLN H 154 4.11 38.65 25.65
C GLN H 154 5.21 37.75 25.14
N LEU H 155 6.37 37.78 25.81
CA LEU H 155 7.47 36.88 25.45
C LEU H 155 7.01 35.42 25.52
N ALA H 156 6.39 35.05 26.63
CA ALA H 156 5.96 33.66 26.81
C ALA H 156 4.95 33.26 25.75
N ASP H 157 3.92 34.09 25.54
CA ASP H 157 2.90 33.76 24.55
C ASP H 157 3.51 33.61 23.16
N TRP H 158 4.28 34.60 22.73
CA TRP H 158 4.83 34.60 21.38
C TRP H 158 5.77 33.41 21.16
N GLU H 159 6.73 33.23 22.08
CA GLU H 159 7.69 32.15 21.91
C GLU H 159 7.02 30.78 21.97
N PHE H 160 6.11 30.58 22.93
CA PHE H 160 5.44 29.29 23.05
C PHE H 160 4.63 28.98 21.79
N ALA H 161 3.91 29.98 21.27
CA ALA H 161 3.10 29.76 20.08
C ALA H 161 3.97 29.45 18.87
N ILE H 162 5.04 30.22 18.67
CA ILE H 162 5.88 29.98 17.49
C ILE H 162 6.58 28.63 17.60
N SER H 163 6.93 28.21 18.81
CA SER H 163 7.56 26.90 18.97
C SER H 163 6.57 25.78 18.72
N GLN H 164 5.32 25.94 19.19
CA GLN H 164 4.36 24.85 19.09
C GLN H 164 3.78 24.74 17.68
N HIS H 165 3.79 25.83 16.91
CA HIS H 165 3.10 25.87 15.62
C HIS H 165 4.03 25.66 14.42
N SER H 166 5.03 24.78 14.54
CA SER H 166 6.03 24.63 13.49
C SER H 166 5.94 23.31 12.73
N ALA H 167 5.75 22.19 13.42
CA ALA H 167 5.94 20.87 12.81
C ALA H 167 4.95 20.60 11.69
N VAL H 168 5.42 19.94 10.64
CA VAL H 168 4.60 19.53 9.51
C VAL H 168 4.69 18.01 9.38
N PRO H 169 3.55 17.29 9.38
CA PRO H 169 3.63 15.82 9.47
C PRO H 169 4.33 15.13 8.31
N GLN H 170 3.78 15.27 7.10
CA GLN H 170 4.34 14.59 5.94
C GLN H 170 4.19 15.46 4.69
N GLY H 171 4.33 16.77 4.84
CA GLY H 171 3.94 17.67 3.78
C GLY H 171 4.96 17.81 2.68
N VAL H 172 5.39 19.03 2.39
CA VAL H 172 6.23 19.31 1.23
C VAL H 172 7.51 18.51 1.21
N LEU H 173 7.84 17.81 2.30
CA LEU H 173 9.04 16.98 2.33
C LEU H 173 9.06 15.99 1.17
N ASP H 174 7.90 15.45 0.80
CA ASP H 174 7.83 14.49 -0.31
C ASP H 174 8.08 15.16 -1.66
N ILE H 175 7.78 16.45 -1.79
CA ILE H 175 8.13 17.20 -3.00
C ILE H 175 9.64 17.29 -3.19
N ILE H 176 10.40 16.95 -2.15
CA ILE H 176 11.85 16.90 -2.20
C ILE H 176 12.15 15.49 -1.72
N GLN H 177 13.42 15.18 -1.44
CA GLN H 177 13.86 13.83 -1.06
C GLN H 177 13.74 12.88 -2.25
N GLY H 178 14.39 13.25 -3.34
CA GLY H 178 14.39 12.44 -4.55
C GLY H 178 14.38 13.29 -5.79
N MET H 179 13.96 14.54 -5.67
CA MET H 179 13.94 15.43 -6.82
C MET H 179 15.35 15.92 -7.13
N PRO H 180 15.69 16.08 -8.41
CA PRO H 180 17.06 16.47 -8.77
C PRO H 180 17.41 17.86 -8.25
N HIS H 181 18.71 18.05 -8.00
CA HIS H 181 19.25 19.31 -7.50
C HIS H 181 20.27 19.81 -8.52
N ASP H 182 19.78 20.50 -9.54
CA ASP H 182 20.62 21.06 -10.59
C ASP H 182 21.02 22.50 -10.30
N ALA H 183 20.63 23.03 -9.15
CA ALA H 183 20.97 24.39 -8.77
C ALA H 183 20.91 24.48 -7.25
N HIS H 184 20.94 25.70 -6.74
CA HIS H 184 20.86 25.91 -5.30
C HIS H 184 19.47 25.55 -4.78
N PRO H 185 19.37 25.13 -3.52
CA PRO H 185 18.05 24.85 -2.94
C PRO H 185 17.13 26.06 -2.83
N MET H 186 17.55 27.21 -3.36
CA MET H 186 16.68 28.38 -3.36
C MET H 186 15.36 28.08 -4.05
N GLY H 187 15.44 27.56 -5.27
CA GLY H 187 14.23 27.09 -5.93
C GLY H 187 13.53 26.02 -5.12
N VAL H 188 14.30 25.15 -4.48
CA VAL H 188 13.72 24.13 -3.61
C VAL H 188 12.90 24.78 -2.50
N LEU H 189 13.48 25.79 -1.84
CA LEU H 189 12.75 26.41 -0.72
C LEU H 189 11.55 27.21 -1.22
N VAL H 190 11.68 27.86 -2.37
CA VAL H 190 10.55 28.62 -2.92
C VAL H 190 9.39 27.67 -3.23
N CYS H 191 9.68 26.56 -3.91
CA CYS H 191 8.65 25.57 -4.15
C CYS H 191 8.10 25.01 -2.85
N ALA H 192 8.97 24.86 -1.85
CA ALA H 192 8.57 24.31 -0.57
C ALA H 192 7.50 25.17 0.09
N MET H 193 7.76 26.48 0.20
CA MET H 193 6.78 27.36 0.82
C MET H 193 5.57 27.59 -0.08
N SER H 194 5.75 27.50 -1.41
CA SER H 194 4.59 27.53 -2.28
C SER H 194 3.64 26.37 -1.99
N ALA H 195 4.20 25.19 -1.72
CA ALA H 195 3.35 24.06 -1.35
C ALA H 195 2.85 24.17 0.08
N LEU H 196 3.63 24.78 0.97
CA LEU H 196 3.12 25.07 2.30
C LEU H 196 1.90 25.99 2.24
N SER H 197 1.82 26.81 1.19
CA SER H 197 0.68 27.68 1.01
C SER H 197 -0.61 26.89 0.81
N VAL H 198 -0.52 25.60 0.47
CA VAL H 198 -1.70 24.80 0.23
C VAL H 198 -1.82 23.61 1.17
N PHE H 199 -0.73 23.16 1.81
CA PHE H 199 -0.85 22.04 2.75
C PHE H 199 -1.70 22.39 3.96
N HIS H 200 -1.88 23.68 4.24
CA HIS H 200 -2.79 24.15 5.28
C HIS H 200 -3.72 25.17 4.64
N PRO H 201 -4.72 24.70 3.88
CA PRO H 201 -5.64 25.64 3.22
C PRO H 201 -6.47 26.44 4.19
N ASP H 202 -6.60 26.00 5.45
CA ASP H 202 -7.29 26.80 6.45
C ASP H 202 -6.62 28.15 6.64
N ALA H 203 -5.33 28.27 6.32
CA ALA H 203 -4.61 29.54 6.39
C ALA H 203 -4.67 30.27 5.05
N ASN H 204 -5.91 30.59 4.63
CA ASN H 204 -6.11 31.27 3.37
C ASN H 204 -7.30 32.20 3.48
N PRO H 205 -7.19 33.45 3.04
CA PRO H 205 -8.31 34.39 3.12
C PRO H 205 -9.22 34.41 1.90
N ALA H 206 -8.81 33.81 0.78
CA ALA H 206 -9.58 33.87 -0.45
C ALA H 206 -10.62 32.78 -0.57
N LEU H 207 -10.71 31.88 0.41
CA LEU H 207 -11.64 30.76 0.34
C LEU H 207 -12.79 30.86 1.32
N ARG H 208 -12.78 31.83 2.23
CA ARG H 208 -13.88 32.06 3.15
C ARG H 208 -14.30 33.51 3.06
N GLY H 209 -15.58 33.75 2.75
CA GLY H 209 -16.04 35.11 2.54
C GLY H 209 -15.30 35.74 1.38
N GLN H 210 -14.77 36.94 1.63
CA GLN H 210 -13.93 37.62 0.64
C GLN H 210 -12.59 38.08 1.19
N ASP H 211 -12.47 38.35 2.48
CA ASP H 211 -11.20 38.70 3.10
C ASP H 211 -11.17 38.16 4.52
N LEU H 212 -9.99 37.75 4.97
CA LEU H 212 -9.84 37.18 6.30
C LEU H 212 -8.67 37.70 7.11
N TYR H 213 -7.62 38.25 6.47
CA TYR H 213 -6.53 38.80 7.26
C TYR H 213 -6.94 40.08 7.99
N LYS H 214 -8.10 40.63 7.67
CA LYS H 214 -8.67 41.73 8.45
C LYS H 214 -9.15 41.27 9.83
N SER H 215 -9.20 39.96 10.07
CA SER H 215 -9.52 39.44 11.38
C SER H 215 -8.24 39.34 12.20
N LYS H 216 -8.25 39.95 13.39
CA LYS H 216 -7.03 40.05 14.20
C LYS H 216 -6.54 38.67 14.63
N GLN H 217 -7.47 37.80 15.04
CA GLN H 217 -7.07 36.48 15.53
C GLN H 217 -6.39 35.67 14.43
N LEU H 218 -6.94 35.69 13.21
CA LEU H 218 -6.32 34.99 12.11
C LEU H 218 -4.92 35.53 11.87
N ARG H 219 -4.83 36.80 11.45
CA ARG H 219 -3.56 37.47 11.21
C ARG H 219 -2.53 37.14 12.28
N ASP H 220 -2.94 37.12 13.55
CA ASP H 220 -2.01 36.78 14.63
C ASP H 220 -1.53 35.34 14.52
N LYS H 221 -2.45 34.38 14.42
CA LYS H 221 -2.05 32.98 14.37
C LYS H 221 -1.22 32.69 13.13
N GLN H 222 -1.67 33.22 11.99
CA GLN H 222 -0.91 33.17 10.75
C GLN H 222 0.51 33.66 10.95
N ILE H 223 0.66 34.89 11.44
CA ILE H 223 1.99 35.49 11.54
C ILE H 223 2.88 34.67 12.47
N VAL H 224 2.30 34.16 13.55
CA VAL H 224 3.05 33.30 14.47
C VAL H 224 3.57 32.07 13.73
N ARG H 225 2.68 31.38 13.03
CA ARG H 225 3.09 30.16 12.32
C ARG H 225 4.15 30.47 11.27
N ILE H 226 3.89 31.47 10.44
CA ILE H 226 4.77 31.72 9.29
C ILE H 226 6.14 32.16 9.77
N LEU H 227 6.19 32.91 10.87
CA LEU H 227 7.48 33.22 11.48
C LEU H 227 8.13 31.95 12.02
N GLY H 228 7.33 30.98 12.48
CA GLY H 228 7.87 29.73 12.97
C GLY H 228 7.75 28.53 12.05
N LYS H 229 7.10 28.65 10.90
CA LYS H 229 6.89 27.50 10.02
C LYS H 229 8.12 27.13 9.20
N VAL H 230 8.92 28.12 8.83
CA VAL H 230 10.07 27.94 7.94
C VAL H 230 11.05 26.88 8.47
N PRO H 231 11.38 26.85 9.80
CA PRO H 231 12.36 25.86 10.29
C PRO H 231 12.20 24.44 9.76
N THR H 232 10.97 23.92 9.76
CA THR H 232 10.78 22.51 9.44
C THR H 232 11.23 22.18 8.02
N ILE H 233 11.19 23.15 7.10
CA ILE H 233 11.55 22.89 5.71
C ILE H 233 12.97 23.38 5.46
N ALA H 234 13.39 24.39 6.23
CA ALA H 234 14.81 24.72 6.24
C ALA H 234 15.63 23.53 6.72
N ALA H 235 15.01 22.63 7.47
CA ALA H 235 15.64 21.36 7.80
C ALA H 235 15.91 20.54 6.54
N ALA H 236 14.89 20.36 5.71
CA ALA H 236 15.06 19.63 4.45
C ALA H 236 15.97 20.36 3.48
N ALA H 237 16.19 21.66 3.70
CA ALA H 237 17.11 22.41 2.84
C ALA H 237 18.49 21.76 2.80
N TYR H 238 18.90 21.09 3.87
CA TYR H 238 20.11 20.29 3.89
C TYR H 238 19.85 18.81 3.64
N LEU H 239 18.64 18.33 3.92
CA LEU H 239 18.38 16.89 3.85
C LEU H 239 18.58 16.32 2.45
N ARG H 240 18.63 17.17 1.43
CA ARG H 240 18.84 16.72 0.05
C ARG H 240 20.10 17.33 -0.56
N LEU H 241 21.19 17.34 0.22
CA LEU H 241 22.50 17.62 -0.35
C LEU H 241 23.57 16.64 0.11
N ALA H 242 23.36 15.90 1.20
CA ALA H 242 24.23 14.80 1.58
C ALA H 242 23.48 13.49 1.80
N GLY H 243 22.23 13.53 2.24
CA GLY H 243 21.35 12.38 2.14
C GLY H 243 20.99 11.66 3.42
N ARG H 244 21.17 12.27 4.58
CA ARG H 244 20.74 11.61 5.80
C ARG H 244 19.21 11.52 5.85
N PRO H 245 18.66 10.52 6.54
CA PRO H 245 17.21 10.37 6.60
C PRO H 245 16.57 11.50 7.39
N PRO H 246 15.26 11.72 7.24
CA PRO H 246 14.60 12.81 7.96
C PRO H 246 14.68 12.63 9.46
N VAL H 247 14.76 13.74 10.17
CA VAL H 247 14.75 13.76 11.63
C VAL H 247 13.63 14.69 12.08
N LEU H 248 13.04 14.39 13.23
CA LEU H 248 11.89 15.14 13.71
C LEU H 248 12.28 16.60 13.95
N PRO H 249 11.38 17.55 13.71
CA PRO H 249 11.66 18.94 14.10
C PRO H 249 11.96 19.09 15.58
N SER H 250 11.30 18.32 16.45
CA SER H 250 11.54 18.34 17.89
C SER H 250 11.40 19.74 18.46
N ASN H 251 10.17 20.25 18.37
CA ASN H 251 9.85 21.61 18.80
C ASN H 251 9.80 21.67 20.32
N ASN H 252 10.99 21.76 20.93
CA ASN H 252 11.06 21.95 22.37
C ASN H 252 12.18 22.92 22.77
N PHE H 253 12.76 23.63 21.82
CA PHE H 253 13.87 24.56 22.08
C PHE H 253 13.55 25.94 21.55
N SER H 254 14.54 26.82 21.49
CA SER H 254 14.36 28.15 20.93
C SER H 254 14.41 28.09 19.41
N TYR H 255 14.36 29.25 18.76
CA TYR H 255 14.33 29.36 17.31
C TYR H 255 15.57 28.76 16.66
N SER H 256 16.72 29.40 16.91
CA SER H 256 17.96 28.95 16.28
C SER H 256 18.43 27.62 16.86
N GLU H 257 18.11 27.34 18.13
CA GLU H 257 18.49 26.06 18.71
C GLU H 257 17.84 24.90 17.96
N ASN H 258 16.51 24.95 17.79
CA ASN H 258 15.85 23.94 16.98
C ASN H 258 16.38 23.94 15.55
N PHE H 259 16.53 25.13 14.96
CA PHE H 259 16.90 25.21 13.56
C PHE H 259 18.24 24.54 13.30
N LEU H 260 19.21 24.73 14.21
CA LEU H 260 20.50 24.07 14.02
C LEU H 260 20.46 22.61 14.45
N TYR H 261 19.57 22.24 15.39
CA TYR H 261 19.39 20.82 15.68
C TYR H 261 18.87 20.08 14.46
N MET H 262 18.10 20.76 13.62
CA MET H 262 17.61 20.16 12.38
C MET H 262 18.77 19.74 11.48
N LEU H 263 19.89 20.44 11.57
CA LEU H 263 21.13 20.06 10.89
C LEU H 263 22.04 19.22 11.78
N ASP H 264 22.19 19.59 13.04
CA ASP H 264 23.01 18.85 13.99
C ASP H 264 22.09 17.99 14.85
N SER H 265 21.88 16.75 14.42
CA SER H 265 21.20 15.77 15.25
C SER H 265 21.84 14.40 15.18
N LEU H 266 22.87 14.20 14.35
CA LEU H 266 23.52 12.91 14.16
C LEU H 266 22.51 11.83 13.78
N GLY H 267 21.40 12.23 13.17
CA GLY H 267 20.30 11.32 12.94
C GLY H 267 19.73 10.73 14.21
N ASN H 268 19.89 11.40 15.34
CA ASN H 268 19.56 10.86 16.64
C ASN H 268 18.49 11.72 17.31
N ARG H 269 17.59 11.06 18.02
CA ARG H 269 16.56 11.70 18.81
C ARG H 269 17.04 12.10 20.20
N SER H 270 18.27 11.72 20.57
CA SER H 270 18.79 11.97 21.90
C SER H 270 20.08 12.79 21.85
N TYR H 271 20.13 13.79 20.98
CA TYR H 271 21.27 14.69 20.89
C TYR H 271 20.85 16.10 21.30
N LYS H 272 21.78 16.80 21.95
CA LYS H 272 21.53 18.17 22.40
C LYS H 272 22.19 19.16 21.45
N PRO H 273 21.43 20.06 20.84
CA PRO H 273 22.03 21.03 19.92
C PRO H 273 22.90 22.05 20.63
N ASN H 274 23.87 22.57 19.90
CA ASN H 274 24.75 23.60 20.44
C ASN H 274 24.02 24.93 20.57
N THR H 275 24.39 25.69 21.60
CA THR H 275 23.70 26.92 21.95
C THR H 275 24.43 28.19 21.50
N ARG H 276 25.77 28.20 21.58
CA ARG H 276 26.51 29.36 21.10
C ARG H 276 26.34 29.56 19.60
N LEU H 277 26.22 28.46 18.84
CA LEU H 277 25.90 28.58 17.43
C LEU H 277 24.54 29.24 17.24
N ALA H 278 23.56 28.88 18.09
CA ALA H 278 22.26 29.52 18.03
C ALA H 278 22.36 31.01 18.36
N ARG H 279 23.20 31.37 19.33
CA ARG H 279 23.38 32.78 19.68
C ARG H 279 23.98 33.55 18.51
N VAL H 280 24.99 32.96 17.86
CA VAL H 280 25.60 33.60 16.69
C VAL H 280 24.56 33.77 15.58
N LEU H 281 23.76 32.72 15.36
CA LEU H 281 22.74 32.80 14.32
C LEU H 281 21.73 33.90 14.62
N ASP H 282 21.34 34.03 15.89
CA ASP H 282 20.38 35.06 16.28
C ASP H 282 20.96 36.47 16.12
N ILE H 283 22.20 36.68 16.55
CA ILE H 283 22.79 38.02 16.46
C ILE H 283 22.96 38.41 15.00
N LEU H 284 23.36 37.45 14.16
CA LEU H 284 23.47 37.73 12.74
C LEU H 284 22.11 37.96 12.09
N PHE H 285 21.07 37.25 12.54
CA PHE H 285 19.71 37.54 12.10
C PHE H 285 19.35 38.99 12.38
N ILE H 286 19.57 39.43 13.62
CA ILE H 286 19.28 40.83 13.96
C ILE H 286 20.16 41.76 13.12
N LEU H 287 21.37 41.32 12.78
CA LEU H 287 22.24 42.12 11.94
C LEU H 287 21.64 42.34 10.55
N HIS H 288 21.06 41.29 9.97
CA HIS H 288 20.39 41.39 8.67
C HIS H 288 18.87 41.49 8.83
N ALA H 289 18.39 42.07 9.94
CA ALA H 289 16.97 42.06 10.25
C ALA H 289 16.12 42.83 9.25
N GLU H 290 16.32 44.14 9.14
CA GLU H 290 15.42 44.99 8.38
C GLU H 290 16.19 45.86 7.40
N HIS H 291 15.62 45.99 6.20
CA HIS H 291 16.01 47.02 5.25
C HIS H 291 14.75 47.64 4.66
N GLU H 292 14.86 48.88 4.21
CA GLU H 292 13.74 49.54 3.57
C GLU H 292 13.58 48.97 2.16
N MET H 293 12.75 49.63 1.35
CA MET H 293 12.46 49.11 0.01
C MET H 293 13.74 48.88 -0.78
N ASN H 294 13.82 47.70 -1.39
CA ASN H 294 15.00 47.23 -2.10
C ASN H 294 14.52 46.32 -3.22
N CYS H 295 15.41 45.46 -3.71
CA CYS H 295 15.05 44.56 -4.80
C CYS H 295 13.92 43.63 -4.37
N SER H 296 12.71 43.91 -4.86
CA SER H 296 11.50 43.12 -4.67
C SER H 296 10.96 43.23 -3.24
N THR H 297 11.75 43.82 -2.34
CA THR H 297 11.31 43.91 -0.95
C THR H 297 10.04 44.73 -0.82
N ALA H 298 9.98 45.89 -1.47
CA ALA H 298 8.71 46.58 -1.62
C ALA H 298 7.77 45.80 -2.51
N ALA H 299 8.29 45.24 -3.61
CA ALA H 299 7.44 44.64 -4.63
C ALA H 299 6.63 43.48 -4.07
N ALA H 300 7.05 42.94 -2.93
CA ALA H 300 6.23 41.95 -2.25
C ALA H 300 5.26 42.62 -1.27
N ARG H 301 5.79 43.49 -0.41
CA ARG H 301 5.04 43.97 0.74
C ARG H 301 3.72 44.62 0.32
N HIS H 302 3.80 45.74 -0.40
CA HIS H 302 2.58 46.41 -0.83
C HIS H 302 1.77 45.55 -1.78
N LEU H 303 2.39 44.55 -2.41
CA LEU H 303 1.63 43.65 -3.28
C LEU H 303 0.75 42.71 -2.45
N ALA H 304 1.16 42.43 -1.21
CA ALA H 304 0.33 41.69 -0.28
C ALA H 304 -0.47 42.59 0.64
N SER H 305 -0.35 43.91 0.50
CA SER H 305 -1.15 44.83 1.29
C SER H 305 -2.63 44.56 1.10
N SER H 306 -3.13 44.73 -0.13
CA SER H 306 -4.41 44.15 -0.49
C SER H 306 -4.27 42.65 -0.68
N GLY H 307 -3.52 42.25 -1.72
CA GLY H 307 -3.04 40.89 -1.90
C GLY H 307 -4.09 39.80 -1.88
N VAL H 308 -3.62 38.55 -1.93
CA VAL H 308 -4.49 37.39 -1.77
C VAL H 308 -3.94 36.37 -0.79
N ASP H 309 -2.67 36.45 -0.43
CA ASP H 309 -2.05 35.46 0.46
C ASP H 309 -0.79 36.08 1.04
N VAL H 310 -0.16 35.36 1.97
CA VAL H 310 1.07 35.79 2.62
C VAL H 310 2.24 34.88 2.26
N PHE H 311 1.98 33.57 2.16
CA PHE H 311 3.00 32.63 1.70
C PHE H 311 3.52 32.99 0.32
N THR H 312 2.61 33.30 -0.61
CA THR H 312 3.01 33.57 -1.99
C THR H 312 3.90 34.80 -2.08
N ALA H 313 3.58 35.85 -1.34
CA ALA H 313 4.39 37.07 -1.38
C ALA H 313 5.81 36.79 -0.88
N LEU H 314 5.92 36.05 0.22
CA LEU H 314 7.23 35.71 0.76
C LEU H 314 8.03 34.87 -0.23
N ALA H 315 7.37 33.87 -0.83
CA ALA H 315 8.06 33.03 -1.81
C ALA H 315 8.53 33.84 -3.01
N GLY H 316 7.68 34.75 -3.49
CA GLY H 316 8.07 35.59 -4.61
C GLY H 316 9.25 36.48 -4.28
N ALA H 317 9.23 37.07 -3.08
CA ALA H 317 10.33 37.94 -2.67
C ALA H 317 11.65 37.17 -2.62
N VAL H 318 11.64 36.01 -1.96
CA VAL H 318 12.89 35.26 -1.82
C VAL H 318 13.35 34.74 -3.17
N GLY H 319 12.42 34.37 -4.05
CA GLY H 319 12.80 33.96 -5.39
C GLY H 319 13.42 35.09 -6.18
N ALA H 320 12.88 36.30 -6.04
CA ALA H 320 13.45 37.46 -6.72
C ALA H 320 14.78 37.89 -6.11
N LEU H 321 15.09 37.45 -4.88
CA LEU H 321 16.33 37.81 -4.21
C LEU H 321 17.36 36.67 -4.25
N TYR H 322 17.48 35.96 -5.36
CA TYR H 322 18.41 34.82 -5.41
C TYR H 322 19.72 35.14 -6.11
N GLY H 323 19.69 35.93 -7.18
CA GLY H 323 20.83 36.15 -8.03
C GLY H 323 22.09 36.58 -7.30
N PRO H 324 23.25 36.46 -7.98
CA PRO H 324 24.53 36.62 -7.27
C PRO H 324 24.71 37.99 -6.64
N LEU H 325 24.33 39.08 -7.32
CA LEU H 325 24.41 40.43 -6.73
C LEU H 325 23.12 41.21 -6.98
N HIS H 326 22.08 40.96 -6.18
CA HIS H 326 21.05 41.97 -5.93
C HIS H 326 20.48 41.85 -4.53
N GLY H 327 21.29 41.45 -3.55
CA GLY H 327 20.81 41.14 -2.22
C GLY H 327 21.60 40.01 -1.60
N GLY H 328 22.17 39.17 -2.45
CA GLY H 328 23.23 38.26 -2.06
C GLY H 328 24.55 38.81 -2.55
N ALA H 329 25.64 38.43 -1.88
CA ALA H 329 26.95 38.85 -2.31
C ALA H 329 28.04 37.80 -2.17
N ASN H 330 27.72 36.58 -1.74
CA ASN H 330 28.75 35.56 -1.58
C ASN H 330 28.84 34.61 -2.76
N GLU H 331 27.80 34.51 -3.58
CA GLU H 331 27.86 33.62 -4.74
C GLU H 331 28.93 34.08 -5.72
N ALA H 332 29.04 35.40 -5.94
CA ALA H 332 30.02 35.91 -6.88
C ALA H 332 31.44 35.75 -6.34
N VAL H 333 31.66 36.12 -5.09
CA VAL H 333 33.00 36.18 -4.53
C VAL H 333 33.49 34.79 -4.13
N LEU H 334 32.69 33.77 -4.44
CA LEU H 334 33.14 32.40 -4.21
C LEU H 334 34.36 32.08 -5.05
N LYS H 335 34.35 32.50 -6.32
CA LYS H 335 35.50 32.26 -7.19
C LYS H 335 36.65 33.21 -6.91
N MET H 336 36.37 34.47 -6.56
CA MET H 336 37.45 35.38 -6.21
C MET H 336 38.10 35.03 -4.87
N LEU H 337 37.49 34.15 -4.07
CA LEU H 337 38.15 33.62 -2.89
C LEU H 337 38.95 32.36 -3.20
N ASN H 338 38.60 31.65 -4.27
CA ASN H 338 39.36 30.49 -4.71
C ASN H 338 40.65 30.94 -5.42
N GLU H 339 41.43 29.95 -5.86
CA GLU H 339 42.63 30.06 -6.70
C GLU H 339 43.66 31.03 -6.17
N ILE H 340 43.56 31.48 -4.92
CA ILE H 340 44.51 32.46 -4.40
C ILE H 340 45.27 31.89 -3.22
N GLY H 341 45.49 30.58 -3.25
CA GLY H 341 46.38 29.88 -2.33
C GLY H 341 46.03 30.14 -0.88
N THR H 342 47.06 30.12 -0.03
CA THR H 342 46.90 30.43 1.39
C THR H 342 47.54 31.76 1.78
N VAL H 343 48.83 31.93 1.53
CA VAL H 343 49.51 33.18 1.87
C VAL H 343 50.32 33.68 0.67
N GLU H 344 50.71 32.77 -0.22
CA GLU H 344 51.65 33.12 -1.28
C GLU H 344 50.99 33.98 -2.36
N ASN H 345 49.70 33.79 -2.61
CA ASN H 345 48.98 34.59 -3.60
C ASN H 345 48.42 35.88 -3.02
N ILE H 346 48.59 36.11 -1.71
CA ILE H 346 48.13 37.36 -1.10
C ILE H 346 48.81 38.58 -1.73
N PRO H 347 50.14 38.62 -1.85
CA PRO H 347 50.74 39.78 -2.55
C PRO H 347 50.27 39.91 -3.99
N ASP H 348 50.08 38.79 -4.68
CA ASP H 348 49.64 38.83 -6.07
C ASP H 348 48.27 39.48 -6.18
N PHE H 349 47.31 39.04 -5.36
CA PHE H 349 45.98 39.60 -5.42
C PHE H 349 45.95 41.03 -4.91
N ILE H 350 46.73 41.34 -3.86
CA ILE H 350 46.72 42.69 -3.31
C ILE H 350 47.39 43.68 -4.25
N GLU H 351 48.23 43.21 -5.18
CA GLU H 351 48.77 44.10 -6.20
C GLU H 351 47.85 44.18 -7.42
N GLY H 352 47.23 43.06 -7.80
CA GLY H 352 46.29 43.09 -8.90
C GLY H 352 45.06 43.93 -8.62
N VAL H 353 44.60 43.94 -7.37
CA VAL H 353 43.45 44.76 -7.01
C VAL H 353 43.80 46.25 -7.09
N LYS H 354 45.04 46.60 -6.73
CA LYS H 354 45.51 47.96 -6.98
C LYS H 354 45.59 48.25 -8.47
N ASN H 355 45.99 47.26 -9.27
CA ASN H 355 46.03 47.40 -10.72
C ASN H 355 44.72 46.99 -11.37
N ARG H 356 43.67 46.72 -10.58
CA ARG H 356 42.31 46.48 -11.06
C ARG H 356 42.17 45.15 -11.79
N LYS H 357 43.27 44.42 -11.95
CA LYS H 357 43.23 43.18 -12.72
C LYS H 357 42.47 42.07 -12.00
N ARG H 358 42.53 42.02 -10.67
CA ARG H 358 41.83 40.99 -9.92
C ARG H 358 41.33 41.60 -8.62
N LYS H 359 40.01 41.75 -8.50
CA LYS H 359 39.40 42.41 -7.36
C LYS H 359 38.14 41.64 -6.98
N MET H 360 37.29 42.27 -6.16
CA MET H 360 36.09 41.64 -5.66
C MET H 360 34.89 42.02 -6.55
N SER H 361 33.69 41.62 -6.14
CA SER H 361 32.50 41.87 -6.94
C SER H 361 31.78 43.15 -6.52
N GLY H 362 31.36 43.23 -5.26
CA GLY H 362 30.64 44.39 -4.78
C GLY H 362 30.61 44.47 -3.26
N PHE H 363 30.75 45.67 -2.72
CA PHE H 363 30.82 45.89 -1.28
C PHE H 363 29.71 46.84 -0.83
N GLY H 364 29.58 46.97 0.49
CA GLY H 364 28.51 47.76 1.06
C GLY H 364 27.15 47.14 0.80
N HIS H 365 26.12 47.95 1.05
CA HIS H 365 24.76 47.61 0.67
C HIS H 365 24.40 48.35 -0.62
N ARG H 366 23.16 48.15 -1.06
CA ARG H 366 22.66 48.91 -2.21
C ARG H 366 22.33 50.34 -1.84
N VAL H 367 22.24 50.65 -0.55
CA VAL H 367 22.01 52.02 -0.08
C VAL H 367 23.10 52.40 0.91
N TYR H 368 23.70 51.41 1.57
CA TYR H 368 24.81 51.63 2.48
C TYR H 368 26.13 51.43 1.75
N LYS H 369 26.99 52.44 1.78
CA LYS H 369 28.33 52.29 1.22
C LYS H 369 29.45 52.83 2.11
N ASN H 370 29.17 53.77 3.02
CA ASN H 370 30.24 54.41 3.78
C ASN H 370 30.52 53.72 5.11
N TYR H 371 29.52 53.63 5.98
CA TYR H 371 29.78 53.19 7.34
C TYR H 371 28.69 52.24 7.81
N ASP H 372 29.12 51.19 8.53
CA ASP H 372 28.22 50.23 9.18
C ASP H 372 28.88 49.73 10.45
N PRO H 373 28.41 50.16 11.63
CA PRO H 373 29.08 49.79 12.88
C PRO H 373 28.72 48.40 13.38
N ARG H 374 27.64 47.81 12.88
CA ARG H 374 27.19 46.52 13.38
C ARG H 374 28.23 45.43 13.12
N ALA H 375 28.48 45.12 11.85
CA ALA H 375 29.29 43.96 11.49
C ALA H 375 30.67 44.01 12.13
N LYS H 376 31.16 45.21 12.44
CA LYS H 376 32.46 45.34 13.08
C LYS H 376 32.52 44.50 14.35
N VAL H 377 31.55 44.66 15.25
CA VAL H 377 31.57 43.85 16.46
C VAL H 377 31.36 42.38 16.09
N ILE H 378 30.50 42.13 15.10
CA ILE H 378 30.35 40.76 14.59
C ILE H 378 31.66 40.26 14.05
N ARG H 379 32.41 41.13 13.37
CA ARG H 379 33.73 40.76 12.90
C ARG H 379 34.60 40.27 14.05
N LYS H 380 34.53 40.95 15.20
CA LYS H 380 35.24 40.46 16.37
C LYS H 380 34.73 39.09 16.78
N LEU H 381 33.41 38.92 16.88
CA LEU H 381 32.89 37.59 17.14
C LEU H 381 33.28 36.63 16.02
N ALA H 382 33.48 37.18 14.81
CA ALA H 382 33.97 36.36 13.71
C ALA H 382 35.27 35.67 14.07
N GLU H 383 36.22 36.39 14.68
CA GLU H 383 37.47 35.74 15.00
C GLU H 383 37.30 34.74 16.15
N GLU H 384 36.27 34.91 16.97
CA GLU H 384 35.93 33.86 17.92
C GLU H 384 35.56 32.59 17.19
N VAL H 385 34.83 32.72 16.08
CA VAL H 385 34.57 31.60 15.19
C VAL H 385 35.87 31.05 14.62
N PHE H 386 36.87 31.92 14.42
CA PHE H 386 38.04 31.56 13.62
C PHE H 386 38.85 30.44 14.26
N SER H 387 38.80 30.32 15.59
CA SER H 387 39.59 29.33 16.30
C SER H 387 38.78 28.15 16.83
N ILE H 388 37.51 28.04 16.47
CA ILE H 388 36.66 26.97 16.97
C ILE H 388 36.09 26.09 15.86
N VAL H 389 35.94 26.62 14.65
CA VAL H 389 35.31 25.87 13.56
C VAL H 389 36.37 25.32 12.61
N GLY H 390 37.62 25.30 13.05
CA GLY H 390 38.69 24.77 12.24
C GLY H 390 39.20 25.79 11.23
N ARG H 391 40.13 25.32 10.39
CA ARG H 391 40.81 26.17 9.42
C ARG H 391 40.78 25.51 8.04
N ASP H 392 40.67 26.35 7.01
CA ASP H 392 40.72 25.91 5.62
C ASP H 392 41.07 27.13 4.76
N PRO H 393 41.68 26.91 3.59
CA PRO H 393 42.18 28.05 2.78
C PRO H 393 41.17 29.18 2.54
N LEU H 394 39.87 28.91 2.66
CA LEU H 394 38.88 29.93 2.34
C LEU H 394 38.80 31.01 3.44
N ILE H 395 39.18 30.69 4.67
CA ILE H 395 38.95 31.64 5.74
C ILE H 395 40.19 32.47 6.04
N GLU H 396 41.37 31.84 6.08
CA GLU H 396 42.58 32.58 6.43
C GLU H 396 42.91 33.64 5.39
N VAL H 397 42.69 33.32 4.11
CA VAL H 397 42.88 34.31 3.05
C VAL H 397 41.93 35.48 3.25
N ALA H 398 40.67 35.18 3.60
CA ALA H 398 39.69 36.23 3.84
C ALA H 398 40.09 37.10 5.03
N ILE H 399 40.78 36.52 6.02
CA ILE H 399 41.26 37.32 7.14
C ILE H 399 42.17 38.44 6.64
N ALA H 400 43.17 38.07 5.81
CA ALA H 400 44.10 39.06 5.29
C ALA H 400 43.43 40.00 4.31
N LEU H 401 42.42 39.51 3.58
CA LEU H 401 41.66 40.39 2.69
C LEU H 401 40.95 41.47 3.48
N GLU H 402 40.27 41.09 4.55
CA GLU H 402 39.56 42.06 5.38
C GLU H 402 40.52 43.01 6.09
N LYS H 403 41.67 42.49 6.53
CA LYS H 403 42.68 43.36 7.13
C LYS H 403 43.19 44.36 6.11
N ALA H 404 43.44 43.92 4.88
CA ALA H 404 43.99 44.80 3.86
C ALA H 404 42.90 45.63 3.19
N ALA H 405 41.83 44.98 2.73
CA ALA H 405 40.79 45.72 2.01
C ALA H 405 39.83 46.41 2.96
N LEU H 406 40.37 47.11 3.96
CA LEU H 406 39.57 48.03 4.77
C LEU H 406 40.32 49.31 5.10
N SER H 407 41.65 49.35 4.97
CA SER H 407 42.42 50.55 5.26
C SER H 407 43.52 50.82 4.25
N ASP H 408 43.70 49.95 3.25
CA ASP H 408 44.74 50.17 2.25
C ASP H 408 44.33 51.31 1.31
N GLU H 409 45.30 51.74 0.49
CA GLU H 409 45.14 52.96 -0.29
C GLU H 409 43.98 52.87 -1.27
N TYR H 410 44.03 51.92 -2.19
CA TYR H 410 43.03 51.84 -3.25
C TYR H 410 41.64 51.58 -2.69
N PHE H 411 41.55 50.73 -1.67
CA PHE H 411 40.25 50.40 -1.09
C PHE H 411 39.60 51.62 -0.46
N ILE H 412 40.37 52.43 0.28
CA ILE H 412 39.82 53.66 0.82
C ILE H 412 39.66 54.74 -0.24
N LYS H 413 40.29 54.58 -1.41
CA LYS H 413 39.98 55.45 -2.53
C LYS H 413 38.58 55.16 -3.07
N ARG H 414 38.24 53.87 -3.24
CA ARG H 414 36.93 53.50 -3.75
C ARG H 414 36.00 52.97 -2.67
N LYS H 415 36.33 53.17 -1.39
CA LYS H 415 35.47 52.79 -0.27
C LYS H 415 35.12 51.30 -0.33
N LEU H 416 36.13 50.47 -0.55
CA LEU H 416 35.95 49.03 -0.73
C LEU H 416 36.37 48.31 0.55
N TYR H 417 35.43 48.14 1.48
CA TYR H 417 35.58 47.26 2.61
C TYR H 417 34.59 46.11 2.48
N PRO H 418 34.97 44.89 2.87
CA PRO H 418 34.07 43.76 2.67
C PRO H 418 32.73 44.00 3.35
N ASN H 419 31.65 43.70 2.62
CA ASN H 419 30.33 44.09 3.09
C ASN H 419 29.82 43.13 4.15
N VAL H 420 28.68 43.49 4.74
CA VAL H 420 28.05 42.66 5.76
C VAL H 420 27.66 41.31 5.18
N ASP H 421 27.28 41.27 3.90
CA ASP H 421 26.93 40.02 3.26
C ASP H 421 28.13 39.08 3.17
N PHE H 422 29.32 39.63 2.87
CA PHE H 422 30.53 38.83 2.82
C PHE H 422 30.84 38.20 4.17
N TYR H 423 30.77 39.00 5.24
CA TYR H 423 31.02 38.48 6.58
C TYR H 423 29.99 37.44 6.97
N SER H 424 28.72 37.69 6.66
CA SER H 424 27.67 36.72 7.00
C SER H 424 27.91 35.39 6.30
N GLY H 425 28.19 35.44 4.99
CA GLY H 425 28.49 34.22 4.27
C GLY H 425 29.70 33.51 4.83
N LEU H 426 30.74 34.26 5.19
CA LEU H 426 31.94 33.65 5.77
C LEU H 426 31.63 32.94 7.07
N ILE H 427 30.96 33.62 8.00
CA ILE H 427 30.67 33.04 9.31
C ILE H 427 29.81 31.79 9.15
N TYR H 428 28.80 31.87 8.28
CA TYR H 428 27.91 30.74 8.06
C TYR H 428 28.62 29.54 7.43
N ARG H 429 29.40 29.78 6.36
CA ARG H 429 30.11 28.68 5.74
C ARG H 429 31.11 28.08 6.72
N ALA H 430 31.64 28.89 7.63
CA ALA H 430 32.52 28.37 8.68
C ALA H 430 31.74 27.58 9.73
N MET H 431 30.47 27.91 9.93
CA MET H 431 29.65 27.17 10.90
C MET H 431 29.69 25.67 10.64
N GLY H 432 29.75 25.27 9.37
CA GLY H 432 29.62 23.88 9.00
C GLY H 432 28.64 23.75 7.86
N PHE H 433 28.25 24.89 7.31
CA PHE H 433 27.28 24.95 6.24
C PHE H 433 27.96 24.63 4.91
N PRO H 434 27.19 24.22 3.90
CA PRO H 434 27.76 24.02 2.57
C PRO H 434 28.35 25.30 2.01
N THR H 435 29.08 25.16 0.92
CA THR H 435 29.59 26.34 0.22
C THR H 435 28.51 27.06 -0.55
N GLU H 436 27.25 26.61 -0.42
CA GLU H 436 26.15 27.18 -1.16
C GLU H 436 25.02 27.74 -0.30
N PHE H 437 24.91 27.34 0.96
CA PHE H 437 23.82 27.86 1.80
C PHE H 437 24.04 29.31 2.15
N PHE H 438 24.22 30.15 1.15
CA PHE H 438 24.36 31.59 1.33
C PHE H 438 23.02 32.33 1.34
N PRO H 439 22.09 32.07 0.39
CA PRO H 439 20.84 32.83 0.38
C PRO H 439 19.71 32.23 1.23
N VAL H 440 19.74 30.92 1.47
CA VAL H 440 18.65 30.27 2.20
C VAL H 440 18.48 30.84 3.60
N LEU H 441 19.56 31.37 4.19
CA LEU H 441 19.54 31.99 5.50
C LEU H 441 19.38 33.51 5.52
N PHE H 442 19.69 34.23 4.43
CA PHE H 442 19.23 35.60 4.38
C PHE H 442 17.72 35.66 4.46
N ALA H 443 17.04 34.56 4.14
CA ALA H 443 15.59 34.51 4.25
C ALA H 443 15.13 34.65 5.70
N ILE H 444 15.82 33.99 6.65
CA ILE H 444 15.24 33.86 7.99
C ILE H 444 14.93 35.20 8.65
N PRO H 445 15.86 36.17 8.71
CA PRO H 445 15.49 37.45 9.34
C PRO H 445 14.81 38.42 8.39
N ARG H 446 15.16 38.34 7.10
CA ARG H 446 14.53 39.21 6.12
C ARG H 446 13.04 38.95 6.03
N MET H 447 12.64 37.67 6.12
CA MET H 447 11.23 37.35 6.20
C MET H 447 10.56 38.05 7.36
N ALA H 448 11.16 37.98 8.55
CA ALA H 448 10.55 38.64 9.71
C ALA H 448 10.42 40.15 9.47
N GLY H 449 11.45 40.75 8.87
CA GLY H 449 11.35 42.15 8.50
C GLY H 449 10.18 42.41 7.56
N TYR H 450 9.98 41.52 6.60
CA TYR H 450 8.90 41.72 5.63
C TYR H 450 7.53 41.40 6.23
N LEU H 451 7.47 40.51 7.22
CA LEU H 451 6.24 40.31 7.99
C LEU H 451 5.86 41.57 8.77
N ALA H 452 6.85 42.21 9.39
CA ALA H 452 6.59 43.49 10.05
C ALA H 452 6.13 44.53 9.03
N HIS H 453 6.79 44.56 7.87
CA HIS H 453 6.36 45.43 6.79
C HIS H 453 4.93 45.13 6.36
N TRP H 454 4.58 43.84 6.31
CA TRP H 454 3.25 43.43 5.90
C TRP H 454 2.20 43.95 6.87
N ARG H 455 2.44 43.76 8.17
CA ARG H 455 1.48 44.27 9.16
C ARG H 455 1.37 45.79 9.08
N GLU H 456 2.52 46.48 8.99
CA GLU H 456 2.47 47.93 8.97
C GLU H 456 1.72 48.44 7.74
N SER H 457 2.04 47.90 6.56
CA SER H 457 1.37 48.30 5.33
C SER H 457 -0.11 47.92 5.37
N LEU H 458 -0.45 46.84 6.07
CA LEU H 458 -1.84 46.52 6.31
C LEU H 458 -2.49 47.57 7.19
N ASP H 459 -1.71 48.24 8.04
CA ASP H 459 -2.26 49.29 8.89
C ASP H 459 -2.41 50.60 8.12
N ASP H 460 -1.31 51.17 7.64
CA ASP H 460 -1.40 52.46 6.95
C ASP H 460 -1.84 52.26 5.50
N PRO H 461 -2.86 52.98 5.04
CA PRO H 461 -3.36 52.83 3.66
C PRO H 461 -2.61 53.69 2.65
N ASP H 462 -1.27 53.59 2.66
CA ASP H 462 -0.42 54.35 1.77
C ASP H 462 0.37 53.44 0.85
N THR H 463 -0.30 52.43 0.30
CA THR H 463 0.29 51.52 -0.68
C THR H 463 -0.44 51.74 -2.00
N LYS H 464 0.16 52.54 -2.88
CA LYS H 464 -0.48 52.97 -4.12
C LYS H 464 0.21 52.35 -5.32
N ILE H 465 -0.59 52.03 -6.34
CA ILE H 465 -0.06 51.52 -7.59
C ILE H 465 0.71 52.62 -8.31
N MET H 466 1.75 52.22 -9.04
CA MET H 466 2.65 53.18 -9.70
C MET H 466 2.13 53.50 -11.09
N ARG H 467 1.88 54.78 -11.35
CA ARG H 467 1.32 55.20 -12.62
C ARG H 467 2.35 55.05 -13.74
N PRO H 468 1.91 54.86 -14.98
CA PRO H 468 2.85 54.69 -16.09
C PRO H 468 3.21 56.00 -16.77
N GLN H 469 4.45 56.08 -17.22
CA GLN H 469 4.92 57.17 -18.06
C GLN H 469 5.55 56.59 -19.32
N GLN H 470 4.86 55.65 -19.95
CA GLN H 470 5.43 54.89 -21.05
C GLN H 470 5.73 55.78 -22.26
N VAL H 471 6.74 55.37 -23.03
CA VAL H 471 7.08 56.05 -24.27
C VAL H 471 6.65 55.17 -25.45
N TYR H 472 5.45 55.41 -25.95
CA TYR H 472 4.88 54.58 -27.01
C TYR H 472 5.49 55.00 -28.35
N THR H 473 6.40 54.19 -28.87
CA THR H 473 7.01 54.44 -30.16
C THR H 473 6.23 53.84 -31.32
N GLY H 474 5.20 53.03 -31.05
CA GLY H 474 4.39 52.48 -32.12
C GLY H 474 3.57 53.56 -32.80
N VAL H 475 3.29 53.32 -34.08
CA VAL H 475 2.53 54.30 -34.86
C VAL H 475 1.10 54.37 -34.34
N TRP H 476 0.50 55.55 -34.44
CA TRP H 476 -0.84 55.76 -33.90
C TRP H 476 -1.88 54.95 -34.66
N LEU H 477 -1.64 54.67 -35.94
CA LEU H 477 -2.54 53.83 -36.73
C LEU H 477 -1.76 53.18 -37.86
N ARG H 478 -1.92 51.87 -38.02
CA ARG H 478 -1.41 51.14 -39.18
C ARG H 478 -2.54 50.30 -39.75
N HIS H 479 -2.58 50.22 -41.08
CA HIS H 479 -3.71 49.61 -41.77
C HIS H 479 -3.63 48.08 -41.73
N TYR H 480 -4.62 47.45 -42.36
CA TYR H 480 -4.66 46.00 -42.42
C TYR H 480 -3.45 45.46 -43.17
N THR H 481 -2.91 44.34 -42.68
CA THR H 481 -1.85 43.60 -43.35
C THR H 481 -2.21 42.12 -43.36
N PRO H 482 -3.24 41.75 -44.10
CA PRO H 482 -3.76 40.37 -44.02
C PRO H 482 -2.73 39.34 -44.45
N LEU H 483 -2.80 38.18 -43.79
CA LEU H 483 -1.87 37.08 -44.10
C LEU H 483 -2.07 36.58 -45.53
N GLN H 484 -3.32 36.48 -45.98
CA GLN H 484 -3.60 35.88 -47.28
C GLN H 484 -2.94 36.67 -48.40
N GLU H 485 -3.00 38.00 -48.34
CA GLU H 485 -2.31 38.84 -49.31
C GLU H 485 -0.86 39.09 -48.92
N ARG H 486 -0.44 38.70 -47.72
CA ARG H 486 0.94 38.84 -47.31
C ARG H 486 1.79 37.74 -47.94
N THR H 487 3.01 38.12 -48.34
CA THR H 487 3.93 37.21 -49.00
C THR H 487 5.21 37.09 -48.17
N VAL H 488 5.75 35.87 -48.14
CA VAL H 488 6.99 35.59 -47.42
C VAL H 488 8.13 36.48 -47.90
N ALA H 499 13.44 35.79 -36.64
CA ALA H 499 13.79 34.94 -35.50
C ALA H 499 14.79 33.88 -35.91
N VAL H 500 15.35 33.19 -34.92
CA VAL H 500 16.31 32.12 -35.18
C VAL H 500 15.63 30.78 -35.45
N SER H 501 14.58 30.47 -34.70
CA SER H 501 13.83 29.22 -34.85
C SER H 501 14.72 27.99 -34.75
N ASN H 502 15.84 28.12 -34.04
CA ASN H 502 16.72 26.97 -33.84
C ASN H 502 16.11 26.01 -32.84
N ALA H 503 16.13 24.72 -33.16
CA ALA H 503 15.39 23.72 -32.41
C ALA H 503 16.25 22.50 -32.19
N THR H 504 15.80 21.65 -31.27
CA THR H 504 16.42 20.35 -31.02
C THR H 504 15.84 19.38 -32.05
N ARG H 505 16.61 19.10 -33.09
CA ARG H 505 16.16 18.27 -34.20
C ARG H 505 17.12 17.11 -34.41
N ARG H 506 17.44 16.40 -33.32
CA ARG H 506 18.44 15.34 -33.37
C ARG H 506 18.10 14.29 -34.42
N ARG H 507 16.81 13.93 -34.54
CA ARG H 507 16.41 12.92 -35.51
C ARG H 507 14.98 13.18 -35.95
N LEU H 508 14.76 13.23 -37.27
CA LEU H 508 13.43 13.35 -37.83
C LEU H 508 13.10 12.26 -38.83
N ALA H 509 14.07 11.43 -39.22
CA ALA H 509 13.84 10.32 -40.13
C ALA H 509 13.59 9.01 -39.42
N GLY H 510 13.53 9.01 -38.08
CA GLY H 510 13.29 7.78 -37.34
C GLY H 510 11.93 7.18 -37.68
N SER H 511 10.88 8.01 -37.64
CA SER H 511 9.53 7.55 -37.97
C SER H 511 9.41 7.14 -39.43
N ARG H 512 10.33 7.54 -40.29
CA ARG H 512 10.31 7.14 -41.69
C ARG H 512 11.20 5.92 -41.90
#